data_9B6F
#
_entry.id   9B6F
#
_cell.length_a   1.00
_cell.length_b   1.00
_cell.length_c   1.00
_cell.angle_alpha   90.00
_cell.angle_beta   90.00
_cell.angle_gamma   90.00
#
_symmetry.space_group_name_H-M   'P 1'
#
loop_
_entity.id
_entity.type
_entity.pdbx_description
1 polymer 'Transient receptor potential cation channel subfamily M member 8'
2 non-polymer 'CHOLESTEROL HEMISUCCINATE'
3 non-polymer (8R)-8-[4-(trifluoromethyl)phenyl]-N-[(2S)-1,1,1-trifluoropropan-2-yl]-5,8-dihydro-1,7-naphthyridine-7(6H)-carboxamide
#
_entity_poly.entity_id   1
_entity_poly.type   'polypeptide(L)'
_entity_poly.pdbx_seq_one_letter_code
;MASFEGARLSMRSRRNGTMGSTRTLYSSVSRSTDVSYSDSDLVNFIQANFKKRECVFFTRDSKAMENICKCGYAQSQHIE
GTQINQNEKWNYKKHTKEFPTDAFGDIQFETLGKKGKYLRLSCDTDSETLYELLTQHWHLKTPNLVISVTGGAKNFALKP
RMRKIFSRLIYIAQSKGAWILTGGTHYGLMKYIGEVVRDNTISRNSEENIVAIGIAAWGMVSNRDTLIRSCDDEGHFSAQ
YIMDDFTRDPLYILDNNHTHLLLVDNGCHGHPTVEAKLRNQLEKYISERTSQDSNYGGKIPIVCFAQGGGRETLKAINTS
VKSKIPCVVVEGSGQIADVIASLVEVEDVLTSSMVKEKLVRFLPRTVSRLPEEEIESWIKWLKEILESSHLLTVIKMEEA
GDEIVSNAISYALYKAFSTNEQDKDNWNGQLKLLLEWNQLDLASDEIFTNDRRWESADLQEVMFTALIKDRPKFVRLFLE
NGLNLQKFLTNEVLTELFSTHFSTLVYRNLQIAKNSYNDALLTFVWKLVANFRRSFWKEDRSSREDLDVELHDASLTTRH
PLQALFIWAILQNKKELSKVIWEQTKGCTLAALGASKLLKTLAKVKNDINAAGESEELANEYETRAVELFTECYSNDEDL
AEQLLVYSCEAWGGSNCLELAVEATDQHFIAQPGVQNFLSKQWYGEISRDTKNWKIILCLFIIPLVGCGLVSFRKKPIDK
HKKLLWYYVAFFTSPFVVFSWNVVFYIAFLLLFAYVLLMDFHSVPHTPELILYALVFVLFCDEVRQWYMNGVNYFTDLWN
VMDTLGLFYFIAGIVFRLHSSNKSSLYSGRVIFCLDYIIFTLRLIHIFTVSRNLGPKIIMLQRMLIDVFFFLFLFAVWMV
AFGVARQGILRQNEQRWRWIFRSVIYEPYLAMFGQVPSDVDSTTYDFSHCTFSGNESKPLCVELDEHNLPRFPEWITIPL
VCIYMLSTNILLVNLLVAMFGYTVGIVQENNDQVWKFQRYFLVQEYCNRLNIPFPFVVFAYFYMVVKKCFKCCCKEKNME
SNACCFRNEDNETLAWEGVMKENYLVKINTKANDNSEEMRHRFRQLDSKLNDLKSLLKEIANNIKSNSLEVLFQGPDYKD
DDDKAHHHHHHHHHH
;
_entity_poly.pdbx_strand_id   A,B,C,D
#
# COMPACT_ATOMS: atom_id res chain seq x y z
N ASP A 41 65.65 -11.85 -37.41
CA ASP A 41 65.81 -12.38 -36.06
C ASP A 41 64.77 -13.46 -35.79
N LEU A 42 63.53 -13.22 -36.19
CA LEU A 42 62.47 -14.20 -35.99
C LEU A 42 62.77 -15.49 -36.73
N VAL A 43 63.26 -15.38 -37.97
CA VAL A 43 63.58 -16.58 -38.74
C VAL A 43 64.68 -17.38 -38.06
N ASN A 44 65.71 -16.69 -37.56
CA ASN A 44 66.79 -17.38 -36.87
C ASN A 44 66.28 -18.08 -35.61
N PHE A 45 65.40 -17.42 -34.85
CA PHE A 45 64.85 -18.04 -33.66
C PHE A 45 64.02 -19.27 -34.01
N ILE A 46 63.22 -19.18 -35.08
CA ILE A 46 62.42 -20.33 -35.49
C ILE A 46 63.31 -21.48 -35.91
N GLN A 47 64.38 -21.18 -36.66
CA GLN A 47 65.30 -22.23 -37.08
C GLN A 47 65.98 -22.88 -35.89
N ALA A 48 66.39 -22.07 -34.91
CA ALA A 48 67.02 -22.62 -33.71
C ALA A 48 66.05 -23.50 -32.94
N ASN A 49 64.79 -23.06 -32.82
CA ASN A 49 63.80 -23.87 -32.12
C ASN A 49 63.56 -25.19 -32.84
N PHE A 50 63.48 -25.16 -34.17
CA PHE A 50 63.25 -26.40 -34.92
C PHE A 50 64.40 -27.38 -34.73
N LYS A 51 65.63 -26.88 -34.76
CA LYS A 51 66.80 -27.74 -34.60
C LYS A 51 66.86 -28.80 -35.70
N ASP A 102 62.04 -27.45 -40.01
CA ASP A 102 61.14 -26.39 -39.54
C ASP A 102 59.75 -26.94 -39.29
N ALA A 103 58.98 -27.10 -40.38
CA ALA A 103 57.62 -27.61 -40.30
C ALA A 103 56.77 -26.80 -39.33
N PHE A 104 56.90 -25.48 -39.41
CA PHE A 104 56.15 -24.56 -38.56
C PHE A 104 55.16 -23.77 -39.41
N GLY A 105 54.00 -23.49 -38.83
CA GLY A 105 52.97 -22.76 -39.54
C GLY A 105 52.28 -21.70 -38.68
N ASP A 106 52.26 -20.47 -39.18
CA ASP A 106 51.57 -19.36 -38.53
C ASP A 106 50.27 -19.08 -39.28
N ILE A 107 49.16 -19.09 -38.56
CA ILE A 107 47.84 -18.94 -39.17
C ILE A 107 47.09 -17.81 -38.46
N GLN A 108 46.49 -16.92 -39.24
CA GLN A 108 45.67 -15.84 -38.71
C GLN A 108 44.34 -15.80 -39.45
N PHE A 109 43.26 -15.60 -38.69
CA PHE A 109 41.92 -15.56 -39.26
C PHE A 109 41.12 -14.40 -38.66
N GLY A 116 45.76 -16.42 -34.55
CA GLY A 116 46.86 -16.23 -33.61
C GLY A 116 48.09 -17.03 -34.00
N LYS A 117 49.20 -16.75 -33.33
CA LYS A 117 50.45 -17.43 -33.65
C LYS A 117 50.34 -18.92 -33.40
N TYR A 118 51.03 -19.69 -34.25
CA TYR A 118 51.09 -21.14 -34.14
C TYR A 118 52.53 -21.59 -34.33
N LEU A 119 52.82 -22.82 -33.94
CA LEU A 119 54.18 -23.32 -33.98
C LEU A 119 54.16 -24.83 -33.81
N ARG A 120 55.29 -25.46 -34.13
CA ARG A 120 55.53 -26.87 -33.89
C ARG A 120 56.49 -27.02 -32.73
N LEU A 121 56.18 -27.92 -31.81
CA LEU A 121 56.95 -28.11 -30.59
C LEU A 121 57.66 -29.46 -30.62
N SER A 122 58.90 -29.47 -30.14
CA SER A 122 59.69 -30.69 -29.99
C SER A 122 59.94 -30.93 -28.50
N CYS A 123 59.89 -32.21 -28.11
CA CYS A 123 60.02 -32.53 -26.68
C CYS A 123 61.37 -32.09 -26.14
N ASP A 124 62.44 -32.28 -26.90
CA ASP A 124 63.77 -31.93 -26.43
C ASP A 124 63.95 -30.43 -26.23
N THR A 125 63.05 -29.62 -26.77
CA THR A 125 63.17 -28.17 -26.63
C THR A 125 63.21 -27.77 -25.17
N ASP A 126 64.15 -26.90 -24.82
CA ASP A 126 64.29 -26.45 -23.44
C ASP A 126 63.13 -25.54 -23.05
N SER A 127 62.65 -25.71 -21.81
CA SER A 127 61.56 -24.87 -21.33
C SER A 127 61.99 -23.42 -21.21
N GLU A 128 63.24 -23.18 -20.82
CA GLU A 128 63.72 -21.81 -20.68
C GLU A 128 63.68 -21.08 -22.03
N THR A 129 64.08 -21.76 -23.10
CA THR A 129 64.04 -21.14 -24.42
C THR A 129 62.61 -20.81 -24.83
N LEU A 130 61.67 -21.71 -24.56
CA LEU A 130 60.28 -21.46 -24.90
C LEU A 130 59.74 -20.27 -24.12
N TYR A 131 60.04 -20.20 -22.83
CA TYR A 131 59.59 -19.06 -22.02
C TYR A 131 60.21 -17.76 -22.51
N GLU A 132 61.49 -17.79 -22.86
CA GLU A 132 62.15 -16.60 -23.38
C GLU A 132 61.48 -16.14 -24.67
N LEU A 133 61.24 -17.07 -25.58
CA LEU A 133 60.52 -16.74 -26.81
C LEU A 133 59.20 -16.05 -26.49
N LEU A 134 58.35 -16.75 -25.75
CA LEU A 134 57.03 -16.22 -25.41
C LEU A 134 57.13 -14.82 -24.84
N THR A 135 57.86 -14.66 -23.73
CA THR A 135 57.88 -13.37 -23.04
C THR A 135 58.51 -12.28 -23.89
N GLN A 136 59.71 -12.51 -24.41
CA GLN A 136 60.41 -11.46 -25.13
C GLN A 136 59.62 -11.02 -26.36
N HIS A 137 59.16 -11.98 -27.16
CA HIS A 137 58.60 -11.65 -28.46
C HIS A 137 57.16 -11.12 -28.39
N TRP A 138 56.22 -11.92 -27.88
CA TRP A 138 54.80 -11.55 -27.91
C TRP A 138 54.13 -11.49 -26.55
N HIS A 139 54.78 -11.93 -25.47
CA HIS A 139 54.11 -12.14 -24.20
C HIS A 139 54.65 -11.22 -23.11
N LEU A 140 53.74 -10.65 -22.34
CA LEU A 140 54.13 -9.82 -21.21
C LEU A 140 54.41 -10.69 -19.98
N LYS A 141 54.97 -10.08 -18.95
CA LYS A 141 55.26 -10.80 -17.72
C LYS A 141 53.98 -11.38 -17.15
N THR A 142 54.07 -12.60 -16.60
CA THR A 142 52.89 -13.31 -16.11
C THR A 142 52.75 -13.13 -14.60
N PRO A 143 51.62 -12.62 -14.10
CA PRO A 143 51.38 -12.60 -12.65
C PRO A 143 50.59 -13.77 -12.10
N ASN A 144 50.11 -14.68 -12.94
CA ASN A 144 49.32 -15.83 -12.50
C ASN A 144 49.13 -16.77 -13.68
N LEU A 145 49.03 -18.07 -13.39
CA LEU A 145 49.02 -19.12 -14.39
C LEU A 145 47.93 -20.14 -14.12
N VAL A 146 46.71 -19.66 -13.90
CA VAL A 146 45.56 -20.55 -13.81
C VAL A 146 45.59 -21.50 -14.99
N ILE A 147 45.70 -22.81 -14.71
CA ILE A 147 45.71 -23.83 -15.75
C ILE A 147 44.60 -24.82 -15.44
N SER A 148 43.71 -25.02 -16.41
CA SER A 148 42.60 -25.96 -16.29
C SER A 148 42.98 -27.29 -16.93
N VAL A 149 42.80 -28.37 -16.19
CA VAL A 149 43.04 -29.72 -16.68
C VAL A 149 41.71 -30.47 -16.68
N THR A 150 41.35 -31.02 -17.83
CA THR A 150 40.10 -31.75 -17.98
C THR A 150 40.29 -32.80 -19.06
N GLY A 151 39.20 -33.47 -19.43
CA GLY A 151 39.26 -34.49 -20.45
C GLY A 151 39.16 -33.90 -21.84
N GLY A 152 40.03 -34.35 -22.73
CA GLY A 152 39.97 -33.93 -24.12
C GLY A 152 38.88 -34.59 -24.93
N ALA A 153 38.16 -35.54 -24.33
CA ALA A 153 37.07 -36.19 -25.03
C ALA A 153 35.99 -35.19 -25.40
N LYS A 154 35.37 -35.41 -26.56
CA LYS A 154 34.32 -34.50 -27.01
C LYS A 154 33.15 -34.47 -26.02
N ASN A 155 32.77 -35.64 -25.50
CA ASN A 155 31.68 -35.70 -24.54
C ASN A 155 32.03 -34.90 -23.29
N PHE A 156 31.08 -34.08 -22.83
CA PHE A 156 31.29 -33.26 -21.66
C PHE A 156 29.95 -33.05 -20.96
N ALA A 157 30.02 -32.70 -19.68
CA ALA A 157 28.82 -32.48 -18.87
C ALA A 157 28.44 -31.00 -18.86
N LEU A 158 28.16 -30.49 -20.06
CA LEU A 158 27.74 -29.10 -20.20
C LEU A 158 26.44 -28.87 -19.42
N LYS A 159 26.42 -27.79 -18.65
CA LYS A 159 25.25 -27.45 -17.84
C LYS A 159 25.37 -26.00 -17.41
N PRO A 160 24.27 -25.37 -17.00
CA PRO A 160 24.37 -23.97 -16.54
C PRO A 160 25.31 -23.81 -15.36
N ARG A 161 25.35 -24.77 -14.45
CA ARG A 161 26.29 -24.71 -13.34
C ARG A 161 27.73 -24.73 -13.85
N MET A 162 28.00 -25.55 -14.87
CA MET A 162 29.34 -25.59 -15.44
C MET A 162 29.69 -24.28 -16.13
N ARG A 163 28.70 -23.61 -16.72
CA ARG A 163 28.93 -22.28 -17.26
C ARG A 163 29.26 -21.27 -16.17
N LYS A 164 28.53 -21.32 -15.05
CA LYS A 164 28.74 -20.35 -13.99
C LYS A 164 30.07 -20.58 -13.27
N ILE A 165 30.48 -21.84 -13.13
CA ILE A 165 31.72 -22.16 -12.42
C ILE A 165 32.96 -21.87 -13.26
N PHE A 166 32.78 -21.40 -14.50
CA PHE A 166 33.90 -21.06 -15.37
C PHE A 166 33.88 -19.61 -15.87
N SER A 167 32.70 -19.00 -15.98
CA SER A 167 32.66 -17.59 -16.36
C SER A 167 33.38 -16.72 -15.33
N ARG A 168 33.14 -17.00 -14.04
CA ARG A 168 33.85 -16.27 -13.00
C ARG A 168 35.34 -16.52 -13.06
N LEU A 169 35.74 -17.76 -13.37
CA LEU A 169 37.16 -18.05 -13.51
C LEU A 169 37.79 -17.22 -14.62
N ILE A 170 37.13 -17.14 -15.77
CA ILE A 170 37.65 -16.34 -16.86
C ILE A 170 37.71 -14.87 -16.47
N TYR A 171 36.67 -14.37 -15.79
CA TYR A 171 36.67 -12.98 -15.36
C TYR A 171 37.85 -12.69 -14.43
N ILE A 172 38.10 -13.59 -13.48
CA ILE A 172 39.24 -13.41 -12.57
C ILE A 172 40.55 -13.44 -13.33
N ALA A 173 40.67 -14.37 -14.28
CA ALA A 173 41.90 -14.46 -15.06
C ALA A 173 42.17 -13.15 -15.79
N GLN A 174 41.13 -12.56 -16.39
CA GLN A 174 41.30 -11.27 -17.03
C GLN A 174 41.66 -10.19 -16.01
N SER A 175 40.98 -10.19 -14.86
CA SER A 175 41.18 -9.12 -13.88
C SER A 175 42.63 -9.10 -13.39
N LYS A 176 43.18 -10.26 -13.06
CA LYS A 176 44.54 -10.32 -12.57
C LYS A 176 45.58 -10.37 -13.68
N GLY A 177 45.16 -10.54 -14.94
CA GLY A 177 46.10 -10.68 -16.02
C GLY A 177 46.72 -12.06 -16.12
N ALA A 178 46.03 -13.08 -15.62
CA ALA A 178 46.60 -14.42 -15.58
C ALA A 178 46.65 -15.05 -16.95
N TRP A 179 47.60 -15.96 -17.13
CA TRP A 179 47.64 -16.81 -18.31
C TRP A 179 46.75 -18.02 -18.08
N ILE A 180 46.07 -18.46 -19.14
CA ILE A 180 45.22 -19.65 -19.10
C ILE A 180 45.81 -20.68 -20.04
N LEU A 181 46.22 -21.81 -19.48
CA LEU A 181 46.71 -22.94 -20.26
C LEU A 181 45.64 -24.01 -20.29
N THR A 182 45.29 -24.48 -21.48
CA THR A 182 44.26 -25.50 -21.66
C THR A 182 44.72 -26.48 -22.73
N GLY A 183 43.92 -27.52 -22.95
CA GLY A 183 44.19 -28.48 -23.99
C GLY A 183 44.14 -27.83 -25.36
N GLY A 184 42.94 -27.36 -25.74
CA GLY A 184 42.80 -26.57 -26.94
C GLY A 184 42.65 -27.38 -28.21
N THR A 185 41.67 -28.28 -28.25
CA THR A 185 41.39 -29.09 -29.42
C THR A 185 39.91 -29.07 -29.78
N HIS A 186 39.20 -28.00 -29.39
CA HIS A 186 37.79 -27.83 -29.75
C HIS A 186 36.96 -29.04 -29.34
N TYR A 187 37.01 -29.38 -28.07
CA TYR A 187 36.29 -30.54 -27.53
C TYR A 187 35.68 -30.15 -26.19
N GLY A 188 34.36 -30.07 -26.14
CA GLY A 188 33.65 -29.85 -24.90
C GLY A 188 34.11 -28.62 -24.14
N LEU A 189 34.76 -28.83 -23.00
CA LEU A 189 35.16 -27.72 -22.14
C LEU A 189 36.08 -26.76 -22.87
N MET A 190 36.97 -27.28 -23.72
CA MET A 190 37.93 -26.42 -24.41
C MET A 190 37.22 -25.50 -25.40
N LYS A 191 36.23 -26.03 -26.12
CA LYS A 191 35.46 -25.19 -27.05
C LYS A 191 34.73 -24.09 -26.28
N TYR A 192 34.14 -24.44 -25.13
CA TYR A 192 33.46 -23.44 -24.31
C TYR A 192 34.43 -22.38 -23.83
N ILE A 193 35.65 -22.79 -23.44
CA ILE A 193 36.66 -21.83 -23.00
C ILE A 193 37.00 -20.88 -24.13
N GLY A 194 37.18 -21.41 -25.34
CA GLY A 194 37.47 -20.55 -26.48
C GLY A 194 36.34 -19.57 -26.75
N GLU A 195 35.11 -20.05 -26.68
CA GLU A 195 33.95 -19.18 -26.91
C GLU A 195 33.90 -18.07 -25.87
N VAL A 196 34.16 -18.40 -24.60
CA VAL A 196 34.11 -17.40 -23.55
C VAL A 196 35.24 -16.39 -23.70
N VAL A 197 36.41 -16.86 -24.13
CA VAL A 197 37.52 -15.95 -24.38
C VAL A 197 37.14 -14.97 -25.48
N ARG A 198 36.54 -15.48 -26.56
CA ARG A 198 36.07 -14.59 -27.62
C ARG A 198 35.07 -13.59 -27.08
N ASP A 199 34.11 -14.06 -26.28
CA ASP A 199 33.07 -13.18 -25.75
C ASP A 199 33.66 -12.07 -24.92
N ASN A 200 34.63 -12.41 -24.06
CA ASN A 200 35.27 -11.38 -23.24
C ASN A 200 36.06 -10.41 -24.11
N THR A 201 36.70 -10.92 -25.18
CA THR A 201 37.40 -10.03 -26.08
C THR A 201 36.45 -9.04 -26.75
N ILE A 202 35.24 -9.49 -27.08
CA ILE A 202 34.28 -8.61 -27.73
C ILE A 202 33.97 -7.41 -26.85
N SER A 203 33.74 -7.65 -25.57
CA SER A 203 33.43 -6.57 -24.63
C SER A 203 34.70 -5.87 -24.18
N GLU A 208 44.50 -5.45 -21.52
CA GLU A 208 43.10 -5.57 -21.91
C GLU A 208 42.90 -6.74 -22.88
N ASN A 209 43.77 -7.74 -22.77
CA ASN A 209 43.70 -8.93 -23.61
C ASN A 209 43.94 -10.16 -22.76
N ILE A 210 43.44 -11.29 -23.25
CA ILE A 210 43.56 -12.57 -22.57
C ILE A 210 44.48 -13.47 -23.38
N VAL A 211 45.43 -14.10 -22.71
CA VAL A 211 46.40 -15.00 -23.32
C VAL A 211 46.01 -16.43 -22.97
N ALA A 212 45.72 -17.23 -24.00
CA ALA A 212 45.25 -18.60 -23.83
C ALA A 212 46.11 -19.53 -24.69
N ILE A 213 47.13 -20.12 -24.09
CA ILE A 213 47.98 -21.08 -24.79
C ILE A 213 47.32 -22.44 -24.75
N GLY A 214 47.16 -23.06 -25.92
CA GLY A 214 46.61 -24.39 -26.01
C GLY A 214 47.59 -25.37 -26.62
N ILE A 215 48.02 -26.37 -25.85
CA ILE A 215 48.99 -27.36 -26.29
C ILE A 215 48.26 -28.63 -26.68
N ALA A 216 48.60 -29.17 -27.85
CA ALA A 216 48.04 -30.42 -28.33
C ALA A 216 49.15 -31.23 -28.98
N ALA A 217 48.84 -32.46 -29.37
CA ALA A 217 49.82 -33.35 -29.98
C ALA A 217 49.81 -33.21 -31.49
N TRP A 218 51.01 -33.05 -32.07
CA TRP A 218 51.14 -32.93 -33.52
C TRP A 218 50.68 -34.20 -34.24
N GLY A 219 50.97 -35.37 -33.67
CA GLY A 219 50.67 -36.61 -34.37
C GLY A 219 49.20 -36.77 -34.68
N MET A 220 48.34 -36.42 -33.73
CA MET A 220 46.89 -36.56 -33.94
C MET A 220 46.40 -35.66 -35.06
N VAL A 221 47.03 -34.49 -35.23
CA VAL A 221 46.56 -33.47 -36.16
C VAL A 221 46.25 -34.07 -37.52
N SER A 222 45.09 -33.71 -38.07
CA SER A 222 44.68 -34.12 -39.42
C SER A 222 44.68 -32.90 -40.34
N ASN A 223 44.57 -33.17 -41.63
CA ASN A 223 44.60 -32.12 -42.65
C ASN A 223 45.86 -31.26 -42.50
N ARG A 224 46.98 -31.92 -42.27
CA ARG A 224 48.24 -31.22 -42.03
C ARG A 224 48.57 -30.31 -43.20
N ASP A 225 49.00 -29.09 -42.86
CA ASP A 225 49.41 -28.09 -43.86
C ASP A 225 50.80 -27.59 -43.44
N THR A 226 51.83 -28.28 -43.92
CA THR A 226 53.20 -27.90 -43.60
C THR A 226 53.59 -26.61 -44.31
N LEU A 227 54.53 -25.89 -43.72
CA LEU A 227 55.01 -24.64 -44.29
C LEU A 227 55.58 -24.86 -45.68
N PHE A 237 53.99 -17.23 -46.03
CA PHE A 237 54.09 -18.44 -45.24
C PHE A 237 52.90 -18.61 -44.30
N SER A 238 51.96 -17.67 -44.38
CA SER A 238 50.77 -17.70 -43.51
C SER A 238 49.69 -18.57 -44.17
N ALA A 239 49.92 -19.87 -44.11
CA ALA A 239 48.97 -20.82 -44.68
C ALA A 239 47.66 -20.79 -43.90
N GLN A 240 46.56 -20.97 -44.62
CA GLN A 240 45.22 -20.97 -44.03
C GLN A 240 44.63 -22.37 -44.13
N TYR A 241 44.16 -22.90 -43.01
CA TYR A 241 43.54 -24.22 -42.96
C TYR A 241 42.05 -24.06 -42.73
N ILE A 242 41.25 -24.72 -43.57
CA ILE A 242 39.80 -24.68 -43.49
C ILE A 242 39.27 -26.10 -43.38
N MET A 243 38.39 -26.32 -42.42
CA MET A 243 37.80 -27.63 -42.21
C MET A 243 36.49 -27.53 -41.45
N LEU A 251 44.03 -37.50 -37.03
CA LEU A 251 42.58 -37.35 -37.06
C LEU A 251 42.09 -36.59 -35.84
N TYR A 252 42.71 -35.44 -35.57
CA TYR A 252 42.36 -34.60 -34.43
C TYR A 252 41.97 -33.21 -34.93
N ILE A 253 40.89 -32.68 -34.36
CA ILE A 253 40.40 -31.35 -34.69
C ILE A 253 40.89 -30.37 -33.65
N LEU A 254 41.22 -29.15 -34.08
CA LEU A 254 41.81 -28.14 -33.21
C LEU A 254 40.98 -26.87 -33.25
N ASP A 255 40.82 -26.25 -32.07
CA ASP A 255 40.09 -24.99 -31.97
C ASP A 255 40.89 -23.87 -32.62
N ASN A 256 40.17 -22.92 -33.22
CA ASN A 256 40.77 -21.77 -33.87
C ASN A 256 40.52 -20.47 -33.12
N ASN A 257 40.03 -20.55 -31.87
CA ASN A 257 39.74 -19.38 -31.07
C ASN A 257 40.85 -19.02 -30.10
N HIS A 258 41.73 -19.96 -29.76
CA HIS A 258 42.79 -19.69 -28.80
C HIS A 258 43.75 -18.65 -29.35
N THR A 259 44.26 -17.80 -28.45
CA THR A 259 45.22 -16.78 -28.86
C THR A 259 46.51 -17.41 -29.40
N HIS A 260 46.99 -18.46 -28.74
CA HIS A 260 48.18 -19.16 -29.17
C HIS A 260 47.95 -20.66 -29.10
N LEU A 261 48.41 -21.37 -30.12
CA LEU A 261 48.20 -22.81 -30.25
C LEU A 261 49.53 -23.48 -30.59
N LEU A 262 49.88 -24.51 -29.82
CA LEU A 262 51.12 -25.25 -30.00
C LEU A 262 50.83 -26.72 -30.25
N LEU A 263 51.61 -27.33 -31.13
CA LEU A 263 51.51 -28.76 -31.45
C LEU A 263 52.86 -29.41 -31.20
N VAL A 264 52.85 -30.51 -30.45
CA VAL A 264 54.08 -31.18 -30.02
C VAL A 264 53.97 -32.67 -30.32
N ASP A 265 54.80 -33.17 -31.25
CA ASP A 265 54.98 -34.61 -31.41
C ASP A 265 56.26 -34.81 -32.23
N ASN A 266 57.33 -35.26 -31.56
CA ASN A 266 58.55 -35.58 -32.28
C ASN A 266 58.30 -36.65 -33.33
N GLY A 267 57.24 -37.43 -33.17
CA GLY A 267 56.89 -38.45 -34.15
C GLY A 267 55.66 -39.21 -33.71
N CYS A 268 55.62 -40.49 -34.07
CA CYS A 268 54.57 -41.40 -33.64
C CYS A 268 53.18 -40.83 -33.93
N HIS A 269 52.89 -40.73 -35.23
CA HIS A 269 51.63 -40.15 -35.68
C HIS A 269 50.41 -40.87 -35.12
N GLY A 270 50.59 -41.99 -34.43
CA GLY A 270 49.48 -42.67 -33.77
C GLY A 270 48.85 -41.91 -32.62
N HIS A 271 49.33 -40.69 -32.34
CA HIS A 271 48.76 -39.83 -31.32
C HIS A 271 48.91 -40.41 -29.92
N PRO A 272 50.12 -40.76 -29.50
CA PRO A 272 50.33 -41.15 -28.10
C PRO A 272 50.37 -39.93 -27.19
N THR A 273 50.22 -40.18 -25.89
CA THR A 273 50.25 -39.10 -24.91
C THR A 273 51.62 -38.46 -24.89
N VAL A 274 51.69 -37.19 -25.29
CA VAL A 274 52.95 -36.45 -25.34
C VAL A 274 52.79 -35.10 -24.65
N GLU A 275 51.55 -34.69 -24.39
CA GLU A 275 51.32 -33.39 -23.79
C GLU A 275 51.95 -33.28 -22.40
N ALA A 276 51.89 -34.37 -21.62
CA ALA A 276 52.38 -34.33 -20.26
C ALA A 276 53.88 -34.05 -20.20
N LYS A 277 54.61 -34.40 -21.24
CA LYS A 277 56.08 -34.31 -21.20
C LYS A 277 56.59 -32.88 -21.30
N LEU A 278 55.75 -31.92 -21.68
CA LEU A 278 56.19 -30.55 -21.90
C LEU A 278 55.42 -29.54 -21.06
N ARG A 279 54.11 -29.72 -20.92
CA ARG A 279 53.30 -28.77 -20.18
C ARG A 279 53.71 -28.71 -18.72
N ASN A 280 53.93 -29.88 -18.11
CA ASN A 280 54.34 -29.91 -16.71
C ASN A 280 55.70 -29.26 -16.51
N GLN A 281 56.65 -29.53 -17.41
CA GLN A 281 57.97 -28.93 -17.31
C GLN A 281 57.88 -27.41 -17.42
N LEU A 282 57.08 -26.93 -18.37
CA LEU A 282 56.90 -25.48 -18.51
C LEU A 282 56.30 -24.89 -17.24
N GLU A 283 55.27 -25.54 -16.68
CA GLU A 283 54.66 -25.03 -15.46
C GLU A 283 55.67 -24.97 -14.32
N LYS A 284 56.47 -26.02 -14.15
CA LYS A 284 57.45 -26.04 -13.08
C LYS A 284 58.49 -24.94 -13.25
N TYR A 285 58.99 -24.78 -14.48
CA TYR A 285 59.99 -23.75 -14.72
C TYR A 285 59.43 -22.37 -14.43
N ILE A 286 58.20 -22.09 -14.89
CA ILE A 286 57.61 -20.78 -14.61
C ILE A 286 57.39 -20.61 -13.12
N SER A 287 57.07 -21.71 -12.41
CA SER A 287 56.91 -21.63 -10.97
C SER A 287 58.19 -21.17 -10.30
N GLU A 288 59.33 -21.69 -10.74
CA GLU A 288 60.59 -21.29 -10.13
C GLU A 288 61.01 -19.88 -10.53
N ARG A 289 60.46 -19.35 -11.62
CA ARG A 289 60.81 -18.01 -12.09
C ARG A 289 60.30 -16.94 -11.11
N THR A 290 61.22 -16.28 -10.41
CA THR A 290 60.84 -15.30 -9.41
C THR A 290 60.50 -13.97 -10.07
N SER A 291 59.38 -13.37 -9.66
CA SER A 291 58.96 -12.06 -10.13
C SER A 291 58.61 -11.20 -8.93
N GLN A 292 59.18 -10.00 -8.87
CA GLN A 292 58.98 -9.09 -7.75
C GLN A 292 57.68 -8.32 -7.94
N ASP A 293 56.57 -9.03 -7.74
CA ASP A 293 55.24 -8.44 -7.86
C ASP A 293 54.23 -9.39 -7.25
N SER A 294 53.11 -8.81 -6.79
CA SER A 294 52.02 -9.57 -6.20
C SER A 294 52.44 -10.32 -4.95
N ASN A 295 53.48 -9.85 -4.28
CA ASN A 295 54.00 -10.47 -3.04
C ASN A 295 54.22 -11.96 -3.33
N TYR A 296 53.74 -12.87 -2.48
CA TYR A 296 53.93 -14.30 -2.68
C TYR A 296 55.41 -14.64 -2.76
N GLY A 297 56.22 -13.97 -1.94
CA GLY A 297 57.65 -14.23 -1.92
C GLY A 297 58.34 -13.98 -3.24
N GLY A 298 57.83 -13.03 -4.02
CA GLY A 298 58.42 -12.77 -5.33
C GLY A 298 58.38 -13.97 -6.26
N LYS A 299 57.29 -14.73 -6.22
CA LYS A 299 57.15 -15.92 -7.06
C LYS A 299 55.82 -15.89 -7.80
N ILE A 300 55.46 -17.01 -8.43
CA ILE A 300 54.24 -17.07 -9.24
C ILE A 300 53.36 -18.21 -8.73
N PRO A 301 52.02 -18.06 -8.75
CA PRO A 301 51.16 -19.08 -8.14
C PRO A 301 51.23 -20.47 -8.76
N ILE A 302 50.90 -20.58 -10.05
CA ILE A 302 50.90 -21.87 -10.73
C ILE A 302 49.87 -22.79 -10.09
N VAL A 303 48.59 -22.42 -10.16
CA VAL A 303 47.52 -23.21 -9.60
C VAL A 303 46.93 -24.10 -10.69
N CYS A 304 46.53 -25.32 -10.29
CA CYS A 304 45.88 -26.28 -11.18
C CYS A 304 44.42 -26.40 -10.79
N PHE A 305 43.55 -26.39 -11.80
CA PHE A 305 42.10 -26.46 -11.60
C PHE A 305 41.57 -27.68 -12.35
N ALA A 306 40.99 -28.61 -11.61
CA ALA A 306 40.51 -29.87 -12.16
C ALA A 306 38.99 -29.91 -12.12
N GLN A 307 38.40 -30.19 -13.29
CA GLN A 307 36.96 -30.36 -13.41
C GLN A 307 36.54 -31.54 -14.28
N GLY A 308 37.41 -32.04 -15.16
CA GLY A 308 37.04 -33.15 -16.01
C GLY A 308 37.23 -34.50 -15.34
N GLY A 309 36.58 -35.49 -15.93
CA GLY A 309 36.57 -36.85 -15.42
C GLY A 309 37.58 -37.79 -16.02
N GLY A 310 38.52 -37.29 -16.81
CA GLY A 310 39.44 -38.17 -17.51
C GLY A 310 40.54 -38.71 -16.62
N ARG A 311 41.08 -39.87 -17.00
CA ARG A 311 42.22 -40.44 -16.29
C ARG A 311 43.48 -39.62 -16.53
N GLU A 312 43.62 -39.01 -17.72
CA GLU A 312 44.72 -38.09 -17.96
C GLU A 312 44.71 -36.97 -16.94
N THR A 313 43.51 -36.53 -16.52
CA THR A 313 43.41 -35.55 -15.45
C THR A 313 44.00 -36.10 -14.16
N LEU A 314 43.74 -37.37 -13.86
CA LEU A 314 44.30 -37.98 -12.66
C LEU A 314 45.83 -38.03 -12.73
N LYS A 315 46.37 -38.39 -13.89
CA LYS A 315 47.83 -38.42 -14.03
C LYS A 315 48.42 -37.02 -13.87
N ALA A 316 47.75 -36.01 -14.45
CA ALA A 316 48.20 -34.64 -14.30
C ALA A 316 48.18 -34.21 -12.83
N ILE A 317 47.13 -34.59 -12.11
CA ILE A 317 47.04 -34.28 -10.69
C ILE A 317 48.19 -34.93 -9.94
N ASN A 318 48.47 -36.20 -10.25
CA ASN A 318 49.56 -36.89 -9.57
C ASN A 318 50.89 -36.18 -9.80
N THR A 319 51.20 -35.87 -11.06
CA THR A 319 52.48 -35.23 -11.35
C THR A 319 52.56 -33.83 -10.76
N SER A 320 51.44 -33.09 -10.74
CA SER A 320 51.44 -31.78 -10.11
C SER A 320 51.69 -31.87 -8.61
N VAL A 321 51.05 -32.84 -7.95
CA VAL A 321 51.31 -33.05 -6.53
C VAL A 321 52.76 -33.45 -6.31
N LYS A 322 53.37 -34.11 -7.30
CA LYS A 322 54.78 -34.41 -7.21
C LYS A 322 55.60 -33.14 -6.97
N SER A 323 55.21 -32.05 -7.63
CA SER A 323 55.84 -30.76 -7.45
C SER A 323 55.03 -29.91 -6.46
N LYS A 324 55.54 -28.73 -6.16
CA LYS A 324 54.88 -27.82 -5.21
C LYS A 324 53.86 -26.96 -5.96
N ILE A 325 52.75 -27.58 -6.31
CA ILE A 325 51.68 -26.92 -7.06
C ILE A 325 50.34 -27.35 -6.48
N PRO A 326 49.63 -26.48 -5.74
CA PRO A 326 48.32 -26.87 -5.23
C PRO A 326 47.30 -27.00 -6.35
N CYS A 327 46.38 -27.95 -6.18
CA CYS A 327 45.29 -28.19 -7.13
C CYS A 327 43.97 -28.04 -6.40
N VAL A 328 42.97 -27.54 -7.12
CA VAL A 328 41.60 -27.42 -6.63
C VAL A 328 40.70 -28.22 -7.57
N VAL A 329 39.91 -29.13 -7.02
CA VAL A 329 39.04 -30.00 -7.79
C VAL A 329 37.60 -29.59 -7.57
N VAL A 330 36.78 -29.77 -8.61
CA VAL A 330 35.35 -29.51 -8.50
C VAL A 330 34.67 -30.77 -7.99
N GLU A 331 33.89 -30.62 -6.92
CA GLU A 331 33.15 -31.74 -6.34
C GLU A 331 31.73 -31.79 -6.90
N GLY A 332 31.65 -31.88 -8.22
CA GLY A 332 30.37 -31.87 -8.91
C GLY A 332 30.16 -33.06 -9.83
N SER A 333 29.89 -32.79 -11.10
CA SER A 333 29.56 -33.85 -12.04
C SER A 333 30.75 -34.74 -12.37
N GLY A 334 31.97 -34.27 -12.12
CA GLY A 334 33.16 -35.03 -12.45
C GLY A 334 33.17 -36.41 -11.82
N GLN A 335 33.28 -37.46 -12.64
CA GLN A 335 33.23 -38.82 -12.12
C GLN A 335 34.43 -39.12 -11.23
N ILE A 336 35.64 -38.89 -11.75
CA ILE A 336 36.85 -39.13 -10.96
C ILE A 336 37.00 -38.06 -9.89
N ALA A 337 36.56 -36.84 -10.19
CA ALA A 337 36.60 -35.78 -9.19
C ALA A 337 35.71 -36.13 -8.01
N ASP A 338 34.57 -36.76 -8.27
CA ASP A 338 33.73 -37.25 -7.17
C ASP A 338 34.44 -38.34 -6.37
N VAL A 339 35.22 -39.19 -7.03
CA VAL A 339 36.00 -40.20 -6.29
C VAL A 339 36.94 -39.50 -5.32
N ILE A 340 37.70 -38.53 -5.82
CA ILE A 340 38.66 -37.85 -4.95
C ILE A 340 37.94 -37.09 -3.84
N ALA A 341 36.80 -36.48 -4.16
CA ALA A 341 36.03 -35.77 -3.15
C ALA A 341 35.54 -36.70 -2.05
N SER A 342 35.06 -37.88 -2.43
CA SER A 342 34.59 -38.85 -1.44
C SER A 342 35.75 -39.37 -0.60
N LEU A 343 36.94 -39.50 -1.22
CA LEU A 343 38.10 -39.98 -0.47
C LEU A 343 38.37 -39.10 0.75
N VAL A 344 38.23 -37.80 0.59
CA VAL A 344 38.45 -36.87 1.70
C VAL A 344 37.16 -36.69 2.49
N THR A 351 43.35 -48.77 3.53
CA THR A 351 41.95 -49.02 3.23
C THR A 351 41.73 -49.12 1.73
N SER A 352 42.48 -50.03 1.09
CA SER A 352 42.36 -50.19 -0.36
C SER A 352 40.98 -50.67 -0.77
N SER A 353 40.31 -51.43 0.10
CA SER A 353 38.96 -51.90 -0.22
C SER A 353 38.00 -50.73 -0.41
N MET A 354 38.10 -49.72 0.47
CA MET A 354 37.27 -48.53 0.30
C MET A 354 37.62 -47.81 -1.00
N VAL A 355 38.91 -47.80 -1.36
CA VAL A 355 39.32 -47.17 -2.63
C VAL A 355 38.64 -47.87 -3.80
N LYS A 356 38.67 -49.21 -3.80
CA LYS A 356 38.05 -49.96 -4.89
C LYS A 356 36.54 -49.72 -4.91
N GLU A 357 35.90 -49.71 -3.75
CA GLU A 357 34.46 -49.48 -3.70
C GLU A 357 34.11 -48.10 -4.22
N LYS A 358 34.87 -47.07 -3.83
CA LYS A 358 34.62 -45.72 -4.30
C LYS A 358 34.81 -45.62 -5.80
N LEU A 359 35.87 -46.24 -6.34
CA LEU A 359 36.08 -46.21 -7.77
C LEU A 359 34.95 -46.91 -8.51
N VAL A 360 34.45 -48.02 -7.95
CA VAL A 360 33.33 -48.71 -8.56
C VAL A 360 32.08 -47.83 -8.53
N ARG A 361 31.92 -47.05 -7.46
CA ARG A 361 30.73 -46.22 -7.32
C ARG A 361 30.58 -45.23 -8.47
N PHE A 362 31.68 -44.85 -9.10
CA PHE A 362 31.67 -43.87 -10.19
C PHE A 362 32.24 -44.50 -11.45
N LEU A 363 31.66 -44.16 -12.59
CA LEU A 363 32.07 -44.69 -13.88
C LEU A 363 32.09 -46.23 -13.86
N PRO A 364 30.98 -46.87 -13.50
CA PRO A 364 30.98 -48.34 -13.42
C PRO A 364 31.33 -49.01 -14.73
N ARG A 365 30.92 -48.44 -15.86
CA ARG A 365 31.23 -49.04 -17.15
C ARG A 365 32.74 -49.07 -17.38
N THR A 366 33.41 -47.96 -17.10
CA THR A 366 34.87 -47.91 -17.25
C THR A 366 35.54 -48.87 -16.27
N VAL A 367 35.02 -48.96 -15.04
CA VAL A 367 35.59 -49.87 -14.07
C VAL A 367 35.51 -51.31 -14.56
N SER A 368 34.35 -51.69 -15.10
CA SER A 368 34.19 -53.05 -15.61
C SER A 368 35.08 -53.29 -16.82
N ARG A 369 35.16 -52.32 -17.72
CA ARG A 369 35.96 -52.50 -18.93
C ARG A 369 37.44 -52.68 -18.60
N LEU A 370 37.96 -51.92 -17.65
CA LEU A 370 39.38 -51.97 -17.33
C LEU A 370 39.72 -53.35 -16.76
N PRO A 371 40.84 -53.94 -17.19
CA PRO A 371 41.24 -55.23 -16.62
C PRO A 371 41.67 -55.10 -15.16
N GLU A 372 41.54 -56.21 -14.44
CA GLU A 372 41.87 -56.20 -13.01
C GLU A 372 43.35 -55.87 -12.80
N GLU A 373 44.23 -56.35 -13.67
CA GLU A 373 45.66 -56.11 -13.49
C GLU A 373 45.98 -54.62 -13.53
N GLU A 374 45.36 -53.89 -14.46
CA GLU A 374 45.64 -52.47 -14.60
C GLU A 374 45.08 -51.64 -13.45
N ILE A 375 44.13 -52.19 -12.68
CA ILE A 375 43.48 -51.40 -11.64
C ILE A 375 44.51 -50.87 -10.65
N GLU A 376 45.55 -51.67 -10.37
CA GLU A 376 46.59 -51.22 -9.46
C GLU A 376 47.17 -49.88 -9.90
N SER A 377 47.47 -49.75 -11.20
CA SER A 377 48.05 -48.52 -11.72
C SER A 377 47.21 -47.30 -11.37
N TRP A 378 45.92 -47.48 -11.07
CA TRP A 378 45.07 -46.39 -10.63
C TRP A 378 45.06 -46.27 -9.12
N ILE A 379 44.93 -47.38 -8.40
CA ILE A 379 44.74 -47.31 -6.96
C ILE A 379 45.90 -46.56 -6.31
N LYS A 380 47.13 -46.97 -6.64
CA LYS A 380 48.30 -46.27 -6.11
C LYS A 380 48.19 -44.77 -6.35
N TRP A 381 47.81 -44.38 -7.58
CA TRP A 381 47.68 -42.96 -7.89
C TRP A 381 46.74 -42.27 -6.90
N LEU A 382 45.59 -42.90 -6.63
CA LEU A 382 44.65 -42.30 -5.69
C LEU A 382 45.31 -42.08 -4.34
N LYS A 383 46.11 -43.05 -3.88
CA LYS A 383 46.84 -42.86 -2.63
C LYS A 383 47.70 -41.60 -2.70
N GLU A 384 48.43 -41.44 -3.81
CA GLU A 384 49.24 -40.23 -3.97
C GLU A 384 48.38 -38.98 -3.92
N ILE A 385 47.15 -39.06 -4.42
CA ILE A 385 46.23 -37.93 -4.32
C ILE A 385 45.89 -37.65 -2.86
N LEU A 386 45.63 -38.71 -2.09
CA LEU A 386 45.33 -38.58 -0.66
C LEU A 386 46.58 -38.65 0.20
N GLU A 387 47.77 -38.72 -0.41
CA GLU A 387 49.00 -38.76 0.37
C GLU A 387 49.13 -37.52 1.25
N SER A 388 48.85 -36.35 0.69
CA SER A 388 48.94 -35.09 1.41
C SER A 388 47.63 -34.33 1.26
N SER A 389 46.99 -34.03 2.39
CA SER A 389 45.78 -33.23 2.41
C SER A 389 46.05 -31.75 2.56
N HIS A 390 47.32 -31.36 2.78
CA HIS A 390 47.64 -29.96 2.94
C HIS A 390 47.40 -29.18 1.65
N LEU A 391 47.81 -29.75 0.51
CA LEU A 391 47.70 -29.05 -0.76
C LEU A 391 46.33 -29.20 -1.38
N LEU A 392 45.81 -30.42 -1.45
CA LEU A 392 44.56 -30.69 -2.14
C LEU A 392 43.41 -29.97 -1.43
N THR A 393 42.72 -29.11 -2.18
CA THR A 393 41.55 -28.41 -1.70
C THR A 393 40.40 -28.63 -2.67
N VAL A 394 39.18 -28.72 -2.15
CA VAL A 394 38.00 -28.98 -2.97
C VAL A 394 36.90 -28.00 -2.58
N ILE A 395 36.00 -27.77 -3.52
CA ILE A 395 34.88 -26.85 -3.34
C ILE A 395 33.68 -27.67 -2.90
N LYS A 396 32.75 -27.00 -2.20
CA LYS A 396 31.51 -27.62 -1.76
C LYS A 396 30.42 -27.39 -2.82
N MET A 397 29.78 -28.48 -3.24
CA MET A 397 28.75 -28.37 -4.27
C MET A 397 27.56 -27.55 -3.76
N GLU A 398 27.22 -27.70 -2.48
CA GLU A 398 26.05 -27.00 -1.94
C GLU A 398 26.21 -25.49 -2.02
N GLU A 399 27.42 -24.99 -1.77
CA GLU A 399 27.64 -23.55 -1.74
C GLU A 399 27.23 -22.91 -3.06
N ALA A 400 26.49 -21.81 -2.96
CA ALA A 400 26.00 -21.08 -4.13
C ALA A 400 26.50 -19.64 -4.17
N GLY A 401 27.59 -19.35 -3.45
CA GLY A 401 28.11 -17.99 -3.45
C GLY A 401 28.59 -17.56 -4.82
N ASP A 402 28.45 -16.26 -5.09
CA ASP A 402 28.88 -15.73 -6.38
C ASP A 402 30.39 -15.72 -6.51
N GLU A 403 31.10 -15.47 -5.40
CA GLU A 403 32.55 -15.33 -5.40
C GLU A 403 33.25 -16.59 -4.89
N ILE A 404 32.63 -17.75 -5.05
CA ILE A 404 33.24 -18.99 -4.56
C ILE A 404 34.51 -19.31 -5.33
N VAL A 405 34.56 -18.98 -6.62
CA VAL A 405 35.73 -19.29 -7.43
C VAL A 405 36.96 -18.58 -6.85
N SER A 406 36.84 -17.26 -6.66
CA SER A 406 37.97 -16.48 -6.16
C SER A 406 38.36 -16.96 -4.78
N ASN A 407 37.38 -17.21 -3.91
CA ASN A 407 37.67 -17.63 -2.55
C ASN A 407 38.43 -18.96 -2.54
N ALA A 408 37.97 -19.91 -3.35
CA ALA A 408 38.62 -21.22 -3.39
C ALA A 408 40.05 -21.12 -3.89
N ILE A 409 40.26 -20.40 -4.99
CA ILE A 409 41.62 -20.28 -5.51
C ILE A 409 42.51 -19.59 -4.49
N SER A 410 41.99 -18.53 -3.85
CA SER A 410 42.78 -17.79 -2.87
C SER A 410 43.17 -18.66 -1.70
N TYR A 411 42.23 -19.44 -1.17
CA TYR A 411 42.51 -20.29 -0.03
C TYR A 411 43.53 -21.37 -0.39
N ALA A 412 43.36 -22.01 -1.54
CA ALA A 412 44.28 -23.05 -1.95
C ALA A 412 45.68 -22.50 -2.13
N LEU A 413 45.79 -21.32 -2.75
CA LEU A 413 47.09 -20.68 -2.91
C LEU A 413 47.69 -20.29 -1.55
N TYR A 414 46.85 -19.80 -0.65
CA TYR A 414 47.34 -19.35 0.65
C TYR A 414 47.93 -20.49 1.46
N LYS A 415 47.30 -21.67 1.39
CA LYS A 415 47.80 -22.81 2.14
C LYS A 415 49.22 -23.17 1.72
N ALA A 416 49.51 -23.11 0.43
CA ALA A 416 50.84 -23.48 -0.04
C ALA A 416 51.90 -22.57 0.54
N PHE A 417 51.65 -21.25 0.55
CA PHE A 417 52.59 -20.33 1.17
C PHE A 417 52.72 -20.61 2.66
N SER A 418 51.60 -20.87 3.33
CA SER A 418 51.65 -21.10 4.78
C SER A 418 52.49 -22.33 5.11
N THR A 419 52.33 -23.41 4.36
CA THR A 419 53.01 -24.66 4.67
C THR A 419 54.41 -24.75 4.07
N ASN A 420 54.74 -23.88 3.11
CA ASN A 420 56.04 -23.95 2.46
C ASN A 420 57.17 -23.82 3.47
N GLU A 421 57.02 -22.93 4.45
CA GLU A 421 57.98 -22.61 5.49
C GLU A 421 59.11 -21.74 4.97
N GLN A 422 59.17 -21.45 3.66
CA GLN A 422 60.21 -20.56 3.15
C GLN A 422 60.05 -19.16 3.73
N ASP A 423 58.82 -18.66 3.79
CA ASP A 423 58.53 -17.35 4.35
C ASP A 423 57.56 -17.43 5.52
N LYS A 424 57.41 -18.61 6.12
CA LYS A 424 56.55 -18.74 7.30
C LYS A 424 57.06 -17.85 8.43
N ASP A 425 58.39 -17.77 8.59
CA ASP A 425 58.95 -16.87 9.59
C ASP A 425 58.57 -15.42 9.31
N ASN A 426 58.60 -15.03 8.03
CA ASN A 426 58.15 -13.69 7.66
C ASN A 426 56.65 -13.55 7.94
N TRP A 427 56.29 -12.55 8.73
CA TRP A 427 54.91 -12.34 9.16
C TRP A 427 54.24 -11.19 8.43
N ASN A 428 54.95 -10.51 7.53
CA ASN A 428 54.38 -9.41 6.77
C ASN A 428 53.95 -9.80 5.36
N GLY A 429 54.68 -10.70 4.71
CA GLY A 429 54.30 -11.13 3.38
C GLY A 429 52.95 -11.81 3.34
N GLN A 430 52.61 -12.53 4.41
CA GLN A 430 51.33 -13.23 4.46
C GLN A 430 50.17 -12.25 4.35
N LEU A 431 50.22 -11.16 5.12
CA LEU A 431 49.15 -10.17 5.06
C LEU A 431 49.12 -9.49 3.70
N LYS A 432 50.30 -9.15 3.15
CA LYS A 432 50.33 -8.48 1.85
C LYS A 432 49.70 -9.37 0.78
N LEU A 433 49.97 -10.68 0.84
CA LEU A 433 49.31 -11.60 -0.08
C LEU A 433 47.81 -11.62 0.15
N LEU A 434 47.39 -11.73 1.41
CA LEU A 434 45.97 -11.88 1.70
C LEU A 434 45.19 -10.61 1.37
N LEU A 435 45.86 -9.45 1.32
CA LEU A 435 45.16 -8.23 0.97
C LEU A 435 44.74 -8.23 -0.50
N GLU A 436 45.70 -8.44 -1.40
CA GLU A 436 45.40 -8.43 -2.82
C GLU A 436 44.28 -9.40 -3.16
N TRP A 437 44.26 -10.55 -2.49
CA TRP A 437 43.17 -11.50 -2.64
C TRP A 437 42.11 -11.17 -1.60
N ASN A 438 40.94 -10.73 -2.06
CA ASN A 438 39.97 -10.15 -1.16
C ASN A 438 39.53 -11.22 -0.14
N GLN A 439 40.07 -11.12 1.08
CA GLN A 439 39.73 -12.06 2.15
C GLN A 439 39.79 -11.28 3.47
N LEU A 440 38.63 -10.80 3.91
CA LEU A 440 38.58 -10.05 5.16
C LEU A 440 38.53 -10.99 6.35
N ASP A 441 37.67 -12.01 6.29
CA ASP A 441 37.53 -12.91 7.44
C ASP A 441 38.84 -13.63 7.73
N LEU A 442 39.51 -14.13 6.69
CA LEU A 442 40.78 -14.81 6.88
C LEU A 442 41.84 -13.87 7.45
N ALA A 443 41.92 -12.66 6.89
CA ALA A 443 42.92 -11.70 7.38
C ALA A 443 42.67 -11.36 8.85
N SER A 444 41.41 -11.15 9.22
CA SER A 444 41.11 -10.81 10.60
C SER A 444 41.41 -11.98 11.53
N ASP A 445 41.02 -13.19 11.14
CA ASP A 445 41.14 -14.33 12.06
C ASP A 445 42.59 -14.80 12.20
N GLU A 446 43.33 -14.86 11.09
CA GLU A 446 44.65 -15.49 11.09
C GLU A 446 45.79 -14.48 11.27
N ILE A 447 45.80 -13.41 10.48
CA ILE A 447 46.94 -12.49 10.50
C ILE A 447 47.07 -11.85 11.87
N PHE A 448 46.05 -11.10 12.28
CA PHE A 448 46.12 -10.37 13.55
C PHE A 448 45.84 -11.31 14.72
N THR A 449 44.64 -11.88 14.76
CA THR A 449 44.27 -12.81 15.83
C THR A 449 44.59 -12.22 17.19
N ASN A 450 45.53 -12.82 17.92
CA ASN A 450 45.90 -12.34 19.24
C ASN A 450 47.32 -12.79 19.54
N ASP A 451 47.90 -12.17 20.57
CA ASP A 451 49.26 -12.50 21.02
C ASP A 451 50.30 -12.17 19.96
N ARG A 452 50.06 -11.10 19.21
CA ARG A 452 51.00 -10.61 18.21
C ARG A 452 51.27 -9.13 18.46
N ARG A 453 52.54 -8.78 18.57
CA ARG A 453 52.94 -7.40 18.88
C ARG A 453 53.28 -6.65 17.59
N TRP A 454 52.24 -6.49 16.75
CA TRP A 454 52.43 -5.75 15.51
C TRP A 454 52.74 -4.28 15.78
N GLU A 455 52.10 -3.70 16.80
CA GLU A 455 52.30 -2.29 17.13
C GLU A 455 51.64 -1.41 16.08
N SER A 456 51.65 -0.09 16.29
CA SER A 456 51.02 0.83 15.37
C SER A 456 51.86 1.13 14.14
N ALA A 457 53.13 0.74 14.13
CA ALA A 457 54.02 1.02 13.01
C ALA A 457 54.10 -0.14 12.03
N ASP A 458 53.38 -1.22 12.26
CA ASP A 458 53.43 -2.37 11.37
C ASP A 458 52.49 -2.22 10.18
N LEU A 459 51.34 -1.58 10.36
CA LEU A 459 50.32 -1.50 9.32
C LEU A 459 50.54 -0.35 8.33
N GLN A 460 51.58 0.48 8.52
CA GLN A 460 51.79 1.66 7.69
C GLN A 460 51.70 1.37 6.19
N GLU A 461 52.61 0.54 5.68
CA GLU A 461 52.69 0.32 4.24
C GLU A 461 51.50 -0.47 3.73
N VAL A 462 51.07 -1.50 4.47
CA VAL A 462 49.93 -2.30 4.02
C VAL A 462 48.67 -1.44 4.00
N MET A 463 48.51 -0.55 4.98
CA MET A 463 47.35 0.32 4.99
C MET A 463 47.42 1.32 3.83
N PHE A 464 48.62 1.83 3.52
CA PHE A 464 48.77 2.68 2.34
C PHE A 464 48.34 1.94 1.08
N THR A 465 48.79 0.70 0.94
CA THR A 465 48.41 -0.10 -0.23
C THR A 465 46.91 -0.34 -0.28
N ALA A 466 46.30 -0.59 0.88
CA ALA A 466 44.85 -0.79 0.93
C ALA A 466 44.11 0.46 0.48
N LEU A 467 44.56 1.64 0.93
CA LEU A 467 43.97 2.88 0.47
C LEU A 467 44.11 3.03 -1.04
N ILE A 468 45.28 2.69 -1.57
CA ILE A 468 45.50 2.81 -3.00
C ILE A 468 44.57 1.89 -3.78
N LYS A 469 44.39 0.66 -3.28
CA LYS A 469 43.68 -0.37 -4.01
C LYS A 469 42.18 -0.39 -3.73
N ASP A 470 41.67 0.55 -2.94
CA ASP A 470 40.23 0.66 -2.68
C ASP A 470 39.71 -0.63 -2.01
N ARG A 471 40.20 -0.84 -0.78
CA ARG A 471 39.80 -1.98 0.05
C ARG A 471 39.15 -1.42 1.31
N PRO A 472 37.87 -1.08 1.24
CA PRO A 472 37.24 -0.41 2.40
C PRO A 472 37.22 -1.26 3.66
N LYS A 473 36.81 -2.52 3.55
CA LYS A 473 36.73 -3.38 4.72
C LYS A 473 38.09 -3.55 5.37
N PHE A 474 39.13 -3.74 4.54
CA PHE A 474 40.48 -3.85 5.09
C PHE A 474 40.91 -2.54 5.76
N VAL A 475 40.52 -1.40 5.18
CA VAL A 475 40.85 -0.12 5.80
C VAL A 475 40.21 -0.03 7.18
N ARG A 476 38.94 -0.41 7.28
CA ARG A 476 38.26 -0.37 8.58
C ARG A 476 38.92 -1.33 9.56
N LEU A 477 39.27 -2.53 9.10
CA LEU A 477 39.90 -3.50 9.98
C LEU A 477 41.25 -2.99 10.50
N PHE A 478 42.02 -2.36 9.62
CA PHE A 478 43.29 -1.78 10.05
C PHE A 478 43.07 -0.67 11.07
N LEU A 479 42.17 0.26 10.76
CA LEU A 479 41.95 1.40 11.65
C LEU A 479 41.49 0.96 13.03
N GLU A 480 40.44 0.13 13.08
CA GLU A 480 39.86 -0.24 14.37
C GLU A 480 40.79 -1.15 15.16
N ASN A 481 41.64 -1.91 14.48
CA ASN A 481 42.48 -2.90 15.14
C ASN A 481 43.85 -2.31 15.47
N GLY A 482 43.84 -1.24 16.26
CA GLY A 482 45.04 -0.68 16.83
C GLY A 482 45.76 0.36 15.98
N LEU A 483 45.33 0.57 14.74
CA LEU A 483 46.00 1.55 13.90
C LEU A 483 45.72 2.96 14.39
N ASN A 484 46.73 3.82 14.29
CA ASN A 484 46.62 5.23 14.66
C ASN A 484 46.64 6.06 13.38
N LEU A 485 45.51 6.68 13.05
CA LEU A 485 45.42 7.45 11.81
C LEU A 485 46.13 8.79 11.92
N GLN A 486 46.19 9.37 13.13
CA GLN A 486 46.83 10.68 13.28
C GLN A 486 48.31 10.61 12.88
N LYS A 487 49.03 9.63 13.43
CA LYS A 487 50.45 9.51 13.12
C LYS A 487 50.66 9.19 11.64
N PHE A 488 49.84 8.31 11.08
CA PHE A 488 49.98 7.95 9.67
C PHE A 488 49.77 9.16 8.78
N LEU A 489 48.73 9.96 9.07
CA LEU A 489 48.48 11.15 8.26
C LEU A 489 49.57 12.19 8.46
N THR A 490 50.14 12.29 9.66
CA THR A 490 51.15 13.28 9.93
C THR A 490 52.39 13.11 9.04
N ASN A 491 52.59 11.92 8.48
CA ASN A 491 53.73 11.68 7.62
C ASN A 491 53.59 12.45 6.31
N GLU A 492 54.70 12.56 5.59
CA GLU A 492 54.72 13.22 4.30
C GLU A 492 53.96 12.45 3.23
N VAL A 493 53.57 11.19 3.53
CA VAL A 493 52.85 10.38 2.55
C VAL A 493 51.69 11.15 1.97
N LEU A 494 51.00 11.95 2.81
CA LEU A 494 49.91 12.77 2.33
C LEU A 494 50.28 13.49 1.04
N THR A 495 51.35 14.29 1.08
CA THR A 495 51.83 14.95 -0.11
C THR A 495 51.91 13.98 -1.28
N GLU A 496 52.65 12.88 -1.09
CA GLU A 496 52.73 11.87 -2.14
C GLU A 496 51.33 11.42 -2.55
N LEU A 497 50.50 11.05 -1.58
CA LEU A 497 49.17 10.56 -1.89
C LEU A 497 48.37 11.58 -2.69
N PHE A 498 48.70 12.86 -2.56
CA PHE A 498 48.01 13.90 -3.32
C PHE A 498 48.73 14.27 -4.60
N SER A 499 50.04 14.09 -4.65
CA SER A 499 50.77 14.52 -5.84
C SER A 499 50.55 13.57 -7.02
N THR A 500 50.48 12.27 -6.76
CA THR A 500 50.41 11.25 -7.80
C THR A 500 49.03 10.61 -7.89
N HIS A 501 48.44 10.28 -6.75
CA HIS A 501 47.22 9.46 -6.72
C HIS A 501 46.09 10.08 -7.54
N PHE A 502 46.00 11.41 -7.56
CA PHE A 502 44.88 12.09 -8.19
C PHE A 502 44.68 11.60 -9.63
N SER A 503 43.43 11.30 -9.97
CA SER A 503 43.07 10.98 -11.34
C SER A 503 43.16 12.23 -12.21
N THR A 504 43.68 12.05 -13.43
CA THR A 504 43.92 13.20 -14.30
C THR A 504 42.60 13.87 -14.69
N LEU A 505 41.61 13.07 -15.11
CA LEU A 505 40.34 13.65 -15.51
C LEU A 505 39.67 14.36 -14.34
N VAL A 506 39.78 13.79 -13.14
CA VAL A 506 39.20 14.44 -11.97
C VAL A 506 39.85 15.81 -11.76
N TYR A 507 41.17 15.88 -11.90
CA TYR A 507 41.87 17.15 -11.74
C TYR A 507 41.41 18.16 -12.78
N ARG A 508 41.31 17.73 -14.05
CA ARG A 508 40.90 18.64 -15.10
C ARG A 508 39.47 19.14 -14.89
N ASN A 509 38.56 18.23 -14.53
CA ASN A 509 37.17 18.61 -14.30
C ASN A 509 37.06 19.54 -13.10
N LEU A 510 37.81 19.27 -12.04
CA LEU A 510 37.80 20.16 -10.89
C LEU A 510 38.28 21.56 -11.28
N GLN A 511 39.35 21.63 -12.07
CA GLN A 511 39.89 22.92 -12.47
C GLN A 511 38.89 23.69 -13.32
N ILE A 512 38.27 23.01 -14.30
CA ILE A 512 37.32 23.70 -15.18
C ILE A 512 36.10 24.16 -14.38
N ALA A 513 35.61 23.31 -13.47
CA ALA A 513 34.48 23.70 -12.64
C ALA A 513 34.82 24.90 -11.78
N LYS A 514 36.01 24.91 -11.17
CA LYS A 514 36.40 26.04 -10.33
C LYS A 514 36.50 27.32 -11.15
N ASN A 515 37.10 27.24 -12.33
CA ASN A 515 37.26 28.43 -13.16
C ASN A 515 35.91 28.95 -13.64
N SER A 516 35.02 28.04 -14.04
CA SER A 516 33.77 28.46 -14.67
C SER A 516 32.84 29.17 -13.69
N TYR A 517 32.71 28.63 -12.48
CA TYR A 517 31.73 29.11 -11.51
C TYR A 517 32.38 29.83 -10.34
N ASN A 518 33.32 29.18 -9.65
CA ASN A 518 34.00 29.78 -8.51
C ASN A 518 33.02 29.95 -7.35
N ASP A 519 33.55 30.08 -6.14
CA ASP A 519 32.74 30.25 -4.93
C ASP A 519 33.62 30.43 -3.71
N ALA A 520 33.01 30.67 -2.55
CA ALA A 520 33.79 30.84 -1.33
C ALA A 520 34.58 29.57 -1.00
N LEU A 521 33.97 28.40 -1.24
CA LEU A 521 34.62 27.13 -0.90
C LEU A 521 35.42 26.55 -2.05
N LEU A 522 34.96 26.69 -3.29
CA LEU A 522 35.65 26.09 -4.43
C LEU A 522 37.12 26.46 -4.44
N THR A 523 37.40 27.76 -4.31
CA THR A 523 38.78 28.23 -4.39
C THR A 523 39.62 27.67 -3.26
N PHE A 524 39.04 27.52 -2.08
CA PHE A 524 39.81 27.06 -0.93
C PHE A 524 40.32 25.65 -1.15
N VAL A 525 39.43 24.72 -1.49
CA VAL A 525 39.84 23.34 -1.69
C VAL A 525 40.76 23.21 -2.90
N TRP A 526 40.43 23.91 -3.99
CA TRP A 526 41.29 23.85 -5.16
C TRP A 526 42.69 24.34 -4.85
N LYS A 527 42.80 25.44 -4.08
CA LYS A 527 44.10 25.99 -3.73
C LYS A 527 44.88 25.03 -2.83
N LEU A 528 44.22 24.43 -1.85
CA LEU A 528 44.93 23.48 -0.99
C LEU A 528 45.43 22.29 -1.80
N VAL A 529 44.59 21.76 -2.69
CA VAL A 529 45.00 20.63 -3.51
C VAL A 529 46.17 20.99 -4.41
N ALA A 530 46.12 22.18 -5.03
CA ALA A 530 47.22 22.61 -5.88
C ALA A 530 48.50 22.79 -5.07
N ASN A 531 48.37 23.32 -3.86
CA ASN A 531 49.53 23.46 -2.99
C ASN A 531 50.17 22.11 -2.73
N PHE A 532 49.37 21.10 -2.41
CA PHE A 532 49.94 19.78 -2.15
C PHE A 532 50.54 19.16 -3.41
N ARG A 533 49.87 19.34 -4.56
CA ARG A 533 50.40 18.77 -5.79
C ARG A 533 51.74 19.38 -6.17
N ARG A 534 51.85 20.72 -6.07
CA ARG A 534 53.11 21.37 -6.39
C ARG A 534 54.22 20.93 -5.44
N SER A 535 53.91 20.81 -4.16
CA SER A 535 54.89 20.38 -3.16
C SER A 535 54.21 19.60 -2.04
N ARG A 559 48.29 21.54 8.01
CA ARG A 559 47.16 21.19 8.86
C ARG A 559 45.97 20.73 8.02
N HIS A 560 44.81 20.58 8.66
CA HIS A 560 43.60 20.10 8.02
C HIS A 560 43.84 18.79 7.25
N PRO A 561 44.35 17.76 7.93
CA PRO A 561 44.67 16.50 7.23
C PRO A 561 43.45 15.75 6.73
N LEU A 562 42.49 15.48 7.63
CA LEU A 562 41.36 14.63 7.25
C LEU A 562 40.42 15.34 6.28
N GLN A 563 40.32 16.67 6.36
CA GLN A 563 39.49 17.41 5.44
C GLN A 563 39.96 17.24 4.00
N ALA A 564 41.21 16.81 3.80
CA ALA A 564 41.74 16.58 2.47
C ALA A 564 41.41 15.17 1.98
N LEU A 565 41.56 14.16 2.85
CA LEU A 565 41.18 12.80 2.46
C LEU A 565 39.69 12.72 2.18
N PHE A 566 38.88 13.46 2.94
CA PHE A 566 37.45 13.45 2.70
C PHE A 566 37.13 13.90 1.28
N ILE A 567 37.70 15.03 0.86
CA ILE A 567 37.43 15.54 -0.48
C ILE A 567 38.01 14.61 -1.53
N TRP A 568 39.19 14.03 -1.25
CA TRP A 568 39.74 13.03 -2.15
C TRP A 568 38.72 11.93 -2.41
N ALA A 569 38.20 11.34 -1.34
CA ALA A 569 37.26 10.24 -1.49
C ALA A 569 35.99 10.68 -2.20
N ILE A 570 35.49 11.87 -1.88
CA ILE A 570 34.19 12.27 -2.39
C ILE A 570 34.26 12.67 -3.86
N LEU A 571 35.43 13.12 -4.33
CA LEU A 571 35.54 13.49 -5.74
C LEU A 571 35.35 12.29 -6.65
N GLN A 572 35.95 11.14 -6.30
CA GLN A 572 35.91 9.95 -7.14
C GLN A 572 34.66 9.11 -6.92
N ASN A 573 33.65 9.64 -6.24
CA ASN A 573 32.39 8.92 -6.05
C ASN A 573 32.61 7.59 -5.36
N LYS A 574 33.52 7.57 -4.38
CA LYS A 574 33.82 6.37 -3.62
C LYS A 574 32.88 6.30 -2.42
N LYS A 575 31.83 5.50 -2.54
CA LYS A 575 30.82 5.42 -1.47
C LYS A 575 31.38 4.81 -0.20
N GLU A 576 32.13 3.71 -0.33
CA GLU A 576 32.57 2.94 0.83
C GLU A 576 33.84 3.47 1.47
N LEU A 577 34.51 4.44 0.84
CA LEU A 577 35.70 5.04 1.42
C LEU A 577 35.47 6.43 1.97
N SER A 578 34.43 7.12 1.51
CA SER A 578 34.11 8.45 2.04
C SER A 578 33.44 8.38 3.41
N LYS A 579 32.63 7.35 3.65
CA LYS A 579 31.89 7.27 4.90
C LYS A 579 32.81 7.10 6.09
N VAL A 580 33.85 6.28 5.96
CA VAL A 580 34.79 6.09 7.06
C VAL A 580 35.52 7.38 7.37
N ILE A 581 35.97 8.08 6.32
CA ILE A 581 36.64 9.37 6.52
C ILE A 581 35.70 10.35 7.21
N TRP A 582 34.44 10.35 6.81
CA TRP A 582 33.46 11.21 7.47
C TRP A 582 33.34 10.86 8.95
N GLU A 583 33.28 9.57 9.27
CA GLU A 583 33.14 9.15 10.66
C GLU A 583 34.33 9.60 11.48
N GLN A 584 35.54 9.50 10.91
CA GLN A 584 36.74 9.84 11.67
C GLN A 584 36.78 11.34 12.01
N THR A 585 36.34 12.18 11.09
CA THR A 585 36.50 13.62 11.25
C THR A 585 35.73 14.14 12.47
N LYS A 586 36.00 15.40 12.78
CA LYS A 586 35.30 16.13 13.83
C LYS A 586 34.31 17.11 13.20
N GLY A 587 33.27 17.45 13.97
CA GLY A 587 32.25 18.36 13.45
C GLY A 587 31.69 17.86 12.14
N CYS A 588 31.07 16.68 12.17
CA CYS A 588 30.81 15.96 10.94
C CYS A 588 29.56 16.46 10.24
N THR A 589 28.61 17.03 10.97
CA THR A 589 27.43 17.59 10.31
C THR A 589 27.84 18.67 9.31
N LEU A 590 28.79 19.52 9.72
CA LEU A 590 29.27 20.58 8.84
C LEU A 590 29.90 20.01 7.58
N ALA A 591 30.75 18.99 7.75
CA ALA A 591 31.39 18.35 6.61
C ALA A 591 30.36 17.71 5.70
N ALA A 592 29.34 17.07 6.28
CA ALA A 592 28.31 16.43 5.46
C ALA A 592 27.56 17.47 4.64
N LEU A 593 27.20 18.60 5.25
CA LEU A 593 26.51 19.64 4.48
C LEU A 593 27.38 20.17 3.35
N GLY A 594 28.65 20.44 3.64
CA GLY A 594 29.53 20.94 2.60
C GLY A 594 29.68 19.94 1.47
N ALA A 595 29.79 18.65 1.81
CA ALA A 595 29.92 17.62 0.78
C ALA A 595 28.65 17.51 -0.05
N SER A 596 27.48 17.65 0.59
CA SER A 596 26.24 17.62 -0.16
C SER A 596 26.20 18.74 -1.18
N LYS A 597 26.56 19.95 -0.77
CA LYS A 597 26.58 21.06 -1.71
C LYS A 597 27.58 20.80 -2.83
N LEU A 598 28.77 20.32 -2.47
CA LEU A 598 29.81 20.10 -3.47
C LEU A 598 29.37 19.08 -4.51
N LEU A 599 28.76 17.98 -4.06
CA LEU A 599 28.25 16.99 -4.99
C LEU A 599 27.16 17.58 -5.88
N LYS A 600 26.25 18.35 -5.29
CA LYS A 600 25.21 18.98 -6.10
C LYS A 600 25.77 19.98 -7.10
N THR A 601 27.01 20.44 -6.89
CA THR A 601 27.58 21.46 -7.76
C THR A 601 27.63 20.98 -9.22
N LEU A 602 28.10 19.76 -9.45
CA LEU A 602 28.43 19.28 -10.79
C LEU A 602 27.35 18.41 -11.41
N ALA A 603 26.17 18.31 -10.80
CA ALA A 603 25.14 17.42 -11.32
C ALA A 603 24.64 17.87 -12.69
N LYS A 604 24.66 19.18 -12.94
CA LYS A 604 23.99 19.72 -14.12
C LYS A 604 24.66 19.31 -15.44
N VAL A 605 25.98 19.08 -15.43
CA VAL A 605 26.69 18.87 -16.69
C VAL A 605 26.09 17.70 -17.45
N LYS A 606 25.96 17.88 -18.77
CA LYS A 606 25.35 16.89 -19.65
C LYS A 606 26.37 16.08 -20.43
N ASN A 607 27.67 16.24 -20.14
CA ASN A 607 28.68 15.50 -20.88
C ASN A 607 28.48 13.99 -20.72
N ASP A 608 28.20 13.54 -19.50
CA ASP A 608 27.93 12.14 -19.22
C ASP A 608 26.66 12.05 -18.38
N ILE A 609 25.72 11.23 -18.82
CA ILE A 609 24.44 11.10 -18.11
C ILE A 609 24.62 10.33 -16.81
N ASN A 610 25.25 9.16 -16.90
CA ASN A 610 25.45 8.32 -15.72
C ASN A 610 26.39 9.00 -14.72
N ALA A 611 27.45 9.62 -15.22
CA ALA A 611 28.40 10.29 -14.34
C ALA A 611 27.74 11.37 -13.51
N ALA A 612 26.70 12.01 -14.07
CA ALA A 612 25.97 13.03 -13.31
C ALA A 612 24.94 12.40 -12.38
N GLY A 613 24.21 11.39 -12.87
CA GLY A 613 23.18 10.79 -12.05
C GLY A 613 23.72 10.14 -10.79
N GLU A 614 24.85 9.44 -10.91
CA GLU A 614 25.43 8.77 -9.74
C GLU A 614 25.87 9.79 -8.70
N SER A 615 26.53 10.87 -9.14
CA SER A 615 26.95 11.91 -8.21
C SER A 615 25.76 12.57 -7.55
N GLU A 616 24.68 12.80 -8.31
CA GLU A 616 23.47 13.35 -7.73
C GLU A 616 22.88 12.39 -6.69
N GLU A 617 22.98 11.08 -6.95
CA GLU A 617 22.50 10.11 -5.98
C GLU A 617 23.24 10.25 -4.65
N LEU A 618 24.57 10.32 -4.72
CA LEU A 618 25.33 10.49 -3.48
C LEU A 618 25.02 11.83 -2.80
N ALA A 619 24.82 12.87 -3.61
CA ALA A 619 24.48 14.18 -3.07
C ALA A 619 23.17 14.11 -2.28
N ASN A 620 22.17 13.45 -2.84
CA ASN A 620 20.92 13.25 -2.12
C ASN A 620 21.16 12.43 -0.85
N GLU A 621 22.04 11.44 -0.94
CA GLU A 621 22.28 10.56 0.21
C GLU A 621 22.79 11.35 1.41
N TYR A 622 23.76 12.24 1.19
CA TYR A 622 24.41 12.88 2.33
C TYR A 622 23.47 13.79 3.12
N GLU A 623 22.47 14.39 2.44
CA GLU A 623 21.58 15.32 3.12
C GLU A 623 20.80 14.63 4.22
N THR A 624 20.28 13.43 3.95
CA THR A 624 19.53 12.71 4.97
C THR A 624 20.40 12.40 6.18
N ARG A 625 21.65 12.01 5.95
CA ARG A 625 22.56 11.74 7.04
C ARG A 625 22.73 12.98 7.91
N ALA A 626 22.99 14.13 7.29
CA ALA A 626 23.19 15.35 8.06
C ALA A 626 21.94 15.70 8.85
N VAL A 627 20.77 15.63 8.21
CA VAL A 627 19.53 16.02 8.87
C VAL A 627 19.25 15.11 10.06
N GLU A 628 19.39 13.80 9.86
CA GLU A 628 19.14 12.86 10.95
C GLU A 628 20.11 13.09 12.10
N LEU A 629 21.38 13.32 11.78
CA LEU A 629 22.36 13.58 12.83
C LEU A 629 21.96 14.78 13.66
N PHE A 630 21.59 15.89 13.00
CA PHE A 630 21.25 17.08 13.76
C PHE A 630 19.97 16.87 14.56
N THR A 631 18.98 16.18 13.99
CA THR A 631 17.74 15.95 14.72
C THR A 631 18.00 15.14 15.98
N GLU A 632 18.83 14.10 15.87
CA GLU A 632 19.17 13.31 17.05
C GLU A 632 19.95 14.15 18.06
N CYS A 633 20.86 15.00 17.57
CA CYS A 633 21.67 15.82 18.45
C CYS A 633 20.84 16.82 19.23
N TYR A 634 19.82 17.39 18.59
CA TYR A 634 19.05 18.46 19.23
C TYR A 634 18.08 17.92 20.27
N SER A 635 17.65 16.67 20.13
CA SER A 635 16.64 16.12 21.01
C SER A 635 17.11 15.94 22.44
N ASN A 636 18.41 16.06 22.70
CA ASN A 636 18.97 15.85 24.03
C ASN A 636 19.22 17.15 24.76
N ASP A 637 19.92 18.10 24.14
CA ASP A 637 20.27 19.36 24.80
C ASP A 637 20.02 20.50 23.81
N GLU A 638 19.08 21.39 24.15
CA GLU A 638 18.77 22.52 23.29
C GLU A 638 19.92 23.52 23.26
N ASP A 639 20.43 23.90 24.44
CA ASP A 639 21.45 24.94 24.49
C ASP A 639 22.69 24.53 23.73
N LEU A 640 23.15 23.29 23.92
CA LEU A 640 24.37 22.84 23.25
C LEU A 640 24.16 22.73 21.75
N ALA A 641 22.97 22.32 21.31
CA ALA A 641 22.70 22.27 19.88
C ALA A 641 22.70 23.65 19.26
N GLU A 642 22.06 24.63 19.93
CA GLU A 642 22.08 25.99 19.43
C GLU A 642 23.50 26.54 19.40
N GLN A 643 24.31 26.19 20.40
CA GLN A 643 25.71 26.61 20.39
C GLN A 643 26.47 25.97 19.24
N LEU A 644 26.18 24.69 18.96
CA LEU A 644 26.82 24.01 17.84
C LEU A 644 26.50 24.69 16.53
N LEU A 645 25.26 25.15 16.37
CA LEU A 645 24.82 25.68 15.09
C LEU A 645 25.49 27.00 14.72
N VAL A 646 26.08 27.70 15.69
CA VAL A 646 26.69 29.00 15.44
C VAL A 646 28.22 28.93 15.58
N TYR A 647 28.78 27.72 15.57
CA TYR A 647 30.24 27.60 15.67
C TYR A 647 30.91 28.36 14.54
N SER A 648 31.95 29.11 14.89
CA SER A 648 32.71 29.88 13.91
C SER A 648 33.64 28.93 13.16
N CYS A 649 33.39 28.78 11.86
CA CYS A 649 34.18 27.86 11.06
C CYS A 649 35.64 28.27 11.04
N GLU A 650 36.53 27.31 11.25
CA GLU A 650 37.97 27.55 11.17
C GLU A 650 38.48 27.30 9.77
N ALA A 651 37.84 27.94 8.80
CA ALA A 651 38.23 27.89 7.39
C ALA A 651 38.03 26.50 6.81
N TRP A 652 37.00 25.80 7.26
CA TRP A 652 36.58 24.58 6.55
C TRP A 652 36.15 24.93 5.14
N GLY A 653 35.27 25.92 5.01
CA GLY A 653 34.91 26.49 3.72
C GLY A 653 34.68 27.98 3.81
N GLY A 654 35.04 28.57 4.95
CA GLY A 654 34.82 29.98 5.16
C GLY A 654 33.39 30.37 5.47
N SER A 655 32.58 29.43 5.97
CA SER A 655 31.19 29.70 6.26
C SER A 655 30.71 28.78 7.38
N ASN A 656 29.61 29.18 8.02
CA ASN A 656 29.06 28.43 9.14
C ASN A 656 28.19 27.27 8.63
N CYS A 657 27.75 26.44 9.57
CA CYS A 657 26.87 25.32 9.22
C CYS A 657 25.57 25.84 8.60
N LEU A 658 24.94 26.81 9.25
CA LEU A 658 23.70 27.39 8.74
C LEU A 658 23.94 28.07 7.41
N GLU A 659 25.06 28.78 7.29
CA GLU A 659 25.39 29.44 6.03
C GLU A 659 25.50 28.44 4.90
N LEU A 660 26.21 27.34 5.15
CA LEU A 660 26.35 26.31 4.12
C LEU A 660 25.00 25.71 3.76
N ALA A 661 24.15 25.48 4.76
CA ALA A 661 22.82 24.96 4.47
C ALA A 661 22.04 25.90 3.56
N VAL A 662 22.08 27.20 3.86
CA VAL A 662 21.31 28.16 3.07
C VAL A 662 21.93 28.37 1.69
N GLU A 663 23.21 28.06 1.51
CA GLU A 663 23.85 28.32 0.22
C GLU A 663 23.09 27.64 -0.92
N ALA A 664 22.71 26.37 -0.72
CA ALA A 664 22.21 25.54 -1.81
C ALA A 664 20.76 25.11 -1.61
N THR A 665 19.98 25.89 -0.87
CA THR A 665 18.53 25.73 -0.83
C THR A 665 18.13 24.30 -0.44
N ASP A 666 18.75 23.77 0.62
CA ASP A 666 18.30 22.52 1.20
C ASP A 666 17.23 22.88 2.24
N GLN A 667 16.03 23.16 1.72
CA GLN A 667 14.95 23.67 2.54
C GLN A 667 14.53 22.68 3.62
N HIS A 668 14.75 21.38 3.41
CA HIS A 668 14.34 20.40 4.40
C HIS A 668 15.09 20.60 5.72
N PHE A 669 16.39 20.87 5.65
CA PHE A 669 17.18 21.01 6.86
C PHE A 669 16.70 22.18 7.70
N ILE A 670 16.48 23.33 7.07
CA ILE A 670 16.04 24.51 7.80
C ILE A 670 14.61 24.34 8.28
N ALA A 671 13.74 23.79 7.45
CA ALA A 671 12.34 23.64 7.81
C ALA A 671 12.15 22.75 9.03
N GLN A 672 13.13 21.92 9.36
CA GLN A 672 12.98 21.01 10.49
C GLN A 672 12.81 21.82 11.77
N PRO A 673 11.97 21.35 12.71
CA PRO A 673 11.62 22.15 13.90
C PRO A 673 12.75 22.95 14.53
N GLY A 674 13.91 22.34 14.75
CA GLY A 674 14.97 22.96 15.53
C GLY A 674 15.38 24.35 15.07
N VAL A 675 15.78 24.47 13.81
CA VAL A 675 16.23 25.76 13.30
C VAL A 675 15.07 26.75 13.31
N GLN A 676 13.85 26.27 13.05
CA GLN A 676 12.69 27.14 13.07
C GLN A 676 12.49 27.75 14.45
N ASN A 677 12.60 26.93 15.50
CA ASN A 677 12.46 27.42 16.86
C ASN A 677 13.58 28.38 17.20
N PHE A 678 14.80 28.08 16.76
CA PHE A 678 15.91 29.00 16.98
C PHE A 678 15.62 30.36 16.35
N LEU A 679 15.11 30.35 15.12
CA LEU A 679 14.80 31.62 14.45
C LEU A 679 13.68 32.36 15.16
N SER A 680 12.66 31.64 15.64
CA SER A 680 11.58 32.31 16.37
C SER A 680 12.10 32.98 17.62
N LYS A 681 12.89 32.26 18.42
CA LYS A 681 13.46 32.84 19.63
C LYS A 681 14.33 34.04 19.28
N GLN A 682 15.10 33.95 18.18
CA GLN A 682 15.93 35.06 17.77
C GLN A 682 15.09 36.27 17.41
N TRP A 683 13.99 36.06 16.70
CA TRP A 683 13.19 37.18 16.22
C TRP A 683 12.49 37.90 17.37
N TYR A 684 11.84 37.14 18.26
CA TYR A 684 11.05 37.77 19.30
C TYR A 684 11.91 38.67 20.19
N GLY A 685 13.07 38.18 20.60
CA GLY A 685 13.94 38.95 21.46
C GLY A 685 13.68 38.70 22.93
N GLU A 686 13.70 39.76 23.73
CA GLU A 686 13.50 39.62 25.17
C GLU A 686 12.11 39.09 25.48
N ILE A 687 11.10 39.55 24.76
CA ILE A 687 9.73 39.20 25.09
C ILE A 687 9.54 37.69 25.00
N SER A 688 8.72 37.15 25.89
CA SER A 688 8.44 35.73 25.89
C SER A 688 7.61 35.35 24.66
N ARG A 689 7.71 34.07 24.28
CA ARG A 689 6.99 33.54 23.14
C ARG A 689 5.57 33.11 23.48
N ASP A 690 5.02 33.60 24.59
CA ASP A 690 3.64 33.34 24.99
C ASP A 690 2.97 34.65 25.41
N THR A 691 3.16 35.71 24.62
CA THR A 691 2.62 37.02 24.92
C THR A 691 1.20 37.21 24.39
N LYS A 692 0.57 36.16 23.89
CA LYS A 692 -0.78 36.16 23.35
C LYS A 692 -0.83 36.73 21.93
N ASN A 693 0.29 37.15 21.35
CA ASN A 693 0.46 37.58 19.96
C ASN A 693 -0.35 38.82 19.61
N TRP A 694 -1.09 39.42 20.56
CA TRP A 694 -1.78 40.69 20.29
C TRP A 694 -1.60 41.73 21.39
N LYS A 695 -1.18 41.35 22.59
CA LYS A 695 -1.01 42.33 23.66
C LYS A 695 0.12 43.31 23.34
N ILE A 696 1.20 42.82 22.73
CA ILE A 696 2.32 43.69 22.42
C ILE A 696 1.91 44.78 21.43
N ILE A 697 1.09 44.42 20.44
CA ILE A 697 0.63 45.41 19.48
C ILE A 697 -0.18 46.48 20.18
N LEU A 698 -1.06 46.08 21.10
CA LEU A 698 -1.83 47.05 21.87
C LEU A 698 -0.92 47.96 22.67
N CYS A 699 0.08 47.39 23.33
CA CYS A 699 0.99 48.19 24.14
C CYS A 699 1.81 49.14 23.29
N LEU A 700 2.05 48.79 22.02
CA LEU A 700 2.86 49.64 21.16
C LEU A 700 2.26 51.04 21.03
N PHE A 701 0.95 51.12 20.79
CA PHE A 701 0.33 52.43 20.63
C PHE A 701 0.38 53.24 21.91
N ILE A 702 0.17 52.59 23.05
CA ILE A 702 0.11 53.25 24.35
C ILE A 702 1.47 53.07 25.00
N ILE A 703 2.33 54.07 24.86
CA ILE A 703 3.66 54.01 25.48
C ILE A 703 3.56 53.91 27.00
N PRO A 704 2.74 54.70 27.68
CA PRO A 704 2.70 54.63 29.14
C PRO A 704 2.30 53.26 29.67
N LEU A 705 1.55 52.49 28.88
CA LEU A 705 1.05 51.19 29.34
C LEU A 705 2.17 50.18 29.55
N VAL A 706 3.39 50.48 29.09
CA VAL A 706 4.50 49.55 29.26
C VAL A 706 4.72 49.28 30.74
N GLY A 707 4.56 50.30 31.58
CA GLY A 707 4.75 50.16 33.01
C GLY A 707 4.08 48.92 33.58
N CYS A 708 2.76 48.86 33.48
CA CYS A 708 2.04 47.68 33.95
C CYS A 708 2.50 46.45 33.20
N GLY A 709 2.72 45.35 33.93
CA GLY A 709 3.22 44.14 33.32
C GLY A 709 2.16 43.28 32.65
N LEU A 710 1.50 43.83 31.64
CA LEU A 710 0.56 43.05 30.84
C LEU A 710 1.29 41.99 30.03
N VAL A 711 2.46 42.32 29.50
CA VAL A 711 3.23 41.40 28.68
C VAL A 711 4.23 40.66 29.55
N SER A 712 4.46 39.39 29.23
CA SER A 712 5.47 38.58 29.91
C SER A 712 6.85 38.99 29.42
N PHE A 713 7.26 40.18 29.85
CA PHE A 713 8.49 40.78 29.33
C PHE A 713 9.70 39.92 29.65
N ARG A 714 9.74 39.33 30.84
CA ARG A 714 10.90 38.57 31.26
C ARG A 714 11.19 37.45 30.26
N LYS A 715 12.46 37.33 29.88
CA LYS A 715 12.88 36.29 28.94
C LYS A 715 12.78 34.91 29.57
N LEU A 725 13.81 53.80 32.42
CA LEU A 725 13.80 52.45 32.98
C LEU A 725 14.49 51.47 32.03
N TRP A 726 14.68 50.24 32.51
CA TRP A 726 15.33 49.22 31.69
C TRP A 726 14.46 48.83 30.49
N TYR A 727 13.14 48.75 30.70
CA TYR A 727 12.27 48.24 29.64
C TYR A 727 12.32 49.13 28.40
N TYR A 728 12.29 50.45 28.58
CA TYR A 728 12.09 51.36 27.46
C TYR A 728 13.27 51.37 26.49
N VAL A 729 14.42 50.82 26.88
CA VAL A 729 15.54 50.64 25.95
C VAL A 729 15.63 49.22 25.44
N ALA A 730 14.93 48.27 26.05
CA ALA A 730 14.86 46.90 25.56
C ALA A 730 13.65 46.67 24.68
N PHE A 731 12.49 47.20 25.07
CA PHE A 731 11.28 47.01 24.28
C PHE A 731 11.42 47.61 22.89
N PHE A 732 12.00 48.82 22.80
CA PHE A 732 12.14 49.50 21.53
C PHE A 732 13.32 48.99 20.70
N THR A 733 14.15 48.13 21.26
CA THR A 733 15.21 47.47 20.50
C THR A 733 14.78 46.13 19.95
N SER A 734 13.57 45.67 20.26
CA SER A 734 13.08 44.41 19.74
C SER A 734 12.74 44.58 18.25
N PRO A 735 13.28 43.72 17.37
CA PRO A 735 13.01 43.92 15.94
C PRO A 735 11.54 43.84 15.57
N PHE A 736 10.76 43.03 16.29
CA PHE A 736 9.33 42.92 16.00
C PHE A 736 8.63 44.27 16.12
N VAL A 737 8.87 44.97 17.24
CA VAL A 737 8.25 46.26 17.46
C VAL A 737 8.70 47.27 16.41
N VAL A 738 10.00 47.25 16.08
CA VAL A 738 10.52 48.15 15.06
C VAL A 738 9.82 47.91 13.73
N PHE A 739 9.64 46.65 13.37
CA PHE A 739 8.98 46.33 12.11
C PHE A 739 7.54 46.83 12.09
N SER A 740 6.81 46.59 13.17
CA SER A 740 5.40 47.02 13.22
C SER A 740 5.30 48.55 13.16
N TRP A 741 6.17 49.23 13.89
CA TRP A 741 6.19 50.69 13.89
C TRP A 741 6.59 51.24 12.53
N ASN A 742 7.49 50.56 11.83
CA ASN A 742 7.84 50.98 10.47
C ASN A 742 6.67 50.81 9.53
N VAL A 743 5.92 49.71 9.66
CA VAL A 743 4.75 49.50 8.82
C VAL A 743 3.74 50.62 9.04
N VAL A 744 3.49 50.96 10.29
CA VAL A 744 2.54 52.04 10.60
C VAL A 744 3.01 53.35 9.98
N PHE A 745 4.31 53.65 10.12
CA PHE A 745 4.85 54.89 9.57
C PHE A 745 4.71 54.90 8.05
N TYR A 746 4.96 53.77 7.40
CA TYR A 746 4.83 53.69 5.94
C TYR A 746 3.40 53.96 5.50
N ILE A 747 2.43 53.41 6.22
CA ILE A 747 1.03 53.67 5.87
C ILE A 747 0.71 55.15 6.03
N ALA A 748 1.16 55.76 7.13
CA ALA A 748 0.91 57.19 7.32
C ALA A 748 1.54 58.01 6.21
N PHE A 749 2.77 57.66 5.83
CA PHE A 749 3.44 58.36 4.73
C PHE A 749 2.65 58.22 3.44
N LEU A 750 2.11 57.03 3.18
CA LEU A 750 1.31 56.83 1.98
C LEU A 750 0.09 57.73 1.97
N LEU A 751 -0.61 57.80 3.11
CA LEU A 751 -1.80 58.66 3.19
C LEU A 751 -1.42 60.11 2.92
N LEU A 752 -0.34 60.59 3.55
CA LEU A 752 0.07 61.96 3.36
C LEU A 752 0.46 62.22 1.91
N PHE A 753 1.16 61.28 1.30
CA PHE A 753 1.55 61.43 -0.10
C PHE A 753 0.33 61.56 -0.99
N ALA A 754 -0.67 60.71 -0.79
CA ALA A 754 -1.88 60.79 -1.60
C ALA A 754 -2.55 62.14 -1.41
N TYR A 755 -2.73 62.57 -0.16
CA TYR A 755 -3.40 63.84 0.09
C TYR A 755 -2.68 64.99 -0.58
N VAL A 756 -1.35 65.03 -0.47
CA VAL A 756 -0.59 66.09 -1.12
C VAL A 756 -0.74 65.99 -2.63
N LEU A 757 -0.76 64.77 -3.16
CA LEU A 757 -0.75 64.59 -4.60
C LEU A 757 -2.02 65.10 -5.24
N LEU A 758 -3.19 64.71 -4.70
CA LEU A 758 -4.44 65.01 -5.40
C LEU A 758 -5.26 66.12 -4.76
N MET A 759 -5.29 66.20 -3.43
CA MET A 759 -6.14 67.21 -2.79
C MET A 759 -5.52 68.61 -2.88
N ASP A 760 -4.22 68.72 -2.65
CA ASP A 760 -3.55 70.02 -2.54
C ASP A 760 -2.25 69.99 -3.34
N PHE A 761 -2.29 70.55 -4.55
CA PHE A 761 -1.11 70.67 -5.40
C PHE A 761 -1.15 72.04 -6.06
N HIS A 762 -0.08 72.82 -5.87
CA HIS A 762 -0.01 74.18 -6.38
C HIS A 762 1.32 74.38 -7.09
N SER A 763 1.44 75.54 -7.74
CA SER A 763 2.66 75.86 -8.48
C SER A 763 3.87 75.88 -7.55
N VAL A 764 3.74 76.49 -6.39
CA VAL A 764 4.82 76.61 -5.41
C VAL A 764 4.54 75.64 -4.29
N PRO A 765 5.50 74.79 -3.91
CA PRO A 765 5.24 73.78 -2.87
C PRO A 765 4.94 74.42 -1.52
N HIS A 766 4.12 73.74 -0.74
CA HIS A 766 3.77 74.13 0.61
C HIS A 766 4.45 73.19 1.61
N THR A 767 4.15 73.40 2.90
CA THR A 767 4.84 72.64 3.94
C THR A 767 4.65 71.12 3.80
N PRO A 768 3.46 70.59 3.50
CA PRO A 768 3.35 69.13 3.37
C PRO A 768 4.29 68.56 2.32
N GLU A 769 4.48 69.28 1.22
CA GLU A 769 5.44 68.84 0.21
C GLU A 769 6.84 68.74 0.79
N LEU A 770 7.22 69.73 1.62
CA LEU A 770 8.55 69.70 2.23
C LEU A 770 8.70 68.52 3.17
N ILE A 771 7.67 68.24 3.97
CA ILE A 771 7.72 67.09 4.87
C ILE A 771 7.89 65.80 4.08
N LEU A 772 7.11 65.67 3.01
CA LEU A 772 7.19 64.48 2.17
C LEU A 772 8.58 64.35 1.54
N TYR A 773 9.16 65.47 1.12
CA TYR A 773 10.51 65.45 0.58
C TYR A 773 11.51 64.96 1.63
N ALA A 774 11.36 65.43 2.86
CA ALA A 774 12.26 64.98 3.92
C ALA A 774 12.16 63.47 4.12
N LEU A 775 10.94 62.95 4.17
CA LEU A 775 10.77 61.52 4.40
C LEU A 775 11.37 60.70 3.26
N VAL A 776 11.10 61.11 2.02
CA VAL A 776 11.67 60.37 0.89
C VAL A 776 13.20 60.47 0.90
N PHE A 777 13.73 61.60 1.39
CA PHE A 777 15.18 61.72 1.52
C PHE A 777 15.74 60.71 2.49
N VAL A 778 15.05 60.50 3.62
CA VAL A 778 15.52 59.51 4.59
C VAL A 778 15.46 58.12 3.96
N LEU A 779 14.39 57.82 3.23
CA LEU A 779 14.30 56.52 2.57
C LEU A 779 15.46 56.34 1.60
N PHE A 780 15.81 57.39 0.85
CA PHE A 780 16.93 57.32 -0.09
C PHE A 780 18.24 57.05 0.65
N CYS A 781 18.44 57.70 1.79
CA CYS A 781 19.68 57.48 2.55
C CYS A 781 19.78 56.03 3.00
N ASP A 782 18.68 55.47 3.50
CA ASP A 782 18.69 54.06 3.87
C ASP A 782 18.93 53.16 2.66
N GLU A 783 18.39 53.55 1.51
CA GLU A 783 18.62 52.78 0.29
C GLU A 783 20.11 52.76 -0.07
N VAL A 784 20.78 53.91 0.08
CA VAL A 784 22.22 53.95 -0.20
C VAL A 784 22.98 53.10 0.81
N ARG A 785 22.55 53.09 2.07
CA ARG A 785 23.17 52.20 3.05
C ARG A 785 23.09 50.75 2.58
N GLN A 786 21.90 50.32 2.18
CA GLN A 786 21.72 48.94 1.74
C GLN A 786 22.53 48.66 0.47
N TRP A 787 22.59 49.65 -0.44
CA TRP A 787 23.46 49.53 -1.59
C TRP A 787 24.90 49.26 -1.18
N TYR A 788 25.38 49.98 -0.16
CA TYR A 788 26.77 49.85 0.24
C TYR A 788 27.05 48.47 0.82
N MET A 789 26.22 48.02 1.76
CA MET A 789 26.55 46.78 2.46
C MET A 789 26.55 45.58 1.52
N ASN A 790 25.76 45.62 0.44
CA ASN A 790 25.83 44.62 -0.61
C ASN A 790 26.60 45.16 -1.81
N GLY A 791 26.91 44.27 -2.74
CA GLY A 791 27.67 44.64 -3.93
C GLY A 791 26.79 44.91 -5.14
N VAL A 792 26.92 44.07 -6.16
CA VAL A 792 26.08 44.17 -7.35
C VAL A 792 25.06 43.05 -7.43
N ASN A 793 25.17 42.01 -6.60
CA ASN A 793 24.12 41.01 -6.51
C ASN A 793 22.84 41.58 -5.90
N TYR A 794 22.90 42.77 -5.32
CA TYR A 794 21.71 43.42 -4.78
C TYR A 794 20.66 43.65 -5.86
N PHE A 795 21.07 43.72 -7.13
CA PHE A 795 20.16 43.93 -8.24
C PHE A 795 19.64 42.64 -8.85
N THR A 796 20.00 41.49 -8.28
CA THR A 796 19.59 40.21 -8.87
C THR A 796 18.08 40.07 -8.88
N ASP A 797 17.41 40.44 -7.79
CA ASP A 797 15.98 40.29 -7.68
C ASP A 797 15.27 41.52 -8.25
N LEU A 798 13.93 41.53 -8.17
CA LEU A 798 13.12 42.53 -8.82
C LEU A 798 12.66 43.64 -7.88
N TRP A 799 12.32 43.32 -6.63
CA TRP A 799 11.72 44.31 -5.75
C TRP A 799 12.68 45.46 -5.47
N ASN A 800 13.97 45.15 -5.29
CA ASN A 800 14.95 46.21 -5.09
C ASN A 800 15.05 47.11 -6.31
N VAL A 801 14.99 46.51 -7.50
CA VAL A 801 14.99 47.30 -8.73
C VAL A 801 13.78 48.22 -8.76
N MET A 802 12.61 47.71 -8.36
CA MET A 802 11.42 48.53 -8.35
C MET A 802 11.54 49.69 -7.37
N ASP A 803 12.11 49.44 -6.20
CA ASP A 803 12.31 50.51 -5.22
C ASP A 803 13.23 51.58 -5.79
N THR A 804 14.33 51.16 -6.42
CA THR A 804 15.24 52.11 -7.03
C THR A 804 14.54 52.93 -8.10
N LEU A 805 13.72 52.27 -8.93
CA LEU A 805 12.98 52.98 -9.96
C LEU A 805 12.03 53.99 -9.35
N GLY A 806 11.36 53.61 -8.26
CA GLY A 806 10.48 54.55 -7.59
C GLY A 806 11.21 55.78 -7.12
N LEU A 807 12.38 55.59 -6.50
CA LEU A 807 13.14 56.75 -6.05
C LEU A 807 13.58 57.63 -7.21
N PHE A 808 14.03 57.02 -8.30
CA PHE A 808 14.47 57.80 -9.45
C PHE A 808 13.32 58.56 -10.08
N TYR A 809 12.14 57.93 -10.19
CA TYR A 809 10.97 58.63 -10.70
C TYR A 809 10.61 59.80 -9.81
N PHE A 810 10.69 59.61 -8.49
CA PHE A 810 10.35 60.69 -7.57
C PHE A 810 11.29 61.86 -7.74
N ILE A 811 12.59 61.60 -7.83
CA ILE A 811 13.53 62.71 -7.97
C ILE A 811 13.35 63.40 -9.32
N ALA A 812 13.04 62.63 -10.37
CA ALA A 812 12.76 63.24 -11.66
C ALA A 812 11.54 64.16 -11.57
N GLY A 813 10.50 63.72 -10.86
CA GLY A 813 9.35 64.58 -10.67
C GLY A 813 9.68 65.84 -9.90
N ILE A 814 10.52 65.71 -8.86
CA ILE A 814 10.97 66.89 -8.13
C ILE A 814 11.63 67.88 -9.07
N VAL A 815 12.51 67.38 -9.94
CA VAL A 815 13.18 68.24 -10.91
C VAL A 815 12.16 68.91 -11.81
N PHE A 816 11.20 68.14 -12.31
CA PHE A 816 10.24 68.67 -13.28
C PHE A 816 9.38 69.77 -12.69
N ARG A 817 8.88 69.58 -11.47
CA ARG A 817 7.82 70.45 -10.97
C ARG A 817 8.31 71.85 -10.62
N LEU A 818 9.62 72.04 -10.46
CA LEU A 818 10.12 73.32 -9.95
C LEU A 818 10.01 74.45 -10.97
N HIS A 819 9.88 74.14 -12.25
CA HIS A 819 9.77 75.18 -13.29
C HIS A 819 8.37 75.76 -13.25
N SER A 820 8.18 76.72 -12.34
CA SER A 820 6.87 77.35 -12.19
C SER A 820 6.51 78.24 -13.37
N SER A 821 7.49 78.65 -14.17
CA SER A 821 7.20 79.53 -15.31
C SER A 821 6.27 78.85 -16.31
N ASN A 822 6.52 77.57 -16.59
CA ASN A 822 5.73 76.82 -17.57
C ASN A 822 4.63 76.05 -16.86
N LYS A 823 3.39 76.27 -17.27
CA LYS A 823 2.27 75.55 -16.67
C LYS A 823 2.26 74.09 -17.08
N SER A 824 2.74 73.77 -18.29
CA SER A 824 2.72 72.40 -18.77
C SER A 824 3.63 71.49 -17.95
N SER A 825 4.79 72.01 -17.55
CA SER A 825 5.72 71.19 -16.77
C SER A 825 5.10 70.74 -15.46
N LEU A 826 4.21 71.55 -14.88
CA LEU A 826 3.55 71.15 -13.64
C LEU A 826 2.68 69.92 -13.87
N TYR A 827 1.91 69.90 -14.96
CA TYR A 827 1.10 68.72 -15.26
C TYR A 827 1.98 67.51 -15.50
N SER A 828 3.08 67.69 -16.22
CA SER A 828 3.98 66.57 -16.47
C SER A 828 4.54 66.02 -15.16
N GLY A 829 4.93 66.90 -14.24
CA GLY A 829 5.42 66.46 -12.96
C GLY A 829 4.38 65.73 -12.14
N ARG A 830 3.13 66.21 -12.18
CA ARG A 830 2.06 65.52 -11.49
C ARG A 830 1.86 64.12 -12.04
N VAL A 831 1.94 63.98 -13.36
CA VAL A 831 1.81 62.65 -13.97
C VAL A 831 2.93 61.74 -13.47
N ILE A 832 4.17 62.25 -13.44
CA ILE A 832 5.28 61.45 -12.96
C ILE A 832 5.05 61.03 -11.52
N PHE A 833 4.54 61.94 -10.70
CA PHE A 833 4.25 61.62 -9.30
C PHE A 833 3.22 60.51 -9.20
N CYS A 834 2.18 60.56 -10.02
CA CYS A 834 1.14 59.52 -9.95
C CYS A 834 1.70 58.15 -10.33
N LEU A 835 2.52 58.09 -11.40
CA LEU A 835 3.12 56.80 -11.74
C LEU A 835 4.02 56.30 -10.63
N ASP A 836 4.80 57.19 -10.02
CA ASP A 836 5.65 56.79 -8.91
C ASP A 836 4.81 56.27 -7.75
N TYR A 837 3.65 56.88 -7.52
CA TYR A 837 2.75 56.41 -6.48
C TYR A 837 2.26 55.00 -6.78
N ILE A 838 1.93 54.73 -8.04
CA ILE A 838 1.52 53.38 -8.41
C ILE A 838 2.63 52.39 -8.06
N ILE A 839 3.87 52.72 -8.40
CA ILE A 839 4.97 51.81 -8.08
C ILE A 839 5.10 51.64 -6.57
N PHE A 840 4.98 52.74 -5.81
CA PHE A 840 5.15 52.68 -4.37
C PHE A 840 4.12 51.77 -3.72
N THR A 841 2.86 51.86 -4.17
CA THR A 841 1.78 51.20 -3.44
C THR A 841 1.92 49.69 -3.44
N LEU A 842 2.25 49.09 -4.58
CA LEU A 842 2.18 47.63 -4.72
C LEU A 842 3.21 46.92 -3.85
N ARG A 843 4.22 47.62 -3.35
CA ARG A 843 5.23 47.02 -2.49
C ARG A 843 4.66 46.53 -1.16
N LEU A 844 3.46 46.98 -0.80
CA LEU A 844 2.83 46.54 0.44
C LEU A 844 2.60 45.04 0.43
N ILE A 845 2.10 44.53 -0.69
CA ILE A 845 1.87 43.09 -0.80
C ILE A 845 3.16 42.33 -0.56
N HIS A 846 4.26 42.83 -1.11
CA HIS A 846 5.55 42.18 -0.91
C HIS A 846 5.95 42.21 0.56
N ILE A 847 5.78 43.36 1.23
CA ILE A 847 6.28 43.49 2.60
C ILE A 847 5.38 42.73 3.56
N PHE A 848 4.23 42.25 3.09
CA PHE A 848 3.31 41.51 3.93
C PHE A 848 3.41 40.00 3.73
N THR A 849 4.62 39.48 3.53
CA THR A 849 4.82 38.05 3.32
C THR A 849 5.21 37.29 4.59
N VAL A 850 5.22 37.94 5.75
CA VAL A 850 5.63 37.32 7.00
C VAL A 850 4.50 37.22 8.01
N SER A 851 3.26 37.49 7.59
CA SER A 851 2.15 37.49 8.53
C SER A 851 1.88 36.09 9.07
N ARG A 852 2.14 35.06 8.26
CA ARG A 852 1.92 33.66 8.63
C ARG A 852 0.43 33.32 8.63
N ASN A 853 -0.42 34.32 8.46
CA ASN A 853 -1.85 34.07 8.32
C ASN A 853 -2.28 34.05 6.86
N LEU A 854 -1.57 34.76 5.98
CA LEU A 854 -1.88 34.76 4.56
C LEU A 854 -0.64 34.75 3.66
N GLY A 855 0.58 34.81 4.22
CA GLY A 855 1.79 34.83 3.43
C GLY A 855 2.06 33.59 2.61
N PRO A 856 1.82 32.39 3.15
CA PRO A 856 2.04 31.19 2.34
C PRO A 856 1.24 31.22 1.05
N LYS A 857 0.03 31.78 1.10
CA LYS A 857 -0.74 31.98 -0.12
C LYS A 857 -0.05 32.94 -1.08
N ILE A 858 0.50 34.04 -0.55
CA ILE A 858 1.18 35.00 -1.42
C ILE A 858 2.36 34.34 -2.11
N ILE A 859 3.03 33.39 -1.45
CA ILE A 859 4.19 32.76 -2.05
C ILE A 859 3.80 32.01 -3.32
N MET A 860 2.64 31.35 -3.30
CA MET A 860 2.27 30.47 -4.40
C MET A 860 1.92 31.21 -5.68
N LEU A 861 1.70 32.53 -5.61
CA LEU A 861 1.35 33.27 -6.81
C LEU A 861 2.41 33.17 -7.89
N GLN A 862 3.68 32.98 -7.48
CA GLN A 862 4.76 32.97 -8.45
C GLN A 862 4.68 31.80 -9.40
N ARG A 863 4.07 30.69 -8.96
CA ARG A 863 4.03 29.47 -9.75
C ARG A 863 2.91 29.45 -10.79
N MET A 864 2.09 30.50 -10.86
CA MET A 864 0.94 30.52 -11.75
C MET A 864 1.14 31.39 -12.99
N LEU A 865 2.37 31.82 -13.27
CA LEU A 865 2.59 32.73 -14.39
C LEU A 865 2.51 32.05 -15.74
N ILE A 866 2.90 30.78 -15.82
CA ILE A 866 2.92 30.07 -17.10
C ILE A 866 1.52 29.95 -17.66
N ASP A 867 0.55 29.62 -16.81
CA ASP A 867 -0.83 29.53 -17.25
C ASP A 867 -1.31 30.85 -17.83
N VAL A 868 -0.99 31.95 -17.15
CA VAL A 868 -1.40 33.28 -17.62
C VAL A 868 -0.79 33.55 -19.00
N PHE A 869 0.49 33.23 -19.16
CA PHE A 869 1.15 33.50 -20.44
C PHE A 869 0.54 32.67 -21.56
N PHE A 870 0.23 31.40 -21.28
CA PHE A 870 -0.39 30.54 -22.29
C PHE A 870 -1.75 31.09 -22.72
N PHE A 871 -2.56 31.49 -21.73
CA PHE A 871 -3.86 32.07 -22.03
C PHE A 871 -3.73 33.33 -22.86
N LEU A 872 -2.76 34.19 -22.52
CA LEU A 872 -2.56 35.41 -23.26
C LEU A 872 -2.14 35.13 -24.70
N PHE A 873 -1.27 34.15 -24.90
CA PHE A 873 -0.85 33.79 -26.25
C PHE A 873 -2.07 33.44 -27.12
N LEU A 874 -2.88 32.50 -26.63
CA LEU A 874 -4.04 32.09 -27.41
C LEU A 874 -5.00 33.26 -27.66
N PHE A 875 -5.26 34.05 -26.62
CA PHE A 875 -6.17 35.17 -26.75
C PHE A 875 -5.67 36.17 -27.78
N ALA A 876 -4.38 36.47 -27.75
CA ALA A 876 -3.82 37.43 -28.70
C ALA A 876 -3.98 36.94 -30.13
N VAL A 877 -3.69 35.66 -30.37
CA VAL A 877 -3.82 35.15 -31.73
C VAL A 877 -5.25 35.30 -32.23
N TRP A 878 -6.22 34.86 -31.41
CA TRP A 878 -7.62 34.96 -31.84
C TRP A 878 -8.03 36.41 -32.08
N MET A 879 -7.63 37.30 -31.17
CA MET A 879 -7.98 38.70 -31.29
C MET A 879 -7.46 39.28 -32.59
N VAL A 880 -6.19 39.03 -32.90
CA VAL A 880 -5.61 39.56 -34.12
C VAL A 880 -6.38 39.06 -35.33
N ALA A 881 -6.63 37.75 -35.38
CA ALA A 881 -7.31 37.20 -36.55
C ALA A 881 -8.64 37.89 -36.79
N PHE A 882 -9.52 37.88 -35.78
CA PHE A 882 -10.86 38.41 -35.98
C PHE A 882 -10.82 39.90 -36.29
N GLY A 883 -10.02 40.67 -35.56
CA GLY A 883 -10.00 42.10 -35.78
C GLY A 883 -9.54 42.45 -37.18
N VAL A 884 -8.45 41.81 -37.64
CA VAL A 884 -7.95 42.10 -38.97
C VAL A 884 -9.00 41.77 -40.01
N ALA A 885 -9.65 40.61 -39.88
CA ALA A 885 -10.62 40.21 -40.89
C ALA A 885 -11.78 41.21 -40.95
N ARG A 886 -12.34 41.56 -39.80
CA ARG A 886 -13.48 42.46 -39.80
C ARG A 886 -13.11 43.84 -40.34
N GLN A 887 -11.99 44.39 -39.88
CA GLN A 887 -11.60 45.72 -40.34
C GLN A 887 -11.32 45.71 -41.84
N GLY A 888 -10.70 44.65 -42.34
CA GLY A 888 -10.41 44.58 -43.76
C GLY A 888 -11.68 44.50 -44.59
N ILE A 889 -12.65 43.71 -44.14
CA ILE A 889 -13.84 43.54 -44.97
C ILE A 889 -14.80 44.73 -44.88
N LEU A 890 -14.73 45.55 -43.83
CA LEU A 890 -15.74 46.59 -43.68
C LEU A 890 -15.34 47.93 -44.29
N ARG A 891 -14.24 48.54 -43.84
CA ARG A 891 -14.04 49.98 -44.01
C ARG A 891 -12.96 50.34 -45.04
N GLN A 892 -12.62 49.43 -45.95
CA GLN A 892 -11.72 49.73 -47.08
C GLN A 892 -10.41 50.30 -46.51
N ASN A 893 -9.95 51.45 -46.98
CA ASN A 893 -8.66 52.00 -46.58
C ASN A 893 -8.84 53.14 -45.59
N GLU A 894 -8.01 53.15 -44.55
CA GLU A 894 -8.14 54.10 -43.45
C GLU A 894 -7.07 55.18 -43.45
N GLN A 895 -5.84 54.87 -43.85
CA GLN A 895 -4.77 55.85 -43.96
C GLN A 895 -4.47 56.58 -42.65
N ARG A 896 -4.87 56.01 -41.51
CA ARG A 896 -4.58 56.61 -40.21
C ARG A 896 -4.19 55.52 -39.22
N TRP A 897 -2.95 55.58 -38.74
CA TRP A 897 -2.43 54.52 -37.87
C TRP A 897 -3.20 54.44 -36.56
N ARG A 898 -3.51 55.59 -35.96
CA ARG A 898 -4.18 55.60 -34.66
C ARG A 898 -5.51 54.87 -34.73
N TRP A 899 -6.34 55.22 -35.71
CA TRP A 899 -7.68 54.63 -35.78
C TRP A 899 -7.63 53.16 -36.18
N ILE A 900 -6.71 52.80 -37.07
CA ILE A 900 -6.60 51.39 -37.46
C ILE A 900 -6.18 50.55 -36.27
N PHE A 901 -5.22 51.03 -35.47
CA PHE A 901 -4.85 50.30 -34.26
C PHE A 901 -5.98 50.30 -33.24
N ARG A 902 -6.78 51.36 -33.20
CA ARG A 902 -7.90 51.41 -32.26
C ARG A 902 -8.97 50.39 -32.62
N SER A 903 -9.20 50.19 -33.92
CA SER A 903 -10.26 49.27 -34.34
C SER A 903 -9.80 47.82 -34.36
N VAL A 904 -8.55 47.57 -34.75
CA VAL A 904 -8.09 46.21 -34.96
C VAL A 904 -7.97 45.47 -33.64
N ILE A 905 -7.48 46.13 -32.59
CA ILE A 905 -7.06 45.47 -31.36
C ILE A 905 -7.96 45.86 -30.19
N TYR A 906 -8.22 47.15 -30.00
CA TYR A 906 -8.82 47.61 -28.76
C TYR A 906 -10.23 47.04 -28.57
N GLU A 907 -11.09 47.18 -29.57
CA GLU A 907 -12.47 46.70 -29.42
C GLU A 907 -12.55 45.18 -29.27
N PRO A 908 -11.89 44.37 -30.11
CA PRO A 908 -11.91 42.93 -29.87
C PRO A 908 -11.40 42.56 -28.49
N TYR A 909 -10.41 43.29 -27.99
CA TYR A 909 -9.95 43.07 -26.63
C TYR A 909 -11.06 43.40 -25.63
N LEU A 910 -11.77 44.50 -25.86
CA LEU A 910 -12.87 44.88 -24.98
C LEU A 910 -13.95 43.82 -24.96
N ALA A 911 -14.02 43.01 -26.02
CA ALA A 911 -15.01 41.93 -26.06
C ALA A 911 -14.71 40.81 -25.06
N MET A 912 -13.54 40.81 -24.43
CA MET A 912 -13.20 39.70 -23.55
C MET A 912 -14.14 39.62 -22.36
N PHE A 913 -14.48 40.77 -21.77
CA PHE A 913 -15.37 40.82 -20.61
C PHE A 913 -16.59 41.64 -20.97
N GLY A 914 -17.74 40.97 -21.05
CA GLY A 914 -19.01 41.66 -21.15
C GLY A 914 -19.49 41.95 -22.56
N GLN A 915 -19.27 43.17 -23.02
CA GLN A 915 -19.99 43.69 -24.17
C GLN A 915 -19.57 42.99 -25.45
N VAL A 916 -20.46 43.07 -26.44
CA VAL A 916 -20.21 42.48 -27.76
C VAL A 916 -19.05 43.22 -28.42
N PRO A 917 -18.19 42.56 -29.19
CA PRO A 917 -17.05 43.27 -29.80
C PRO A 917 -17.47 44.48 -30.61
N SER A 918 -18.57 44.40 -31.35
CA SER A 918 -18.94 45.51 -32.21
C SER A 918 -20.43 45.43 -32.53
N ASP A 919 -21.07 46.59 -32.53
CA ASP A 919 -22.42 46.73 -33.03
C ASP A 919 -22.47 47.11 -34.50
N VAL A 920 -21.31 47.38 -35.10
CA VAL A 920 -21.26 47.75 -36.52
C VAL A 920 -21.65 46.57 -37.40
N ASP A 921 -21.41 45.33 -36.94
CA ASP A 921 -21.66 44.17 -37.77
C ASP A 921 -23.12 44.11 -38.22
N SER A 922 -24.05 44.36 -37.30
CA SER A 922 -25.45 44.44 -37.67
C SER A 922 -25.71 45.74 -38.42
N THR A 923 -26.49 45.65 -39.50
CA THR A 923 -26.74 46.78 -40.37
C THR A 923 -28.06 47.48 -40.11
N THR A 924 -28.91 46.93 -39.23
CA THR A 924 -30.20 47.57 -38.96
C THR A 924 -30.01 48.99 -38.46
N TYR A 925 -28.96 49.24 -37.67
CA TYR A 925 -28.62 50.57 -37.20
C TYR A 925 -27.22 50.91 -37.63
N ASP A 926 -27.04 52.13 -38.15
CA ASP A 926 -25.73 52.60 -38.62
C ASP A 926 -25.88 54.07 -38.94
N PHE A 927 -24.78 54.67 -39.41
CA PHE A 927 -24.74 56.07 -39.83
C PHE A 927 -24.94 57.00 -38.64
N SER A 928 -24.85 58.30 -38.88
CA SER A 928 -24.82 59.36 -37.87
C SER A 928 -23.48 59.43 -37.15
N HIS A 929 -22.56 58.49 -37.44
CA HIS A 929 -21.20 58.54 -36.92
C HIS A 929 -20.17 58.42 -38.03
N CYS A 930 -20.60 58.30 -39.28
CA CYS A 930 -19.69 58.18 -40.40
C CYS A 930 -18.94 59.49 -40.63
N THR A 931 -17.78 59.37 -41.28
CA THR A 931 -17.00 60.54 -41.70
C THR A 931 -16.31 60.17 -43.00
N PHE A 932 -16.90 60.58 -44.12
CA PHE A 932 -16.33 60.26 -45.42
C PHE A 932 -14.93 60.86 -45.56
N SER A 933 -14.75 62.09 -45.09
CA SER A 933 -13.43 62.69 -45.00
C SER A 933 -12.78 62.33 -43.67
N GLY A 934 -11.45 62.37 -43.68
CA GLY A 934 -10.68 62.07 -42.48
C GLY A 934 -10.49 63.24 -41.54
N ASN A 935 -11.09 64.39 -41.84
CA ASN A 935 -10.89 65.57 -41.01
C ASN A 935 -11.40 65.35 -39.60
N GLU A 936 -12.61 64.81 -39.47
CA GLU A 936 -13.21 64.61 -38.16
C GLU A 936 -12.58 63.41 -37.45
N SER A 937 -12.73 63.38 -36.13
CA SER A 937 -12.16 62.32 -35.30
C SER A 937 -13.23 61.26 -35.02
N LYS A 938 -13.59 60.54 -36.07
CA LYS A 938 -14.52 59.44 -35.99
C LYS A 938 -14.07 58.34 -36.93
N PRO A 939 -14.55 57.12 -36.74
CA PRO A 939 -14.15 56.02 -37.62
C PRO A 939 -14.55 56.29 -39.06
N LEU A 940 -13.74 55.76 -39.98
CA LEU A 940 -14.05 55.87 -41.40
C LEU A 940 -15.39 55.19 -41.68
N CYS A 941 -16.12 55.74 -42.64
CA CYS A 941 -17.49 55.29 -42.87
C CYS A 941 -17.51 53.84 -43.31
N VAL A 942 -18.61 53.16 -42.99
CA VAL A 942 -18.73 51.73 -43.25
C VAL A 942 -18.80 51.48 -44.75
N GLU A 943 -18.00 50.52 -45.21
CA GLU A 943 -18.21 49.94 -46.53
C GLU A 943 -17.88 50.94 -47.62
N LEU A 944 -17.93 50.49 -48.86
CA LEU A 944 -17.86 51.36 -50.03
C LEU A 944 -19.26 51.34 -50.62
N ASP A 945 -20.17 52.04 -49.97
CA ASP A 945 -21.60 51.87 -50.22
C ASP A 945 -21.92 52.12 -51.69
N GLU A 946 -22.73 51.23 -52.26
CA GLU A 946 -23.04 51.24 -53.69
C GLU A 946 -24.35 52.00 -53.92
N HIS A 947 -24.25 53.13 -54.63
CA HIS A 947 -25.35 54.06 -54.84
C HIS A 947 -26.19 54.22 -53.57
N ASN A 948 -25.51 54.54 -52.47
CA ASN A 948 -26.15 54.86 -51.20
C ASN A 948 -26.90 53.66 -50.61
N LEU A 949 -26.13 52.59 -50.35
CA LEU A 949 -26.60 51.48 -49.55
C LEU A 949 -25.39 50.70 -49.06
N PRO A 950 -25.38 50.21 -47.82
CA PRO A 950 -24.25 49.40 -47.37
C PRO A 950 -24.05 48.19 -48.26
N ARG A 951 -22.78 47.86 -48.50
CA ARG A 951 -22.41 46.83 -49.46
C ARG A 951 -22.07 45.49 -48.80
N PHE A 952 -21.57 45.50 -47.57
CA PHE A 952 -21.14 44.27 -46.96
C PHE A 952 -22.34 43.38 -46.64
N PRO A 953 -22.19 42.06 -46.73
CA PRO A 953 -23.29 41.15 -46.38
C PRO A 953 -23.37 40.91 -44.89
N GLU A 954 -24.50 40.34 -44.47
CA GLU A 954 -24.74 40.04 -43.07
C GLU A 954 -24.54 38.57 -42.73
N TRP A 955 -24.46 37.70 -43.72
CA TRP A 955 -24.47 36.27 -43.46
C TRP A 955 -23.08 35.70 -43.20
N ILE A 956 -22.04 36.54 -43.19
CA ILE A 956 -20.71 36.14 -42.77
C ILE A 956 -20.25 36.89 -41.54
N THR A 957 -20.60 38.17 -41.43
CA THR A 957 -20.16 38.98 -40.29
C THR A 957 -20.71 38.44 -38.98
N ILE A 958 -22.03 38.21 -38.92
CA ILE A 958 -22.64 37.79 -37.67
C ILE A 958 -22.11 36.44 -37.21
N PRO A 959 -22.05 35.41 -38.05
CA PRO A 959 -21.42 34.16 -37.59
C PRO A 959 -19.99 34.34 -37.11
N LEU A 960 -19.23 35.22 -37.76
CA LEU A 960 -17.88 35.51 -37.31
C LEU A 960 -17.89 36.00 -35.87
N VAL A 961 -18.74 36.97 -35.58
CA VAL A 961 -18.83 37.53 -34.23
C VAL A 961 -19.24 36.44 -33.24
N CYS A 962 -20.25 35.65 -33.60
CA CYS A 962 -20.73 34.62 -32.69
C CYS A 962 -19.62 33.63 -32.34
N ILE A 963 -18.92 33.13 -33.36
CA ILE A 963 -17.87 32.14 -33.12
C ILE A 963 -16.73 32.75 -32.32
N TYR A 964 -16.30 33.95 -32.69
CA TYR A 964 -15.19 34.58 -32.00
C TYR A 964 -15.52 34.77 -30.52
N MET A 965 -16.70 35.30 -30.23
CA MET A 965 -17.09 35.54 -28.85
C MET A 965 -17.22 34.22 -28.08
N LEU A 966 -17.81 33.21 -28.72
CA LEU A 966 -17.93 31.91 -28.07
C LEU A 966 -16.57 31.38 -27.66
N SER A 967 -15.60 31.43 -28.58
CA SER A 967 -14.29 30.85 -28.27
C SER A 967 -13.55 31.68 -27.23
N THR A 968 -13.51 33.00 -27.39
CA THR A 968 -12.67 33.82 -26.54
C THR A 968 -13.26 34.00 -25.15
N ASN A 969 -14.57 34.29 -25.06
CA ASN A 969 -15.10 34.80 -23.81
C ASN A 969 -15.20 33.73 -22.74
N ILE A 970 -15.69 32.54 -23.08
CA ILE A 970 -16.11 31.55 -22.09
C ILE A 970 -15.24 30.31 -22.10
N LEU A 971 -14.86 29.81 -23.29
CA LEU A 971 -14.04 28.60 -23.34
C LEU A 971 -12.66 28.85 -22.75
N LEU A 972 -11.98 29.92 -23.22
CA LEU A 972 -10.63 30.19 -22.77
C LEU A 972 -10.59 30.48 -21.27
N VAL A 973 -11.54 31.27 -20.78
CA VAL A 973 -11.57 31.64 -19.37
C VAL A 973 -11.80 30.41 -18.50
N ASN A 974 -12.73 29.54 -18.91
CA ASN A 974 -12.98 28.33 -18.15
C ASN A 974 -11.76 27.42 -18.14
N LEU A 975 -11.05 27.34 -19.27
CA LEU A 975 -9.81 26.56 -19.28
C LEU A 975 -8.80 27.16 -18.32
N LEU A 976 -8.73 28.49 -18.27
CA LEU A 976 -7.82 29.15 -17.34
C LEU A 976 -8.12 28.79 -15.91
N VAL A 977 -9.40 28.81 -15.53
CA VAL A 977 -9.75 28.49 -14.14
C VAL A 977 -9.44 27.04 -13.83
N ALA A 978 -9.67 26.14 -14.79
CA ALA A 978 -9.34 24.73 -14.57
C ALA A 978 -7.84 24.56 -14.33
N MET A 979 -7.02 25.20 -15.15
CA MET A 979 -5.58 25.11 -14.98
C MET A 979 -5.14 25.68 -13.64
N PHE A 980 -5.72 26.82 -13.25
CA PHE A 980 -5.42 27.38 -11.93
C PHE A 980 -5.77 26.41 -10.82
N GLY A 981 -6.92 25.75 -10.93
CA GLY A 981 -7.31 24.80 -9.91
C GLY A 981 -6.31 23.66 -9.78
N TYR A 982 -5.91 23.08 -10.90
CA TYR A 982 -4.94 22.00 -10.84
C TYR A 982 -3.62 22.48 -10.22
N THR A 983 -3.14 23.65 -10.67
CA THR A 983 -1.86 24.14 -10.18
C THR A 983 -1.90 24.40 -8.69
N VAL A 984 -2.97 25.01 -8.19
CA VAL A 984 -3.05 25.29 -6.77
C VAL A 984 -3.16 23.99 -5.97
N GLY A 985 -3.87 23.00 -6.51
CA GLY A 985 -3.99 21.75 -5.80
C GLY A 985 -2.68 21.01 -5.66
N ILE A 986 -1.88 20.99 -6.73
CA ILE A 986 -0.73 20.08 -6.76
C ILE A 986 0.38 20.55 -5.81
N VAL A 987 0.62 21.86 -5.71
CA VAL A 987 1.84 22.37 -5.08
C VAL A 987 1.64 22.67 -3.60
N GLN A 988 0.56 22.18 -3.01
CA GLN A 988 0.19 22.60 -1.66
C GLN A 988 1.21 22.15 -0.62
N GLU A 989 1.60 20.88 -0.65
CA GLU A 989 2.41 20.32 0.43
C GLU A 989 3.79 20.98 0.50
N ASN A 990 4.38 21.28 -0.65
CA ASN A 990 5.70 21.91 -0.69
C ASN A 990 5.65 23.34 -0.16
N ASN A 991 4.49 23.99 -0.30
CA ASN A 991 4.32 25.40 0.01
C ASN A 991 4.88 25.79 1.38
N ASP A 992 4.51 25.03 2.42
CA ASP A 992 4.89 25.40 3.77
C ASP A 992 6.40 25.46 3.93
N GLN A 993 7.10 24.45 3.43
CA GLN A 993 8.56 24.42 3.51
C GLN A 993 9.16 25.60 2.75
N VAL A 994 8.62 25.89 1.57
CA VAL A 994 9.14 27.02 0.80
C VAL A 994 8.99 28.31 1.60
N TRP A 995 7.83 28.49 2.22
CA TRP A 995 7.57 29.72 2.96
C TRP A 995 8.46 29.81 4.18
N LYS A 996 8.73 28.69 4.84
CA LYS A 996 9.63 28.71 5.99
C LYS A 996 11.05 29.12 5.58
N PHE A 997 11.50 28.64 4.42
CA PHE A 997 12.80 29.08 3.91
C PHE A 997 12.82 30.60 3.74
N GLN A 998 11.79 31.14 3.09
CA GLN A 998 11.73 32.60 2.93
C GLN A 998 11.67 33.30 4.29
N ARG A 999 11.02 32.67 5.26
CA ARG A 999 10.92 33.24 6.60
C ARG A 999 12.31 33.40 7.21
N TYR A 1000 13.14 32.39 7.08
CA TYR A 1000 14.51 32.53 7.58
C TYR A 1000 15.25 33.64 6.85
N PHE A 1001 15.11 33.67 5.53
CA PHE A 1001 15.84 34.67 4.74
C PHE A 1001 15.47 36.09 5.16
N LEU A 1002 14.22 36.30 5.57
CA LEU A 1002 13.82 37.63 6.02
C LEU A 1002 14.16 37.88 7.48
N VAL A 1003 14.10 36.85 8.33
CA VAL A 1003 14.38 37.04 9.75
C VAL A 1003 15.81 37.50 9.93
N GLN A 1004 16.76 36.85 9.25
CA GLN A 1004 18.15 37.28 9.42
C GLN A 1004 18.35 38.70 8.92
N GLU A 1005 17.72 39.04 7.80
CA GLU A 1005 17.85 40.39 7.25
C GLU A 1005 17.37 41.43 8.25
N TYR A 1006 16.21 41.19 8.86
CA TYR A 1006 15.68 42.18 9.81
C TYR A 1006 16.48 42.23 11.09
N CYS A 1007 17.01 41.09 11.55
CA CYS A 1007 17.81 41.11 12.76
C CYS A 1007 19.13 41.85 12.56
N ASN A 1008 19.72 41.73 11.36
CA ASN A 1008 21.01 42.37 11.12
C ASN A 1008 20.90 43.89 11.13
N ARG A 1009 19.76 44.44 10.74
CA ARG A 1009 19.62 45.89 10.61
C ARG A 1009 19.89 46.57 11.94
N LEU A 1010 20.09 47.89 11.88
CA LEU A 1010 20.49 48.65 13.06
C LEU A 1010 19.43 48.64 14.15
N ASN A 1011 18.19 48.30 13.83
CA ASN A 1011 17.13 48.17 14.83
C ASN A 1011 16.87 49.49 15.54
N ILE A 1012 16.66 50.54 14.75
CA ILE A 1012 16.29 51.84 15.28
C ILE A 1012 14.96 52.24 14.66
N PRO A 1013 13.99 52.73 15.43
CA PRO A 1013 12.76 53.23 14.81
C PRO A 1013 13.06 54.26 13.73
N PHE A 1014 12.29 54.18 12.64
CA PHE A 1014 12.69 54.82 11.39
C PHE A 1014 12.96 56.31 11.48
N PRO A 1015 12.12 57.12 12.12
CA PRO A 1015 12.30 58.58 12.01
C PRO A 1015 13.66 59.08 12.47
N PHE A 1016 14.25 58.44 13.49
CA PHE A 1016 15.47 58.92 14.11
C PHE A 1016 16.75 58.30 13.55
N VAL A 1017 16.64 57.43 12.54
CA VAL A 1017 17.82 56.70 12.05
C VAL A 1017 18.90 57.67 11.57
N VAL A 1018 18.50 58.83 11.05
CA VAL A 1018 19.43 59.81 10.51
C VAL A 1018 20.60 60.05 11.47
N PHE A 1019 20.29 60.26 12.74
CA PHE A 1019 21.33 60.53 13.73
C PHE A 1019 22.38 59.44 13.74
N ALA A 1020 21.95 58.18 13.59
CA ALA A 1020 22.90 57.07 13.59
C ALA A 1020 23.93 57.24 12.48
N TYR A 1021 23.47 57.53 11.27
CA TYR A 1021 24.39 57.63 10.15
C TYR A 1021 25.28 58.86 10.26
N PHE A 1022 24.73 59.97 10.78
CA PHE A 1022 25.57 61.15 10.99
C PHE A 1022 26.68 60.85 11.99
N TYR A 1023 26.34 60.16 13.09
CA TYR A 1023 27.35 59.82 14.08
C TYR A 1023 28.35 58.82 13.52
N MET A 1024 27.89 57.90 12.66
CA MET A 1024 28.82 56.96 12.03
C MET A 1024 29.80 57.68 11.11
N VAL A 1025 29.31 58.65 10.34
CA VAL A 1025 30.20 59.44 9.51
C VAL A 1025 31.22 60.17 10.37
N VAL A 1026 30.78 60.73 11.49
CA VAL A 1026 31.72 61.39 12.40
C VAL A 1026 32.76 60.39 12.91
N LYS A 1027 32.31 59.17 13.28
CA LYS A 1027 33.23 58.17 13.83
C LYS A 1027 34.21 57.66 12.77
N LYS A 1028 33.83 57.72 11.50
CA LYS A 1028 34.69 57.22 10.43
C LYS A 1028 35.35 58.37 9.69
N ASN A 1051 35.30 23.12 21.02
CA ASN A 1051 36.12 22.10 21.66
C ASN A 1051 35.22 21.13 22.43
N GLU A 1052 34.64 21.60 23.53
CA GLU A 1052 33.70 20.78 24.28
C GLU A 1052 32.50 20.41 23.43
N THR A 1053 31.98 21.36 22.66
CA THR A 1053 30.85 21.10 21.79
C THR A 1053 31.19 20.03 20.76
N LEU A 1054 32.41 20.06 20.23
CA LEU A 1054 32.81 19.04 19.26
C LEU A 1054 32.86 17.66 19.91
N ALA A 1055 33.33 17.58 21.15
CA ALA A 1055 33.34 16.30 21.85
C ALA A 1055 31.92 15.78 22.06
N TRP A 1056 31.01 16.67 22.47
CA TRP A 1056 29.62 16.26 22.63
C TRP A 1056 29.03 15.79 21.31
N GLU A 1057 29.39 16.47 20.21
CA GLU A 1057 28.96 16.06 18.89
C GLU A 1057 29.47 14.67 18.56
N GLY A 1058 30.72 14.38 18.90
CA GLY A 1058 31.26 13.06 18.66
C GLY A 1058 30.51 11.99 19.44
N VAL A 1059 30.16 12.29 20.70
CA VAL A 1059 29.40 11.34 21.49
C VAL A 1059 28.04 11.07 20.85
N MET A 1060 27.36 12.13 20.42
CA MET A 1060 26.07 11.95 19.79
C MET A 1060 26.21 11.16 18.50
N LYS A 1061 27.33 11.34 17.81
CA LYS A 1061 27.61 10.54 16.62
C LYS A 1061 27.75 9.06 16.97
N GLU A 1062 28.46 8.76 18.05
CA GLU A 1062 28.57 7.37 18.48
C GLU A 1062 27.19 6.77 18.67
N ASN A 1063 26.31 7.51 19.33
CA ASN A 1063 24.94 7.03 19.52
C ASN A 1063 24.22 6.85 18.18
N TYR A 1064 24.42 7.78 17.25
CA TYR A 1064 23.78 7.69 15.94
C TYR A 1064 24.21 6.44 15.18
N LEU A 1065 25.52 6.17 15.18
CA LEU A 1065 26.03 4.98 14.50
C LEU A 1065 25.51 3.71 15.16
N VAL A 1066 25.45 3.70 16.50
CA VAL A 1066 24.88 2.54 17.18
C VAL A 1066 23.43 2.35 16.78
N LYS A 1067 22.69 3.45 16.61
CA LYS A 1067 21.30 3.35 16.18
C LYS A 1067 21.22 2.76 14.78
N ILE A 1068 22.11 3.16 13.88
CA ILE A 1068 22.12 2.59 12.54
C ILE A 1068 22.38 1.09 12.62
N ASN A 1069 23.35 0.69 13.43
CA ASN A 1069 23.66 -0.74 13.54
C ASN A 1069 22.48 -1.52 14.10
N THR A 1070 21.80 -0.97 15.10
CA THR A 1070 20.63 -1.65 15.65
C THR A 1070 19.52 -1.77 14.62
N LYS A 1071 19.30 -0.71 13.83
CA LYS A 1071 18.30 -0.79 12.78
C LYS A 1071 18.66 -1.87 11.78
N ALA A 1072 19.94 -1.98 11.41
CA ALA A 1072 20.37 -3.02 10.50
C ALA A 1072 20.14 -4.40 11.09
N ASN A 1073 20.44 -4.58 12.38
CA ASN A 1073 20.32 -5.87 13.04
C ASN A 1073 18.87 -6.22 13.38
N ASP A 1074 17.95 -5.27 13.29
CA ASP A 1074 16.55 -5.54 13.63
C ASP A 1074 15.87 -6.48 12.64
N ASN A 1075 16.56 -7.04 11.64
CA ASN A 1075 15.92 -7.97 10.73
C ASN A 1075 15.37 -9.19 11.45
N SER A 1076 15.97 -9.57 12.57
CA SER A 1076 15.55 -10.73 13.35
C SER A 1076 15.76 -12.04 12.59
N GLU A 1077 16.82 -12.11 11.78
CA GLU A 1077 17.14 -13.29 11.01
C GLU A 1077 18.16 -14.19 11.69
N GLU A 1078 18.55 -13.88 12.93
CA GLU A 1078 19.51 -14.72 13.64
C GLU A 1078 18.98 -16.12 13.87
N MET A 1079 17.66 -16.32 13.78
CA MET A 1079 17.10 -17.66 13.92
C MET A 1079 17.67 -18.63 12.89
N ARG A 1080 18.03 -18.13 11.70
CA ARG A 1080 18.60 -19.00 10.68
C ARG A 1080 19.94 -19.57 11.14
N HIS A 1081 20.85 -18.70 11.58
CA HIS A 1081 22.15 -19.17 12.05
C HIS A 1081 22.02 -19.99 13.32
N ARG A 1082 21.03 -19.65 14.17
CA ARG A 1082 20.79 -20.47 15.35
C ARG A 1082 20.34 -21.87 14.96
N PHE A 1083 19.46 -21.97 13.96
CA PHE A 1083 19.06 -23.28 13.44
C PHE A 1083 20.27 -24.05 12.95
N ARG A 1084 21.13 -23.40 12.17
CA ARG A 1084 22.31 -24.08 11.65
C ARG A 1084 23.20 -24.56 12.78
N GLN A 1085 23.41 -23.71 13.79
CA GLN A 1085 24.27 -24.09 14.90
C GLN A 1085 23.68 -25.25 15.70
N LEU A 1086 22.38 -25.22 15.95
CA LEU A 1086 21.75 -26.32 16.69
C LEU A 1086 21.81 -27.62 15.90
N ASP A 1087 21.58 -27.56 14.59
CA ASP A 1087 21.70 -28.75 13.77
C ASP A 1087 23.12 -29.29 13.79
N SER A 1088 24.11 -28.40 13.72
CA SER A 1088 25.50 -28.84 13.78
C SER A 1088 25.82 -29.45 15.15
N LYS A 1089 25.23 -28.91 16.21
CA LYS A 1089 25.45 -29.46 17.54
C LYS A 1089 24.86 -30.87 17.64
N LEU A 1090 23.66 -31.08 17.10
CA LEU A 1090 23.08 -32.41 17.08
C LEU A 1090 23.93 -33.35 16.25
N ASN A 1091 24.44 -32.88 15.11
CA ASN A 1091 25.33 -33.68 14.28
C ASN A 1091 26.59 -34.06 15.06
N ASP A 1092 27.14 -33.12 15.82
CA ASP A 1092 28.33 -33.41 16.62
C ASP A 1092 28.03 -34.45 17.69
N LEU A 1093 26.86 -34.35 18.33
CA LEU A 1093 26.48 -35.35 19.31
C LEU A 1093 26.37 -36.73 18.67
N LYS A 1094 25.77 -36.81 17.48
CA LYS A 1094 25.67 -38.08 16.79
C LYS A 1094 27.04 -38.62 16.41
N SER A 1095 27.94 -37.75 15.96
CA SER A 1095 29.23 -38.20 15.44
C SER A 1095 30.17 -38.63 16.56
N LEU A 1096 30.17 -37.90 17.68
CA LEU A 1096 31.14 -38.17 18.74
C LEU A 1096 30.98 -39.59 19.28
N LEU A 1097 29.76 -40.12 19.25
CA LEU A 1097 29.50 -41.46 19.77
C LEU A 1097 29.58 -42.54 18.69
N LYS A 1098 29.96 -42.18 17.46
CA LYS A 1098 30.10 -43.19 16.42
C LYS A 1098 31.38 -44.00 16.60
N GLU A 1099 32.44 -43.37 17.11
CA GLU A 1099 33.71 -44.07 17.27
C GLU A 1099 33.60 -45.22 18.27
N ILE A 1100 32.84 -45.01 19.35
CA ILE A 1100 32.84 -45.95 20.47
C ILE A 1100 32.61 -47.38 20.00
N ALA A 1101 31.82 -47.57 18.95
CA ALA A 1101 31.53 -48.91 18.47
C ALA A 1101 32.81 -49.69 18.21
N ASN A 1102 33.72 -49.11 17.41
CA ASN A 1102 34.98 -49.78 17.14
C ASN A 1102 35.83 -49.88 18.39
N ASN A 1103 35.70 -48.90 19.31
CA ASN A 1103 36.38 -49.02 20.59
C ASN A 1103 35.84 -50.19 21.39
N ILE A 1104 34.56 -50.51 21.23
CA ILE A 1104 33.98 -51.64 21.94
C ILE A 1104 34.58 -52.95 21.42
N LYS A 1105 34.81 -53.04 20.12
CA LYS A 1105 35.34 -54.25 19.51
C LYS A 1105 36.86 -54.17 19.35
N ASP B 41 46.08 19.29 58.10
CA ASP B 41 45.59 17.94 58.35
C ASP B 41 45.99 16.99 57.23
N LEU B 42 45.86 17.46 55.99
CA LEU B 42 46.22 16.65 54.83
C LEU B 42 47.71 16.32 54.85
N VAL B 43 48.55 17.30 55.19
CA VAL B 43 49.99 17.06 55.25
C VAL B 43 50.31 16.01 56.29
N ASN B 44 49.69 16.10 57.47
CA ASN B 44 49.92 15.12 58.52
C ASN B 44 49.49 13.73 58.08
N PHE B 45 48.34 13.63 57.41
CA PHE B 45 47.88 12.33 56.93
C PHE B 45 48.85 11.75 55.90
N ILE B 46 49.35 12.60 54.99
CA ILE B 46 50.30 12.12 53.99
C ILE B 46 51.58 11.64 54.66
N GLN B 47 52.07 12.40 55.64
CA GLN B 47 53.29 12.00 56.35
C GLN B 47 53.07 10.67 57.08
N ALA B 48 51.91 10.51 57.72
CA ALA B 48 51.63 9.25 58.41
C ALA B 48 51.57 8.09 57.43
N ASN B 49 50.93 8.29 56.27
CA ASN B 49 50.86 7.24 55.27
C ASN B 49 52.25 6.86 54.76
N PHE B 50 53.10 7.86 54.52
CA PHE B 50 54.44 7.58 54.02
C PHE B 50 55.25 6.78 55.04
N LYS B 51 55.14 7.13 56.32
CA LYS B 51 55.88 6.43 57.37
C LYS B 51 57.38 6.51 57.13
N ASP B 102 58.38 10.61 52.04
CA ASP B 102 57.12 10.97 51.37
C ASP B 102 57.09 10.43 49.95
N ALA B 103 57.77 11.12 49.04
CA ALA B 103 57.84 10.71 47.64
C ALA B 103 56.45 10.55 47.05
N PHE B 104 55.58 11.51 47.34
CA PHE B 104 54.20 11.52 46.85
C PHE B 104 54.01 12.67 45.88
N GLY B 105 53.20 12.44 44.85
CA GLY B 105 52.94 13.46 43.85
C GLY B 105 51.50 13.56 43.43
N ASP B 106 50.93 14.75 43.52
CA ASP B 106 49.57 15.02 43.08
C ASP B 106 49.62 15.77 41.75
N ILE B 107 48.94 15.25 40.74
CA ILE B 107 48.98 15.79 39.39
C ILE B 107 47.56 16.04 38.92
N GLN B 108 47.32 17.22 38.34
CA GLN B 108 46.04 17.57 37.77
C GLN B 108 46.25 18.13 36.37
N PHE B 109 45.40 17.72 35.44
CA PHE B 109 45.49 18.18 34.06
C PHE B 109 44.12 18.52 33.51
N GLY B 116 43.69 14.12 38.30
CA GLY B 116 43.15 13.56 39.52
C GLY B 116 44.21 13.29 40.57
N LYS B 117 43.77 12.98 41.78
CA LYS B 117 44.71 12.77 42.88
C LYS B 117 45.60 11.56 42.59
N TYR B 118 46.85 11.66 43.05
CA TYR B 118 47.83 10.60 42.92
C TYR B 118 48.56 10.43 44.25
N LEU B 119 49.24 9.31 44.41
CA LEU B 119 49.89 9.00 45.68
C LEU B 119 50.86 7.84 45.46
N ARG B 120 51.73 7.65 46.44
CA ARG B 120 52.64 6.52 46.50
C ARG B 120 52.16 5.56 47.58
N LEU B 121 52.13 4.27 47.27
CA LEU B 121 51.61 3.25 48.15
C LEU B 121 52.73 2.35 48.66
N SER B 122 52.65 1.99 49.93
CA SER B 122 53.57 1.05 50.54
C SER B 122 52.81 -0.20 50.96
N CYS B 123 53.45 -1.36 50.78
CA CYS B 123 52.76 -2.62 51.04
C CYS B 123 52.33 -2.72 52.50
N ASP B 124 53.19 -2.29 53.42
CA ASP B 124 52.87 -2.42 54.84
C ASP B 124 51.69 -1.54 55.25
N THR B 125 51.29 -0.58 54.40
CA THR B 125 50.18 0.30 54.75
C THR B 125 48.92 -0.51 55.03
N ASP B 126 48.24 -0.17 56.12
CA ASP B 126 47.02 -0.88 56.50
C ASP B 126 45.89 -0.56 55.54
N SER B 127 45.10 -1.57 55.20
CA SER B 127 43.96 -1.36 54.31
C SER B 127 42.92 -0.46 54.95
N GLU B 128 42.72 -0.59 56.26
CA GLU B 128 41.74 0.24 56.95
C GLU B 128 42.10 1.72 56.84
N THR B 129 43.39 2.05 57.00
CA THR B 129 43.81 3.44 56.88
C THR B 129 43.56 3.97 55.47
N LEU B 130 43.86 3.16 54.46
CA LEU B 130 43.64 3.59 53.08
C LEU B 130 42.16 3.83 52.82
N TYR B 131 41.31 2.92 53.29
CA TYR B 131 39.86 3.10 53.10
C TYR B 131 39.38 4.34 53.83
N GLU B 132 39.87 4.57 55.05
CA GLU B 132 39.47 5.77 55.79
C GLU B 132 39.89 7.02 55.03
N LEU B 133 41.13 7.07 54.54
CA LEU B 133 41.56 8.20 53.74
C LEU B 133 40.61 8.43 52.57
N LEU B 134 40.45 7.41 51.73
CA LEU B 134 39.59 7.52 50.56
C LEU B 134 38.22 8.06 50.93
N THR B 135 37.50 7.35 51.80
CA THR B 135 36.12 7.71 52.09
C THR B 135 36.02 9.08 52.76
N GLN B 136 36.76 9.30 53.84
CA GLN B 136 36.62 10.55 54.58
C GLN B 136 36.97 11.75 53.72
N HIS B 137 38.11 11.68 53.02
CA HIS B 137 38.63 12.87 52.35
C HIS B 137 37.94 13.17 51.02
N TRP B 138 37.99 12.26 50.05
CA TRP B 138 37.47 12.54 48.71
C TRP B 138 36.39 11.58 48.23
N HIS B 139 36.11 10.49 48.95
CA HIS B 139 35.30 9.41 48.41
C HIS B 139 34.01 9.24 49.22
N LEU B 140 32.90 9.06 48.50
CA LEU B 140 31.63 8.79 49.14
C LEU B 140 31.50 7.30 49.45
N LYS B 141 30.47 6.96 50.23
CA LYS B 141 30.22 5.56 50.56
C LYS B 141 30.01 4.75 49.29
N THR B 142 30.54 3.52 49.27
CA THR B 142 30.50 2.67 48.09
C THR B 142 29.34 1.69 48.17
N PRO B 143 28.43 1.68 47.20
CA PRO B 143 27.39 0.63 47.15
C PRO B 143 27.73 -0.57 46.27
N ASN B 144 28.86 -0.57 45.56
CA ASN B 144 29.23 -1.67 44.69
C ASN B 144 30.67 -1.45 44.21
N LEU B 145 31.38 -2.55 43.98
CA LEU B 145 32.81 -2.52 43.70
C LEU B 145 33.15 -3.40 42.51
N VAL B 146 32.44 -3.23 41.40
CA VAL B 146 32.79 -3.91 40.17
C VAL B 146 34.28 -3.69 39.92
N ILE B 147 35.05 -4.78 39.87
CA ILE B 147 36.48 -4.72 39.60
C ILE B 147 36.79 -5.61 38.41
N SER B 148 37.41 -5.04 37.38
CA SER B 148 37.78 -5.76 36.18
C SER B 148 39.24 -6.20 36.29
N VAL B 149 39.49 -7.47 36.05
CA VAL B 149 40.85 -8.03 36.04
C VAL B 149 41.14 -8.53 34.63
N THR B 150 42.23 -8.06 34.05
CA THR B 150 42.62 -8.44 32.70
C THR B 150 44.13 -8.36 32.60
N GLY B 151 44.65 -8.54 31.38
CA GLY B 151 46.08 -8.49 31.17
C GLY B 151 46.56 -7.07 30.98
N GLY B 152 47.65 -6.72 31.66
CA GLY B 152 48.26 -5.42 31.48
C GLY B 152 49.07 -5.27 30.22
N ALA B 153 49.22 -6.35 29.46
CA ALA B 153 49.95 -6.28 28.20
C ALA B 153 49.26 -5.33 27.24
N LYS B 154 50.07 -4.62 26.45
CA LYS B 154 49.52 -3.67 25.48
C LYS B 154 48.63 -4.38 24.47
N ASN B 155 49.05 -5.55 24.00
CA ASN B 155 48.24 -6.29 23.04
C ASN B 155 46.90 -6.66 23.65
N PHE B 156 45.83 -6.45 22.90
CA PHE B 156 44.49 -6.75 23.36
C PHE B 156 43.61 -7.11 22.17
N ALA B 157 42.52 -7.82 22.45
CA ALA B 157 41.60 -8.26 21.41
C ALA B 157 40.46 -7.26 21.24
N LEU B 158 40.83 -6.04 20.89
CA LEU B 158 39.84 -4.99 20.65
C LEU B 158 38.91 -5.40 19.51
N LYS B 159 37.62 -5.24 19.74
CA LYS B 159 36.61 -5.60 18.75
C LYS B 159 35.30 -4.93 19.12
N PRO B 160 34.36 -4.79 18.18
CA PRO B 160 33.06 -4.19 18.53
C PRO B 160 32.34 -4.94 19.63
N ARG B 161 32.45 -6.27 19.65
CA ARG B 161 31.84 -7.04 20.73
C ARG B 161 32.46 -6.68 22.07
N MET B 162 33.78 -6.50 22.09
CA MET B 162 34.44 -6.10 23.32
C MET B 162 34.02 -4.71 23.76
N ARG B 163 33.74 -3.82 22.81
CA ARG B 163 33.20 -2.51 23.15
C ARG B 163 31.80 -2.63 23.76
N LYS B 164 30.96 -3.49 23.18
CA LYS B 164 29.59 -3.61 23.66
C LYS B 164 29.52 -4.29 25.02
N ILE B 165 30.41 -5.26 25.27
CA ILE B 165 30.41 -5.99 26.53
C ILE B 165 30.99 -5.18 27.68
N PHE B 166 31.45 -3.96 27.42
CA PHE B 166 31.99 -3.09 28.44
C PHE B 166 31.29 -1.74 28.56
N SER B 167 30.69 -1.24 27.48
CA SER B 167 29.93 0.00 27.59
C SER B 167 28.74 -0.17 28.54
N ARG B 168 28.04 -1.31 28.44
CA ARG B 168 26.95 -1.58 29.37
C ARG B 168 27.46 -1.70 30.79
N LEU B 169 28.63 -2.30 30.98
CA LEU B 169 29.21 -2.41 32.31
C LEU B 169 29.47 -1.05 32.91
N ILE B 170 30.05 -0.14 32.12
CA ILE B 170 30.30 1.21 32.60
C ILE B 170 28.99 1.92 32.92
N TYR B 171 27.99 1.75 32.05
CA TYR B 171 26.70 2.39 32.30
C TYR B 171 26.10 1.90 33.62
N ILE B 172 26.15 0.59 33.86
CA ILE B 172 25.62 0.05 35.12
C ILE B 172 26.40 0.57 36.31
N ALA B 173 27.73 0.64 36.17
CA ALA B 173 28.55 1.15 37.26
C ALA B 173 28.15 2.58 37.61
N GLN B 174 27.93 3.42 36.61
CA GLN B 174 27.45 4.77 36.88
C GLN B 174 26.06 4.75 37.51
N SER B 175 25.17 3.91 37.00
CA SER B 175 23.79 3.91 37.47
C SER B 175 23.71 3.57 38.95
N LYS B 176 24.43 2.53 39.37
CA LYS B 176 24.41 2.12 40.76
C LYS B 176 25.39 2.91 41.63
N GLY B 177 26.26 3.72 41.03
CA GLY B 177 27.27 4.42 41.80
C GLY B 177 28.44 3.55 42.20
N ALA B 178 28.72 2.49 41.44
CA ALA B 178 29.76 1.54 41.82
C ALA B 178 31.15 2.12 41.60
N TRP B 179 32.09 1.65 42.40
CA TRP B 179 33.51 1.93 42.15
C TRP B 179 34.05 0.94 41.13
N ILE B 180 34.95 1.42 40.28
CA ILE B 180 35.61 0.60 39.28
C ILE B 180 37.09 0.58 39.60
N LEU B 181 37.62 -0.59 39.91
CA LEU B 181 39.05 -0.80 40.15
C LEU B 181 39.64 -1.51 38.93
N THR B 182 40.70 -0.93 38.36
CA THR B 182 41.35 -1.50 37.20
C THR B 182 42.86 -1.39 37.38
N GLY B 183 43.60 -1.93 36.41
CA GLY B 183 45.05 -1.81 36.41
C GLY B 183 45.48 -0.37 36.27
N GLY B 184 45.17 0.23 35.12
CA GLY B 184 45.37 1.65 34.94
C GLY B 184 46.77 2.03 34.52
N THR B 185 47.26 1.44 33.43
CA THR B 185 48.58 1.77 32.88
C THR B 185 48.52 2.04 31.39
N HIS B 186 47.35 2.47 30.89
CA HIS B 186 47.20 2.87 29.49
C HIS B 186 47.64 1.75 28.55
N TYR B 187 47.04 0.57 28.72
CA TYR B 187 47.39 -0.60 27.91
C TYR B 187 46.10 -1.33 27.54
N GLY B 188 45.76 -1.30 26.26
CA GLY B 188 44.63 -2.06 25.75
C GLY B 188 43.33 -1.78 26.47
N LEU B 189 42.85 -2.76 27.23
CA LEU B 189 41.55 -2.65 27.88
C LEU B 189 41.51 -1.45 28.83
N MET B 190 42.62 -1.19 29.53
CA MET B 190 42.65 -0.09 30.49
C MET B 190 42.51 1.26 29.81
N LYS B 191 43.18 1.43 28.66
CA LYS B 191 43.05 2.68 27.92
C LYS B 191 41.61 2.87 27.43
N TYR B 192 40.99 1.78 26.96
CA TYR B 192 39.59 1.86 26.54
C TYR B 192 38.69 2.23 27.70
N ILE B 193 38.95 1.66 28.88
CA ILE B 193 38.16 1.99 30.07
C ILE B 193 38.30 3.47 30.40
N GLY B 194 39.53 3.99 30.36
CA GLY B 194 39.71 5.41 30.61
C GLY B 194 38.98 6.27 29.61
N GLU B 195 39.05 5.90 28.33
CA GLU B 195 38.36 6.67 27.29
C GLU B 195 36.84 6.65 27.52
N VAL B 196 36.29 5.49 27.89
CA VAL B 196 34.85 5.41 28.11
C VAL B 196 34.46 6.20 29.36
N VAL B 197 35.29 6.19 30.39
CA VAL B 197 35.01 7.00 31.57
C VAL B 197 34.97 8.47 31.20
N ARG B 198 35.94 8.91 30.39
CA ARG B 198 35.92 10.29 29.93
C ARG B 198 34.64 10.58 29.15
N ASP B 199 34.28 9.68 28.24
CA ASP B 199 33.10 9.89 27.41
C ASP B 199 31.84 10.03 28.27
N ASN B 200 31.69 9.17 29.27
CA ASN B 200 30.53 9.26 30.15
C ASN B 200 30.56 10.56 30.95
N THR B 201 31.76 10.99 31.37
CA THR B 201 31.87 12.26 32.07
C THR B 201 31.41 13.42 31.19
N ILE B 202 31.72 13.36 29.89
CA ILE B 202 31.35 14.44 28.99
C ILE B 202 29.83 14.61 28.96
N SER B 203 29.10 13.50 28.87
CA SER B 203 27.65 13.55 28.83
C SER B 203 27.08 13.70 30.25
N GLU B 208 26.87 12.00 40.26
CA GLU B 208 26.95 12.22 38.82
C GLU B 208 28.39 12.13 38.33
N ASN B 209 29.20 11.38 39.06
CA ASN B 209 30.61 11.18 38.72
C ASN B 209 30.97 9.72 38.89
N ILE B 210 32.02 9.31 38.18
CA ILE B 210 32.51 7.94 38.21
C ILE B 210 33.87 7.93 38.89
N VAL B 211 34.06 6.99 39.81
CA VAL B 211 35.30 6.84 40.55
C VAL B 211 36.03 5.62 40.02
N ALA B 212 37.23 5.82 39.48
CA ALA B 212 38.02 4.76 38.86
C ALA B 212 39.42 4.78 39.47
N ILE B 213 39.64 3.93 40.46
CA ILE B 213 40.96 3.79 41.08
C ILE B 213 41.79 2.84 40.23
N GLY B 214 42.98 3.27 39.84
CA GLY B 214 43.91 2.43 39.10
C GLY B 214 45.20 2.22 39.85
N ILE B 215 45.49 0.98 40.22
CA ILE B 215 46.68 0.62 40.98
C ILE B 215 47.71 0.05 40.03
N ALA B 216 48.95 0.54 40.14
CA ALA B 216 50.07 0.04 39.36
C ALA B 216 51.29 -0.04 40.27
N ALA B 217 52.38 -0.57 39.73
CA ALA B 217 53.61 -0.74 40.48
C ALA B 217 54.52 0.48 40.31
N TRP B 218 55.02 1.00 41.43
CA TRP B 218 55.93 2.14 41.39
C TRP B 218 57.23 1.80 40.67
N GLY B 219 57.74 0.60 40.87
CA GLY B 219 59.05 0.26 40.32
C GLY B 219 59.10 0.38 38.81
N MET B 220 58.05 -0.07 38.12
CA MET B 220 58.02 -0.01 36.66
C MET B 220 58.01 1.43 36.16
N VAL B 221 57.40 2.35 36.91
CA VAL B 221 57.20 3.73 36.48
C VAL B 221 58.50 4.32 35.93
N SER B 222 58.39 4.97 34.77
CA SER B 222 59.48 5.67 34.13
C SER B 222 59.23 7.18 34.19
N ASN B 223 60.26 7.95 33.87
CA ASN B 223 60.18 9.41 33.92
C ASN B 223 59.71 9.88 35.29
N ARG B 224 60.25 9.25 36.34
CA ARG B 224 59.82 9.55 37.70
C ARG B 224 59.99 11.03 38.01
N ASP B 225 58.99 11.62 38.64
CA ASP B 225 59.00 13.02 39.07
C ASP B 225 58.64 13.05 40.54
N THR B 226 59.64 12.93 41.41
CA THR B 226 59.42 12.94 42.84
C THR B 226 59.04 14.35 43.31
N LEU B 227 58.30 14.41 44.42
CA LEU B 227 57.87 15.67 44.98
C LEU B 227 59.06 16.54 45.34
N PHE B 237 53.50 21.98 44.80
CA PHE B 237 53.87 20.58 44.84
C PHE B 237 53.13 19.78 43.76
N SER B 238 52.33 20.47 42.96
CA SER B 238 51.54 19.82 41.90
C SER B 238 52.40 19.72 40.63
N ALA B 239 53.35 18.79 40.68
CA ALA B 239 54.23 18.56 39.55
C ALA B 239 53.43 18.01 38.37
N GLN B 240 53.84 18.42 37.16
CA GLN B 240 53.19 17.99 35.93
C GLN B 240 54.16 17.12 35.13
N TYR B 241 53.71 15.93 34.75
CA TYR B 241 54.50 15.00 33.95
C TYR B 241 53.95 14.94 32.54
N ILE B 242 54.84 15.10 31.56
CA ILE B 242 54.48 15.10 30.15
C ILE B 242 55.33 14.04 29.45
N MET B 243 54.68 13.19 28.66
CA MET B 243 55.39 12.14 27.93
C MET B 243 54.54 11.66 26.76
N LEU B 251 60.21 1.63 33.32
CA LEU B 251 59.84 1.75 31.92
C LEU B 251 58.39 1.38 31.70
N TYR B 252 57.50 1.96 32.50
CA TYR B 252 56.07 1.70 32.42
C TYR B 252 55.34 3.00 32.16
N ILE B 253 54.35 2.95 31.26
CA ILE B 253 53.53 4.10 30.92
C ILE B 253 52.22 3.99 31.68
N LEU B 254 51.69 5.13 32.11
CA LEU B 254 50.50 5.19 32.95
C LEU B 254 49.45 6.07 32.30
N ASP B 255 48.19 5.63 32.38
CA ASP B 255 47.08 6.42 31.86
C ASP B 255 46.85 7.65 32.72
N ASN B 256 46.42 8.73 32.07
CA ASN B 256 46.15 10.00 32.74
C ASN B 256 44.66 10.32 32.77
N ASN B 257 43.80 9.36 32.44
CA ASN B 257 42.36 9.58 32.41
C ASN B 257 41.66 9.10 33.68
N HIS B 258 42.29 8.21 34.45
CA HIS B 258 41.65 7.68 35.65
C HIS B 258 41.46 8.79 36.68
N THR B 259 40.34 8.71 37.41
CA THR B 259 40.06 9.70 38.44
C THR B 259 41.11 9.66 39.54
N HIS B 260 41.52 8.47 39.96
CA HIS B 260 42.54 8.30 40.98
C HIS B 260 43.53 7.23 40.55
N LEU B 261 44.81 7.50 40.77
CA LEU B 261 45.89 6.62 40.35
C LEU B 261 46.85 6.41 41.51
N LEU B 262 47.16 5.15 41.81
CA LEU B 262 48.03 4.77 42.90
C LEU B 262 49.20 3.96 42.38
N LEU B 263 50.38 4.19 42.95
CA LEU B 263 51.60 3.46 42.62
C LEU B 263 52.16 2.82 43.88
N VAL B 264 52.46 1.52 43.81
CA VAL B 264 52.89 0.75 44.97
C VAL B 264 54.14 -0.04 44.61
N ASP B 265 55.27 0.30 45.24
CA ASP B 265 56.45 -0.56 45.20
C ASP B 265 57.39 -0.09 46.33
N ASN B 266 57.46 -0.90 47.39
CA ASN B 266 58.41 -0.59 48.46
C ASN B 266 59.84 -0.54 47.93
N GLY B 267 60.10 -1.18 46.79
CA GLY B 267 61.42 -1.16 46.19
C GLY B 267 61.43 -1.99 44.92
N CYS B 268 62.60 -2.60 44.66
CA CYS B 268 62.76 -3.54 43.55
C CYS B 268 62.28 -2.93 42.24
N HIS B 269 63.02 -1.91 41.81
CA HIS B 269 62.66 -1.18 40.59
C HIS B 269 62.58 -2.08 39.36
N GLY B 270 62.96 -3.35 39.46
CA GLY B 270 62.80 -4.29 38.36
C GLY B 270 61.35 -4.61 38.01
N HIS B 271 60.39 -4.00 38.68
CA HIS B 271 58.98 -4.16 38.36
C HIS B 271 58.50 -5.58 38.60
N PRO B 272 58.69 -6.13 39.81
CA PRO B 272 58.07 -7.42 40.13
C PRO B 272 56.59 -7.26 40.47
N THR B 273 55.89 -8.37 40.44
CA THR B 273 54.46 -8.37 40.75
C THR B 273 54.24 -7.95 42.20
N VAL B 274 53.60 -6.79 42.38
CA VAL B 274 53.34 -6.25 43.71
C VAL B 274 51.88 -5.85 43.84
N GLU B 275 51.18 -5.76 42.71
CA GLU B 275 49.79 -5.31 42.74
C GLU B 275 48.92 -6.26 43.55
N ALA B 276 49.17 -7.57 43.43
CA ALA B 276 48.32 -8.56 44.10
C ALA B 276 48.36 -8.41 45.62
N LYS B 277 49.45 -7.87 46.16
CA LYS B 277 49.64 -7.85 47.61
C LYS B 277 48.77 -6.80 48.31
N LEU B 278 48.17 -5.87 47.57
CA LEU B 278 47.41 -4.78 48.17
C LEU B 278 45.98 -4.71 47.66
N ARG B 279 45.78 -4.93 46.36
CA ARG B 279 44.43 -4.83 45.79
C ARG B 279 43.49 -5.87 46.39
N ASN B 280 43.98 -7.10 46.53
CA ASN B 280 43.15 -8.15 47.10
C ASN B 280 42.81 -7.86 48.55
N GLN B 281 43.78 -7.38 49.33
CA GLN B 281 43.52 -7.06 50.73
C GLN B 281 42.49 -5.94 50.84
N LEU B 282 42.63 -4.91 50.00
CA LEU B 282 41.64 -3.84 50.00
C LEU B 282 40.25 -4.36 49.65
N GLU B 283 40.16 -5.21 48.63
CA GLU B 283 38.86 -5.76 48.26
C GLU B 283 38.25 -6.55 49.41
N LYS B 284 39.04 -7.40 50.07
CA LYS B 284 38.52 -8.20 51.16
C LYS B 284 38.05 -7.33 52.31
N TYR B 285 38.83 -6.31 52.67
CA TYR B 285 38.45 -5.43 53.77
C TYR B 285 37.14 -4.71 53.45
N ILE B 286 37.01 -4.19 52.23
CA ILE B 286 35.78 -3.51 51.86
C ILE B 286 34.62 -4.48 51.85
N SER B 287 34.88 -5.74 51.49
CA SER B 287 33.83 -6.76 51.52
C SER B 287 33.30 -6.94 52.92
N GLU B 288 34.18 -6.97 53.92
CA GLU B 288 33.72 -7.14 55.28
C GLU B 288 33.06 -5.89 55.85
N ARG B 289 33.30 -4.72 55.24
CA ARG B 289 32.70 -3.48 55.71
C ARG B 289 31.20 -3.46 55.49
N THR B 290 30.43 -3.54 56.57
CA THR B 290 28.98 -3.60 56.47
C THR B 290 28.40 -2.21 56.24
N SER B 291 27.48 -2.11 55.28
CA SER B 291 26.78 -0.87 54.98
C SER B 291 25.29 -1.17 54.91
N GLN B 292 24.48 -0.40 55.65
CA GLN B 292 23.05 -0.61 55.72
C GLN B 292 22.37 0.06 54.53
N ASP B 293 22.54 -0.57 53.37
CA ASP B 293 21.95 -0.07 52.14
C ASP B 293 22.02 -1.16 51.08
N SER B 294 21.10 -1.11 50.12
CA SER B 294 21.04 -2.06 49.01
C SER B 294 20.82 -3.49 49.48
N ASN B 295 20.23 -3.66 50.67
CA ASN B 295 19.96 -4.98 51.24
C ASN B 295 21.26 -5.79 51.22
N TYR B 296 21.26 -7.01 50.71
CA TYR B 296 22.45 -7.85 50.68
C TYR B 296 23.04 -8.02 52.08
N GLY B 297 22.16 -8.17 53.06
CA GLY B 297 22.60 -8.37 54.43
C GLY B 297 23.43 -7.23 54.98
N GLY B 298 23.19 -6.01 54.52
CA GLY B 298 23.98 -4.88 54.98
C GLY B 298 25.45 -5.01 54.65
N LYS B 299 25.77 -5.54 53.46
CA LYS B 299 27.16 -5.74 53.06
C LYS B 299 27.38 -5.18 51.66
N ILE B 300 28.53 -5.47 51.06
CA ILE B 300 28.89 -4.92 49.76
C ILE B 300 29.20 -6.05 48.79
N PRO B 301 28.85 -5.94 47.50
CA PRO B 301 29.02 -7.09 46.59
C PRO B 301 30.45 -7.57 46.39
N ILE B 302 31.32 -6.70 45.89
CA ILE B 302 32.71 -7.07 45.62
C ILE B 302 32.76 -8.17 44.56
N VAL B 303 32.28 -7.87 43.35
CA VAL B 303 32.28 -8.82 42.25
C VAL B 303 33.54 -8.62 41.40
N CYS B 304 34.07 -9.73 40.90
CA CYS B 304 35.23 -9.73 40.02
C CYS B 304 34.78 -10.10 38.60
N PHE B 305 35.29 -9.34 37.62
CA PHE B 305 34.93 -9.53 36.21
C PHE B 305 36.20 -9.82 35.43
N ALA B 306 36.27 -11.00 34.82
CA ALA B 306 37.45 -11.45 34.10
C ALA B 306 37.17 -11.49 32.62
N GLN B 307 38.04 -10.82 31.84
CA GLN B 307 37.97 -10.85 30.39
C GLN B 307 39.32 -11.02 29.70
N GLY B 308 40.43 -10.70 30.37
CA GLY B 308 41.72 -10.83 29.75
C GLY B 308 42.29 -12.24 29.83
N GLY B 309 43.28 -12.48 28.98
CA GLY B 309 43.91 -13.78 28.83
C GLY B 309 45.19 -13.98 29.63
N GLY B 310 45.53 -13.06 30.53
CA GLY B 310 46.81 -13.15 31.21
C GLY B 310 46.80 -14.17 32.33
N ARG B 311 48.00 -14.68 32.64
CA ARG B 311 48.15 -15.58 33.78
C ARG B 311 47.96 -14.85 35.10
N GLU B 312 48.34 -13.58 35.16
CA GLU B 312 48.05 -12.78 36.34
C GLU B 312 46.54 -12.76 36.62
N THR B 313 45.74 -12.77 35.57
CA THR B 313 44.29 -12.88 35.75
C THR B 313 43.94 -14.21 36.41
N LEU B 314 44.61 -15.30 36.01
CA LEU B 314 44.36 -16.59 36.62
C LEU B 314 44.71 -16.57 38.10
N LYS B 315 45.86 -15.97 38.45
CA LYS B 315 46.25 -15.88 39.86
C LYS B 315 45.24 -15.05 40.65
N ALA B 316 44.78 -13.94 40.05
CA ALA B 316 43.78 -13.12 40.72
C ALA B 316 42.49 -13.90 40.93
N ILE B 317 42.08 -14.70 39.94
CA ILE B 317 40.90 -15.52 40.09
C ILE B 317 41.07 -16.52 41.22
N ASN B 318 42.24 -17.16 41.28
CA ASN B 318 42.50 -18.12 42.34
C ASN B 318 42.39 -17.48 43.71
N THR B 319 43.08 -16.34 43.91
CA THR B 319 43.05 -15.70 45.22
C THR B 319 41.65 -15.19 45.56
N SER B 320 40.90 -14.69 44.57
CA SER B 320 39.54 -14.26 44.83
C SER B 320 38.66 -15.42 45.25
N VAL B 321 38.79 -16.57 44.57
CA VAL B 321 38.04 -17.76 44.98
C VAL B 321 38.46 -18.19 46.37
N LYS B 322 39.71 -17.92 46.76
CA LYS B 322 40.13 -18.19 48.13
C LYS B 322 39.21 -17.50 49.12
N SER B 323 38.79 -16.27 48.81
CA SER B 323 37.86 -15.53 49.63
C SER B 323 36.44 -15.68 49.08
N LYS B 324 35.48 -15.10 49.79
CA LYS B 324 34.07 -15.17 49.39
C LYS B 324 33.75 -14.04 48.43
N ILE B 325 34.23 -14.21 47.20
CA ILE B 325 34.05 -13.21 46.14
C ILE B 325 33.72 -13.92 44.83
N PRO B 326 32.47 -13.87 44.35
CA PRO B 326 32.15 -14.51 43.08
C PRO B 326 32.80 -13.77 41.91
N CYS B 327 33.20 -14.54 40.90
CA CYS B 327 33.79 -14.00 39.68
C CYS B 327 32.96 -14.43 38.49
N VAL B 328 32.89 -13.55 37.49
CA VAL B 328 32.22 -13.84 36.22
C VAL B 328 33.24 -13.68 35.11
N VAL B 329 33.38 -14.71 34.28
CA VAL B 329 34.36 -14.73 33.21
C VAL B 329 33.64 -14.61 31.87
N VAL B 330 34.31 -13.97 30.91
CA VAL B 330 33.78 -13.87 29.56
C VAL B 330 34.21 -15.10 28.78
N GLU B 331 33.25 -15.79 28.17
CA GLU B 331 33.53 -16.97 27.36
C GLU B 331 33.66 -16.59 25.88
N GLY B 332 34.60 -15.68 25.63
CA GLY B 332 34.80 -15.16 24.29
C GLY B 332 36.23 -15.29 23.80
N SER B 333 36.84 -14.18 23.39
CA SER B 333 38.17 -14.21 22.80
C SER B 333 39.25 -14.58 23.81
N GLY B 334 38.98 -14.44 25.11
CA GLY B 334 39.98 -14.71 26.13
C GLY B 334 40.55 -16.11 26.03
N GLN B 335 41.87 -16.22 25.88
CA GLN B 335 42.49 -17.53 25.70
C GLN B 335 42.35 -18.39 26.95
N ILE B 336 42.75 -17.86 28.11
CA ILE B 336 42.62 -18.60 29.36
C ILE B 336 41.17 -18.66 29.80
N ALA B 337 40.42 -17.61 29.50
CA ALA B 337 38.99 -17.61 29.81
C ALA B 337 38.28 -18.73 29.05
N ASP B 338 38.70 -18.97 27.81
CA ASP B 338 38.16 -20.09 27.06
C ASP B 338 38.54 -21.43 27.69
N VAL B 339 39.74 -21.53 28.26
CA VAL B 339 40.13 -22.74 28.97
C VAL B 339 39.16 -23.00 30.12
N ILE B 340 38.93 -21.97 30.94
CA ILE B 340 38.04 -22.15 32.09
C ILE B 340 36.62 -22.45 31.63
N ALA B 341 36.18 -21.79 30.55
CA ALA B 341 34.84 -22.05 30.03
C ALA B 341 34.69 -23.49 29.56
N SER B 342 35.71 -24.01 28.86
CA SER B 342 35.65 -25.39 28.40
C SER B 342 35.69 -26.36 29.58
N LEU B 343 36.42 -26.01 30.64
CA LEU B 343 36.49 -26.88 31.80
C LEU B 343 35.10 -27.18 32.34
N VAL B 344 34.22 -26.18 32.38
CA VAL B 344 32.87 -26.35 32.87
C VAL B 344 31.97 -26.82 31.73
N THR B 351 41.15 -35.80 36.24
CA THR B 351 41.26 -35.75 34.79
C THR B 351 42.30 -34.71 34.37
N SER B 352 43.52 -34.86 34.89
CA SER B 352 44.57 -33.90 34.57
C SER B 352 44.94 -33.93 33.09
N SER B 353 44.77 -35.08 32.43
CA SER B 353 45.07 -35.16 31.01
C SER B 353 44.17 -34.23 30.21
N MET B 354 42.88 -34.18 30.56
CA MET B 354 41.98 -33.25 29.89
C MET B 354 42.38 -31.81 30.17
N VAL B 355 42.86 -31.54 31.39
CA VAL B 355 43.33 -30.19 31.71
C VAL B 355 44.49 -29.80 30.81
N LYS B 356 45.46 -30.71 30.65
CA LYS B 356 46.61 -30.41 29.79
C LYS B 356 46.17 -30.23 28.35
N GLU B 357 45.27 -31.08 27.87
CA GLU B 357 44.79 -30.96 26.49
C GLU B 357 44.08 -29.62 26.27
N LYS B 358 43.22 -29.23 27.22
CA LYS B 358 42.51 -27.96 27.09
C LYS B 358 43.48 -26.79 27.11
N LEU B 359 44.48 -26.82 27.99
CA LEU B 359 45.46 -25.75 28.03
C LEU B 359 46.25 -25.68 26.72
N VAL B 360 46.57 -26.84 26.15
CA VAL B 360 47.27 -26.86 24.86
C VAL B 360 46.38 -26.29 23.77
N ARG B 361 45.07 -26.53 23.86
CA ARG B 361 44.15 -26.08 22.82
C ARG B 361 44.18 -24.57 22.66
N PHE B 362 44.53 -23.84 23.72
CA PHE B 362 44.56 -22.38 23.71
C PHE B 362 45.95 -21.88 24.02
N LEU B 363 46.36 -20.81 23.36
CA LEU B 363 47.68 -20.23 23.52
C LEU B 363 48.78 -21.29 23.33
N PRO B 364 48.78 -21.99 22.19
CA PRO B 364 49.79 -23.04 22.00
C PRO B 364 51.22 -22.54 22.08
N ARG B 365 51.49 -21.31 21.61
CA ARG B 365 52.84 -20.78 21.67
C ARG B 365 53.30 -20.62 23.11
N THR B 366 52.43 -20.08 23.97
CA THR B 366 52.77 -19.95 25.38
C THR B 366 52.94 -21.31 26.03
N VAL B 367 52.09 -22.27 25.67
CA VAL B 367 52.21 -23.62 26.23
C VAL B 367 53.56 -24.23 25.87
N SER B 368 53.97 -24.10 24.62
CA SER B 368 55.25 -24.64 24.20
C SER B 368 56.40 -23.91 24.89
N ARG B 369 56.32 -22.58 25.00
CA ARG B 369 57.41 -21.83 25.61
C ARG B 369 57.61 -22.20 27.07
N LEU B 370 56.51 -22.37 27.80
CA LEU B 370 56.62 -22.65 29.22
C LEU B 370 57.30 -24.00 29.45
N PRO B 371 58.22 -24.10 30.41
CA PRO B 371 58.84 -25.39 30.69
C PRO B 371 57.86 -26.37 31.31
N GLU B 372 58.15 -27.66 31.14
CA GLU B 372 57.26 -28.69 31.64
C GLU B 372 57.15 -28.63 33.15
N GLU B 373 58.26 -28.32 33.84
CA GLU B 373 58.23 -28.30 35.31
C GLU B 373 57.24 -27.25 35.82
N GLU B 374 57.22 -26.06 35.20
CA GLU B 374 56.34 -25.01 35.67
C GLU B 374 54.87 -25.30 35.38
N ILE B 375 54.57 -26.22 34.46
CA ILE B 375 53.19 -26.45 34.07
C ILE B 375 52.35 -26.82 35.28
N GLU B 376 52.92 -27.56 36.22
CA GLU B 376 52.19 -27.94 37.43
C GLU B 376 51.63 -26.70 38.12
N SER B 377 52.46 -25.66 38.26
CA SER B 377 52.03 -24.44 38.94
C SER B 377 50.75 -23.87 38.35
N TRP B 378 50.45 -24.20 37.09
CA TRP B 378 49.21 -23.79 36.46
C TRP B 378 48.10 -24.82 36.66
N ILE B 379 48.40 -26.10 36.46
CA ILE B 379 47.35 -27.13 36.47
C ILE B 379 46.61 -27.08 37.79
N LYS B 380 47.35 -27.11 38.91
CA LYS B 380 46.71 -27.03 40.22
C LYS B 380 45.77 -25.83 40.29
N TRP B 381 46.23 -24.67 39.82
CA TRP B 381 45.39 -23.48 39.85
C TRP B 381 44.07 -23.74 39.16
N LEU B 382 44.12 -24.36 37.97
CA LEU B 382 42.88 -24.63 37.26
C LEU B 382 41.94 -25.48 38.10
N LYS B 383 42.49 -26.47 38.80
CA LYS B 383 41.66 -27.26 39.70
C LYS B 383 40.96 -26.37 40.72
N GLU B 384 41.71 -25.45 41.32
CA GLU B 384 41.11 -24.51 42.26
C GLU B 384 40.01 -23.70 41.60
N ILE B 385 40.17 -23.37 40.31
CA ILE B 385 39.11 -22.68 39.59
C ILE B 385 37.88 -23.56 39.47
N LEU B 386 38.07 -24.85 39.18
CA LEU B 386 36.97 -25.80 39.08
C LEU B 386 36.69 -26.48 40.40
N GLU B 387 37.37 -26.09 41.49
CA GLU B 387 37.11 -26.70 42.79
C GLU B 387 35.66 -26.49 43.21
N SER B 388 35.13 -25.28 43.02
CA SER B 388 33.76 -24.96 43.39
C SER B 388 33.08 -24.34 42.18
N SER B 389 31.98 -24.95 41.75
CA SER B 389 31.16 -24.42 40.66
C SER B 389 30.04 -23.52 41.16
N HIS B 390 29.86 -23.43 42.48
CA HIS B 390 28.80 -22.59 43.03
C HIS B 390 29.05 -21.12 42.73
N LEU B 391 30.30 -20.68 42.89
CA LEU B 391 30.62 -19.27 42.74
C LEU B 391 30.89 -18.91 41.28
N LEU B 392 31.71 -19.70 40.60
CA LEU B 392 32.12 -19.36 39.24
C LEU B 392 30.92 -19.38 38.31
N THR B 393 30.67 -18.26 37.65
CA THR B 393 29.62 -18.13 36.66
C THR B 393 30.21 -17.56 35.38
N VAL B 394 29.70 -18.01 34.23
CA VAL B 394 30.20 -17.57 32.94
C VAL B 394 29.03 -17.19 32.05
N ILE B 395 29.32 -16.34 31.08
CA ILE B 395 28.34 -15.86 30.12
C ILE B 395 28.39 -16.72 28.87
N LYS B 396 27.28 -16.78 28.16
CA LYS B 396 27.19 -17.52 26.91
C LYS B 396 27.52 -16.60 25.74
N MET B 397 28.47 -17.02 24.90
CA MET B 397 28.88 -16.19 23.77
C MET B 397 27.73 -16.00 22.78
N GLU B 398 26.91 -17.04 22.60
CA GLU B 398 25.84 -16.97 21.61
C GLU B 398 24.82 -15.88 21.98
N GLU B 399 24.52 -15.73 23.27
CA GLU B 399 23.51 -14.77 23.68
C GLU B 399 23.85 -13.37 23.20
N ALA B 400 22.85 -12.68 22.64
CA ALA B 400 23.01 -11.34 22.12
C ALA B 400 22.10 -10.33 22.81
N GLY B 401 21.62 -10.66 24.01
CA GLY B 401 20.74 -9.74 24.71
C GLY B 401 21.43 -8.45 25.06
N ASP B 402 20.64 -7.37 25.08
CA ASP B 402 21.20 -6.06 25.40
C ASP B 402 21.57 -5.96 26.88
N GLU B 403 20.78 -6.60 27.75
CA GLU B 403 20.97 -6.52 29.20
C GLU B 403 21.66 -7.74 29.77
N ILE B 404 22.49 -8.41 28.97
CA ILE B 404 23.17 -9.61 29.46
C ILE B 404 24.15 -9.27 30.57
N VAL B 405 24.78 -8.10 30.50
CA VAL B 405 25.77 -7.72 31.51
C VAL B 405 25.11 -7.65 32.88
N SER B 406 24.00 -6.91 32.98
CA SER B 406 23.33 -6.76 34.25
C SER B 406 22.82 -8.09 34.76
N ASN B 407 22.24 -8.89 33.86
CA ASN B 407 21.69 -10.18 34.27
C ASN B 407 22.77 -11.09 34.81
N ALA B 408 23.93 -11.14 34.14
CA ALA B 408 25.02 -12.00 34.57
C ALA B 408 25.54 -11.58 35.94
N ILE B 409 25.80 -10.27 36.10
CA ILE B 409 26.32 -9.81 37.40
C ILE B 409 25.30 -10.09 38.50
N SER B 410 24.03 -9.84 38.21
CA SER B 410 22.99 -10.05 39.21
C SER B 410 22.91 -11.51 39.62
N TYR B 411 22.94 -12.42 38.65
CA TYR B 411 22.84 -13.84 38.96
C TYR B 411 24.05 -14.32 39.77
N ALA B 412 25.25 -13.90 39.35
CA ALA B 412 26.45 -14.32 40.07
C ALA B 412 26.44 -13.80 41.50
N LEU B 413 26.02 -12.55 41.70
CA LEU B 413 25.91 -12.00 43.04
C LEU B 413 24.85 -12.74 43.86
N TYR B 414 23.72 -13.06 43.22
CA TYR B 414 22.62 -13.72 43.93
C TYR B 414 23.02 -15.08 44.45
N LYS B 415 23.80 -15.83 43.65
CA LYS B 415 24.22 -17.17 44.08
C LYS B 415 25.02 -17.10 45.37
N ALA B 416 25.90 -16.11 45.50
CA ALA B 416 26.73 -16.02 46.69
C ALA B 416 25.88 -15.82 47.94
N PHE B 417 24.88 -14.94 47.87
CA PHE B 417 23.98 -14.77 49.00
C PHE B 417 23.20 -16.05 49.29
N SER B 418 22.74 -16.73 48.24
CA SER B 418 21.95 -17.93 48.44
C SER B 418 22.77 -19.01 49.13
N THR B 419 24.03 -19.20 48.72
CA THR B 419 24.85 -20.28 49.26
C THR B 419 25.58 -19.89 50.54
N ASN B 420 25.65 -18.60 50.86
CA ASN B 420 26.38 -18.18 52.05
C ASN B 420 25.83 -18.83 53.31
N GLU B 421 24.51 -18.95 53.41
CA GLU B 421 23.76 -19.50 54.52
C GLU B 421 23.71 -18.52 55.70
N GLN B 422 24.37 -17.37 55.62
CA GLN B 422 24.27 -16.40 56.71
C GLN B 422 22.85 -15.87 56.82
N ASP B 423 22.21 -15.57 55.70
CA ASP B 423 20.84 -15.09 55.66
C ASP B 423 19.92 -16.01 54.86
N LYS B 424 20.35 -17.25 54.61
CA LYS B 424 19.50 -18.19 53.90
C LYS B 424 18.19 -18.43 54.67
N ASP B 425 18.29 -18.49 56.00
CA ASP B 425 17.08 -18.61 56.81
C ASP B 425 16.16 -17.43 56.59
N ASN B 426 16.72 -16.21 56.52
CA ASN B 426 15.92 -15.03 56.22
C ASN B 426 15.35 -15.14 54.81
N TRP B 427 14.03 -15.05 54.69
CA TRP B 427 13.34 -15.22 53.43
C TRP B 427 12.87 -13.89 52.83
N ASN B 428 13.11 -12.77 53.51
CA ASN B 428 12.71 -11.46 53.01
C ASN B 428 13.85 -10.70 52.35
N GLY B 429 15.08 -10.83 52.87
CA GLY B 429 16.20 -10.14 52.26
C GLY B 429 16.46 -10.59 50.83
N GLN B 430 16.19 -11.85 50.54
CA GLN B 430 16.42 -12.37 49.19
C GLN B 430 15.58 -11.61 48.17
N LEU B 431 14.29 -11.43 48.47
CA LEU B 431 13.41 -10.71 47.56
C LEU B 431 13.83 -9.25 47.45
N LYS B 432 14.16 -8.63 48.58
CA LYS B 432 14.56 -7.22 48.54
C LYS B 432 15.80 -7.03 47.67
N LEU B 433 16.75 -7.97 47.75
CA LEU B 433 17.90 -7.92 46.86
C LEU B 433 17.48 -8.10 45.41
N LEU B 434 16.64 -9.10 45.15
CA LEU B 434 16.28 -9.41 43.76
C LEU B 434 15.44 -8.30 43.14
N LEU B 435 14.77 -7.48 43.95
CA LEU B 435 13.98 -6.39 43.38
C LEU B 435 14.89 -5.31 42.79
N GLU B 436 15.83 -4.80 43.58
CA GLU B 436 16.70 -3.74 43.11
C GLU B 436 17.42 -4.16 41.83
N TRP B 437 17.80 -5.42 41.73
CA TRP B 437 18.38 -5.96 40.51
C TRP B 437 17.25 -6.49 39.65
N ASN B 438 17.01 -5.86 38.50
CA ASN B 438 15.80 -6.13 37.74
C ASN B 438 15.81 -7.59 37.30
N GLN B 439 15.03 -8.42 37.99
CA GLN B 439 14.93 -9.85 37.67
C GLN B 439 13.51 -10.28 38.00
N LEU B 440 12.64 -10.28 36.99
CA LEU B 440 11.26 -10.69 37.19
C LEU B 440 11.13 -12.20 37.16
N ASP B 441 11.74 -12.85 36.19
CA ASP B 441 11.59 -14.30 36.07
C ASP B 441 12.17 -15.00 37.29
N LEU B 442 13.35 -14.58 37.74
CA LEU B 442 13.96 -15.20 38.91
C LEU B 442 13.10 -14.97 40.15
N ALA B 443 12.61 -13.74 40.33
CA ALA B 443 11.79 -13.45 41.51
C ALA B 443 10.53 -14.29 41.51
N SER B 444 9.88 -14.42 40.35
CA SER B 444 8.66 -15.20 40.26
C SER B 444 8.93 -16.68 40.52
N ASP B 445 9.99 -17.23 39.92
CA ASP B 445 10.23 -18.66 40.00
C ASP B 445 10.74 -19.09 41.37
N GLU B 446 11.66 -18.32 41.94
CA GLU B 446 12.37 -18.74 43.15
C GLU B 446 11.74 -18.20 44.43
N ILE B 447 11.50 -16.89 44.49
CA ILE B 447 11.04 -16.28 45.75
C ILE B 447 9.68 -16.85 46.14
N PHE B 448 8.67 -16.64 45.29
CA PHE B 448 7.32 -17.08 45.63
C PHE B 448 7.16 -18.58 45.38
N THR B 449 7.31 -19.00 44.12
CA THR B 449 7.21 -20.41 43.76
C THR B 449 5.94 -21.01 44.33
N ASN B 450 6.06 -21.95 45.26
CA ASN B 450 4.91 -22.60 45.86
C ASN B 450 5.29 -23.13 47.23
N ASP B 451 4.27 -23.45 48.02
CA ASP B 451 4.47 -24.03 49.36
C ASP B 451 5.14 -23.01 50.29
N ARG B 452 4.81 -21.73 50.11
CA ARG B 452 5.31 -20.67 50.97
C ARG B 452 4.12 -19.85 51.48
N ARG B 453 4.04 -19.69 52.79
CA ARG B 453 2.92 -18.99 53.42
C ARG B 453 3.30 -17.53 53.69
N TRP B 454 3.55 -16.81 52.59
CA TRP B 454 3.88 -15.39 52.72
C TRP B 454 2.70 -14.60 53.27
N GLU B 455 1.48 -14.95 52.85
CA GLU B 455 0.28 -14.23 53.28
C GLU B 455 0.22 -12.86 52.62
N SER B 456 -0.87 -12.12 52.86
CA SER B 456 -1.05 -10.82 52.24
C SER B 456 -0.28 -9.71 52.96
N ALA B 457 0.26 -9.97 54.15
CA ALA B 457 0.97 -8.96 54.91
C ALA B 457 2.48 -9.02 54.71
N ASP B 458 2.97 -9.93 53.87
CA ASP B 458 4.40 -10.05 53.65
C ASP B 458 4.91 -9.08 52.59
N LEU B 459 4.10 -8.77 51.58
CA LEU B 459 4.54 -7.96 50.47
C LEU B 459 4.43 -6.45 50.72
N GLN B 460 3.90 -6.03 51.87
CA GLN B 460 3.64 -4.62 52.14
C GLN B 460 4.82 -3.71 51.82
N GLU B 461 5.94 -3.91 52.53
CA GLU B 461 7.08 -3.00 52.40
C GLU B 461 7.77 -3.16 51.06
N VAL B 462 7.93 -4.40 50.58
CA VAL B 462 8.59 -4.61 49.29
C VAL B 462 7.75 -4.02 48.16
N MET B 463 6.42 -4.13 48.26
CA MET B 463 5.56 -3.53 47.25
C MET B 463 5.63 -2.01 47.31
N PHE B 464 5.71 -1.44 48.52
CA PHE B 464 5.89 0.00 48.64
C PHE B 464 7.19 0.42 47.94
N THR B 465 8.27 -0.32 48.19
CA THR B 465 9.54 0.01 47.57
C THR B 465 9.46 -0.12 46.05
N ALA B 466 8.75 -1.14 45.57
CA ALA B 466 8.60 -1.31 44.12
C ALA B 466 7.85 -0.12 43.52
N LEU B 467 6.79 0.34 44.18
CA LEU B 467 6.09 1.53 43.71
C LEU B 467 7.02 2.73 43.67
N ILE B 468 7.84 2.89 44.71
CA ILE B 468 8.75 4.03 44.77
C ILE B 468 9.75 3.96 43.62
N LYS B 469 10.28 2.77 43.34
CA LYS B 469 11.38 2.60 42.40
C LYS B 469 10.91 2.39 40.96
N ASP B 470 9.61 2.45 40.69
CA ASP B 470 9.08 2.32 39.33
C ASP B 470 9.47 0.97 38.73
N ARG B 471 8.90 -0.08 39.33
CA ARG B 471 9.09 -1.45 38.89
C ARG B 471 7.72 -2.00 38.49
N PRO B 472 7.27 -1.72 37.26
CA PRO B 472 5.89 -2.12 36.90
C PRO B 472 5.66 -3.62 36.91
N LYS B 473 6.58 -4.39 36.32
CA LYS B 473 6.40 -5.83 36.27
C LYS B 473 6.35 -6.43 37.67
N PHE B 474 7.22 -5.95 38.56
CA PHE B 474 7.19 -6.43 39.94
C PHE B 474 5.90 -6.03 40.62
N VAL B 475 5.38 -4.84 40.32
CA VAL B 475 4.11 -4.41 40.90
C VAL B 475 3.00 -5.37 40.47
N ARG B 476 2.96 -5.70 39.18
CA ARG B 476 1.94 -6.62 38.69
C ARG B 476 2.10 -7.99 39.33
N LEU B 477 3.34 -8.48 39.44
CA LEU B 477 3.56 -9.79 40.03
C LEU B 477 3.11 -9.81 41.49
N PHE B 478 3.39 -8.75 42.24
CA PHE B 478 2.93 -8.66 43.62
C PHE B 478 1.41 -8.66 43.67
N LEU B 479 0.77 -7.81 42.88
CA LEU B 479 -0.69 -7.68 42.95
C LEU B 479 -1.37 -8.99 42.61
N GLU B 480 -1.01 -9.59 41.47
CA GLU B 480 -1.72 -10.78 41.01
C GLU B 480 -1.42 -11.98 41.90
N ASN B 481 -0.25 -12.01 42.54
CA ASN B 481 0.18 -13.17 43.32
C ASN B 481 -0.20 -13.02 44.79
N GLY B 482 -1.50 -12.86 45.02
CA GLY B 482 -2.06 -12.91 46.36
C GLY B 482 -2.10 -11.59 47.09
N LEU B 483 -1.51 -10.53 46.54
CA LEU B 483 -1.53 -9.24 47.23
C LEU B 483 -2.92 -8.64 47.22
N ASN B 484 -3.29 -7.99 48.31
CA ASN B 484 -4.57 -7.30 48.45
C ASN B 484 -4.30 -5.80 48.43
N LEU B 485 -4.75 -5.14 47.37
CA LEU B 485 -4.49 -3.71 47.22
C LEU B 485 -5.40 -2.87 48.13
N GLN B 486 -6.61 -3.35 48.42
CA GLN B 486 -7.52 -2.59 49.25
C GLN B 486 -6.94 -2.36 50.64
N LYS B 487 -6.45 -3.42 51.29
CA LYS B 487 -5.88 -3.27 52.62
C LYS B 487 -4.64 -2.40 52.59
N PHE B 488 -3.78 -2.59 51.59
CA PHE B 488 -2.56 -1.81 51.50
C PHE B 488 -2.88 -0.32 51.35
N LEU B 489 -3.84 0.02 50.47
CA LEU B 489 -4.21 1.42 50.30
C LEU B 489 -4.89 1.97 51.54
N THR B 490 -5.65 1.16 52.26
CA THR B 490 -6.35 1.63 53.44
C THR B 490 -5.41 2.16 54.50
N ASN B 491 -4.13 1.77 54.46
CA ASN B 491 -3.17 2.23 55.45
C ASN B 491 -2.87 3.71 55.24
N GLU B 492 -2.26 4.32 56.26
CA GLU B 492 -1.88 5.72 56.20
C GLU B 492 -0.75 5.97 55.22
N VAL B 493 -0.12 4.91 54.70
CA VAL B 493 0.98 5.08 53.76
C VAL B 493 0.59 6.03 52.64
N LEU B 494 -0.67 5.96 52.19
CA LEU B 494 -1.15 6.86 51.16
C LEU B 494 -0.74 8.30 51.47
N THR B 495 -1.14 8.80 52.64
CA THR B 495 -0.72 10.14 53.05
C THR B 495 0.77 10.33 52.86
N GLU B 496 1.57 9.45 53.44
CA GLU B 496 3.02 9.52 53.25
C GLU B 496 3.35 9.53 51.76
N LEU B 497 2.81 8.56 51.02
CA LEU B 497 3.11 8.46 49.60
C LEU B 497 2.76 9.74 48.85
N PHE B 498 1.82 10.52 49.39
CA PHE B 498 1.44 11.77 48.74
C PHE B 498 2.17 12.97 49.34
N SER B 499 2.58 12.89 50.60
CA SER B 499 3.21 14.05 51.23
C SER B 499 4.63 14.26 50.72
N THR B 500 5.39 13.19 50.51
CA THR B 500 6.80 13.27 50.15
C THR B 500 7.06 12.90 48.70
N HIS B 501 6.42 11.83 48.22
CA HIS B 501 6.76 11.27 46.92
C HIS B 501 6.65 12.28 45.79
N PHE B 502 5.69 13.20 45.89
CA PHE B 502 5.41 14.13 44.80
C PHE B 502 6.67 14.86 44.36
N SER B 503 6.88 14.91 43.04
CA SER B 503 7.96 15.69 42.46
C SER B 503 7.67 17.18 42.61
N THR B 504 8.70 17.96 42.95
CA THR B 504 8.49 19.38 43.23
C THR B 504 8.03 20.12 41.98
N LEU B 505 8.70 19.88 40.85
CA LEU B 505 8.30 20.58 39.63
C LEU B 505 6.89 20.20 39.22
N VAL B 506 6.52 18.93 39.39
CA VAL B 506 5.15 18.52 39.07
C VAL B 506 4.16 19.29 39.92
N TYR B 507 4.45 19.44 41.22
CA TYR B 507 3.56 20.18 42.10
C TYR B 507 3.44 21.64 41.66
N ARG B 508 4.57 22.27 41.34
CA ARG B 508 4.55 23.67 40.93
C ARG B 508 3.77 23.84 39.63
N ASN B 509 4.02 22.97 38.65
CA ASN B 509 3.32 23.06 37.37
C ASN B 509 1.83 22.81 37.54
N LEU B 510 1.46 21.85 38.37
CA LEU B 510 0.05 21.61 38.65
C LEU B 510 -0.60 22.84 39.26
N GLN B 511 0.07 23.47 40.23
CA GLN B 511 -0.50 24.64 40.88
C GLN B 511 -0.67 25.80 39.89
N ILE B 512 0.36 26.06 39.07
CA ILE B 512 0.26 27.16 38.13
C ILE B 512 -0.83 26.88 37.09
N ALA B 513 -0.91 25.64 36.61
CA ALA B 513 -1.96 25.30 35.65
C ALA B 513 -3.35 25.49 36.26
N LYS B 514 -3.53 25.05 37.51
CA LYS B 514 -4.82 25.19 38.16
C LYS B 514 -5.19 26.66 38.33
N ASN B 515 -4.22 27.48 38.77
CA ASN B 515 -4.50 28.89 38.98
C ASN B 515 -4.80 29.60 37.66
N SER B 516 -4.06 29.29 36.61
CA SER B 516 -4.17 30.04 35.36
C SER B 516 -5.51 29.79 34.68
N TYR B 517 -5.96 28.53 34.63
CA TYR B 517 -7.13 28.16 33.86
C TYR B 517 -8.31 27.79 34.75
N ASN B 518 -8.12 26.84 35.66
CA ASN B 518 -9.19 26.40 36.56
C ASN B 518 -10.27 25.66 35.78
N ASP B 519 -11.08 24.86 36.47
CA ASP B 519 -12.15 24.11 35.84
C ASP B 519 -12.92 23.32 36.89
N ALA B 520 -13.99 22.63 36.47
CA ALA B 520 -14.77 21.85 37.42
C ALA B 520 -13.95 20.74 38.05
N LEU B 521 -13.06 20.13 37.27
CA LEU B 521 -12.25 19.01 37.76
C LEU B 521 -10.90 19.46 38.33
N LEU B 522 -10.26 20.48 37.73
CA LEU B 522 -8.94 20.89 38.18
C LEU B 522 -8.92 21.15 39.68
N THR B 523 -9.89 21.93 40.15
CA THR B 523 -9.91 22.32 41.56
C THR B 523 -10.10 21.10 42.45
N PHE B 524 -10.91 20.14 42.01
CA PHE B 524 -11.19 18.98 42.85
C PHE B 524 -9.92 18.18 43.13
N VAL B 525 -9.19 17.80 42.07
CA VAL B 525 -7.99 17.01 42.26
C VAL B 525 -6.92 17.82 42.98
N TRP B 526 -6.76 19.09 42.62
CA TRP B 526 -5.77 19.90 43.31
C TRP B 526 -6.07 20.00 44.79
N LYS B 527 -7.35 20.18 45.15
CA LYS B 527 -7.73 20.30 46.54
C LYS B 527 -7.50 18.99 47.30
N LEU B 528 -7.85 17.86 46.70
CA LEU B 528 -7.60 16.58 47.36
C LEU B 528 -6.10 16.38 47.59
N VAL B 529 -5.29 16.67 46.58
CA VAL B 529 -3.84 16.50 46.71
C VAL B 529 -3.29 17.41 47.80
N ALA B 530 -3.74 18.67 47.83
CA ALA B 530 -3.26 19.58 48.87
C ALA B 530 -3.70 19.11 50.24
N ASN B 531 -4.91 18.57 50.35
CA ASN B 531 -5.38 18.03 51.63
C ASN B 531 -4.46 16.92 52.10
N PHE B 532 -4.08 16.01 51.20
CA PHE B 532 -3.21 14.92 51.62
C PHE B 532 -1.81 15.42 51.96
N ARG B 533 -1.29 16.38 51.18
CA ARG B 533 0.04 16.90 51.46
C ARG B 533 0.10 17.59 52.82
N ARG B 534 -0.90 18.42 53.12
CA ARG B 534 -0.92 19.10 54.42
C ARG B 534 -1.02 18.10 55.56
N SER B 535 -1.85 17.08 55.39
CA SER B 535 -2.02 16.05 56.43
C SER B 535 -2.34 14.70 55.80
N ARG B 559 -11.56 8.65 51.53
CA ARG B 559 -12.09 7.80 50.48
C ARG B 559 -11.43 8.10 49.15
N HIS B 560 -11.95 7.52 48.07
CA HIS B 560 -11.42 7.68 46.73
C HIS B 560 -9.92 7.35 46.69
N PRO B 561 -9.53 6.15 47.13
CA PRO B 561 -8.10 5.81 47.18
C PRO B 561 -7.46 5.67 45.81
N LEU B 562 -8.04 4.83 44.95
CA LEU B 562 -7.40 4.53 43.67
C LEU B 562 -7.44 5.73 42.73
N GLN B 563 -8.47 6.57 42.83
CA GLN B 563 -8.54 7.76 41.99
C GLN B 563 -7.37 8.69 42.24
N ALA B 564 -6.69 8.54 43.38
CA ALA B 564 -5.53 9.36 43.70
C ALA B 564 -4.26 8.76 43.11
N LEU B 565 -4.08 7.44 43.24
CA LEU B 565 -2.92 6.80 42.63
C LEU B 565 -2.95 6.96 41.12
N PHE B 566 -4.14 6.90 40.52
CA PHE B 566 -4.24 7.07 39.07
C PHE B 566 -3.68 8.42 38.65
N ILE B 567 -4.11 9.50 39.31
CA ILE B 567 -3.64 10.83 38.94
C ILE B 567 -2.15 10.97 39.26
N TRP B 568 -1.70 10.37 40.36
CA TRP B 568 -0.27 10.35 40.65
C TRP B 568 0.50 9.79 39.47
N ALA B 569 0.11 8.61 39.00
CA ALA B 569 0.82 7.97 37.91
C ALA B 569 0.74 8.80 36.64
N ILE B 570 -0.43 9.37 36.35
CA ILE B 570 -0.63 10.03 35.06
C ILE B 570 0.08 11.37 35.01
N LEU B 571 0.30 12.02 36.16
CA LEU B 571 0.99 13.30 36.14
C LEU B 571 2.43 13.16 35.67
N GLN B 572 3.13 12.12 36.13
CA GLN B 572 4.54 11.93 35.82
C GLN B 572 4.76 11.20 34.51
N ASN B 573 3.74 11.07 33.66
CA ASN B 573 3.89 10.43 32.35
C ASN B 573 4.43 9.01 32.48
N LYS B 574 3.97 8.29 33.49
CA LYS B 574 4.38 6.90 33.71
C LYS B 574 3.44 5.99 32.94
N LYS B 575 3.91 5.52 31.78
CA LYS B 575 3.06 4.70 30.92
C LYS B 575 2.77 3.35 31.54
N GLU B 576 3.78 2.69 32.10
CA GLU B 576 3.64 1.32 32.57
C GLU B 576 3.08 1.21 33.98
N LEU B 577 2.93 2.33 34.69
CA LEU B 577 2.34 2.31 36.02
C LEU B 577 0.92 2.85 36.06
N SER B 578 0.53 3.66 35.07
CA SER B 578 -0.84 4.17 35.02
C SER B 578 -1.83 3.12 34.52
N LYS B 579 -1.40 2.25 33.61
CA LYS B 579 -2.32 1.28 33.03
C LYS B 579 -2.82 0.29 34.07
N VAL B 580 -1.94 -0.18 34.95
CA VAL B 580 -2.36 -1.12 35.99
C VAL B 580 -3.36 -0.46 36.93
N ILE B 581 -3.07 0.78 37.34
CA ILE B 581 -4.00 1.51 38.20
C ILE B 581 -5.34 1.67 37.51
N TRP B 582 -5.33 1.96 36.21
CA TRP B 582 -6.57 2.06 35.44
C TRP B 582 -7.33 0.74 35.48
N GLU B 583 -6.62 -0.37 35.27
CA GLU B 583 -7.28 -1.67 35.26
C GLU B 583 -7.93 -1.98 36.60
N GLN B 584 -7.24 -1.63 37.70
CA GLN B 584 -7.77 -1.96 39.02
C GLN B 584 -9.06 -1.19 39.31
N THR B 585 -9.15 0.06 38.88
CA THR B 585 -10.25 0.93 39.26
C THR B 585 -11.59 0.38 38.73
N LYS B 586 -12.66 1.01 39.21
CA LYS B 586 -14.02 0.74 38.76
C LYS B 586 -14.49 1.86 37.85
N GLY B 587 -15.44 1.53 36.97
CA GLY B 587 -15.94 2.53 36.04
C GLY B 587 -14.82 3.15 35.25
N CYS B 588 -14.11 2.33 34.48
CA CYS B 588 -12.81 2.75 33.97
C CYS B 588 -12.94 3.61 32.71
N THR B 589 -14.03 3.46 31.95
CA THR B 589 -14.20 4.33 30.80
C THR B 589 -14.24 5.79 31.22
N LEU B 590 -14.94 6.07 32.32
CA LEU B 590 -15.03 7.43 32.83
C LEU B 590 -13.66 7.96 33.21
N ALA B 591 -12.88 7.14 33.92
CA ALA B 591 -11.55 7.55 34.32
C ALA B 591 -10.66 7.78 33.10
N ALA B 592 -10.78 6.93 32.08
CA ALA B 592 -9.98 7.10 30.88
C ALA B 592 -10.31 8.40 30.18
N LEU B 593 -11.60 8.73 30.07
CA LEU B 593 -11.97 10.00 29.43
C LEU B 593 -11.43 11.18 30.22
N GLY B 594 -11.59 11.15 31.55
CA GLY B 594 -11.07 12.25 32.35
C GLY B 594 -9.57 12.41 32.21
N ALA B 595 -8.85 11.28 32.18
CA ALA B 595 -7.40 11.33 32.04
C ALA B 595 -7.01 11.86 30.66
N SER B 596 -7.76 11.50 29.62
CA SER B 596 -7.47 12.03 28.29
C SER B 596 -7.59 13.54 28.29
N LYS B 597 -8.69 14.06 28.86
CA LYS B 597 -8.85 15.51 28.91
C LYS B 597 -7.72 16.15 29.72
N LEU B 598 -7.40 15.57 30.87
CA LEU B 598 -6.38 16.14 31.73
C LEU B 598 -5.03 16.20 31.02
N LEU B 599 -4.65 15.13 30.32
CA LEU B 599 -3.41 15.14 29.57
C LEU B 599 -3.45 16.20 28.47
N LYS B 600 -4.57 16.30 27.75
CA LYS B 600 -4.67 17.32 26.71
C LYS B 600 -4.63 18.74 27.29
N THR B 601 -4.86 18.88 28.59
CA THR B 601 -4.91 20.22 29.19
C THR B 601 -3.60 20.97 28.99
N LEU B 602 -2.46 20.30 29.24
CA LEU B 602 -1.17 20.96 29.33
C LEU B 602 -0.33 20.82 28.06
N ALA B 603 -0.89 20.30 26.97
CA ALA B 603 -0.09 20.08 25.77
C ALA B 603 0.40 21.39 25.17
N LYS B 604 -0.37 22.48 25.34
CA LYS B 604 -0.10 23.71 24.61
C LYS B 604 1.21 24.39 25.04
N VAL B 605 1.62 24.23 26.29
CA VAL B 605 2.74 25.02 26.81
C VAL B 605 3.99 24.78 25.96
N LYS B 606 4.70 25.87 25.68
CA LYS B 606 5.88 25.85 24.84
C LYS B 606 7.19 25.86 25.63
N ASN B 607 7.12 25.75 26.97
CA ASN B 607 8.35 25.79 27.76
C ASN B 607 9.29 24.65 27.37
N ASP B 608 8.74 23.45 27.20
CA ASP B 608 9.52 22.30 26.75
C ASP B 608 8.77 21.62 25.60
N ILE B 609 9.48 21.39 24.50
CA ILE B 609 8.85 20.79 23.33
C ILE B 609 8.59 19.31 23.57
N ASN B 610 9.61 18.57 24.00
CA ASN B 610 9.46 17.14 24.23
C ASN B 610 8.48 16.87 25.36
N ALA B 611 8.57 17.65 26.45
CA ALA B 611 7.69 17.46 27.59
C ALA B 611 6.23 17.59 27.18
N ALA B 612 5.93 18.43 26.19
CA ALA B 612 4.56 18.57 25.71
C ALA B 612 4.20 17.47 24.73
N GLY B 613 5.12 17.13 23.81
CA GLY B 613 4.81 16.12 22.81
C GLY B 613 4.53 14.76 23.42
N GLU B 614 5.33 14.37 24.41
CA GLU B 614 5.15 13.06 25.04
C GLU B 614 3.79 12.99 25.75
N SER B 615 3.44 14.04 26.48
CA SER B 615 2.15 14.06 27.17
C SER B 615 1.00 14.02 26.17
N GLU B 616 1.15 14.75 25.05
CA GLU B 616 0.13 14.68 24.01
C GLU B 616 0.02 13.28 23.43
N GLU B 617 1.15 12.58 23.30
CA GLU B 617 1.11 11.20 22.82
C GLU B 617 0.26 10.34 23.73
N LEU B 618 0.51 10.43 25.05
CA LEU B 618 -0.29 9.63 25.98
C LEU B 618 -1.76 10.04 25.94
N ALA B 619 -2.01 11.35 25.80
CA ALA B 619 -3.38 11.83 25.71
C ALA B 619 -4.11 11.21 24.53
N ASN B 620 -3.45 11.18 23.37
CA ASN B 620 -4.02 10.50 22.21
C ASN B 620 -4.23 9.03 22.49
N GLU B 621 -3.30 8.41 23.21
CA GLU B 621 -3.38 6.97 23.46
C GLU B 621 -4.66 6.63 24.23
N TYR B 622 -4.96 7.39 25.28
CA TYR B 622 -6.07 6.98 26.15
C TYR B 622 -7.43 7.03 25.44
N GLU B 623 -7.59 7.93 24.47
CA GLU B 623 -8.88 8.08 23.82
C GLU B 623 -9.28 6.80 23.09
N THR B 624 -8.33 6.17 22.39
CA THR B 624 -8.62 4.94 21.67
C THR B 624 -9.05 3.85 22.64
N ARG B 625 -8.36 3.75 23.78
CA ARG B 625 -8.74 2.76 24.78
C ARG B 625 -10.18 2.96 25.22
N ALA B 626 -10.54 4.20 25.56
CA ALA B 626 -11.89 4.47 26.03
C ALA B 626 -12.92 4.12 24.95
N VAL B 627 -12.65 4.55 23.71
CA VAL B 627 -13.62 4.33 22.63
C VAL B 627 -13.80 2.84 22.38
N GLU B 628 -12.70 2.09 22.31
CA GLU B 628 -12.80 0.65 22.07
C GLU B 628 -13.54 -0.04 23.20
N LEU B 629 -13.26 0.36 24.44
CA LEU B 629 -13.96 -0.24 25.57
C LEU B 629 -15.45 -0.02 25.46
N PHE B 630 -15.87 1.20 25.17
CA PHE B 630 -17.32 1.46 25.09
C PHE B 630 -17.94 0.73 23.91
N THR B 631 -17.25 0.69 22.77
CA THR B 631 -17.81 -0.01 21.61
C THR B 631 -18.01 -1.48 21.91
N GLU B 632 -17.03 -2.12 22.57
CA GLU B 632 -17.18 -3.52 22.94
C GLU B 632 -18.31 -3.68 23.96
N CYS B 633 -18.43 -2.74 24.90
CA CYS B 633 -19.45 -2.85 25.94
C CYS B 633 -20.85 -2.74 25.35
N TYR B 634 -21.04 -1.87 24.35
CA TYR B 634 -22.37 -1.61 23.82
C TYR B 634 -22.86 -2.74 22.93
N SER B 635 -21.94 -3.49 22.31
CA SER B 635 -22.34 -4.51 21.35
C SER B 635 -23.07 -5.68 21.98
N ASN B 636 -23.07 -5.79 23.31
CA ASN B 636 -23.71 -6.91 23.99
C ASN B 636 -25.10 -6.57 24.51
N ASP B 637 -25.23 -5.46 25.25
CA ASP B 637 -26.50 -5.09 25.85
C ASP B 637 -26.72 -3.60 25.65
N GLU B 638 -27.76 -3.25 24.90
CA GLU B 638 -28.06 -1.85 24.64
C GLU B 638 -28.55 -1.14 25.90
N ASP B 639 -29.51 -1.75 26.61
CA ASP B 639 -30.10 -1.09 27.76
C ASP B 639 -29.05 -0.81 28.83
N LEU B 640 -28.21 -1.80 29.12
CA LEU B 640 -27.21 -1.60 30.17
C LEU B 640 -26.16 -0.58 29.76
N ALA B 641 -25.79 -0.53 28.48
CA ALA B 641 -24.86 0.49 28.02
C ALA B 641 -25.45 1.89 28.14
N GLU B 642 -26.70 2.05 27.74
CA GLU B 642 -27.36 3.34 27.88
C GLU B 642 -27.46 3.73 29.35
N GLN B 643 -27.72 2.76 30.23
CA GLN B 643 -27.76 3.05 31.66
C GLN B 643 -26.38 3.46 32.17
N LEU B 644 -25.33 2.80 31.67
CA LEU B 644 -23.97 3.15 32.06
C LEU B 644 -23.65 4.58 31.66
N LEU B 645 -24.11 5.01 30.49
CA LEU B 645 -23.72 6.32 29.97
C LEU B 645 -24.29 7.48 30.77
N VAL B 646 -25.34 7.25 31.57
CA VAL B 646 -25.99 8.30 32.34
C VAL B 646 -25.74 8.15 33.83
N TYR B 647 -24.76 7.33 34.22
CA TYR B 647 -24.46 7.17 35.63
C TYR B 647 -24.13 8.52 36.26
N SER B 648 -24.71 8.77 37.43
CA SER B 648 -24.46 10.02 38.17
C SER B 648 -23.10 9.92 38.84
N CYS B 649 -22.17 10.77 38.41
CA CYS B 649 -20.82 10.73 38.96
C CYS B 649 -20.84 11.02 40.45
N GLU B 650 -20.12 10.21 41.22
CA GLU B 650 -19.97 10.43 42.66
C GLU B 650 -18.74 11.29 42.94
N ALA B 651 -18.68 12.45 42.27
CA ALA B 651 -17.63 13.44 42.48
C ALA B 651 -16.28 12.94 42.01
N TRP B 652 -16.27 12.11 40.95
CA TRP B 652 -15.01 11.82 40.29
C TRP B 652 -14.39 13.09 39.73
N GLY B 653 -15.19 13.86 38.98
CA GLY B 653 -14.80 15.18 38.55
C GLY B 653 -15.99 16.13 38.54
N GLY B 654 -17.10 15.70 39.12
CA GLY B 654 -18.30 16.50 39.13
C GLY B 654 -19.06 16.54 37.82
N SER B 655 -18.86 15.54 36.96
CA SER B 655 -19.51 15.51 35.66
C SER B 655 -19.70 14.06 35.22
N ASN B 656 -20.62 13.87 34.28
CA ASN B 656 -20.93 12.54 33.76
C ASN B 656 -19.92 12.13 32.70
N CYS B 657 -20.03 10.87 32.25
CA CYS B 657 -19.16 10.37 31.19
C CYS B 657 -19.35 11.18 29.91
N LEU B 658 -20.62 11.36 29.51
CA LEU B 658 -20.92 12.13 28.31
C LEU B 658 -20.49 13.58 28.47
N GLU B 659 -20.70 14.15 29.66
CA GLU B 659 -20.28 15.52 29.91
C GLU B 659 -18.77 15.67 29.74
N LEU B 660 -18.01 14.74 30.31
CA LEU B 660 -16.56 14.79 30.16
C LEU B 660 -16.15 14.65 28.71
N ALA B 661 -16.80 13.76 27.97
CA ALA B 661 -16.49 13.62 26.55
C ALA B 661 -16.72 14.93 25.81
N VAL B 662 -17.84 15.59 26.07
CA VAL B 662 -18.15 16.82 25.35
C VAL B 662 -17.27 17.99 25.81
N GLU B 663 -16.68 17.90 27.01
CA GLU B 663 -15.88 19.02 27.49
C GLU B 663 -14.78 19.39 26.52
N ALA B 664 -14.07 18.40 25.99
CA ALA B 664 -12.83 18.62 25.25
C ALA B 664 -12.93 18.20 23.78
N THR B 665 -14.14 18.19 23.23
CA THR B 665 -14.33 18.04 21.79
C THR B 665 -13.64 16.79 21.24
N ASP B 666 -13.85 15.66 21.91
CA ASP B 666 -13.42 14.37 21.36
C ASP B 666 -14.57 13.86 20.49
N GLN B 667 -14.65 14.43 19.29
CA GLN B 667 -15.77 14.18 18.40
C GLN B 667 -15.86 12.71 17.99
N HIS B 668 -14.75 11.99 18.00
CA HIS B 668 -14.78 10.59 17.59
C HIS B 668 -15.66 9.76 18.51
N PHE B 669 -15.55 9.99 19.82
CA PHE B 669 -16.31 9.19 20.78
C PHE B 669 -17.81 9.38 20.57
N ILE B 670 -18.26 10.63 20.43
CA ILE B 670 -19.68 10.89 20.27
C ILE B 670 -20.15 10.43 18.89
N ALA B 671 -19.35 10.66 17.85
CA ALA B 671 -19.77 10.30 16.51
C ALA B 671 -19.97 8.80 16.35
N GLN B 672 -19.39 7.99 17.24
CA GLN B 672 -19.53 6.55 17.12
C GLN B 672 -21.00 6.15 17.22
N PRO B 673 -21.44 5.15 16.45
CA PRO B 673 -22.88 4.82 16.38
C PRO B 673 -23.66 4.89 17.68
N GLY B 674 -23.15 4.31 18.75
CA GLY B 674 -23.93 4.17 19.98
C GLY B 674 -24.54 5.43 20.52
N VAL B 675 -23.70 6.45 20.77
CA VAL B 675 -24.22 7.70 21.32
C VAL B 675 -25.15 8.37 20.32
N GLN B 676 -24.86 8.23 19.04
CA GLN B 676 -25.73 8.82 18.02
C GLN B 676 -27.13 8.21 18.08
N ASN B 677 -27.21 6.89 18.20
CA ASN B 677 -28.50 6.22 18.30
C ASN B 677 -29.21 6.62 19.58
N PHE B 678 -28.46 6.74 20.69
CA PHE B 678 -29.06 7.19 21.94
C PHE B 678 -29.68 8.57 21.76
N LEU B 679 -28.95 9.48 21.10
CA LEU B 679 -29.47 10.83 20.89
C LEU B 679 -30.70 10.82 19.98
N SER B 680 -30.69 9.99 18.95
CA SER B 680 -31.85 9.90 18.07
C SER B 680 -33.08 9.43 18.84
N LYS B 681 -32.94 8.35 19.61
CA LYS B 681 -34.05 7.87 20.41
C LYS B 681 -34.53 8.94 21.39
N GLN B 682 -33.58 9.66 21.98
CA GLN B 682 -33.95 10.73 22.92
C GLN B 682 -34.75 11.82 22.21
N TRP B 683 -34.33 12.20 21.00
CA TRP B 683 -34.96 13.31 20.31
C TRP B 683 -36.37 12.95 19.87
N TYR B 684 -36.55 11.80 19.25
CA TYR B 684 -37.85 11.47 18.68
C TYR B 684 -38.93 11.41 19.77
N GLY B 685 -38.63 10.78 20.89
CA GLY B 685 -39.59 10.68 21.97
C GLY B 685 -40.44 9.43 21.87
N GLU B 686 -41.74 9.56 22.14
CA GLU B 686 -42.63 8.39 22.11
C GLU B 686 -42.73 7.80 20.70
N ILE B 687 -42.76 8.67 19.68
CA ILE B 687 -42.99 8.19 18.33
C ILE B 687 -41.88 7.23 17.93
N SER B 688 -42.24 6.21 17.16
CA SER B 688 -41.27 5.24 16.68
C SER B 688 -40.33 5.88 15.66
N ARG B 689 -39.14 5.29 15.52
CA ARG B 689 -38.13 5.78 14.60
C ARG B 689 -38.32 5.25 13.19
N ASP B 690 -39.52 4.75 12.86
CA ASP B 690 -39.86 4.30 11.52
C ASP B 690 -41.20 4.87 11.09
N THR B 691 -41.41 6.16 11.33
CA THR B 691 -42.66 6.84 11.02
C THR B 691 -42.71 7.36 9.60
N LYS B 692 -41.73 7.02 8.76
CA LYS B 692 -41.63 7.42 7.36
C LYS B 692 -41.11 8.85 7.21
N ASN B 693 -40.81 9.55 8.31
CA ASN B 693 -40.17 10.86 8.35
C ASN B 693 -40.97 11.97 7.68
N TRP B 694 -42.18 11.69 7.17
CA TRP B 694 -43.05 12.73 6.63
C TRP B 694 -44.49 12.64 7.10
N LYS B 695 -44.94 11.50 7.61
CA LYS B 695 -46.33 11.38 8.05
C LYS B 695 -46.61 12.28 9.24
N ILE B 696 -45.64 12.39 10.16
CA ILE B 696 -45.84 13.21 11.36
C ILE B 696 -46.05 14.67 10.98
N ILE B 697 -45.28 15.16 10.00
CA ILE B 697 -45.45 16.54 9.55
C ILE B 697 -46.85 16.75 9.00
N LEU B 698 -47.33 15.80 8.20
CA LEU B 698 -48.69 15.90 7.67
C LEU B 698 -49.71 15.93 8.80
N CYS B 699 -49.54 15.05 9.79
CA CYS B 699 -50.49 15.00 10.89
C CYS B 699 -50.46 16.27 11.73
N LEU B 700 -49.32 16.97 11.75
CA LEU B 700 -49.19 18.17 12.56
C LEU B 700 -50.23 19.21 12.15
N PHE B 701 -50.38 19.45 10.84
CA PHE B 701 -51.33 20.46 10.39
C PHE B 701 -52.75 20.07 10.72
N ILE B 702 -53.10 18.79 10.56
CA ILE B 702 -54.44 18.29 10.76
C ILE B 702 -54.49 17.69 12.16
N ILE B 703 -54.95 18.47 13.14
CA ILE B 703 -55.07 17.97 14.50
C ILE B 703 -56.03 16.78 14.59
N PRO B 704 -57.22 16.83 13.98
CA PRO B 704 -58.15 15.69 14.11
C PRO B 704 -57.59 14.38 13.59
N LEU B 705 -56.65 14.43 12.65
CA LEU B 705 -56.12 13.22 12.04
C LEU B 705 -55.31 12.38 13.03
N VAL B 706 -54.99 12.92 14.20
CA VAL B 706 -54.22 12.15 15.18
C VAL B 706 -54.97 10.88 15.55
N GLY B 707 -56.30 10.96 15.65
CA GLY B 707 -57.11 9.82 15.99
C GLY B 707 -56.73 8.57 15.24
N CYS B 708 -56.87 8.60 13.92
CA CYS B 708 -56.47 7.46 13.10
C CYS B 708 -54.99 7.16 13.28
N GLY B 709 -54.65 5.89 13.43
CA GLY B 709 -53.27 5.52 13.69
C GLY B 709 -52.41 5.42 12.44
N LEU B 710 -52.26 6.55 11.74
CA LEU B 710 -51.34 6.59 10.61
C LEU B 710 -49.89 6.47 11.06
N VAL B 711 -49.55 7.08 12.19
CA VAL B 711 -48.20 7.05 12.71
C VAL B 711 -48.06 5.91 13.71
N SER B 712 -46.88 5.29 13.72
CA SER B 712 -46.57 4.23 14.67
C SER B 712 -46.26 4.88 16.03
N PHE B 713 -47.34 5.36 16.65
CA PHE B 713 -47.20 6.14 17.88
C PHE B 713 -46.56 5.33 18.99
N ARG B 714 -46.92 4.05 19.09
CA ARG B 714 -46.43 3.22 20.18
C ARG B 714 -44.91 3.20 20.19
N LYS B 715 -44.32 3.39 21.36
CA LYS B 715 -42.87 3.38 21.51
C LYS B 715 -42.32 1.98 21.29
N LEU B 725 -57.63 12.71 25.33
CA LEU B 725 -57.03 11.39 25.20
C LEU B 725 -55.57 11.42 25.61
N TRP B 726 -54.96 10.23 25.68
CA TRP B 726 -53.55 10.14 26.07
C TRP B 726 -52.64 10.75 25.01
N TYR B 727 -52.97 10.55 23.73
CA TYR B 727 -52.06 10.98 22.67
C TYR B 727 -51.86 12.49 22.69
N TYR B 728 -52.94 13.25 22.87
CA TYR B 728 -52.88 14.70 22.66
C TYR B 728 -52.02 15.41 23.70
N VAL B 729 -51.66 14.75 24.80
CA VAL B 729 -50.71 15.32 25.75
C VAL B 729 -49.32 14.72 25.58
N ALA B 730 -49.18 13.63 24.84
CA ALA B 730 -47.88 13.06 24.52
C ALA B 730 -47.36 13.55 23.18
N PHE B 731 -48.22 13.62 22.16
CA PHE B 731 -47.79 14.08 20.84
C PHE B 731 -47.26 15.51 20.90
N PHE B 732 -47.96 16.39 21.62
CA PHE B 732 -47.58 17.79 21.70
C PHE B 732 -46.44 18.04 22.68
N THR B 733 -46.03 17.04 23.45
CA THR B 733 -44.85 17.15 24.29
C THR B 733 -43.59 16.65 23.61
N SER B 734 -43.71 16.11 22.40
CA SER B 734 -42.54 15.64 21.68
C SER B 734 -41.74 16.85 21.18
N PRO B 735 -40.43 16.92 21.46
CA PRO B 735 -39.66 18.11 21.05
C PRO B 735 -39.64 18.31 19.54
N PHE B 736 -39.69 17.25 18.76
CA PHE B 736 -39.68 17.38 17.31
C PHE B 736 -40.88 18.21 16.82
N VAL B 737 -42.07 17.87 17.30
CA VAL B 737 -43.28 18.58 16.91
C VAL B 737 -43.20 20.03 17.36
N VAL B 738 -42.73 20.27 18.58
CA VAL B 738 -42.61 21.63 19.08
C VAL B 738 -41.68 22.44 18.20
N PHE B 739 -40.55 21.85 17.79
CA PHE B 739 -39.61 22.56 16.94
C PHE B 739 -40.23 22.91 15.60
N SER B 740 -40.92 21.95 14.97
CA SER B 740 -41.53 22.22 13.67
C SER B 740 -42.60 23.30 13.78
N TRP B 741 -43.43 23.22 14.82
CA TRP B 741 -44.47 24.21 15.05
C TRP B 741 -43.89 25.58 15.34
N ASN B 742 -42.76 25.64 16.04
CA ASN B 742 -42.09 26.92 16.27
C ASN B 742 -41.56 27.50 14.98
N VAL B 743 -41.00 26.64 14.11
CA VAL B 743 -40.50 27.14 12.82
C VAL B 743 -41.64 27.74 12.01
N VAL B 744 -42.78 27.04 11.97
CA VAL B 744 -43.94 27.56 11.24
C VAL B 744 -44.38 28.89 11.80
N PHE B 745 -44.44 29.00 13.13
CA PHE B 745 -44.86 30.24 13.77
C PHE B 745 -43.88 31.37 13.44
N TYR B 746 -42.59 31.08 13.45
CA TYR B 746 -41.58 32.08 13.13
C TYR B 746 -41.77 32.60 11.70
N ILE B 747 -42.03 31.70 10.75
CA ILE B 747 -42.24 32.14 9.38
C ILE B 747 -43.48 33.02 9.28
N ALA B 748 -44.56 32.64 9.96
CA ALA B 748 -45.77 33.46 9.94
C ALA B 748 -45.50 34.84 10.53
N PHE B 749 -44.76 34.88 11.64
CA PHE B 749 -44.41 36.15 12.25
C PHE B 749 -43.59 37.01 11.30
N LEU B 750 -42.68 36.39 10.56
CA LEU B 750 -41.87 37.14 9.60
C LEU B 750 -42.75 37.75 8.52
N LEU B 751 -43.69 36.98 7.99
CA LEU B 751 -44.59 37.50 6.97
C LEU B 751 -45.39 38.68 7.51
N LEU B 752 -45.95 38.53 8.71
CA LEU B 752 -46.73 39.61 9.29
C LEU B 752 -45.88 40.85 9.51
N PHE B 753 -44.65 40.66 9.99
CA PHE B 753 -43.75 41.79 10.22
C PHE B 753 -43.49 42.53 8.92
N ALA B 754 -43.19 41.80 7.85
CA ALA B 754 -42.95 42.45 6.57
C ALA B 754 -44.16 43.24 6.11
N TYR B 755 -45.35 42.62 6.17
CA TYR B 755 -46.56 43.29 5.71
C TYR B 755 -46.80 44.57 6.50
N VAL B 756 -46.66 44.51 7.82
CA VAL B 756 -46.83 45.70 8.64
C VAL B 756 -45.78 46.75 8.28
N LEU B 757 -44.55 46.30 8.02
CA LEU B 757 -43.46 47.24 7.83
C LEU B 757 -43.64 48.06 6.56
N LEU B 758 -43.94 47.41 5.43
CA LEU B 758 -43.94 48.12 4.16
C LEU B 758 -45.32 48.40 3.60
N MET B 759 -46.27 47.48 3.74
CA MET B 759 -47.58 47.71 3.14
C MET B 759 -48.41 48.72 3.93
N ASP B 760 -48.40 48.63 5.26
CA ASP B 760 -49.28 49.43 6.11
C ASP B 760 -48.48 49.99 7.28
N PHE B 761 -48.08 51.25 7.16
CA PHE B 761 -47.39 51.96 8.22
C PHE B 761 -47.94 53.38 8.31
N HIS B 762 -48.42 53.76 9.48
CA HIS B 762 -49.04 55.06 9.68
C HIS B 762 -48.47 55.71 10.92
N SER B 763 -48.85 56.98 11.12
CA SER B 763 -48.35 57.73 12.26
C SER B 763 -48.75 57.08 13.58
N VAL B 764 -50.00 56.63 13.68
CA VAL B 764 -50.54 55.99 14.87
C VAL B 764 -50.62 54.50 14.61
N PRO B 765 -50.09 53.65 15.49
CA PRO B 765 -50.11 52.21 15.22
C PRO B 765 -51.53 51.65 15.19
N HIS B 766 -51.70 50.61 14.38
CA HIS B 766 -52.96 49.88 14.27
C HIS B 766 -52.82 48.51 14.93
N THR B 767 -53.88 47.71 14.83
CA THR B 767 -53.90 46.43 15.53
C THR B 767 -52.76 45.50 15.12
N PRO B 768 -52.39 45.37 13.84
CA PRO B 768 -51.28 44.47 13.51
C PRO B 768 -49.99 44.84 14.22
N GLU B 769 -49.74 46.14 14.37
CA GLU B 769 -48.57 46.58 15.11
C GLU B 769 -48.62 46.08 16.55
N LEU B 770 -49.80 46.15 17.17
CA LEU B 770 -49.93 45.69 18.55
C LEU B 770 -49.69 44.19 18.66
N ILE B 771 -50.21 43.41 17.71
CA ILE B 771 -49.98 41.97 17.71
C ILE B 771 -48.49 41.68 17.58
N LEU B 772 -47.83 42.38 16.66
CA LEU B 772 -46.40 42.18 16.47
C LEU B 772 -45.62 42.55 17.73
N TYR B 773 -46.03 43.62 18.41
CA TYR B 773 -45.41 44.00 19.66
C TYR B 773 -45.56 42.90 20.71
N ALA B 774 -46.76 42.31 20.79
CA ALA B 774 -46.96 41.22 21.75
C ALA B 774 -46.02 40.05 21.46
N LEU B 775 -45.92 39.66 20.18
CA LEU B 775 -45.07 38.52 19.85
C LEU B 775 -43.61 38.80 20.18
N VAL B 776 -43.12 40.00 19.82
CA VAL B 776 -41.74 40.32 20.14
C VAL B 776 -41.53 40.38 21.64
N PHE B 777 -42.56 40.78 22.39
CA PHE B 777 -42.46 40.77 23.84
C PHE B 777 -42.27 39.36 24.38
N VAL B 778 -43.01 38.41 23.82
CA VAL B 778 -42.85 37.02 24.26
C VAL B 778 -41.44 36.52 23.93
N LEU B 779 -40.94 36.87 22.74
CA LEU B 779 -39.58 36.48 22.38
C LEU B 779 -38.58 37.06 23.37
N PHE B 780 -38.78 38.32 23.76
CA PHE B 780 -37.89 38.95 24.75
C PHE B 780 -37.93 38.24 26.09
N CYS B 781 -39.13 37.84 26.52
CA CYS B 781 -39.24 37.12 27.80
C CYS B 781 -38.47 35.81 27.76
N ASP B 782 -38.61 35.07 26.66
CA ASP B 782 -37.84 33.82 26.52
C ASP B 782 -36.34 34.11 26.47
N GLU B 783 -35.96 35.22 25.86
CA GLU B 783 -34.54 35.59 25.82
C GLU B 783 -34.01 35.84 27.23
N VAL B 784 -34.81 36.51 28.06
CA VAL B 784 -34.37 36.74 29.44
C VAL B 784 -34.29 35.42 30.21
N ARG B 785 -35.21 34.49 29.94
CA ARG B 785 -35.10 33.17 30.55
C ARG B 785 -33.76 32.53 30.21
N GLN B 786 -33.41 32.53 28.92
CA GLN B 786 -32.16 31.92 28.50
C GLN B 786 -30.97 32.66 29.10
N TRP B 787 -31.05 33.99 29.17
CA TRP B 787 -30.03 34.76 29.87
C TRP B 787 -29.84 34.28 31.30
N TYR B 788 -30.94 34.01 31.99
CA TYR B 788 -30.86 33.63 33.40
C TYR B 788 -30.20 32.26 33.55
N MET B 789 -30.66 31.26 32.80
CA MET B 789 -30.17 29.91 33.03
C MET B 789 -28.68 29.79 32.74
N ASN B 790 -28.14 30.61 31.84
CA ASN B 790 -26.70 30.70 31.63
C ASN B 790 -26.14 31.94 32.31
N GLY B 791 -24.82 32.02 32.37
CA GLY B 791 -24.15 33.13 33.01
C GLY B 791 -23.71 34.21 32.05
N VAL B 792 -22.39 34.39 31.91
CA VAL B 792 -21.83 35.34 30.95
C VAL B 792 -21.16 34.64 29.78
N ASN B 793 -20.95 33.33 29.85
CA ASN B 793 -20.49 32.58 28.68
C ASN B 793 -21.54 32.52 27.59
N TYR B 794 -22.78 32.90 27.90
CA TYR B 794 -23.83 32.96 26.89
C TYR B 794 -23.48 33.91 25.75
N PHE B 795 -22.60 34.88 26.00
CA PHE B 795 -22.20 35.84 24.99
C PHE B 795 -20.95 35.41 24.23
N THR B 796 -20.43 34.21 24.49
CA THR B 796 -19.20 33.78 23.83
C THR B 796 -19.37 33.70 22.32
N ASP B 797 -20.50 33.15 21.87
CA ASP B 797 -20.73 32.97 20.44
C ASP B 797 -21.37 34.22 19.85
N LEU B 798 -21.68 34.16 18.55
CA LEU B 798 -22.14 35.33 17.81
C LEU B 798 -23.65 35.40 17.64
N TRP B 799 -24.31 34.26 17.41
CA TRP B 799 -25.72 34.29 17.08
C TRP B 799 -26.56 34.86 18.22
N ASN B 800 -26.21 34.52 19.46
CA ASN B 800 -26.93 35.08 20.60
C ASN B 800 -26.73 36.60 20.66
N VAL B 801 -25.52 37.07 20.38
CA VAL B 801 -25.27 38.50 20.32
C VAL B 801 -26.14 39.15 19.26
N MET B 802 -26.27 38.51 18.11
CA MET B 802 -27.09 39.06 17.04
C MET B 802 -28.55 39.13 17.44
N ASP B 803 -29.04 38.10 18.12
CA ASP B 803 -30.42 38.11 18.59
C ASP B 803 -30.65 39.25 19.58
N THR B 804 -29.71 39.42 20.52
CA THR B 804 -29.81 40.51 21.47
C THR B 804 -29.83 41.86 20.76
N LEU B 805 -28.95 42.02 19.76
CA LEU B 805 -28.92 43.27 19.00
C LEU B 805 -30.24 43.51 18.28
N GLY B 806 -30.82 42.45 17.71
CA GLY B 806 -32.11 42.59 17.06
C GLY B 806 -33.17 43.09 18.01
N LEU B 807 -33.23 42.51 19.21
CA LEU B 807 -34.22 42.95 20.18
C LEU B 807 -34.00 44.41 20.58
N PHE B 808 -32.74 44.78 20.80
CA PHE B 808 -32.45 46.17 21.21
C PHE B 808 -32.80 47.14 20.09
N TYR B 809 -32.49 46.80 18.84
CA TYR B 809 -32.88 47.65 17.73
C TYR B 809 -34.39 47.78 17.65
N PHE B 810 -35.11 46.68 17.87
CA PHE B 810 -36.57 46.74 17.80
C PHE B 810 -37.13 47.68 18.87
N ILE B 811 -36.63 47.56 20.09
CA ILE B 811 -37.16 48.42 21.16
C ILE B 811 -36.79 49.87 20.91
N ALA B 812 -35.59 50.12 20.37
CA ALA B 812 -35.23 51.48 20.00
C ALA B 812 -36.17 52.04 18.95
N GLY B 813 -36.53 51.23 17.96
CA GLY B 813 -37.49 51.66 16.97
C GLY B 813 -38.85 51.96 17.58
N ILE B 814 -39.29 51.11 18.51
CA ILE B 814 -40.55 51.37 19.21
C ILE B 814 -40.50 52.73 19.88
N VAL B 815 -39.39 53.03 20.55
CA VAL B 815 -39.26 54.32 21.22
C VAL B 815 -39.32 55.45 20.19
N PHE B 816 -38.61 55.28 19.07
CA PHE B 816 -38.52 56.36 18.09
C PHE B 816 -39.89 56.68 17.47
N ARG B 817 -40.66 55.65 17.11
CA ARG B 817 -41.81 55.88 16.26
C ARG B 817 -42.96 56.57 16.98
N LEU B 818 -42.95 56.59 18.32
CA LEU B 818 -44.13 57.07 19.04
C LEU B 818 -44.28 58.59 18.98
N HIS B 819 -43.23 59.32 18.63
CA HIS B 819 -43.30 60.79 18.54
C HIS B 819 -44.01 61.16 17.25
N SER B 820 -45.35 61.15 17.31
CA SER B 820 -46.15 61.46 16.15
C SER B 820 -46.07 62.93 15.76
N SER B 821 -45.64 63.80 16.67
CA SER B 821 -45.58 65.23 16.36
C SER B 821 -44.59 65.50 15.24
N ASN B 822 -43.44 64.84 15.26
CA ASN B 822 -42.39 65.05 14.27
C ASN B 822 -42.53 64.01 13.16
N LYS B 823 -42.64 64.48 11.92
CA LYS B 823 -42.74 63.55 10.79
C LYS B 823 -41.41 62.85 10.54
N SER B 824 -40.28 63.52 10.81
CA SER B 824 -38.98 62.94 10.52
C SER B 824 -38.71 61.72 11.39
N SER B 825 -39.13 61.77 12.66
CA SER B 825 -38.88 60.65 13.56
C SER B 825 -39.55 59.37 13.05
N LEU B 826 -40.69 59.50 12.37
CA LEU B 826 -41.35 58.32 11.82
C LEU B 826 -40.48 57.65 10.76
N TYR B 827 -39.87 58.45 9.86
CA TYR B 827 -38.98 57.87 8.87
C TYR B 827 -37.78 57.22 9.53
N SER B 828 -37.21 57.87 10.54
CA SER B 828 -36.08 57.29 11.23
C SER B 828 -36.45 55.95 11.87
N GLY B 829 -37.63 55.88 12.50
CA GLY B 829 -38.07 54.63 13.09
C GLY B 829 -38.28 53.54 12.05
N ARG B 830 -38.85 53.90 10.91
CA ARG B 830 -39.02 52.92 9.85
C ARG B 830 -37.67 52.38 9.38
N VAL B 831 -36.67 53.25 9.26
CA VAL B 831 -35.34 52.80 8.88
C VAL B 831 -34.79 51.80 9.91
N ILE B 832 -34.95 52.13 11.20
CA ILE B 832 -34.48 51.24 12.25
C ILE B 832 -35.18 49.89 12.14
N PHE B 833 -36.49 49.91 11.88
CA PHE B 833 -37.24 48.67 11.73
C PHE B 833 -36.70 47.83 10.57
N CYS B 834 -36.39 48.48 9.45
CA CYS B 834 -35.88 47.73 8.30
C CYS B 834 -34.54 47.07 8.60
N LEU B 835 -33.63 47.80 9.26
CA LEU B 835 -32.36 47.19 9.62
C LEU B 835 -32.56 46.02 10.58
N ASP B 836 -33.47 46.19 11.54
CA ASP B 836 -33.76 45.10 12.46
C ASP B 836 -34.32 43.90 11.72
N TYR B 837 -35.13 44.14 10.70
CA TYR B 837 -35.66 43.05 9.88
C TYR B 837 -34.53 42.32 9.16
N ILE B 838 -33.56 43.06 8.63
CA ILE B 838 -32.42 42.41 8.00
C ILE B 838 -31.73 41.49 8.99
N ILE B 839 -31.51 41.96 10.22
CA ILE B 839 -30.86 41.11 11.21
C ILE B 839 -31.72 39.88 11.50
N PHE B 840 -33.03 40.07 11.64
CA PHE B 840 -33.92 38.97 11.98
C PHE B 840 -33.90 37.88 10.92
N THR B 841 -33.89 38.28 9.64
CA THR B 841 -34.11 37.29 8.57
C THR B 841 -32.99 36.26 8.51
N LEU B 842 -31.74 36.70 8.60
CA LEU B 842 -30.62 35.81 8.31
C LEU B 842 -30.49 34.68 9.33
N ARG B 843 -31.14 34.79 10.48
CA ARG B 843 -31.07 33.75 11.50
C ARG B 843 -31.73 32.44 11.05
N LEU B 844 -32.52 32.49 9.98
CA LEU B 844 -33.15 31.28 9.45
C LEU B 844 -32.11 30.26 9.01
N ILE B 845 -31.07 30.74 8.32
CA ILE B 845 -30.01 29.85 7.87
C ILE B 845 -29.38 29.16 9.06
N HIS B 846 -29.16 29.89 10.14
CA HIS B 846 -28.59 29.30 11.34
C HIS B 846 -29.52 28.24 11.93
N ILE B 847 -30.82 28.53 12.00
CA ILE B 847 -31.74 27.62 12.68
C ILE B 847 -32.00 26.39 11.82
N PHE B 848 -31.55 26.43 10.56
CA PHE B 848 -31.76 25.30 9.66
C PHE B 848 -30.51 24.42 9.52
N THR B 849 -29.78 24.20 10.61
CA THR B 849 -28.57 23.39 10.58
C THR B 849 -28.80 21.94 11.02
N VAL B 850 -30.05 21.54 11.27
CA VAL B 850 -30.35 20.20 11.74
C VAL B 850 -31.16 19.39 10.74
N SER B 851 -31.32 19.89 9.51
CA SER B 851 -32.15 19.18 8.54
C SER B 851 -31.55 17.85 8.14
N ARG B 852 -30.22 17.73 8.16
CA ARG B 852 -29.50 16.52 7.79
C ARG B 852 -29.54 16.29 6.29
N ASN B 853 -30.31 17.10 5.55
CA ASN B 853 -30.30 17.04 4.10
C ASN B 853 -29.39 18.09 3.50
N LEU B 854 -29.19 19.22 4.18
CA LEU B 854 -28.30 20.26 3.70
C LEU B 854 -27.46 20.92 4.80
N GLY B 855 -27.64 20.55 6.06
CA GLY B 855 -26.91 21.13 7.16
C GLY B 855 -25.41 20.89 7.15
N PRO B 856 -24.96 19.68 6.82
CA PRO B 856 -23.49 19.46 6.76
C PRO B 856 -22.81 20.41 5.80
N LYS B 857 -23.49 20.78 4.72
CA LYS B 857 -22.96 21.81 3.83
C LYS B 857 -22.89 23.15 4.52
N ILE B 858 -23.92 23.52 5.29
CA ILE B 858 -23.90 24.80 5.98
C ILE B 858 -22.74 24.86 6.94
N ILE B 859 -22.38 23.73 7.55
CA ILE B 859 -21.30 23.74 8.54
C ILE B 859 -19.99 24.17 7.89
N MET B 860 -19.74 23.71 6.65
CA MET B 860 -18.44 23.91 6.03
C MET B 860 -18.19 25.36 5.63
N LEU B 861 -19.23 26.21 5.61
CA LEU B 861 -19.03 27.60 5.20
C LEU B 861 -18.03 28.31 6.10
N GLN B 862 -17.93 27.88 7.37
CA GLN B 862 -17.07 28.59 8.32
C GLN B 862 -15.61 28.48 7.93
N ARG B 863 -15.22 27.41 7.24
CA ARG B 863 -13.82 27.16 6.93
C ARG B 863 -13.33 27.91 5.70
N MET B 864 -14.19 28.68 5.03
CA MET B 864 -13.83 29.35 3.78
C MET B 864 -13.60 30.84 3.95
N LEU B 865 -13.48 31.34 5.17
CA LEU B 865 -13.35 32.78 5.39
C LEU B 865 -11.97 33.31 5.04
N ILE B 866 -10.93 32.50 5.23
CA ILE B 866 -9.56 32.97 5.00
C ILE B 866 -9.36 33.30 3.52
N ASP B 867 -9.89 32.45 2.64
CA ASP B 867 -9.78 32.72 1.21
C ASP B 867 -10.45 34.04 0.85
N VAL B 868 -11.63 34.29 1.41
CA VAL B 868 -12.33 35.53 1.14
C VAL B 868 -11.50 36.72 1.58
N PHE B 869 -10.92 36.64 2.79
CA PHE B 869 -10.14 37.75 3.30
C PHE B 869 -8.90 38.01 2.45
N PHE B 870 -8.24 36.94 2.00
CA PHE B 870 -7.07 37.11 1.15
C PHE B 870 -7.44 37.79 -0.16
N PHE B 871 -8.53 37.34 -0.78
CA PHE B 871 -9.00 37.95 -2.01
C PHE B 871 -9.31 39.42 -1.81
N LEU B 872 -9.99 39.74 -0.69
CA LEU B 872 -10.34 41.13 -0.42
C LEU B 872 -9.11 42.00 -0.23
N PHE B 873 -8.09 41.47 0.45
CA PHE B 873 -6.85 42.22 0.64
C PHE B 873 -6.25 42.61 -0.70
N LEU B 874 -6.05 41.63 -1.58
CA LEU B 874 -5.45 41.91 -2.88
C LEU B 874 -6.31 42.90 -3.67
N PHE B 875 -7.63 42.68 -3.69
CA PHE B 875 -8.52 43.53 -4.45
C PHE B 875 -8.47 44.97 -3.95
N ALA B 876 -8.46 45.15 -2.63
CA ALA B 876 -8.40 46.50 -2.07
C ALA B 876 -7.13 47.21 -2.47
N VAL B 877 -5.99 46.51 -2.41
CA VAL B 877 -4.74 47.15 -2.78
C VAL B 877 -4.79 47.63 -4.23
N TRP B 878 -5.20 46.75 -5.13
CA TRP B 878 -5.24 47.13 -6.55
C TRP B 878 -6.20 48.29 -6.78
N MET B 879 -7.38 48.22 -6.14
CA MET B 879 -8.38 49.26 -6.30
C MET B 879 -7.83 50.61 -5.89
N VAL B 880 -7.21 50.66 -4.72
CA VAL B 880 -6.67 51.92 -4.22
C VAL B 880 -5.64 52.47 -5.20
N ALA B 881 -4.71 51.63 -5.64
CA ALA B 881 -3.66 52.11 -6.53
C ALA B 881 -4.26 52.75 -7.78
N PHE B 882 -5.09 52.00 -8.50
CA PHE B 882 -5.60 52.51 -9.78
C PHE B 882 -6.45 53.76 -9.57
N GLY B 883 -7.34 53.73 -8.58
CA GLY B 883 -8.22 54.88 -8.38
C GLY B 883 -7.45 56.14 -8.06
N VAL B 884 -6.48 56.04 -7.14
CA VAL B 884 -5.70 57.21 -6.77
C VAL B 884 -4.97 57.75 -8.00
N ALA B 885 -4.34 56.87 -8.76
CA ALA B 885 -3.56 57.34 -9.90
C ALA B 885 -4.45 58.07 -10.91
N ARG B 886 -5.59 57.46 -11.27
CA ARG B 886 -6.46 58.07 -12.27
C ARG B 886 -7.02 59.40 -11.77
N GLN B 887 -7.51 59.44 -10.54
CA GLN B 887 -8.08 60.68 -10.03
C GLN B 887 -7.03 61.78 -9.95
N GLY B 888 -5.81 61.42 -9.55
CA GLY B 888 -4.76 62.42 -9.46
C GLY B 888 -4.39 62.97 -10.81
N ILE B 889 -4.31 62.11 -11.82
CA ILE B 889 -3.85 62.61 -13.12
C ILE B 889 -4.94 63.35 -13.88
N LEU B 890 -6.23 63.14 -13.57
CA LEU B 890 -7.28 63.74 -14.39
C LEU B 890 -7.76 65.10 -13.89
N ARG B 891 -8.28 65.18 -12.67
CA ARG B 891 -9.17 66.28 -12.29
C ARG B 891 -8.54 67.27 -11.32
N GLN B 892 -7.22 67.32 -11.22
CA GLN B 892 -6.51 68.35 -10.45
C GLN B 892 -7.04 68.32 -9.01
N ASN B 893 -7.48 69.45 -8.44
CA ASN B 893 -7.90 69.51 -7.05
C ASN B 893 -9.41 69.56 -6.95
N GLU B 894 -9.95 68.81 -6.00
CA GLU B 894 -11.39 68.64 -5.85
C GLU B 894 -11.97 69.38 -4.65
N GLN B 895 -11.24 69.45 -3.54
CA GLN B 895 -11.68 70.20 -2.36
C GLN B 895 -13.02 69.73 -1.79
N ARG B 896 -13.45 68.51 -2.12
CA ARG B 896 -14.69 67.96 -1.59
C ARG B 896 -14.49 66.50 -1.23
N TRP B 897 -14.62 66.18 0.05
CA TRP B 897 -14.34 64.83 0.52
C TRP B 897 -15.30 63.81 -0.07
N ARG B 898 -16.59 64.16 -0.14
CA ARG B 898 -17.58 63.21 -0.63
C ARG B 898 -17.27 62.77 -2.05
N TRP B 899 -17.02 63.73 -2.94
CA TRP B 899 -16.81 63.38 -4.35
C TRP B 899 -15.47 62.67 -4.56
N ILE B 900 -14.44 63.08 -3.82
CA ILE B 900 -13.15 62.42 -3.96
C ILE B 900 -13.25 60.96 -3.50
N PHE B 901 -13.95 60.70 -2.40
CA PHE B 901 -14.16 59.32 -1.99
C PHE B 901 -15.05 58.56 -2.97
N ARG B 902 -16.01 59.25 -3.59
CA ARG B 902 -16.88 58.61 -4.57
C ARG B 902 -16.11 58.19 -5.81
N SER B 903 -15.14 58.99 -6.23
CA SER B 903 -14.39 58.68 -7.45
C SER B 903 -13.25 57.72 -7.20
N VAL B 904 -12.57 57.83 -6.05
CA VAL B 904 -11.37 57.06 -5.83
C VAL B 904 -11.69 55.58 -5.65
N ILE B 905 -12.77 55.27 -4.94
CA ILE B 905 -13.04 53.91 -4.46
C ILE B 905 -14.27 53.32 -5.14
N TYR B 906 -15.37 54.06 -5.19
CA TYR B 906 -16.65 53.46 -5.55
C TYR B 906 -16.64 52.94 -6.99
N GLU B 907 -16.22 53.77 -7.95
CA GLU B 907 -16.24 53.33 -9.36
C GLU B 907 -15.26 52.20 -9.62
N PRO B 908 -14.00 52.26 -9.21
CA PRO B 908 -13.11 51.10 -9.40
C PRO B 908 -13.67 49.85 -8.77
N TYR B 909 -14.34 49.96 -7.63
CA TYR B 909 -15.02 48.82 -7.04
C TYR B 909 -16.13 48.30 -7.95
N LEU B 910 -16.91 49.22 -8.52
CA LEU B 910 -17.97 48.84 -9.44
C LEU B 910 -17.42 48.11 -10.64
N ALA B 911 -16.15 48.33 -10.96
CA ALA B 911 -15.54 47.63 -12.08
C ALA B 911 -15.34 46.14 -11.82
N MET B 912 -15.53 45.68 -10.59
CA MET B 912 -15.26 44.27 -10.30
C MET B 912 -16.17 43.35 -11.09
N PHE B 913 -17.45 43.70 -11.19
CA PHE B 913 -18.43 42.88 -11.91
C PHE B 913 -19.02 43.70 -13.03
N GLY B 914 -18.70 43.31 -14.27
CA GLY B 914 -19.36 43.85 -15.43
C GLY B 914 -18.72 45.09 -16.03
N GLN B 915 -19.26 46.25 -15.71
CA GLN B 915 -19.01 47.45 -16.49
C GLN B 915 -17.56 47.92 -16.34
N VAL B 916 -17.13 48.69 -17.32
CA VAL B 916 -15.78 49.27 -17.34
C VAL B 916 -15.66 50.25 -16.18
N PRO B 917 -14.49 50.36 -15.53
CA PRO B 917 -14.39 51.29 -14.38
C PRO B 917 -14.80 52.71 -14.72
N SER B 918 -14.44 53.20 -15.90
CA SER B 918 -14.75 54.59 -16.23
C SER B 918 -14.77 54.77 -17.73
N ASP B 919 -15.73 55.56 -18.20
CA ASP B 919 -15.74 56.02 -19.58
C ASP B 919 -15.04 57.37 -19.76
N VAL B 920 -14.61 57.99 -18.65
CA VAL B 920 -13.93 59.27 -18.75
C VAL B 920 -12.56 59.12 -19.41
N ASP B 921 -11.94 57.95 -19.28
CA ASP B 921 -10.59 57.76 -19.80
C ASP B 921 -10.53 58.05 -21.29
N SER B 922 -11.50 57.55 -22.05
CA SER B 922 -11.57 57.88 -23.46
C SER B 922 -12.06 59.31 -23.64
N THR B 923 -11.42 60.04 -24.56
CA THR B 923 -11.69 61.46 -24.75
C THR B 923 -12.63 61.74 -25.92
N THR B 924 -12.99 60.72 -26.71
CA THR B 924 -13.87 60.96 -27.85
C THR B 924 -15.19 61.57 -27.40
N TYR B 925 -15.69 61.15 -26.24
CA TYR B 925 -16.91 61.70 -25.67
C TYR B 925 -16.59 62.25 -24.28
N ASP B 926 -17.09 63.46 -24.00
CA ASP B 926 -16.87 64.12 -22.73
C ASP B 926 -17.75 65.36 -22.69
N PHE B 927 -17.65 66.10 -21.59
CA PHE B 927 -18.38 67.36 -21.41
C PHE B 927 -19.88 67.12 -21.32
N SER B 928 -20.64 68.18 -21.08
CA SER B 928 -22.07 68.16 -20.77
C SER B 928 -22.34 67.67 -19.36
N HIS B 929 -21.31 67.24 -18.62
CA HIS B 929 -21.43 66.90 -17.22
C HIS B 929 -20.40 67.63 -16.37
N CYS B 930 -19.56 68.46 -16.96
CA CYS B 930 -18.56 69.20 -16.23
C CYS B 930 -19.21 70.25 -15.33
N THR B 931 -18.47 70.66 -14.29
CA THR B 931 -18.88 71.75 -13.42
C THR B 931 -17.62 72.46 -12.96
N PHE B 932 -17.28 73.56 -13.63
CA PHE B 932 -16.08 74.30 -13.27
C PHE B 932 -16.15 74.79 -11.84
N SER B 933 -17.31 75.29 -11.42
CA SER B 933 -17.55 75.64 -10.04
C SER B 933 -18.06 74.42 -9.27
N GLY B 934 -17.83 74.43 -7.96
CA GLY B 934 -18.27 73.36 -7.10
C GLY B 934 -19.70 73.46 -6.63
N ASN B 935 -20.44 74.46 -7.10
CA ASN B 935 -21.80 74.66 -6.63
C ASN B 935 -22.69 73.47 -6.98
N GLU B 936 -22.62 73.00 -8.22
CA GLU B 936 -23.45 71.91 -8.68
C GLU B 936 -22.95 70.58 -8.14
N SER B 937 -23.84 69.59 -8.12
CA SER B 937 -23.52 68.27 -7.60
C SER B 937 -23.14 67.34 -8.76
N LYS B 938 -21.99 67.62 -9.35
CA LYS B 938 -21.43 66.81 -10.41
C LYS B 938 -19.92 66.76 -10.24
N PRO B 939 -19.26 65.78 -10.87
CA PRO B 939 -17.81 65.68 -10.73
C PRO B 939 -17.10 66.92 -11.27
N LEU B 940 -15.97 67.24 -10.67
CA LEU B 940 -15.16 68.35 -11.15
C LEU B 940 -14.74 68.10 -12.58
N CYS B 941 -14.63 69.19 -13.36
CA CYS B 941 -14.41 69.06 -14.79
C CYS B 941 -13.07 68.40 -15.07
N VAL B 942 -13.01 67.69 -16.21
CA VAL B 942 -11.83 66.92 -16.55
C VAL B 942 -10.66 67.84 -16.85
N GLU B 943 -9.51 67.54 -16.26
CA GLU B 943 -8.25 68.11 -16.72
C GLU B 943 -8.18 69.58 -16.38
N LEU B 944 -7.03 70.18 -16.66
CA LEU B 944 -6.89 71.64 -16.62
C LEU B 944 -6.73 72.05 -18.07
N ASP B 945 -7.84 72.06 -18.78
CA ASP B 945 -7.82 72.13 -20.23
C ASP B 945 -7.09 73.38 -20.71
N GLU B 946 -6.21 73.20 -21.69
CA GLU B 946 -5.33 74.25 -22.19
C GLU B 946 -5.97 74.94 -23.40
N HIS B 947 -6.30 76.22 -23.22
CA HIS B 947 -7.04 77.01 -24.21
C HIS B 947 -8.16 76.19 -24.85
N ASN B 948 -8.98 75.60 -24.00
CA ASN B 948 -10.19 74.89 -24.42
C ASN B 948 -9.85 73.64 -25.24
N LEU B 949 -9.11 72.73 -24.60
CA LEU B 949 -8.94 71.38 -25.13
C LEU B 949 -8.47 70.49 -23.99
N PRO B 950 -8.95 69.25 -23.88
CA PRO B 950 -8.45 68.36 -22.83
C PRO B 950 -6.95 68.19 -22.91
N ARG B 951 -6.31 68.15 -21.74
CA ARG B 951 -4.85 68.14 -21.65
C ARG B 951 -4.26 66.76 -21.41
N PHE B 952 -5.00 65.86 -20.77
CA PHE B 952 -4.44 64.56 -20.43
C PHE B 952 -4.23 63.74 -21.70
N PRO B 953 -3.20 62.91 -21.75
CA PRO B 953 -2.98 62.04 -22.92
C PRO B 953 -3.82 60.77 -22.84
N GLU B 954 -3.90 60.09 -23.98
CA GLU B 954 -4.67 58.85 -24.07
C GLU B 954 -3.80 57.60 -24.04
N TRP B 955 -2.50 57.73 -24.22
CA TRP B 955 -1.63 56.57 -24.39
C TRP B 955 -1.14 56.00 -23.07
N ILE B 956 -1.55 56.56 -21.93
CA ILE B 956 -1.28 55.98 -20.62
C ILE B 956 -2.57 55.59 -19.91
N THR B 957 -3.64 56.38 -20.06
CA THR B 957 -4.88 56.09 -19.37
C THR B 957 -5.47 54.75 -19.82
N ILE B 958 -5.60 54.56 -21.14
CA ILE B 958 -6.25 53.36 -21.65
C ILE B 958 -5.49 52.10 -21.25
N PRO B 959 -4.17 52.01 -21.44
CA PRO B 959 -3.45 50.83 -20.94
C PRO B 959 -3.64 50.60 -19.46
N LEU B 960 -3.68 51.67 -18.67
CA LEU B 960 -3.94 51.53 -17.24
C LEU B 960 -5.25 50.81 -17.00
N VAL B 961 -6.32 51.26 -17.67
CA VAL B 961 -7.62 50.65 -17.50
C VAL B 961 -7.58 49.18 -17.92
N CYS B 962 -6.97 48.92 -19.06
CA CYS B 962 -6.93 47.54 -19.57
C CYS B 962 -6.23 46.62 -18.58
N ILE B 963 -5.06 47.03 -18.10
CA ILE B 963 -4.31 46.18 -17.18
C ILE B 963 -5.07 46.00 -15.86
N TYR B 964 -5.60 47.09 -15.31
CA TYR B 964 -6.32 47.00 -14.05
C TYR B 964 -7.50 46.05 -14.16
N MET B 965 -8.29 46.20 -15.23
CA MET B 965 -9.46 45.34 -15.38
C MET B 965 -9.04 43.89 -15.60
N LEU B 966 -8.00 43.67 -16.41
CA LEU B 966 -7.52 42.31 -16.63
C LEU B 966 -7.16 41.65 -15.30
N SER B 967 -6.39 42.34 -14.46
CA SER B 967 -5.94 41.73 -13.22
C SER B 967 -7.08 41.52 -12.24
N THR B 968 -7.92 42.55 -12.04
CA THR B 968 -8.92 42.48 -10.99
C THR B 968 -10.09 41.58 -11.37
N ASN B 969 -10.60 41.71 -12.59
CA ASN B 969 -11.91 41.14 -12.90
C ASN B 969 -11.87 39.62 -13.00
N ILE B 970 -10.88 39.07 -13.69
CA ILE B 970 -10.92 37.68 -14.12
C ILE B 970 -9.84 36.84 -13.44
N LEU B 971 -8.62 37.37 -13.29
CA LEU B 971 -7.56 36.59 -12.66
C LEU B 971 -7.87 36.32 -11.19
N LEU B 972 -8.20 37.38 -10.45
CA LEU B 972 -8.44 37.24 -9.01
C LEU B 972 -9.64 36.34 -8.75
N VAL B 973 -10.71 36.52 -9.51
CA VAL B 973 -11.92 35.72 -9.30
C VAL B 973 -11.66 34.25 -9.60
N ASN B 974 -10.94 33.97 -10.68
CA ASN B 974 -10.62 32.58 -11.00
C ASN B 974 -9.74 31.95 -9.92
N LEU B 975 -8.80 32.73 -9.38
CA LEU B 975 -7.99 32.21 -8.28
C LEU B 975 -8.87 31.91 -7.07
N LEU B 976 -9.86 32.78 -6.82
CA LEU B 976 -10.77 32.54 -5.71
C LEU B 976 -11.53 31.24 -5.88
N VAL B 977 -12.04 30.97 -7.09
CA VAL B 977 -12.80 29.75 -7.29
C VAL B 977 -11.90 28.52 -7.16
N ALA B 978 -10.66 28.62 -7.64
CA ALA B 978 -9.74 27.50 -7.47
C ALA B 978 -9.48 27.20 -5.99
N MET B 979 -9.24 28.26 -5.20
CA MET B 979 -9.02 28.06 -3.78
C MET B 979 -10.24 27.47 -3.10
N PHE B 980 -11.44 27.94 -3.46
CA PHE B 980 -12.65 27.37 -2.91
C PHE B 980 -12.75 25.89 -3.26
N GLY B 981 -12.43 25.52 -4.49
CA GLY B 981 -12.50 24.13 -4.89
C GLY B 981 -11.59 23.26 -4.04
N TYR B 982 -10.33 23.69 -3.87
CA TYR B 982 -9.41 22.90 -3.05
C TYR B 982 -9.92 22.78 -1.63
N THR B 983 -10.37 23.89 -1.05
CA THR B 983 -10.81 23.87 0.35
C THR B 983 -12.00 22.95 0.53
N VAL B 984 -12.97 23.00 -0.37
CA VAL B 984 -14.15 22.15 -0.23
C VAL B 984 -13.76 20.69 -0.41
N GLY B 985 -12.82 20.40 -1.32
CA GLY B 985 -12.42 19.03 -1.53
C GLY B 985 -11.72 18.42 -0.32
N ILE B 986 -10.84 19.19 0.32
CA ILE B 986 -9.96 18.60 1.33
C ILE B 986 -10.72 18.22 2.60
N VAL B 987 -11.67 19.04 3.03
CA VAL B 987 -12.23 18.91 4.39
C VAL B 987 -13.49 18.04 4.42
N GLN B 988 -13.72 17.27 3.36
CA GLN B 988 -14.99 16.57 3.23
C GLN B 988 -15.18 15.49 4.30
N GLU B 989 -14.17 14.65 4.49
CA GLU B 989 -14.33 13.48 5.35
C GLU B 989 -14.60 13.87 6.81
N ASN B 990 -13.92 14.91 7.29
CA ASN B 990 -14.11 15.37 8.67
C ASN B 990 -15.50 15.96 8.89
N ASN B 991 -16.09 16.50 7.82
CA ASN B 991 -17.35 17.24 7.89
C ASN B 991 -18.44 16.49 8.66
N ASP B 992 -18.65 15.22 8.34
CA ASP B 992 -19.75 14.46 8.93
C ASP B 992 -19.61 14.38 10.44
N GLN B 993 -18.41 14.07 10.92
CA GLN B 993 -18.17 13.99 12.36
C GLN B 993 -18.40 15.34 13.01
N VAL B 994 -17.92 16.41 12.38
CA VAL B 994 -18.12 17.74 12.95
C VAL B 994 -19.61 18.03 13.09
N TRP B 995 -20.38 17.70 12.05
CA TRP B 995 -21.81 17.99 12.07
C TRP B 995 -22.52 17.16 13.11
N LYS B 996 -22.10 15.91 13.30
CA LYS B 996 -22.71 15.08 14.33
C LYS B 996 -22.47 15.65 15.72
N PHE B 997 -21.26 16.19 15.95
CA PHE B 997 -21.00 16.85 17.22
C PHE B 997 -21.96 18.01 17.44
N GLN B 998 -22.12 18.85 16.42
CA GLN B 998 -23.07 19.95 16.55
C GLN B 998 -24.49 19.44 16.77
N ARG B 999 -24.81 18.30 16.15
CA ARG B 999 -26.14 17.71 16.31
C ARG B 999 -26.41 17.36 17.76
N TYR B 1000 -25.42 16.76 18.44
CA TYR B 1000 -25.60 16.50 19.86
C TYR B 1000 -25.77 17.79 20.64
N PHE B 1001 -24.94 18.79 20.34
CA PHE B 1001 -24.99 20.03 21.10
C PHE B 1001 -26.36 20.68 21.00
N LEU B 1002 -27.03 20.53 19.85
CA LEU B 1002 -28.36 21.11 19.70
C LEU B 1002 -29.45 20.21 20.25
N VAL B 1003 -29.29 18.88 20.15
CA VAL B 1003 -30.31 17.97 20.64
C VAL B 1003 -30.51 18.14 22.14
N GLN B 1004 -29.40 18.19 22.89
CA GLN B 1004 -29.56 18.36 24.33
C GLN B 1004 -30.21 19.70 24.66
N GLU B 1005 -29.83 20.76 23.95
CA GLU B 1005 -30.41 22.07 24.20
C GLU B 1005 -31.91 22.05 24.00
N TYR B 1006 -32.37 21.43 22.91
CA TYR B 1006 -33.81 21.41 22.64
C TYR B 1006 -34.55 20.51 23.61
N CYS B 1007 -33.94 19.39 24.02
CA CYS B 1007 -34.61 18.50 24.97
C CYS B 1007 -34.76 19.16 26.34
N ASN B 1008 -33.77 19.96 26.75
CA ASN B 1008 -33.82 20.57 28.07
C ASN B 1008 -34.93 21.60 28.18
N ARG B 1009 -35.29 22.26 27.09
CA ARG B 1009 -36.27 23.34 27.15
C ARG B 1009 -37.61 22.82 27.67
N LEU B 1010 -38.47 23.76 28.04
CA LEU B 1010 -39.73 23.41 28.69
C LEU B 1010 -40.65 22.60 27.79
N ASN B 1011 -40.44 22.61 26.49
CA ASN B 1011 -41.21 21.79 25.55
C ASN B 1011 -42.68 22.17 25.58
N ILE B 1012 -42.95 23.47 25.42
CA ILE B 1012 -44.31 23.95 25.30
C ILE B 1012 -44.44 24.69 23.97
N PRO B 1013 -45.48 24.46 23.18
CA PRO B 1013 -45.66 25.25 21.96
C PRO B 1013 -45.63 26.74 22.28
N PHE B 1014 -45.00 27.49 21.37
CA PHE B 1014 -44.54 28.85 21.69
C PHE B 1014 -45.64 29.79 22.18
N PRO B 1015 -46.80 29.87 21.54
CA PRO B 1015 -47.74 30.94 21.91
C PRO B 1015 -48.15 30.94 23.38
N PHE B 1016 -48.26 29.77 23.99
CA PHE B 1016 -48.80 29.63 25.34
C PHE B 1016 -47.72 29.61 26.44
N VAL B 1017 -46.44 29.76 26.08
CA VAL B 1017 -45.37 29.63 27.08
C VAL B 1017 -45.55 30.63 28.21
N VAL B 1018 -46.11 31.80 27.91
CA VAL B 1018 -46.28 32.86 28.90
C VAL B 1018 -46.87 32.32 30.21
N PHE B 1019 -47.93 31.53 30.09
CA PHE B 1019 -48.58 30.99 31.28
C PHE B 1019 -47.60 30.23 32.15
N ALA B 1020 -46.68 29.48 31.53
CA ALA B 1020 -45.70 28.74 32.31
C ALA B 1020 -44.88 29.67 33.20
N TYR B 1021 -44.37 30.75 32.64
CA TYR B 1021 -43.51 31.64 33.42
C TYR B 1021 -44.32 32.39 34.48
N PHE B 1022 -45.56 32.76 34.16
CA PHE B 1022 -46.39 33.41 35.18
C PHE B 1022 -46.64 32.47 36.35
N TYR B 1023 -46.95 31.20 36.06
CA TYR B 1023 -47.16 30.23 37.13
C TYR B 1023 -45.88 29.97 37.89
N MET B 1024 -44.73 29.98 37.21
CA MET B 1024 -43.46 29.79 37.90
C MET B 1024 -43.18 30.95 38.85
N VAL B 1025 -43.45 32.18 38.41
CA VAL B 1025 -43.30 33.33 39.30
C VAL B 1025 -44.20 33.18 40.51
N VAL B 1026 -45.44 32.75 40.29
CA VAL B 1026 -46.34 32.52 41.43
C VAL B 1026 -45.76 31.47 42.37
N LYS B 1027 -45.22 30.37 41.81
CA LYS B 1027 -44.69 29.29 42.64
C LYS B 1027 -43.44 29.72 43.39
N LYS B 1028 -42.70 30.69 42.87
CA LYS B 1028 -41.46 31.14 43.50
C LYS B 1028 -41.67 32.46 44.22
N ASN B 1051 -23.84 0.20 40.66
CA ASN B 1051 -23.38 -0.97 41.40
C ASN B 1051 -23.36 -2.19 40.49
N GLU B 1052 -24.55 -2.68 40.12
CA GLU B 1052 -24.64 -3.79 39.17
C GLU B 1052 -24.02 -3.40 37.83
N THR B 1053 -24.30 -2.19 37.37
CA THR B 1053 -23.75 -1.73 36.10
C THR B 1053 -22.23 -1.70 36.16
N LEU B 1054 -21.66 -1.29 37.29
CA LEU B 1054 -20.21 -1.28 37.42
C LEU B 1054 -19.62 -2.68 37.35
N ALA B 1055 -20.31 -3.65 37.96
CA ALA B 1055 -19.85 -5.03 37.88
C ALA B 1055 -19.89 -5.55 36.44
N TRP B 1056 -20.98 -5.23 35.73
CA TRP B 1056 -21.06 -5.62 34.32
C TRP B 1056 -19.94 -4.97 33.52
N GLU B 1057 -19.64 -3.71 33.82
CA GLU B 1057 -18.54 -3.02 33.17
C GLU B 1057 -17.21 -3.72 33.44
N GLY B 1058 -17.00 -4.16 34.68
CA GLY B 1058 -15.78 -4.90 34.98
C GLY B 1058 -15.67 -6.19 34.19
N VAL B 1059 -16.80 -6.90 34.05
CA VAL B 1059 -16.79 -8.14 33.27
C VAL B 1059 -16.42 -7.84 31.82
N MET B 1060 -17.04 -6.81 31.24
CA MET B 1060 -16.73 -6.46 29.87
C MET B 1060 -15.26 -6.05 29.74
N LYS B 1061 -14.72 -5.42 30.78
CA LYS B 1061 -13.30 -5.10 30.79
C LYS B 1061 -12.44 -6.36 30.76
N GLU B 1062 -12.81 -7.36 31.56
CA GLU B 1062 -12.08 -8.63 31.52
C GLU B 1062 -12.03 -9.15 30.10
N ASN B 1063 -13.18 -9.14 29.43
CA ASN B 1063 -13.22 -9.60 28.04
C ASN B 1063 -12.33 -8.74 27.14
N TYR B 1064 -12.34 -7.42 27.35
CA TYR B 1064 -11.53 -6.52 26.52
C TYR B 1064 -10.03 -6.82 26.69
N LEU B 1065 -9.59 -7.01 27.93
CA LEU B 1065 -8.19 -7.32 28.17
C LEU B 1065 -7.80 -8.66 27.58
N VAL B 1066 -8.70 -9.65 27.69
CA VAL B 1066 -8.43 -10.94 27.05
C VAL B 1066 -8.30 -10.77 25.55
N LYS B 1067 -9.13 -9.90 24.96
CA LYS B 1067 -9.03 -9.64 23.53
C LYS B 1067 -7.68 -9.02 23.18
N ILE B 1068 -7.20 -8.08 24.00
CA ILE B 1068 -5.89 -7.48 23.77
C ILE B 1068 -4.81 -8.57 23.81
N ASN B 1069 -4.88 -9.44 24.81
CA ASN B 1069 -3.88 -10.49 24.93
C ASN B 1069 -3.90 -11.43 23.73
N THR B 1070 -5.10 -11.79 23.27
CA THR B 1070 -5.20 -12.66 22.09
C THR B 1070 -4.64 -11.96 20.86
N LYS B 1071 -4.91 -10.68 20.70
CA LYS B 1071 -4.34 -9.94 19.57
C LYS B 1071 -2.83 -9.95 19.64
N ALA B 1072 -2.28 -9.76 20.84
CA ALA B 1072 -0.82 -9.80 20.99
C ALA B 1072 -0.27 -11.18 20.65
N ASN B 1073 -0.94 -12.23 21.08
CA ASN B 1073 -0.48 -13.60 20.86
C ASN B 1073 -0.73 -14.09 19.44
N ASP B 1074 -1.52 -13.38 18.65
CA ASP B 1074 -1.82 -13.79 17.28
C ASP B 1074 -0.61 -13.71 16.36
N ASN B 1075 0.59 -13.37 16.84
CA ASN B 1075 1.74 -13.32 15.95
C ASN B 1075 2.05 -14.68 15.33
N SER B 1076 1.68 -15.76 16.01
CA SER B 1076 1.92 -17.12 15.53
C SER B 1076 3.41 -17.45 15.46
N GLU B 1077 4.19 -16.91 16.39
CA GLU B 1077 5.63 -17.14 16.44
C GLU B 1077 6.02 -18.26 17.41
N GLU B 1078 5.04 -18.96 17.99
CA GLU B 1078 5.35 -20.05 18.90
C GLU B 1078 6.10 -21.17 18.21
N MET B 1079 6.06 -21.22 16.88
CA MET B 1079 6.83 -22.25 16.16
C MET B 1079 8.31 -22.14 16.45
N ARG B 1080 8.82 -20.94 16.73
CA ARG B 1080 10.23 -20.78 17.03
C ARG B 1080 10.59 -21.51 18.33
N HIS B 1081 9.85 -21.24 19.40
CA HIS B 1081 10.12 -21.91 20.67
C HIS B 1081 9.83 -23.40 20.58
N ARG B 1082 8.84 -23.79 19.77
CA ARG B 1082 8.59 -25.21 19.56
C ARG B 1082 9.78 -25.88 18.88
N PHE B 1083 10.35 -25.21 17.87
CA PHE B 1083 11.56 -25.71 17.23
C PHE B 1083 12.68 -25.88 18.25
N ARG B 1084 12.89 -24.86 19.08
CA ARG B 1084 13.95 -24.94 20.09
C ARG B 1084 13.71 -26.10 21.04
N GLN B 1085 12.47 -26.27 21.48
CA GLN B 1085 12.16 -27.35 22.43
C GLN B 1085 12.35 -28.72 21.78
N LEU B 1086 11.92 -28.88 20.53
CA LEU B 1086 12.09 -30.17 19.85
C LEU B 1086 13.57 -30.48 19.64
N ASP B 1087 14.36 -29.46 19.26
CA ASP B 1087 15.79 -29.68 19.09
C ASP B 1087 16.43 -30.07 20.42
N SER B 1088 16.03 -29.41 21.51
CA SER B 1088 16.56 -29.76 22.81
C SER B 1088 16.15 -31.17 23.22
N LYS B 1089 14.93 -31.58 22.86
CA LYS B 1089 14.50 -32.94 23.16
C LYS B 1089 15.33 -33.96 22.39
N LEU B 1090 15.61 -33.71 21.11
CA LEU B 1090 16.48 -34.59 20.36
C LEU B 1090 17.88 -34.63 20.96
N ASN B 1091 18.38 -33.46 21.38
CA ASN B 1091 19.68 -33.41 22.04
C ASN B 1091 19.69 -34.23 23.32
N ASP B 1092 18.60 -34.16 24.09
CA ASP B 1092 18.50 -34.94 25.31
C ASP B 1092 18.48 -36.43 25.00
N LEU B 1093 17.76 -36.83 23.96
CA LEU B 1093 17.75 -38.24 23.56
C LEU B 1093 19.15 -38.69 23.19
N LYS B 1094 19.89 -37.87 22.44
CA LYS B 1094 21.25 -38.23 22.06
C LYS B 1094 22.15 -38.33 23.29
N SER B 1095 21.99 -37.40 24.23
CA SER B 1095 22.91 -37.34 25.37
C SER B 1095 22.64 -38.45 26.38
N LEU B 1096 21.37 -38.78 26.63
CA LEU B 1096 21.05 -39.74 27.67
C LEU B 1096 21.68 -41.09 27.38
N LEU B 1097 21.85 -41.45 26.12
CA LEU B 1097 22.42 -42.73 25.73
C LEU B 1097 23.92 -42.67 25.52
N LYS B 1098 24.56 -41.52 25.78
CA LYS B 1098 26.01 -41.44 25.65
C LYS B 1098 26.72 -42.12 26.82
N GLU B 1099 26.13 -42.08 28.01
CA GLU B 1099 26.77 -42.67 29.18
C GLU B 1099 26.91 -44.19 29.03
N ILE B 1100 25.90 -44.84 28.46
CA ILE B 1100 25.82 -46.30 28.47
C ILE B 1100 27.12 -46.92 27.99
N ALA B 1101 27.81 -46.27 27.05
CA ALA B 1101 29.04 -46.85 26.52
C ALA B 1101 30.01 -47.18 27.63
N ASN B 1102 30.31 -46.20 28.50
CA ASN B 1102 31.20 -46.46 29.61
C ASN B 1102 30.60 -47.44 30.59
N ASN B 1103 29.27 -47.45 30.72
CA ASN B 1103 28.62 -48.47 31.53
C ASN B 1103 28.83 -49.86 30.94
N ILE B 1104 28.92 -49.95 29.62
CA ILE B 1104 29.16 -51.25 28.98
C ILE B 1104 30.55 -51.76 29.32
N LYS B 1105 31.53 -50.85 29.37
CA LYS B 1105 32.92 -51.23 29.64
C LYS B 1105 33.24 -51.07 31.12
N ASP C 41 -43.81 -29.62 55.40
CA ASP C 41 -43.10 -30.72 54.76
C ASP C 41 -41.60 -30.54 54.87
N LEU C 42 -41.13 -29.31 54.65
CA LEU C 42 -39.70 -29.02 54.75
C LEU C 42 -39.19 -29.26 56.16
N VAL C 43 -39.96 -28.84 57.16
CA VAL C 43 -39.55 -29.05 58.56
C VAL C 43 -39.43 -30.53 58.86
N ASN C 44 -40.41 -31.33 58.41
CA ASN C 44 -40.36 -32.77 58.63
C ASN C 44 -39.15 -33.39 57.96
N PHE C 45 -38.85 -32.96 56.73
CA PHE C 45 -37.68 -33.50 56.03
C PHE C 45 -36.39 -33.14 56.76
N ILE C 46 -36.30 -31.89 57.25
CA ILE C 46 -35.10 -31.48 57.99
C ILE C 46 -34.95 -32.31 59.26
N GLN C 47 -36.07 -32.51 59.98
CA GLN C 47 -36.01 -33.31 61.21
C GLN C 47 -35.59 -34.74 60.91
N ALA C 48 -36.12 -35.33 59.83
CA ALA C 48 -35.73 -36.69 59.46
C ALA C 48 -34.25 -36.75 59.11
N ASN C 49 -33.75 -35.77 58.36
CA ASN C 49 -32.34 -35.75 58.02
C ASN C 49 -31.46 -35.63 59.26
N PHE C 50 -31.85 -34.77 60.21
CA PHE C 50 -31.06 -34.60 61.42
C PHE C 50 -31.01 -35.90 62.22
N LYS C 51 -32.13 -36.60 62.34
CA LYS C 51 -32.19 -37.85 63.09
C LYS C 51 -31.80 -37.63 64.55
N ASP C 102 -31.16 -31.10 65.45
CA ASP C 102 -31.22 -30.37 64.19
C ASP C 102 -29.89 -29.69 63.90
N ALA C 103 -29.64 -28.56 64.55
CA ALA C 103 -28.40 -27.80 64.38
C ALA C 103 -28.16 -27.47 62.91
N PHE C 104 -29.21 -27.03 62.23
CA PHE C 104 -29.16 -26.67 60.82
C PHE C 104 -29.37 -25.17 60.67
N GLY C 105 -28.67 -24.57 59.71
CA GLY C 105 -28.79 -23.14 59.48
C GLY C 105 -28.86 -22.77 58.02
N ASP C 106 -29.88 -22.02 57.64
CA ASP C 106 -30.05 -21.51 56.29
C ASP C 106 -29.70 -20.02 56.27
N ILE C 107 -28.77 -19.64 55.40
CA ILE C 107 -28.25 -18.28 55.35
C ILE C 107 -28.39 -17.77 53.92
N GLN C 108 -28.90 -16.54 53.79
CA GLN C 108 -29.01 -15.88 52.50
C GLN C 108 -28.45 -14.46 52.61
N PHE C 109 -27.69 -14.06 51.60
CA PHE C 109 -27.07 -12.74 51.56
C PHE C 109 -27.22 -12.10 50.20
N GLY C 116 -27.33 -18.61 49.78
CA GLY C 116 -27.84 -19.88 49.32
C GLY C 116 -28.15 -20.83 50.46
N LYS C 117 -28.82 -21.93 50.14
CA LYS C 117 -29.22 -22.88 51.17
C LYS C 117 -27.99 -23.50 51.84
N TYR C 118 -28.13 -23.76 53.14
CA TYR C 118 -27.09 -24.40 53.94
C TYR C 118 -27.72 -25.48 54.79
N LEU C 119 -26.89 -26.37 55.32
CA LEU C 119 -27.38 -27.51 56.08
C LEU C 119 -26.22 -28.14 56.84
N ARG C 120 -26.57 -28.99 57.79
CA ARG C 120 -25.62 -29.81 58.53
C ARG C 120 -25.75 -31.25 58.06
N LEU C 121 -24.61 -31.89 57.82
CA LEU C 121 -24.57 -33.24 57.26
C LEU C 121 -24.05 -34.21 58.30
N SER C 122 -24.65 -35.40 58.33
CA SER C 122 -24.21 -36.49 59.19
C SER C 122 -23.73 -37.65 58.32
N CYS C 123 -22.65 -38.31 58.76
CA CYS C 123 -22.05 -39.35 57.93
C CYS C 123 -23.03 -40.49 57.69
N ASP C 124 -23.80 -40.88 58.71
CA ASP C 124 -24.72 -42.00 58.56
C ASP C 124 -25.85 -41.70 57.58
N THR C 125 -26.05 -40.43 57.21
CA THR C 125 -27.13 -40.08 56.29
C THR C 125 -26.97 -40.83 54.98
N ASP C 126 -28.08 -41.40 54.50
CA ASP C 126 -28.05 -42.16 53.25
C ASP C 126 -27.86 -41.23 52.06
N SER C 127 -27.05 -41.67 51.10
CA SER C 127 -26.83 -40.87 49.90
C SER C 127 -28.11 -40.73 49.09
N GLU C 128 -28.92 -41.78 49.04
CA GLU C 128 -30.17 -41.71 48.28
C GLU C 128 -31.09 -40.62 48.84
N THR C 129 -31.18 -40.52 50.15
CA THR C 129 -32.03 -39.50 50.76
C THR C 129 -31.52 -38.10 50.41
N LEU C 130 -30.20 -37.90 50.47
CA LEU C 130 -29.63 -36.60 50.13
C LEU C 130 -29.91 -36.25 48.68
N TYR C 131 -29.74 -37.21 47.77
CA TYR C 131 -30.02 -36.94 46.35
C TYR C 131 -31.49 -36.63 46.15
N GLU C 132 -32.38 -37.37 46.82
CA GLU C 132 -33.81 -37.10 46.70
C GLU C 132 -34.12 -35.69 47.18
N LEU C 133 -33.60 -35.30 48.35
CA LEU C 133 -33.78 -33.95 48.83
C LEU C 133 -33.36 -32.94 47.77
N LEU C 134 -32.09 -33.01 47.37
CA LEU C 134 -31.55 -32.07 46.39
C LEU C 134 -32.45 -31.98 45.17
N THR C 135 -32.66 -33.10 44.48
CA THR C 135 -33.38 -33.06 43.21
C THR C 135 -34.82 -32.62 43.39
N GLN C 136 -35.56 -33.26 44.29
CA GLN C 136 -36.99 -32.95 44.42
C GLN C 136 -37.20 -31.51 44.82
N HIS C 137 -36.47 -31.04 45.84
CA HIS C 137 -36.78 -29.74 46.44
C HIS C 137 -36.25 -28.57 45.63
N TRP C 138 -34.92 -28.47 45.42
CA TRP C 138 -34.34 -27.30 44.78
C TRP C 138 -33.53 -27.60 43.53
N HIS C 139 -33.28 -28.87 43.19
CA HIS C 139 -32.31 -29.20 42.17
C HIS C 139 -32.96 -29.91 40.98
N LEU C 140 -32.57 -29.50 39.78
CA LEU C 140 -33.05 -30.15 38.57
C LEU C 140 -32.20 -31.39 38.27
N LYS C 141 -32.68 -32.19 37.31
CA LYS C 141 -31.94 -33.38 36.91
C LYS C 141 -30.55 -33.00 36.43
N THR C 142 -29.55 -33.83 36.77
CA THR C 142 -28.16 -33.53 36.46
C THR C 142 -27.73 -34.26 35.20
N PRO C 143 -27.25 -33.55 34.17
CA PRO C 143 -26.65 -34.23 33.00
C PRO C 143 -25.14 -34.40 33.05
N ASN C 144 -24.46 -33.88 34.07
CA ASN C 144 -23.01 -33.99 34.16
C ASN C 144 -22.58 -33.49 35.54
N LEU C 145 -21.49 -34.08 36.05
CA LEU C 145 -21.05 -33.85 37.43
C LEU C 145 -19.56 -33.58 37.48
N VAL C 146 -19.08 -32.65 36.66
CA VAL C 146 -17.69 -32.20 36.76
C VAL C 146 -17.40 -31.87 38.21
N ILE C 147 -16.44 -32.58 38.81
CA ILE C 147 -16.03 -32.35 40.19
C ILE C 147 -14.53 -32.08 40.21
N SER C 148 -14.14 -30.94 40.76
CA SER C 148 -12.75 -30.55 40.88
C SER C 148 -12.23 -30.92 42.26
N VAL C 149 -11.10 -31.62 42.29
CA VAL C 149 -10.43 -31.99 43.54
C VAL C 149 -9.07 -31.31 43.57
N THR C 150 -8.81 -30.56 44.64
CA THR C 150 -7.57 -29.83 44.79
C THR C 150 -7.27 -29.71 46.28
N GLY C 151 -6.23 -28.94 46.60
CA GLY C 151 -5.85 -28.75 47.99
C GLY C 151 -6.65 -27.65 48.64
N GLY C 152 -7.15 -27.91 49.84
CA GLY C 152 -7.85 -26.89 50.61
C GLY C 152 -6.96 -25.87 51.26
N ALA C 153 -5.64 -26.04 51.15
CA ALA C 153 -4.72 -25.08 51.71
C ALA C 153 -4.89 -23.72 51.05
N LYS C 154 -4.71 -22.66 51.86
CA LYS C 154 -4.86 -21.31 51.32
C LYS C 154 -3.85 -21.05 50.21
N ASN C 155 -2.61 -21.50 50.40
CA ASN C 155 -1.59 -21.30 49.38
C ASN C 155 -1.99 -21.99 48.08
N PHE C 156 -1.84 -21.30 46.97
CA PHE C 156 -2.19 -21.84 45.67
C PHE C 156 -1.31 -21.20 44.60
N ALA C 157 -1.19 -21.89 43.47
CA ALA C 157 -0.36 -21.43 42.36
C ALA C 157 -1.18 -20.62 41.37
N LEU C 158 -1.75 -19.53 41.86
CA LEU C 158 -2.54 -18.64 41.00
C LEU C 158 -1.67 -18.08 39.90
N LYS C 159 -2.18 -18.13 38.67
CA LYS C 159 -1.45 -17.65 37.50
C LYS C 159 -2.44 -17.47 36.36
N PRO C 160 -2.08 -16.68 35.34
CA PRO C 160 -3.00 -16.52 34.20
C PRO C 160 -3.33 -17.84 33.53
N ARG C 161 -2.37 -18.75 33.44
CA ARG C 161 -2.65 -20.07 32.87
C ARG C 161 -3.68 -20.81 33.71
N MET C 162 -3.58 -20.70 35.03
CA MET C 162 -4.55 -21.34 35.89
C MET C 162 -5.94 -20.71 35.74
N ARG C 163 -5.99 -19.41 35.47
CA ARG C 163 -7.27 -18.77 35.16
C ARG C 163 -7.85 -19.30 33.85
N LYS C 164 -7.01 -19.46 32.83
CA LYS C 164 -7.50 -19.88 31.53
C LYS C 164 -7.93 -21.34 31.54
N ILE C 165 -7.23 -22.19 32.31
CA ILE C 165 -7.55 -23.61 32.37
C ILE C 165 -8.79 -23.90 33.20
N PHE C 166 -9.41 -22.88 33.79
CA PHE C 166 -10.61 -23.05 34.58
C PHE C 166 -11.80 -22.21 34.09
N SER C 167 -11.55 -21.08 33.44
CA SER C 167 -12.66 -20.31 32.88
C SER C 167 -13.40 -21.13 31.82
N ARG C 168 -12.65 -21.82 30.95
CA ARG C 168 -13.28 -22.69 29.97
C ARG C 168 -14.05 -23.81 30.63
N LEU C 169 -13.52 -24.36 31.72
CA LEU C 169 -14.22 -25.42 32.44
C LEU C 169 -15.55 -24.92 32.97
N ILE C 170 -15.56 -23.73 33.56
CA ILE C 170 -16.81 -23.16 34.06
C ILE C 170 -17.78 -22.92 32.92
N TYR C 171 -17.28 -22.38 31.80
CA TYR C 171 -18.15 -22.14 30.66
C TYR C 171 -18.79 -23.43 30.17
N ILE C 172 -18.00 -24.50 30.07
CA ILE C 172 -18.54 -25.79 29.64
C ILE C 172 -19.56 -26.30 30.63
N ALA C 173 -19.27 -26.17 31.92
CA ALA C 173 -20.21 -26.62 32.94
C ALA C 173 -21.55 -25.91 32.79
N GLN C 174 -21.52 -24.60 32.55
CA GLN C 174 -22.76 -23.88 32.32
C GLN C 174 -23.44 -24.35 31.04
N SER C 175 -22.66 -24.55 29.97
CA SER C 175 -23.25 -24.89 28.68
C SER C 175 -24.00 -26.20 28.75
N LYS C 176 -23.40 -27.22 29.36
CA LYS C 176 -24.04 -28.52 29.46
C LYS C 176 -24.99 -28.62 30.64
N GLY C 177 -25.01 -27.63 31.54
CA GLY C 177 -25.83 -27.73 32.73
C GLY C 177 -25.25 -28.61 33.81
N ALA C 178 -23.93 -28.78 33.84
CA ALA C 178 -23.30 -29.70 34.76
C ALA C 178 -23.31 -29.15 36.18
N TRP C 179 -23.32 -30.06 37.15
CA TRP C 179 -23.08 -29.69 38.54
C TRP C 179 -21.59 -29.62 38.81
N ILE C 180 -21.19 -28.67 39.65
CA ILE C 180 -19.81 -28.50 40.05
C ILE C 180 -19.72 -28.75 41.54
N LEU C 181 -18.99 -29.78 41.93
CA LEU C 181 -18.72 -30.09 43.33
C LEU C 181 -17.28 -29.68 43.65
N THR C 182 -17.12 -28.88 44.70
CA THR C 182 -15.80 -28.41 45.12
C THR C 182 -15.72 -28.47 46.64
N GLY C 183 -14.54 -28.13 47.16
CA GLY C 183 -14.35 -28.05 48.60
C GLY C 183 -15.21 -26.97 49.21
N GLY C 184 -14.93 -25.71 48.84
CA GLY C 184 -15.79 -24.62 49.22
C GLY C 184 -15.52 -24.06 50.59
N THR C 185 -14.27 -23.66 50.85
CA THR C 185 -13.89 -23.04 52.12
C THR C 185 -13.10 -21.75 51.91
N HIS C 186 -13.30 -21.10 50.76
CA HIS C 186 -12.68 -19.80 50.49
C HIS C 186 -11.16 -19.87 50.64
N TYR C 187 -10.54 -20.79 49.91
CA TYR C 187 -9.10 -21.00 49.97
C TYR C 187 -8.57 -21.22 48.56
N GLY C 188 -7.80 -20.26 48.06
CA GLY C 188 -7.13 -20.40 46.78
C GLY C 188 -8.06 -20.74 45.64
N LEU C 189 -7.96 -21.96 45.13
CA LEU C 189 -8.72 -22.36 43.95
C LEU C 189 -10.23 -22.24 44.21
N MET C 190 -10.66 -22.58 45.42
CA MET C 190 -12.09 -22.54 45.73
C MET C 190 -12.63 -21.12 45.69
N LYS C 191 -11.87 -20.16 46.23
CA LYS C 191 -12.29 -18.77 46.19
C LYS C 191 -12.38 -18.28 44.74
N TYR C 192 -11.41 -18.67 43.91
CA TYR C 192 -11.45 -18.30 42.50
C TYR C 192 -12.66 -18.90 41.81
N ILE C 193 -12.99 -20.16 42.14
CA ILE C 193 -14.17 -20.80 41.57
C ILE C 193 -15.43 -20.04 41.96
N GLY C 194 -15.54 -19.66 43.23
CA GLY C 194 -16.69 -18.88 43.64
C GLY C 194 -16.78 -17.56 42.91
N GLU C 195 -15.66 -16.86 42.77
CA GLU C 195 -15.65 -15.59 42.06
C GLU C 195 -16.08 -15.76 40.61
N VAL C 196 -15.59 -16.82 39.95
CA VAL C 196 -15.96 -17.04 38.55
C VAL C 196 -17.43 -17.41 38.43
N VAL C 197 -17.96 -18.17 39.39
CA VAL C 197 -19.38 -18.49 39.38
C VAL C 197 -20.20 -17.22 39.50
N ARG C 198 -19.80 -16.33 40.41
CA ARG C 198 -20.49 -15.04 40.53
C ARG C 198 -20.41 -14.28 39.21
N ASP C 199 -19.23 -14.22 38.61
CA ASP C 199 -19.06 -13.47 37.38
C ASP C 199 -19.97 -14.00 36.27
N ASN C 200 -20.03 -15.32 36.13
CA ASN C 200 -20.92 -15.90 35.12
C ASN C 200 -22.38 -15.60 35.44
N THR C 201 -22.74 -15.62 36.72
CA THR C 201 -24.11 -15.27 37.10
C THR C 201 -24.44 -13.84 36.70
N ILE C 202 -23.47 -12.93 36.84
CA ILE C 202 -23.72 -11.53 36.51
C ILE C 202 -24.11 -11.39 35.04
N SER C 203 -23.39 -12.07 34.16
CA SER C 203 -23.68 -12.01 32.73
C SER C 203 -24.84 -12.95 32.38
N GLU C 208 -30.34 -21.44 33.22
CA GLU C 208 -29.52 -20.24 33.14
C GLU C 208 -28.86 -19.94 34.48
N ASN C 209 -28.64 -20.99 35.26
CA ASN C 209 -28.01 -20.88 36.57
C ASN C 209 -27.00 -22.00 36.74
N ILE C 210 -26.03 -21.76 37.62
CA ILE C 210 -24.97 -22.72 37.91
C ILE C 210 -25.15 -23.22 39.33
N VAL C 211 -25.05 -24.53 39.51
CA VAL C 211 -25.21 -25.18 40.80
C VAL C 211 -23.84 -25.63 41.27
N ALA C 212 -23.39 -25.10 42.40
CA ALA C 212 -22.06 -25.36 42.95
C ALA C 212 -22.21 -25.80 44.40
N ILE C 213 -22.22 -27.11 44.63
CA ILE C 213 -22.27 -27.65 45.98
C ILE C 213 -20.87 -27.69 46.55
N GLY C 214 -20.69 -27.10 47.73
CA GLY C 214 -19.41 -27.14 48.43
C GLY C 214 -19.51 -27.84 49.77
N ILE C 215 -18.81 -28.95 49.92
CA ILE C 215 -18.84 -29.76 51.13
C ILE C 215 -17.59 -29.45 51.95
N ALA C 216 -17.78 -29.19 53.24
CA ALA C 216 -16.69 -28.97 54.17
C ALA C 216 -17.00 -29.69 55.47
N ALA C 217 -16.04 -29.66 56.40
CA ALA C 217 -16.19 -30.33 57.68
C ALA C 217 -16.78 -29.38 58.73
N TRP C 218 -17.81 -29.85 59.43
CA TRP C 218 -18.43 -29.05 60.48
C TRP C 218 -17.46 -28.74 61.61
N GLY C 219 -16.63 -29.72 61.97
CA GLY C 219 -15.76 -29.54 63.14
C GLY C 219 -14.83 -28.35 63.01
N MET C 220 -14.25 -28.15 61.83
CA MET C 220 -13.32 -27.04 61.62
C MET C 220 -14.03 -25.69 61.75
N VAL C 221 -15.31 -25.62 61.38
CA VAL C 221 -16.05 -24.37 61.33
C VAL C 221 -15.86 -23.55 62.60
N SER C 222 -15.57 -22.27 62.44
CA SER C 222 -15.44 -21.33 63.54
C SER C 222 -16.62 -20.35 63.51
N ASN C 223 -16.76 -19.59 64.59
CA ASN C 223 -17.86 -18.63 64.73
C ASN C 223 -19.20 -19.32 64.51
N ARG C 224 -19.35 -20.51 65.08
CA ARG C 224 -20.55 -21.31 64.87
C ARG C 224 -21.79 -20.53 65.30
N ASP C 225 -22.83 -20.59 64.48
CA ASP C 225 -24.12 -19.95 64.74
C ASP C 225 -25.19 -21.02 64.58
N THR C 226 -25.49 -21.73 65.66
CA THR C 226 -26.50 -22.77 65.62
C THR C 226 -27.90 -22.16 65.52
N LEU C 227 -28.82 -22.93 64.94
CA LEU C 227 -30.19 -22.48 64.77
C LEU C 227 -30.82 -22.16 66.12
N PHE C 237 -35.45 -18.05 61.36
CA PHE C 237 -34.39 -19.03 61.52
C PHE C 237 -33.24 -18.78 60.54
N SER C 238 -33.36 -17.72 59.75
CA SER C 238 -32.33 -17.39 58.76
C SER C 238 -31.25 -16.53 59.41
N ALA C 239 -30.43 -17.20 60.23
CA ALA C 239 -29.34 -16.53 60.91
C ALA C 239 -28.30 -16.03 59.90
N GLN C 240 -27.72 -14.87 60.20
CA GLN C 240 -26.71 -14.26 59.34
C GLN C 240 -25.37 -14.26 60.07
N TYR C 241 -24.34 -14.79 59.41
CA TYR C 241 -22.99 -14.85 59.95
C TYR C 241 -22.11 -13.85 59.22
N ILE C 242 -21.41 -13.02 59.99
CA ILE C 242 -20.53 -11.99 59.45
C ILE C 242 -19.14 -12.19 60.05
N MET C 243 -18.12 -12.19 59.19
CA MET C 243 -16.75 -12.37 59.64
C MET C 243 -15.78 -11.84 58.59
N LEU C 251 -11.86 -23.48 63.57
CA LEU C 251 -11.07 -22.37 63.05
C LEU C 251 -10.94 -22.46 61.54
N TYR C 252 -12.07 -22.65 60.86
CA TYR C 252 -12.10 -22.77 59.40
C TYR C 252 -13.00 -21.69 58.83
N ILE C 253 -12.55 -21.06 57.75
CA ILE C 253 -13.31 -20.03 57.05
C ILE C 253 -13.99 -20.65 55.86
N LEU C 254 -15.21 -20.20 55.55
CA LEU C 254 -16.03 -20.77 54.50
C LEU C 254 -16.44 -19.69 53.51
N ASP C 255 -16.41 -20.04 52.22
CA ASP C 255 -16.84 -19.12 51.18
C ASP C 255 -18.35 -18.92 51.23
N ASN C 256 -18.77 -17.70 50.89
CA ASN C 256 -20.19 -17.33 50.89
C ASN C 256 -20.72 -17.13 49.48
N ASN C 257 -19.96 -17.54 48.45
CA ASN C 257 -20.39 -17.37 47.07
C ASN C 257 -21.03 -18.62 46.48
N HIS C 258 -20.78 -19.79 47.07
CA HIS C 258 -21.33 -21.03 46.51
C HIS C 258 -22.85 -21.03 46.62
N THR C 259 -23.49 -21.62 45.60
CA THR C 259 -24.95 -21.70 45.60
C THR C 259 -25.45 -22.54 46.77
N HIS C 260 -24.79 -23.65 47.06
CA HIS C 260 -25.16 -24.52 48.16
C HIS C 260 -23.91 -24.94 48.92
N LEU C 261 -24.00 -24.92 50.25
CA LEU C 261 -22.88 -25.21 51.13
C LEU C 261 -23.32 -26.21 52.19
N LEU C 262 -22.55 -27.28 52.35
CA LEU C 262 -22.84 -28.35 53.30
C LEU C 262 -21.69 -28.51 54.26
N LEU C 263 -22.01 -28.78 55.53
CA LEU C 263 -21.02 -29.03 56.58
C LEU C 263 -21.30 -30.40 57.20
N VAL C 264 -20.27 -31.23 57.30
CA VAL C 264 -20.40 -32.61 57.76
C VAL C 264 -19.35 -32.88 58.83
N ASP C 265 -19.80 -33.12 60.06
CA ASP C 265 -18.94 -33.66 61.10
C ASP C 265 -19.84 -34.19 62.23
N ASN C 266 -19.96 -35.52 62.33
CA ASN C 266 -20.71 -36.09 63.44
C ASN C 266 -20.11 -35.67 64.78
N GLY C 267 -18.85 -35.27 64.79
CA GLY C 267 -18.21 -34.81 66.02
C GLY C 267 -16.76 -34.45 65.75
N CYS C 268 -15.92 -34.68 66.77
CA CYS C 268 -14.48 -34.51 66.65
C CYS C 268 -14.13 -33.12 66.10
N HIS C 269 -14.44 -32.12 66.92
CA HIS C 269 -14.21 -30.73 66.51
C HIS C 269 -12.77 -30.44 66.14
N GLY C 270 -11.84 -31.37 66.35
CA GLY C 270 -10.47 -31.21 65.92
C GLY C 270 -10.27 -31.16 64.41
N HIS C 271 -11.35 -31.23 63.63
CA HIS C 271 -11.30 -31.11 62.19
C HIS C 271 -10.52 -32.25 61.55
N PRO C 272 -10.89 -33.51 61.81
CA PRO C 272 -10.31 -34.62 61.05
C PRO C 272 -10.93 -34.76 59.67
N THR C 273 -10.24 -35.49 58.82
CA THR C 273 -10.72 -35.71 57.46
C THR C 273 -12.03 -36.49 57.49
N VAL C 274 -13.11 -35.84 57.05
CA VAL C 274 -14.43 -36.44 57.05
C VAL C 274 -15.09 -36.27 55.69
N GLU C 275 -14.54 -35.37 54.86
CA GLU C 275 -15.15 -35.09 53.57
C GLU C 275 -15.17 -36.32 52.68
N ALA C 276 -14.10 -37.13 52.73
CA ALA C 276 -14.00 -38.28 51.84
C ALA C 276 -15.11 -39.29 52.10
N LYS C 277 -15.65 -39.33 53.32
CA LYS C 277 -16.60 -40.38 53.69
C LYS C 277 -17.98 -40.18 53.07
N LEU C 278 -18.28 -39.01 52.53
CA LEU C 278 -19.61 -38.70 52.01
C LEU C 278 -19.60 -38.28 50.55
N ARG C 279 -18.61 -37.47 50.15
CA ARG C 279 -18.55 -36.98 48.78
C ARG C 279 -18.39 -38.12 47.78
N ASN C 280 -17.50 -39.07 48.10
CA ASN C 280 -17.28 -40.20 47.20
C ASN C 280 -18.53 -41.06 47.10
N GLN C 281 -19.21 -41.31 48.23
CA GLN C 281 -20.42 -42.11 48.20
C GLN C 281 -21.50 -41.44 47.36
N LEU C 282 -21.65 -40.12 47.53
CA LEU C 282 -22.62 -39.39 46.71
C LEU C 282 -22.27 -39.49 45.23
N GLU C 283 -21.00 -39.31 44.89
CA GLU C 283 -20.61 -39.41 43.49
C GLU C 283 -20.92 -40.79 42.92
N LYS C 284 -20.60 -41.85 43.67
CA LYS C 284 -20.85 -43.20 43.18
C LYS C 284 -22.34 -43.44 42.99
N TYR C 285 -23.15 -43.02 43.95
CA TYR C 285 -24.59 -43.23 43.84
C TYR C 285 -25.15 -42.50 42.62
N ILE C 286 -24.74 -41.25 42.41
CA ILE C 286 -25.22 -40.51 41.25
C ILE C 286 -24.73 -41.17 39.97
N SER C 287 -23.54 -41.75 40.00
CA SER C 287 -23.02 -42.46 38.83
C SER C 287 -23.94 -43.62 38.46
N GLU C 288 -24.41 -44.37 39.45
CA GLU C 288 -25.28 -45.49 39.15
C GLU C 288 -26.69 -45.05 38.76
N ARG C 289 -27.08 -43.82 39.08
CA ARG C 289 -28.39 -43.31 38.73
C ARG C 289 -28.54 -43.13 37.23
N THR C 290 -29.36 -43.97 36.60
CA THR C 290 -29.53 -43.94 35.15
C THR C 290 -30.49 -42.83 34.75
N SER C 291 -30.09 -42.05 33.74
CA SER C 291 -30.92 -40.99 33.19
C SER C 291 -30.94 -41.13 31.68
N GLN C 292 -32.14 -41.15 31.09
CA GLN C 292 -32.32 -41.35 29.66
C GLN C 292 -32.14 -40.01 28.94
N ASP C 293 -30.88 -39.59 28.86
CA ASP C 293 -30.53 -38.35 28.20
C ASP C 293 -29.02 -38.31 27.98
N SER C 294 -28.60 -37.57 26.96
CA SER C 294 -27.19 -37.40 26.63
C SER C 294 -26.51 -38.72 26.26
N ASN C 295 -27.30 -39.71 25.82
CA ASN C 295 -26.78 -41.02 25.43
C ASN C 295 -25.93 -41.56 26.59
N TYR C 296 -24.71 -42.02 26.35
CA TYR C 296 -23.85 -42.56 27.40
C TYR C 296 -24.55 -43.71 28.13
N GLY C 297 -25.27 -44.53 27.37
CA GLY C 297 -25.96 -45.67 27.95
C GLY C 297 -26.98 -45.30 29.00
N GLY C 298 -27.61 -44.13 28.87
CA GLY C 298 -28.56 -43.70 29.87
C GLY C 298 -27.98 -43.55 31.25
N LYS C 299 -26.74 -43.05 31.34
CA LYS C 299 -26.07 -42.89 32.62
C LYS C 299 -25.49 -41.48 32.75
N ILE C 300 -24.66 -41.25 33.75
CA ILE C 300 -24.12 -39.91 34.01
C ILE C 300 -22.60 -39.98 34.04
N PRO C 301 -21.88 -38.95 33.54
CA PRO C 301 -20.42 -39.07 33.42
C PRO C 301 -19.67 -39.25 34.73
N ILE C 302 -19.79 -38.29 35.65
CA ILE C 302 -19.08 -38.35 36.93
C ILE C 302 -17.57 -38.32 36.68
N VAL C 303 -17.07 -37.23 36.10
CA VAL C 303 -15.65 -37.07 35.82
C VAL C 303 -14.99 -36.31 36.98
N CYS C 304 -13.75 -36.70 37.27
CA CYS C 304 -12.94 -36.05 38.30
C CYS C 304 -11.82 -35.27 37.63
N PHE C 305 -11.61 -34.04 38.10
CA PHE C 305 -10.60 -33.13 37.54
C PHE C 305 -9.63 -32.76 38.65
N ALA C 306 -8.36 -33.11 38.47
CA ALA C 306 -7.33 -32.89 39.48
C ALA C 306 -6.36 -31.83 39.01
N GLN C 307 -6.16 -30.81 39.85
CA GLN C 307 -5.18 -29.76 39.59
C GLN C 307 -4.34 -29.38 40.80
N GLY C 308 -4.80 -29.65 42.02
CA GLY C 308 -4.05 -29.29 43.19
C GLY C 308 -2.98 -30.31 43.57
N GLY C 309 -2.05 -29.85 44.39
CA GLY C 309 -0.90 -30.62 44.81
C GLY C 309 -1.04 -31.35 46.13
N GLY C 310 -2.23 -31.38 46.72
CA GLY C 310 -2.38 -31.95 48.05
C GLY C 310 -2.40 -33.46 48.03
N ARG C 311 -2.00 -34.04 49.18
CA ARG C 311 -2.08 -35.49 49.35
C ARG C 311 -3.53 -35.96 49.43
N GLU C 312 -4.42 -35.14 49.99
CA GLU C 312 -5.84 -35.46 49.98
C GLU C 312 -6.32 -35.65 48.54
N THR C 313 -5.77 -34.88 47.61
CA THR C 313 -6.08 -35.09 46.20
C THR C 313 -5.64 -36.47 45.75
N LEU C 314 -4.46 -36.92 46.20
CA LEU C 314 -3.99 -38.25 45.85
C LEU C 314 -4.92 -39.33 46.39
N LYS C 315 -5.36 -39.17 47.65
CA LYS C 315 -6.30 -40.14 48.22
C LYS C 315 -7.61 -40.16 47.45
N ALA C 316 -8.10 -38.97 47.08
CA ALA C 316 -9.33 -38.89 46.30
C ALA C 316 -9.16 -39.58 44.95
N ILE C 317 -8.01 -39.39 44.31
CA ILE C 317 -7.73 -40.06 43.04
C ILE C 317 -7.74 -41.57 43.22
N ASN C 318 -7.09 -42.05 44.29
CA ASN C 318 -7.06 -43.48 44.54
C ASN C 318 -8.46 -44.05 44.70
N THR C 319 -9.28 -43.42 45.56
CA THR C 319 -10.62 -43.95 45.79
C THR C 319 -11.48 -43.84 44.54
N SER C 320 -11.32 -42.78 43.75
CA SER C 320 -12.07 -42.68 42.50
C SER C 320 -11.68 -43.77 41.53
N VAL C 321 -10.38 -44.05 41.40
CA VAL C 321 -9.94 -45.16 40.55
C VAL C 321 -10.47 -46.47 41.08
N LYS C 322 -10.68 -46.57 42.40
CA LYS C 322 -11.32 -47.76 42.95
C LYS C 322 -12.66 -48.03 42.28
N SER C 323 -13.42 -46.96 42.00
CA SER C 323 -14.68 -47.05 41.29
C SER C 323 -14.47 -46.75 39.81
N LYS C 324 -15.55 -46.87 39.04
CA LYS C 324 -15.51 -46.63 37.60
C LYS C 324 -15.74 -45.15 37.32
N ILE C 325 -14.70 -44.36 37.61
CA ILE C 325 -14.75 -42.91 37.43
C ILE C 325 -13.43 -42.43 36.84
N PRO C 326 -13.39 -42.04 35.56
CA PRO C 326 -12.13 -41.54 35.00
C PRO C 326 -11.76 -40.19 35.58
N CYS C 327 -10.46 -39.96 35.73
CA CYS C 327 -9.92 -38.71 36.23
C CYS C 327 -8.97 -38.12 35.21
N VAL C 328 -8.95 -36.79 35.13
CA VAL C 328 -8.03 -36.06 34.27
C VAL C 328 -7.20 -35.14 35.15
N VAL C 329 -5.88 -35.23 35.03
CA VAL C 329 -4.96 -34.46 35.86
C VAL C 329 -4.30 -33.40 35.00
N VAL C 330 -3.99 -32.26 35.62
CA VAL C 330 -3.26 -31.20 34.94
C VAL C 330 -1.77 -31.46 35.09
N GLU C 331 -1.05 -31.48 33.97
CA GLU C 331 0.39 -31.69 33.98
C GLU C 331 1.13 -30.34 33.97
N GLY C 332 0.82 -29.54 34.99
CA GLY C 332 1.38 -28.21 35.08
C GLY C 332 2.08 -27.94 36.41
N SER C 333 1.66 -26.89 37.11
CA SER C 333 2.34 -26.48 38.33
C SER C 333 2.14 -27.48 39.47
N GLY C 334 1.12 -28.33 39.39
CA GLY C 334 0.83 -29.27 40.47
C GLY C 334 2.01 -30.15 40.82
N GLN C 335 2.44 -30.11 42.08
CA GLN C 335 3.62 -30.88 42.48
C GLN C 335 3.37 -32.38 42.37
N ILE C 336 2.30 -32.87 43.00
CA ILE C 336 1.97 -34.29 42.93
C ILE C 336 1.44 -34.65 41.54
N ALA C 337 0.74 -33.71 40.92
CA ALA C 337 0.26 -33.94 39.56
C ALA C 337 1.44 -34.14 38.61
N ASP C 338 2.52 -33.39 38.82
CA ASP C 338 3.73 -33.60 38.03
C ASP C 338 4.34 -34.98 38.30
N VAL C 339 4.26 -35.46 39.54
CA VAL C 339 4.74 -36.81 39.84
C VAL C 339 3.97 -37.82 39.00
N ILE C 340 2.63 -37.73 39.03
CA ILE C 340 1.82 -38.69 38.28
C ILE C 340 2.08 -38.55 36.78
N ALA C 341 2.24 -37.32 36.30
CA ALA C 341 2.52 -37.11 34.88
C ALA C 341 3.84 -37.74 34.47
N SER C 342 4.87 -37.58 35.30
CA SER C 342 6.16 -38.18 34.99
C SER C 342 6.08 -39.70 35.05
N LEU C 343 5.26 -40.24 35.95
CA LEU C 343 5.13 -41.69 36.04
C LEU C 343 4.71 -42.29 34.71
N VAL C 344 3.80 -41.63 33.99
CA VAL C 344 3.34 -42.11 32.70
C VAL C 344 4.26 -41.59 31.60
N THR C 351 9.47 -51.02 39.91
CA THR C 351 10.43 -49.92 39.85
C THR C 351 10.16 -48.92 40.96
N SER C 352 10.15 -49.40 42.20
CA SER C 352 9.88 -48.52 43.33
C SER C 352 10.96 -47.45 43.50
N SER C 353 12.19 -47.75 43.09
CA SER C 353 13.25 -46.76 43.18
C SER C 353 12.94 -45.54 42.33
N MET C 354 12.43 -45.76 41.12
CA MET C 354 12.04 -44.63 40.28
C MET C 354 10.89 -43.86 40.91
N VAL C 355 9.97 -44.57 41.58
CA VAL C 355 8.88 -43.89 42.28
C VAL C 355 9.42 -42.97 43.35
N LYS C 356 10.37 -43.47 44.16
CA LYS C 356 10.95 -42.64 45.21
C LYS C 356 11.70 -41.46 44.62
N GLU C 357 12.46 -41.68 43.55
CA GLU C 357 13.19 -40.58 42.92
C GLU C 357 12.24 -39.52 42.39
N LYS C 358 11.17 -39.94 41.73
CA LYS C 358 10.20 -38.99 41.19
C LYS C 358 9.53 -38.20 42.32
N LEU C 359 9.16 -38.87 43.40
CA LEU C 359 8.55 -38.18 44.52
C LEU C 359 9.52 -37.18 45.14
N VAL C 360 10.81 -37.54 45.22
CA VAL C 360 11.81 -36.61 45.74
C VAL C 360 11.96 -35.42 44.80
N ARG C 361 11.82 -35.65 43.49
CA ARG C 361 12.02 -34.58 42.52
C ARG C 361 11.04 -33.43 42.75
N PHE C 362 9.87 -33.72 43.33
CA PHE C 362 8.84 -32.72 43.56
C PHE C 362 8.54 -32.61 45.04
N LEU C 363 8.29 -31.40 45.51
CA LEU C 363 8.01 -31.12 46.91
C LEU C 363 9.11 -31.71 47.81
N PRO C 364 10.37 -31.35 47.57
CA PRO C 364 11.45 -31.92 48.39
C PRO C 364 11.31 -31.64 49.87
N ARG C 365 10.80 -30.47 50.24
CA ARG C 365 10.63 -30.15 51.65
C ARG C 365 9.65 -31.10 52.31
N THR C 366 8.51 -31.36 51.65
CA THR C 366 7.55 -32.30 52.19
C THR C 366 8.12 -33.71 52.24
N VAL C 367 8.90 -34.10 51.22
CA VAL C 367 9.51 -35.42 51.21
C VAL C 367 10.45 -35.58 52.41
N SER C 368 11.27 -34.57 52.67
CA SER C 368 12.18 -34.64 53.80
C SER C 368 11.42 -34.65 55.13
N ARG C 369 10.37 -33.83 55.24
CA ARG C 369 9.63 -33.76 56.50
C ARG C 369 8.96 -35.09 56.82
N LEU C 370 8.39 -35.74 55.82
CA LEU C 370 7.66 -36.97 56.07
C LEU C 370 8.61 -38.06 56.57
N PRO C 371 8.22 -38.83 57.58
CA PRO C 371 9.08 -39.92 58.05
C PRO C 371 9.18 -41.04 57.02
N GLU C 372 10.29 -41.78 57.11
CA GLU C 372 10.52 -42.86 56.15
C GLU C 372 9.44 -43.92 56.24
N GLU C 373 8.97 -44.22 57.46
CA GLU C 373 7.97 -45.26 57.63
C GLU C 373 6.69 -44.94 56.87
N GLU C 374 6.24 -43.68 56.94
CA GLU C 374 5.00 -43.29 56.29
C GLU C 374 5.12 -43.28 54.77
N ILE C 375 6.34 -43.23 54.22
CA ILE C 375 6.51 -43.10 52.79
C ILE C 375 5.80 -44.24 52.06
N GLU C 376 5.82 -45.44 52.64
CA GLU C 376 5.14 -46.57 52.03
C GLU C 376 3.68 -46.24 51.74
N SER C 377 2.99 -45.64 52.72
CA SER C 377 1.58 -45.31 52.56
C SER C 377 1.33 -44.48 51.31
N TRP C 378 2.35 -43.78 50.81
CA TRP C 378 2.23 -43.04 49.56
C TRP C 378 2.62 -43.88 48.36
N ILE C 379 3.74 -44.61 48.44
CA ILE C 379 4.26 -45.30 47.26
C ILE C 379 3.21 -46.25 46.71
N LYS C 380 2.63 -47.09 47.58
CA LYS C 380 1.57 -47.99 47.13
C LYS C 380 0.49 -47.23 46.39
N TRP C 381 0.05 -46.10 46.95
CA TRP C 381 -0.99 -45.31 46.30
C TRP C 381 -0.59 -44.96 44.88
N LEU C 382 0.65 -44.52 44.68
CA LEU C 382 1.10 -44.18 43.34
C LEU C 382 0.96 -45.37 42.40
N LYS C 383 1.31 -46.56 42.89
CA LYS C 383 1.12 -47.76 42.08
C LYS C 383 -0.34 -47.89 41.65
N GLU C 384 -1.26 -47.71 42.59
CA GLU C 384 -2.68 -47.77 42.26
C GLU C 384 -3.03 -46.72 41.22
N ILE C 385 -2.37 -45.56 41.25
CA ILE C 385 -2.59 -44.56 40.22
C ILE C 385 -2.12 -45.06 38.87
N LEU C 386 -0.96 -45.72 38.83
CA LEU C 386 -0.42 -46.30 37.61
C LEU C 386 -0.87 -47.73 37.40
N GLU C 387 -1.74 -48.25 38.27
CA GLU C 387 -2.22 -49.62 38.09
C GLU C 387 -2.93 -49.79 36.75
N SER C 388 -3.77 -48.83 36.38
CA SER C 388 -4.51 -48.87 35.13
C SER C 388 -4.28 -47.57 34.39
N SER C 389 -3.76 -47.67 33.16
CA SER C 389 -3.58 -46.50 32.30
C SER C 389 -4.77 -46.25 31.40
N HIS C 390 -5.75 -47.16 31.39
CA HIS C 390 -6.93 -46.99 30.55
C HIS C 390 -7.74 -45.78 30.96
N LEU C 391 -7.93 -45.59 32.28
CA LEU C 391 -8.77 -44.52 32.77
C LEU C 391 -8.01 -43.21 32.89
N LEU C 392 -6.83 -43.25 33.51
CA LEU C 392 -6.09 -42.02 33.78
C LEU C 392 -5.68 -41.35 32.48
N THR C 393 -6.10 -40.11 32.31
CA THR C 393 -5.73 -39.29 31.17
C THR C 393 -5.17 -37.97 31.67
N VAL C 394 -4.18 -37.43 30.95
CA VAL C 394 -3.54 -36.19 31.34
C VAL C 394 -3.45 -35.27 30.13
N ILE C 395 -3.34 -33.98 30.41
CA ILE C 395 -3.24 -32.95 29.39
C ILE C 395 -1.78 -32.62 29.16
N LYS C 396 -1.48 -32.13 27.97
CA LYS C 396 -0.12 -31.72 27.62
C LYS C 396 0.06 -30.23 27.92
N MET C 397 1.10 -29.90 28.69
CA MET C 397 1.33 -28.52 29.06
C MET C 397 1.65 -27.66 27.83
N GLU C 398 2.35 -28.23 26.86
CA GLU C 398 2.75 -27.45 25.68
C GLU C 398 1.53 -26.98 24.89
N GLU C 399 0.50 -27.82 24.78
CA GLU C 399 -0.66 -27.48 23.98
C GLU C 399 -1.28 -26.17 24.45
N ALA C 400 -1.59 -25.29 23.50
CA ALA C 400 -2.18 -23.99 23.78
C ALA C 400 -3.54 -23.81 23.11
N GLY C 401 -4.20 -24.92 22.75
CA GLY C 401 -5.49 -24.80 22.11
C GLY C 401 -6.53 -24.18 23.02
N ASP C 402 -7.46 -23.46 22.40
CA ASP C 402 -8.52 -22.81 23.17
C ASP C 402 -9.51 -23.82 23.74
N GLU C 403 -9.77 -24.90 22.99
CA GLU C 403 -10.76 -25.90 23.37
C GLU C 403 -10.13 -27.16 23.95
N ILE C 404 -8.96 -27.03 24.57
CA ILE C 404 -8.29 -28.21 25.12
C ILE C 404 -9.08 -28.79 26.28
N VAL C 405 -9.76 -27.94 27.06
CA VAL C 405 -10.52 -28.42 28.21
C VAL C 405 -11.61 -29.39 27.74
N SER C 406 -12.42 -28.95 26.78
CA SER C 406 -13.51 -29.77 26.30
C SER C 406 -12.99 -31.05 25.67
N ASN C 407 -11.93 -30.94 24.88
CA ASN C 407 -11.38 -32.11 24.21
C ASN C 407 -10.88 -33.13 25.21
N ALA C 408 -10.17 -32.68 26.25
CA ALA C 408 -9.63 -33.58 27.26
C ALA C 408 -10.75 -34.30 28.00
N ILE C 409 -11.74 -33.53 28.47
CA ILE C 409 -12.84 -34.17 29.21
C ILE C 409 -13.57 -35.16 28.31
N SER C 410 -13.80 -34.78 27.06
CA SER C 410 -14.52 -35.66 26.13
C SER C 410 -13.76 -36.94 25.90
N TYR C 411 -12.45 -36.86 25.68
CA TYR C 411 -11.65 -38.05 25.42
C TYR C 411 -11.62 -38.97 26.64
N ALA C 412 -11.41 -38.38 27.82
CA ALA C 412 -11.35 -39.19 29.03
C ALA C 412 -12.69 -39.89 29.28
N LEU C 413 -13.79 -39.19 29.07
CA LEU C 413 -15.11 -39.80 29.22
C LEU C 413 -15.33 -40.89 28.18
N TYR C 414 -14.89 -40.64 26.95
CA TYR C 414 -15.10 -41.61 25.86
C TYR C 414 -14.38 -42.91 26.13
N LYS C 415 -13.17 -42.84 26.68
CA LYS C 415 -12.41 -44.06 26.96
C LYS C 415 -13.16 -44.97 27.92
N ALA C 416 -13.79 -44.39 28.93
CA ALA C 416 -14.50 -45.21 29.92
C ALA C 416 -15.64 -45.99 29.27
N PHE C 417 -16.42 -45.33 28.41
CA PHE C 417 -17.47 -46.04 27.69
C PHE C 417 -16.88 -47.12 26.79
N SER C 418 -15.79 -46.81 26.11
CA SER C 418 -15.20 -47.78 25.18
C SER C 418 -14.73 -49.02 25.92
N THR C 419 -14.08 -48.85 27.08
CA THR C 419 -13.50 -49.98 27.80
C THR C 419 -14.50 -50.66 28.73
N ASN C 420 -15.63 -50.02 29.03
CA ASN C 420 -16.59 -50.61 29.96
C ASN C 420 -17.06 -51.97 29.49
N GLU C 421 -17.30 -52.12 28.19
CA GLU C 421 -17.79 -53.31 27.52
C GLU C 421 -19.29 -53.51 27.76
N GLN C 422 -19.94 -52.67 28.56
CA GLN C 422 -21.38 -52.81 28.74
C GLN C 422 -22.11 -52.53 27.44
N ASP C 423 -21.69 -51.49 26.71
CA ASP C 423 -22.29 -51.14 25.43
C ASP C 423 -21.26 -51.17 24.29
N LYS C 424 -20.12 -51.83 24.51
CA LYS C 424 -19.13 -51.95 23.44
C LYS C 424 -19.72 -52.67 22.23
N ASP C 425 -20.55 -53.69 22.48
CA ASP C 425 -21.24 -54.37 21.38
C ASP C 425 -22.12 -53.40 20.62
N ASN C 426 -22.84 -52.52 21.33
CA ASN C 426 -23.64 -51.50 20.68
C ASN C 426 -22.73 -50.54 19.93
N TRP C 427 -22.97 -50.39 18.63
CA TRP C 427 -22.14 -49.57 17.76
C TRP C 427 -22.79 -48.23 17.41
N ASN C 428 -24.00 -47.96 17.89
CA ASN C 428 -24.69 -46.71 17.63
C ASN C 428 -24.57 -45.72 18.77
N GLY C 429 -24.59 -46.19 20.02
CA GLY C 429 -24.46 -45.27 21.14
C GLY C 429 -23.14 -44.53 21.15
N GLN C 430 -22.08 -45.16 20.67
CA GLN C 430 -20.77 -44.53 20.65
C GLN C 430 -20.79 -43.26 19.79
N LEU C 431 -21.36 -43.37 18.58
CA LEU C 431 -21.45 -42.20 17.72
C LEU C 431 -22.35 -41.13 18.32
N LYS C 432 -23.48 -41.54 18.88
CA LYS C 432 -24.40 -40.55 19.47
C LYS C 432 -23.71 -39.78 20.60
N LEU C 433 -22.91 -40.48 21.41
CA LEU C 433 -22.13 -39.80 22.43
C LEU C 433 -21.11 -38.86 21.80
N LEU C 434 -20.38 -39.34 20.80
CA LEU C 434 -19.30 -38.54 20.23
C LEU C 434 -19.84 -37.33 19.48
N LEU C 435 -21.10 -37.36 19.04
CA LEU C 435 -21.67 -36.20 18.36
C LEU C 435 -21.87 -35.04 19.32
N GLU C 436 -22.59 -35.27 20.42
CA GLU C 436 -22.86 -34.20 21.37
C GLU C 436 -21.57 -33.55 21.85
N TRP C 437 -20.53 -34.34 22.03
CA TRP C 437 -19.22 -33.81 22.36
C TRP C 437 -18.47 -33.54 21.07
N ASN C 438 -18.21 -32.27 20.78
CA ASN C 438 -17.74 -31.89 19.45
C ASN C 438 -16.39 -32.56 19.19
N GLN C 439 -16.40 -33.63 18.40
CA GLN C 439 -15.18 -34.37 18.06
C GLN C 439 -15.36 -34.90 16.64
N LEU C 440 -14.85 -34.15 15.66
CA LEU C 440 -14.96 -34.57 14.27
C LEU C 440 -13.88 -35.58 13.93
N ASP C 441 -12.64 -35.31 14.31
CA ASP C 441 -11.55 -36.21 13.94
C ASP C 441 -11.75 -37.58 14.57
N LEU C 442 -12.12 -37.63 15.85
CA LEU C 442 -12.35 -38.91 16.51
C LEU C 442 -13.50 -39.66 15.85
N ALA C 443 -14.60 -38.96 15.57
CA ALA C 443 -15.75 -39.62 14.96
C ALA C 443 -15.39 -40.19 13.60
N SER C 444 -14.65 -39.43 12.80
CA SER C 444 -14.26 -39.89 11.47
C SER C 444 -13.31 -41.09 11.56
N ASP C 445 -12.32 -41.02 12.45
CA ASP C 445 -11.29 -42.05 12.49
C ASP C 445 -11.80 -43.35 13.11
N GLU C 446 -12.56 -43.25 14.20
CA GLU C 446 -12.93 -44.43 14.99
C GLU C 446 -14.30 -44.99 14.61
N ILE C 447 -15.33 -44.15 14.57
CA ILE C 447 -16.69 -44.66 14.37
C ILE C 447 -16.80 -45.32 13.00
N PHE C 448 -16.58 -44.55 11.93
CA PHE C 448 -16.75 -45.11 10.59
C PHE C 448 -15.53 -45.93 10.19
N THR C 449 -14.36 -45.30 10.11
CA THR C 449 -13.13 -45.99 9.77
C THR C 449 -13.32 -46.81 8.50
N ASN C 450 -13.23 -48.14 8.61
CA ASN C 450 -13.40 -49.02 7.46
C ASN C 450 -13.85 -50.38 7.94
N ASP C 451 -14.34 -51.19 7.00
CA ASP C 451 -14.78 -52.55 7.28
C ASP C 451 -16.01 -52.55 8.20
N ARG C 452 -16.87 -51.55 8.04
CA ARG C 452 -18.12 -51.46 8.79
C ARG C 452 -19.26 -51.26 7.81
N ARG C 453 -20.28 -52.12 7.92
CA ARG C 453 -21.42 -52.11 7.00
C ARG C 453 -22.57 -51.31 7.61
N TRP C 454 -22.31 -50.02 7.82
CA TRP C 454 -23.36 -49.15 8.36
C TRP C 454 -24.51 -49.01 7.38
N GLU C 455 -24.22 -48.93 6.08
CA GLU C 455 -25.25 -48.76 5.07
C GLU C 455 -25.81 -47.35 5.12
N SER C 456 -26.71 -47.02 4.19
CA SER C 456 -27.27 -45.68 4.11
C SER C 456 -28.40 -45.45 5.12
N ALA C 457 -28.90 -46.50 5.76
CA ALA C 457 -30.00 -46.38 6.70
C ALA C 457 -29.53 -46.27 8.15
N ASP C 458 -28.23 -46.28 8.39
CA ASP C 458 -27.72 -46.20 9.75
C ASP C 458 -27.62 -44.76 10.26
N LEU C 459 -27.31 -43.81 9.37
CA LEU C 459 -27.07 -42.44 9.78
C LEU C 459 -28.35 -41.60 9.91
N GLN C 460 -29.52 -42.16 9.60
CA GLN C 460 -30.77 -41.39 9.58
C GLN C 460 -30.98 -40.55 10.83
N GLU C 461 -31.09 -41.21 11.99
CA GLU C 461 -31.44 -40.50 13.22
C GLU C 461 -30.30 -39.62 13.70
N VAL C 462 -29.06 -40.11 13.62
CA VAL C 462 -27.92 -39.31 14.07
C VAL C 462 -27.76 -38.08 13.19
N MET C 463 -27.99 -38.23 11.88
CA MET C 463 -27.91 -37.08 11.00
C MET C 463 -29.04 -36.08 11.29
N PHE C 464 -30.24 -36.59 11.60
CA PHE C 464 -31.31 -35.69 12.00
C PHE C 464 -30.91 -34.90 13.24
N THR C 465 -30.33 -35.59 14.23
CA THR C 465 -29.91 -34.91 15.44
C THR C 465 -28.82 -33.89 15.15
N ALA C 466 -27.90 -34.23 14.25
CA ALA C 466 -26.85 -33.28 13.89
C ALA C 466 -27.43 -32.03 13.24
N LEU C 467 -28.41 -32.19 12.36
CA LEU C 467 -29.09 -31.04 11.78
C LEU C 467 -29.75 -30.20 12.85
N ILE C 468 -30.40 -30.86 13.81
CA ILE C 468 -31.09 -30.13 14.87
C ILE C 468 -30.08 -29.33 15.70
N LYS C 469 -28.94 -29.93 16.02
CA LYS C 469 -27.97 -29.37 16.95
C LYS C 469 -26.95 -28.45 16.28
N ASP C 470 -27.06 -28.20 14.97
CA ASP C 470 -26.17 -27.30 14.26
C ASP C 470 -24.72 -27.78 14.37
N ARG C 471 -24.47 -28.93 13.74
CA ARG C 471 -23.15 -29.54 13.67
C ARG C 471 -22.75 -29.62 12.21
N PRO C 472 -22.23 -28.53 11.64
CA PRO C 472 -21.96 -28.52 10.19
C PRO C 472 -20.93 -29.55 9.75
N LYS C 473 -19.81 -29.65 10.46
CA LYS C 473 -18.77 -30.59 10.07
C LYS C 473 -19.28 -32.02 10.12
N PHE C 474 -20.05 -32.35 11.16
CA PHE C 474 -20.63 -33.69 11.24
C PHE C 474 -21.63 -33.92 10.11
N VAL C 475 -22.39 -32.88 9.74
CA VAL C 475 -23.32 -33.02 8.62
C VAL C 475 -22.56 -33.35 7.34
N ARG C 476 -21.47 -32.63 7.10
CA ARG C 476 -20.67 -32.89 5.90
C ARG C 476 -20.08 -34.29 5.94
N LEU C 477 -19.57 -34.71 7.11
CA LEU C 477 -18.98 -36.03 7.21
C LEU C 477 -20.02 -37.12 6.96
N PHE C 478 -21.23 -36.94 7.48
CA PHE C 478 -22.30 -37.89 7.22
C PHE C 478 -22.63 -37.93 5.73
N LEU C 479 -22.84 -36.77 5.13
CA LEU C 479 -23.26 -36.73 3.72
C LEU C 479 -22.21 -37.37 2.82
N GLU C 480 -20.95 -36.94 2.94
CA GLU C 480 -19.93 -37.41 2.02
C GLU C 480 -19.60 -38.88 2.25
N ASN C 481 -19.78 -39.37 3.48
CA ASN C 481 -19.38 -40.73 3.84
C ASN C 481 -20.55 -41.70 3.67
N GLY C 482 -21.06 -41.77 2.45
CA GLY C 482 -22.03 -42.78 2.06
C GLY C 482 -23.48 -42.42 2.31
N LEU C 483 -23.77 -41.29 2.96
CA LEU C 483 -25.15 -40.92 3.22
C LEU C 483 -25.85 -40.50 1.94
N ASN C 484 -27.11 -40.87 1.81
CA ASN C 484 -27.95 -40.50 0.67
C ASN C 484 -28.96 -39.46 1.14
N LEU C 485 -28.82 -38.23 0.67
CA LEU C 485 -29.70 -37.15 1.10
C LEU C 485 -31.07 -37.24 0.45
N GLN C 486 -31.16 -37.78 -0.78
CA GLN C 486 -32.44 -37.88 -1.45
C GLN C 486 -33.42 -38.73 -0.67
N LYS C 487 -32.99 -39.93 -0.26
CA LYS C 487 -33.88 -40.81 0.49
C LYS C 487 -34.25 -40.20 1.83
N PHE C 488 -33.27 -39.60 2.52
CA PHE C 488 -33.55 -39.00 3.81
C PHE C 488 -34.58 -37.88 3.69
N LEU C 489 -34.42 -37.01 2.68
CA LEU C 489 -35.38 -35.92 2.50
C LEU C 489 -36.74 -36.45 2.07
N THR C 490 -36.78 -37.55 1.31
CA THR C 490 -38.04 -38.07 0.83
C THR C 490 -38.95 -38.51 1.97
N ASN C 491 -38.40 -38.74 3.16
CA ASN C 491 -39.21 -39.15 4.30
C ASN C 491 -40.08 -38.00 4.78
N GLU C 492 -41.08 -38.33 5.59
CA GLU C 492 -41.98 -37.33 6.16
C GLU C 492 -41.28 -36.45 7.18
N VAL C 493 -40.06 -36.79 7.58
CA VAL C 493 -39.33 -35.99 8.56
C VAL C 493 -39.34 -34.52 8.16
N LEU C 494 -39.23 -34.24 6.87
CA LEU C 494 -39.29 -32.86 6.39
C LEU C 494 -40.45 -32.12 7.04
N THR C 495 -41.67 -32.63 6.87
CA THR C 495 -42.83 -32.02 7.52
C THR C 495 -42.55 -31.75 8.99
N GLU C 496 -42.15 -32.79 9.72
CA GLU C 496 -41.80 -32.60 11.12
C GLU C 496 -40.75 -31.50 11.26
N LEU C 497 -39.66 -31.61 10.50
CA LEU C 497 -38.58 -30.64 10.60
C LEU C 497 -39.07 -29.22 10.34
N PHE C 498 -40.17 -29.09 9.59
CA PHE C 498 -40.71 -27.76 9.32
C PHE C 498 -41.83 -27.39 10.28
N SER C 499 -42.54 -28.37 10.83
CA SER C 499 -43.67 -28.04 11.69
C SER C 499 -43.21 -27.52 13.05
N THR C 500 -42.15 -28.10 13.62
CA THR C 500 -41.70 -27.79 14.97
C THR C 500 -40.42 -26.98 14.99
N HIS C 501 -39.45 -27.34 14.14
CA HIS C 501 -38.11 -26.78 14.23
C HIS C 501 -38.11 -25.26 14.12
N PHE C 502 -39.02 -24.71 13.32
CA PHE C 502 -39.02 -23.28 13.04
C PHE C 502 -39.00 -22.45 14.33
N SER C 503 -38.12 -21.46 14.37
CA SER C 503 -38.09 -20.50 15.47
C SER C 503 -39.32 -19.60 15.41
N THR C 504 -39.90 -19.32 16.57
CA THR C 504 -41.15 -18.56 16.61
C THR C 504 -40.94 -17.14 16.10
N LEU C 505 -39.89 -16.48 16.58
CA LEU C 505 -39.66 -15.10 16.13
C LEU C 505 -39.37 -15.06 14.63
N VAL C 506 -38.65 -16.05 14.12
CA VAL C 506 -38.40 -16.09 12.67
C VAL C 506 -39.71 -16.19 11.92
N TYR C 507 -40.63 -17.04 12.40
CA TYR C 507 -41.92 -17.19 11.74
C TYR C 507 -42.70 -15.86 11.77
N ARG C 508 -42.73 -15.20 12.93
CA ARG C 508 -43.46 -13.95 13.05
C ARG C 508 -42.87 -12.87 12.15
N ASN C 509 -41.54 -12.76 12.14
CA ASN C 509 -40.88 -11.75 11.31
C ASN C 509 -41.11 -12.04 9.83
N LEU C 510 -41.04 -13.30 9.43
CA LEU C 510 -41.32 -13.66 8.05
C LEU C 510 -42.74 -13.28 7.66
N GLN C 511 -43.71 -13.56 8.54
CA GLN C 511 -45.09 -13.24 8.23
C GLN C 511 -45.30 -11.73 8.10
N ILE C 512 -44.74 -10.95 9.04
CA ILE C 512 -44.93 -9.51 8.99
C ILE C 512 -44.24 -8.93 7.74
N ALA C 513 -43.05 -9.42 7.42
CA ALA C 513 -42.36 -8.95 6.22
C ALA C 513 -43.17 -9.27 4.96
N LYS C 514 -43.72 -10.48 4.88
CA LYS C 514 -44.50 -10.86 3.72
C LYS C 514 -45.75 -9.99 3.59
N ASN C 515 -46.44 -9.76 4.71
CA ASN C 515 -47.65 -8.94 4.66
C ASN C 515 -47.34 -7.49 4.30
N SER C 516 -46.27 -6.94 4.85
CA SER C 516 -46.00 -5.51 4.68
C SER C 516 -45.62 -5.18 3.25
N TYR C 517 -44.77 -6.00 2.62
CA TYR C 517 -44.21 -5.68 1.32
C TYR C 517 -44.76 -6.59 0.23
N ASN C 518 -44.65 -7.91 0.39
CA ASN C 518 -45.14 -8.86 -0.60
C ASN C 518 -44.30 -8.78 -1.87
N ASP C 519 -44.33 -9.83 -2.69
CA ASP C 519 -43.58 -9.88 -3.93
C ASP C 519 -43.86 -11.18 -4.66
N ALA C 520 -43.30 -11.34 -5.86
CA ALA C 520 -43.52 -12.56 -6.62
C ALA C 520 -42.98 -13.78 -5.88
N LEU C 521 -41.84 -13.63 -5.20
CA LEU C 521 -41.22 -14.75 -4.50
C LEU C 521 -41.66 -14.86 -3.04
N LEU C 522 -41.86 -13.74 -2.35
CA LEU C 522 -42.21 -13.79 -0.93
C LEU C 522 -43.40 -14.71 -0.68
N THR C 523 -44.46 -14.52 -1.47
CA THR C 523 -45.68 -15.29 -1.24
C THR C 523 -45.43 -16.77 -1.49
N PHE C 524 -44.61 -17.10 -2.48
CA PHE C 524 -44.39 -18.50 -2.82
C PHE C 524 -43.76 -19.26 -1.64
N VAL C 525 -42.64 -18.74 -1.12
CA VAL C 525 -41.96 -19.42 -0.03
C VAL C 525 -42.82 -19.41 1.23
N TRP C 526 -43.46 -18.27 1.52
CA TRP C 526 -44.32 -18.23 2.70
C TRP C 526 -45.44 -19.25 2.61
N LYS C 527 -46.05 -19.39 1.42
CA LYS C 527 -47.14 -20.33 1.25
C LYS C 527 -46.66 -21.78 1.39
N LEU C 528 -45.51 -22.10 0.80
CA LEU C 528 -44.98 -23.45 0.95
C LEU C 528 -44.70 -23.77 2.42
N VAL C 529 -44.08 -22.83 3.13
CA VAL C 529 -43.77 -23.04 4.54
C VAL C 529 -45.05 -23.22 5.35
N ALA C 530 -46.06 -22.39 5.10
CA ALA C 530 -47.32 -22.53 5.83
C ALA C 530 -47.98 -23.86 5.51
N ASN C 531 -47.90 -24.30 4.25
CA ASN C 531 -48.45 -25.61 3.88
C ASN C 531 -47.79 -26.71 4.69
N PHE C 532 -46.46 -26.67 4.81
CA PHE C 532 -45.79 -27.73 5.58
C PHE C 532 -46.11 -27.63 7.06
N ARG C 533 -46.18 -26.41 7.60
CA ARG C 533 -46.48 -26.27 9.02
C ARG C 533 -47.88 -26.79 9.35
N ARG C 534 -48.87 -26.45 8.53
CA ARG C 534 -50.23 -26.94 8.77
C ARG C 534 -50.29 -28.46 8.68
N SER C 535 -49.60 -29.03 7.69
CA SER C 535 -49.59 -30.48 7.52
C SER C 535 -48.25 -30.93 6.93
N ARG C 559 -42.82 -31.90 -3.53
CA ARG C 559 -41.61 -31.71 -4.30
C ARG C 559 -40.81 -30.52 -3.78
N HIS C 560 -39.78 -30.13 -4.52
CA HIS C 560 -38.89 -29.03 -4.14
C HIS C 560 -38.33 -29.24 -2.73
N PRO C 561 -37.70 -30.37 -2.46
CA PRO C 561 -37.21 -30.64 -1.09
C PRO C 561 -36.07 -29.73 -0.67
N LEU C 562 -35.01 -29.67 -1.46
CA LEU C 562 -33.81 -28.94 -1.04
C LEU C 562 -34.05 -27.43 -1.03
N GLN C 563 -34.92 -26.93 -1.91
CA GLN C 563 -35.22 -25.51 -1.92
C GLN C 563 -35.84 -25.06 -0.61
N ALA C 564 -36.37 -26.00 0.18
CA ALA C 564 -36.94 -25.69 1.48
C ALA C 564 -35.88 -25.66 2.57
N LEU C 565 -34.98 -26.65 2.58
CA LEU C 565 -33.89 -26.65 3.55
C LEU C 565 -33.00 -25.43 3.34
N PHE C 566 -32.79 -25.02 2.09
CA PHE C 566 -31.97 -23.85 1.83
C PHE C 566 -32.55 -22.62 2.52
N ILE C 567 -33.84 -22.37 2.33
CA ILE C 567 -34.46 -21.20 2.94
C ILE C 567 -34.49 -21.34 4.46
N TRP C 568 -34.71 -22.56 4.96
CA TRP C 568 -34.62 -22.79 6.39
C TRP C 568 -33.27 -22.31 6.92
N ALA C 569 -32.19 -22.76 6.31
CA ALA C 569 -30.86 -22.40 6.78
C ALA C 569 -30.63 -20.90 6.65
N ILE C 570 -31.07 -20.30 5.55
CA ILE C 570 -30.72 -18.91 5.28
C ILE C 570 -31.52 -17.96 6.16
N LEU C 571 -32.71 -18.36 6.61
CA LEU C 571 -33.49 -17.47 7.47
C LEU C 571 -32.80 -17.23 8.80
N GLN C 572 -32.22 -18.28 9.40
CA GLN C 572 -31.61 -18.18 10.72
C GLN C 572 -30.16 -17.71 10.67
N ASN C 573 -29.70 -17.18 9.53
CA ASN C 573 -28.34 -16.66 9.42
C ASN C 573 -27.30 -17.71 9.76
N LYS C 574 -27.54 -18.95 9.34
CA LYS C 574 -26.61 -20.05 9.58
C LYS C 574 -25.61 -20.11 8.43
N LYS C 575 -24.42 -19.57 8.67
CA LYS C 575 -23.41 -19.50 7.61
C LYS C 575 -22.92 -20.88 7.21
N GLU C 576 -22.62 -21.73 8.18
CA GLU C 576 -21.98 -23.01 7.91
C GLU C 576 -22.94 -24.11 7.53
N LEU C 577 -24.25 -23.88 7.63
CA LEU C 577 -25.24 -24.86 7.21
C LEU C 577 -25.93 -24.52 5.90
N SER C 578 -25.92 -23.25 5.51
CA SER C 578 -26.52 -22.86 4.23
C SER C 578 -25.62 -23.20 3.05
N LYS C 579 -24.30 -23.12 3.23
CA LYS C 579 -23.39 -23.36 2.12
C LYS C 579 -23.48 -24.80 1.61
N VAL C 580 -23.55 -25.76 2.53
CA VAL C 580 -23.65 -27.16 2.12
C VAL C 580 -24.95 -27.40 1.35
N ILE C 581 -26.05 -26.86 1.86
CA ILE C 581 -27.33 -26.99 1.16
C ILE C 581 -27.24 -26.37 -0.22
N TRP C 582 -26.58 -25.22 -0.33
CA TRP C 582 -26.38 -24.59 -1.64
C TRP C 582 -25.60 -25.51 -2.57
N GLU C 583 -24.53 -26.11 -2.05
CA GLU C 583 -23.71 -26.99 -2.89
C GLU C 583 -24.51 -28.18 -3.39
N GLN C 584 -25.36 -28.75 -2.53
CA GLN C 584 -26.11 -29.94 -2.93
C GLN C 584 -27.10 -29.63 -4.04
N THR C 585 -27.73 -28.46 -4.01
CA THR C 585 -28.82 -28.15 -4.92
C THR C 585 -28.33 -28.13 -6.38
N LYS C 586 -29.31 -28.05 -7.28
CA LYS C 586 -29.08 -27.90 -8.71
C LYS C 586 -29.37 -26.47 -9.13
N GLY C 587 -28.72 -26.04 -10.22
CA GLY C 587 -28.92 -24.68 -10.69
C GLY C 587 -28.62 -23.68 -9.60
N CYS C 588 -27.38 -23.68 -9.12
CA CYS C 588 -27.10 -23.02 -7.85
C CYS C 588 -26.89 -21.52 -8.02
N THR C 589 -26.49 -21.06 -9.20
CA THR C 589 -26.38 -19.62 -9.40
C THR C 589 -27.72 -18.94 -9.18
N LEU C 590 -28.79 -19.55 -9.68
CA LEU C 590 -30.12 -19.00 -9.52
C LEU C 590 -30.50 -18.92 -8.04
N ALA C 591 -30.23 -20.00 -7.30
CA ALA C 591 -30.54 -20.02 -5.88
C ALA C 591 -29.72 -18.97 -5.14
N ALA C 592 -28.45 -18.80 -5.50
CA ALA C 592 -27.61 -17.81 -4.85
C ALA C 592 -28.14 -16.41 -5.08
N LEU C 593 -28.56 -16.10 -6.31
CA LEU C 593 -29.11 -14.77 -6.58
C LEU C 593 -30.39 -14.54 -5.78
N GLY C 594 -31.29 -15.54 -5.77
CA GLY C 594 -32.51 -15.38 -5.00
C GLY C 594 -32.24 -15.18 -3.52
N ALA C 595 -31.28 -15.92 -2.98
CA ALA C 595 -30.94 -15.78 -1.57
C ALA C 595 -30.33 -14.42 -1.29
N SER C 596 -29.51 -13.90 -2.21
CA SER C 596 -28.96 -12.56 -2.02
C SER C 596 -30.07 -11.53 -1.93
N LYS C 597 -31.03 -11.60 -2.85
CA LYS C 597 -32.14 -10.65 -2.80
C LYS C 597 -32.92 -10.81 -1.50
N LEU C 598 -33.20 -12.06 -1.11
CA LEU C 598 -34.00 -12.29 0.08
C LEU C 598 -33.31 -11.73 1.32
N LEU C 599 -32.00 -11.95 1.44
CA LEU C 599 -31.27 -11.39 2.57
C LEU C 599 -31.30 -9.87 2.54
N LYS C 600 -31.11 -9.27 1.37
CA LYS C 600 -31.17 -7.82 1.27
C LYS C 600 -32.57 -7.28 1.59
N THR C 601 -33.59 -8.13 1.55
CA THR C 601 -34.95 -7.66 1.76
C THR C 601 -35.11 -7.01 3.14
N LEU C 602 -34.58 -7.65 4.19
CA LEU C 602 -34.86 -7.27 5.57
C LEU C 602 -33.75 -6.43 6.21
N ALA C 603 -32.77 -5.99 5.44
CA ALA C 603 -31.65 -5.26 6.04
C ALA C 603 -32.10 -3.93 6.63
N LYS C 604 -33.14 -3.31 6.05
CA LYS C 604 -33.49 -1.94 6.40
C LYS C 604 -34.01 -1.80 7.84
N VAL C 605 -34.66 -2.83 8.38
CA VAL C 605 -35.36 -2.67 9.65
C VAL C 605 -34.38 -2.22 10.74
N LYS C 606 -34.84 -1.27 11.55
CA LYS C 606 -34.03 -0.67 12.61
C LYS C 606 -34.33 -1.24 13.99
N ASN C 607 -35.15 -2.30 14.08
CA ASN C 607 -35.47 -2.85 15.39
C ASN C 607 -34.21 -3.35 16.10
N ASP C 608 -33.34 -4.04 15.37
CA ASP C 608 -32.06 -4.49 15.91
C ASP C 608 -30.95 -4.11 14.94
N ILE C 609 -29.91 -3.46 15.46
CA ILE C 609 -28.81 -3.01 14.60
C ILE C 609 -27.96 -4.19 14.16
N ASN C 610 -27.53 -5.01 15.12
CA ASN C 610 -26.68 -6.16 14.80
C ASN C 610 -27.42 -7.17 13.94
N ALA C 611 -28.69 -7.43 14.28
CA ALA C 611 -29.49 -8.39 13.54
C ALA C 611 -29.59 -8.00 12.07
N ALA C 612 -29.59 -6.71 11.77
CA ALA C 612 -29.64 -6.25 10.38
C ALA C 612 -28.26 -6.28 9.75
N GLY C 613 -27.23 -5.84 10.48
CA GLY C 613 -25.89 -5.79 9.90
C GLY C 613 -25.37 -7.16 9.52
N GLU C 614 -25.59 -8.16 10.38
CA GLU C 614 -25.11 -9.51 10.09
C GLU C 614 -25.79 -10.07 8.84
N SER C 615 -27.11 -9.89 8.74
CA SER C 615 -27.82 -10.38 7.57
C SER C 615 -27.35 -9.67 6.31
N GLU C 616 -27.10 -8.36 6.41
CA GLU C 616 -26.56 -7.63 5.26
C GLU C 616 -25.17 -8.17 4.88
N GLU C 617 -24.37 -8.55 5.87
CA GLU C 617 -23.07 -9.13 5.58
C GLU C 617 -23.21 -10.39 4.74
N LEU C 618 -24.11 -11.29 5.16
CA LEU C 618 -24.31 -12.52 4.38
C LEU C 618 -24.86 -12.21 3.00
N ALA C 619 -25.75 -11.21 2.92
CA ALA C 619 -26.31 -10.81 1.63
C ALA C 619 -25.21 -10.37 0.68
N ASN C 620 -24.29 -9.54 1.17
CA ASN C 620 -23.14 -9.15 0.36
C ASN C 620 -22.30 -10.36 -0.01
N GLU C 621 -22.16 -11.30 0.91
CA GLU C 621 -21.31 -12.47 0.65
C GLU C 621 -21.82 -13.26 -0.55
N TYR C 622 -23.13 -13.52 -0.61
CA TYR C 622 -23.63 -14.43 -1.64
C TYR C 622 -23.45 -13.87 -3.06
N GLU C 623 -23.48 -12.55 -3.21
CA GLU C 623 -23.39 -11.96 -4.54
C GLU C 623 -22.06 -12.30 -5.21
N THR C 624 -20.96 -12.21 -4.45
CA THR C 624 -19.66 -12.53 -5.01
C THR C 624 -19.60 -13.97 -5.46
N ARG C 625 -20.16 -14.88 -4.66
CA ARG C 625 -20.19 -16.29 -5.04
C ARG C 625 -20.90 -16.47 -6.36
N ALA C 626 -22.09 -15.88 -6.50
CA ALA C 626 -22.85 -16.03 -7.73
C ALA C 626 -22.08 -15.48 -8.93
N VAL C 627 -21.51 -14.28 -8.76
CA VAL C 627 -20.82 -13.63 -9.87
C VAL C 627 -19.60 -14.46 -10.30
N GLU C 628 -18.82 -14.92 -9.34
CA GLU C 628 -17.64 -15.72 -9.67
C GLU C 628 -18.04 -17.02 -10.35
N LEU C 629 -19.10 -17.66 -9.86
CA LEU C 629 -19.55 -18.89 -10.49
C LEU C 629 -19.92 -18.66 -11.94
N PHE C 630 -20.70 -17.61 -12.21
CA PHE C 630 -21.10 -17.38 -13.60
C PHE C 630 -19.91 -17.00 -14.47
N THR C 631 -18.98 -16.20 -13.94
CA THR C 631 -17.81 -15.82 -14.74
C THR C 631 -17.00 -17.04 -15.11
N GLU C 632 -16.79 -17.96 -14.15
CA GLU C 632 -16.06 -19.19 -14.45
C GLU C 632 -16.83 -20.04 -15.45
N CYS C 633 -18.16 -20.09 -15.31
CA CYS C 633 -18.97 -20.92 -16.19
C CYS C 633 -18.93 -20.42 -17.63
N TYR C 634 -18.93 -19.09 -17.82
CA TYR C 634 -19.02 -18.52 -19.16
C TYR C 634 -17.70 -18.63 -19.92
N SER C 635 -16.57 -18.69 -19.20
CA SER C 635 -15.27 -18.68 -19.86
C SER C 635 -14.99 -19.93 -20.66
N ASN C 636 -15.80 -20.98 -20.50
CA ASN C 636 -15.57 -22.25 -21.20
C ASN C 636 -16.43 -22.40 -22.45
N ASP C 637 -17.75 -22.18 -22.33
CA ASP C 637 -18.66 -22.36 -23.44
C ASP C 637 -19.64 -21.20 -23.48
N GLU C 638 -19.59 -20.41 -24.54
CA GLU C 638 -20.48 -19.27 -24.68
C GLU C 638 -21.92 -19.72 -24.89
N ASP C 639 -22.14 -20.64 -25.83
CA ASP C 639 -23.50 -21.04 -26.16
C ASP C 639 -24.22 -21.63 -24.96
N LEU C 640 -23.54 -22.52 -24.23
CA LEU C 640 -24.19 -23.16 -23.09
C LEU C 640 -24.45 -22.17 -21.97
N ALA C 641 -23.55 -21.19 -21.77
CA ALA C 641 -23.80 -20.17 -20.76
C ALA C 641 -25.01 -19.31 -21.13
N GLU C 642 -25.09 -18.89 -22.39
CA GLU C 642 -26.24 -18.12 -22.83
C GLU C 642 -27.53 -18.93 -22.69
N GLN C 643 -27.46 -20.23 -22.96
CA GLN C 643 -28.63 -21.09 -22.78
C GLN C 643 -29.00 -21.19 -21.30
N LEU C 644 -28.00 -21.27 -20.43
CA LEU C 644 -28.24 -21.32 -18.99
C LEU C 644 -28.95 -20.06 -18.52
N LEU C 645 -28.56 -18.90 -19.06
CA LEU C 645 -29.08 -17.64 -18.57
C LEU C 645 -30.56 -17.44 -18.86
N VAL C 646 -31.13 -18.18 -19.82
CA VAL C 646 -32.52 -18.02 -20.21
C VAL C 646 -33.36 -19.22 -19.79
N TYR C 647 -32.85 -20.06 -18.90
CA TYR C 647 -33.62 -21.21 -18.44
C TYR C 647 -34.95 -20.75 -17.84
N SER C 648 -36.02 -21.44 -18.22
CA SER C 648 -37.36 -21.13 -17.72
C SER C 648 -37.48 -21.70 -16.31
N CYS C 649 -37.62 -20.81 -15.32
CA CYS C 649 -37.70 -21.24 -13.94
C CYS C 649 -38.91 -22.13 -13.72
N GLU C 650 -38.70 -23.25 -13.03
CA GLU C 650 -39.79 -24.16 -12.67
C GLU C 650 -40.36 -23.78 -11.31
N ALA C 651 -40.74 -22.50 -11.17
CA ALA C 651 -41.39 -21.99 -9.97
C ALA C 651 -40.45 -21.99 -8.77
N TRP C 652 -39.15 -21.77 -9.01
CA TRP C 652 -38.25 -21.49 -7.91
C TRP C 652 -38.68 -20.22 -7.20
N GLY C 653 -38.89 -19.15 -7.96
CA GLY C 653 -39.48 -17.93 -7.45
C GLY C 653 -40.38 -17.28 -8.48
N GLY C 654 -40.67 -17.98 -9.56
CA GLY C 654 -41.48 -17.44 -10.62
C GLY C 654 -40.78 -16.46 -11.53
N SER C 655 -39.45 -16.51 -11.58
CA SER C 655 -38.69 -15.57 -12.40
C SER C 655 -37.38 -16.23 -12.84
N ASN C 656 -36.79 -15.68 -13.89
CA ASN C 656 -35.55 -16.19 -14.45
C ASN C 656 -34.35 -15.70 -13.66
N CYS C 657 -33.17 -16.23 -14.00
CA CYS C 657 -31.94 -15.79 -13.36
C CYS C 657 -31.70 -14.30 -13.60
N LEU C 658 -31.81 -13.87 -14.86
CA LEU C 658 -31.61 -12.48 -15.21
C LEU C 658 -32.68 -11.61 -14.55
N GLU C 659 -33.93 -12.09 -14.53
CA GLU C 659 -35.00 -11.35 -13.89
C GLU C 659 -34.71 -11.12 -12.41
N LEU C 660 -34.27 -12.18 -11.72
CA LEU C 660 -33.93 -12.04 -10.31
C LEU C 660 -32.78 -11.07 -10.11
N ALA C 661 -31.77 -11.12 -10.98
CA ALA C 661 -30.67 -10.19 -10.87
C ALA C 661 -31.16 -8.75 -11.01
N VAL C 662 -32.02 -8.49 -11.98
CA VAL C 662 -32.48 -7.12 -12.20
C VAL C 662 -33.46 -6.67 -11.11
N GLU C 663 -34.09 -7.61 -10.39
CA GLU C 663 -35.07 -7.21 -9.39
C GLU C 663 -34.47 -6.24 -8.37
N ALA C 664 -33.27 -6.53 -7.89
CA ALA C 664 -32.70 -5.84 -6.74
C ALA C 664 -31.43 -5.05 -7.09
N THR C 665 -31.28 -4.65 -8.35
CA THR C 665 -30.25 -3.69 -8.74
C THR C 665 -28.86 -4.14 -8.31
N ASP C 666 -28.53 -5.40 -8.59
CA ASP C 666 -27.15 -5.87 -8.42
C ASP C 666 -26.43 -5.58 -9.73
N GLN C 667 -26.06 -4.31 -9.88
CA GLN C 667 -25.49 -3.83 -11.14
C GLN C 667 -24.18 -4.52 -11.49
N HIS C 668 -23.46 -5.03 -10.49
CA HIS C 668 -22.18 -5.67 -10.77
C HIS C 668 -22.36 -6.91 -11.64
N PHE C 669 -23.38 -7.72 -11.33
CA PHE C 669 -23.59 -8.96 -12.07
C PHE C 669 -23.88 -8.68 -13.54
N ILE C 670 -24.77 -7.73 -13.82
CA ILE C 670 -25.12 -7.42 -15.20
C ILE C 670 -23.96 -6.73 -15.91
N ALA C 671 -23.28 -5.81 -15.22
CA ALA C 671 -22.20 -5.07 -15.85
C ALA C 671 -21.06 -5.97 -16.28
N GLN C 672 -20.96 -7.17 -15.72
CA GLN C 672 -19.87 -8.06 -16.08
C GLN C 672 -19.93 -8.41 -17.56
N PRO C 673 -18.78 -8.52 -18.24
CA PRO C 673 -18.77 -8.69 -19.70
C PRO C 673 -19.84 -9.59 -20.29
N GLY C 674 -20.04 -10.77 -19.73
CA GLY C 674 -20.90 -11.77 -20.36
C GLY C 674 -22.29 -11.31 -20.71
N VAL C 675 -23.03 -10.80 -19.72
CA VAL C 675 -24.40 -10.35 -19.97
C VAL C 675 -24.39 -9.16 -20.92
N GLN C 676 -23.38 -8.31 -20.82
CA GLN C 676 -23.29 -7.17 -21.72
C GLN C 676 -23.16 -7.62 -23.17
N ASN C 677 -22.30 -8.61 -23.42
CA ASN C 677 -22.14 -9.13 -24.77
C ASN C 677 -23.42 -9.80 -25.25
N PHE C 678 -24.10 -10.53 -24.35
CA PHE C 678 -25.37 -11.14 -24.71
C PHE C 678 -26.36 -10.07 -25.15
N LEU C 679 -26.44 -8.97 -24.39
CA LEU C 679 -27.36 -7.90 -24.73
C LEU C 679 -26.99 -7.24 -26.06
N SER C 680 -25.70 -7.04 -26.30
CA SER C 680 -25.27 -6.46 -27.57
C SER C 680 -25.69 -7.33 -28.74
N LYS C 681 -25.40 -8.63 -28.66
CA LYS C 681 -25.80 -9.55 -29.71
C LYS C 681 -27.31 -9.54 -29.90
N GLN C 682 -28.05 -9.49 -28.80
CA GLN C 682 -29.51 -9.44 -28.89
C GLN C 682 -29.98 -8.18 -29.60
N TRP C 683 -29.36 -7.04 -29.30
CA TRP C 683 -29.82 -5.78 -29.85
C TRP C 683 -29.54 -5.69 -31.34
N TYR C 684 -28.32 -6.02 -31.76
CA TYR C 684 -27.96 -5.83 -33.16
C TYR C 684 -28.85 -6.66 -34.08
N GLY C 685 -29.09 -7.91 -33.73
CA GLY C 685 -29.92 -8.77 -34.55
C GLY C 685 -29.12 -9.54 -35.58
N GLU C 686 -29.64 -9.65 -36.80
CA GLU C 686 -28.95 -10.42 -37.84
C GLU C 686 -27.61 -9.79 -38.20
N ILE C 687 -27.55 -8.45 -38.24
CA ILE C 687 -26.35 -7.78 -38.71
C ILE C 687 -25.18 -8.14 -37.80
N SER C 688 -24.00 -8.27 -38.40
CA SER C 688 -22.80 -8.58 -37.65
C SER C 688 -22.39 -7.40 -36.77
N ARG C 689 -21.66 -7.70 -35.71
CA ARG C 689 -21.20 -6.69 -34.76
C ARG C 689 -19.91 -6.02 -35.21
N ASP C 690 -19.56 -6.11 -36.49
CA ASP C 690 -18.41 -5.44 -37.07
C ASP C 690 -18.79 -4.73 -38.36
N THR C 691 -19.92 -4.03 -38.35
CA THR C 691 -20.44 -3.34 -39.52
C THR C 691 -19.87 -1.94 -39.67
N LYS C 692 -18.88 -1.56 -38.87
CA LYS C 692 -18.22 -0.26 -38.90
C LYS C 692 -19.04 0.81 -38.20
N ASN C 693 -20.22 0.49 -37.67
CA ASN C 693 -21.07 1.35 -36.85
C ASN C 693 -21.58 2.60 -37.56
N TRP C 694 -21.27 2.78 -38.85
CA TRP C 694 -21.83 3.88 -39.62
C TRP C 694 -22.34 3.49 -41.00
N LYS C 695 -21.95 2.33 -41.54
CA LYS C 695 -22.42 1.93 -42.86
C LYS C 695 -23.92 1.67 -42.85
N ILE C 696 -24.44 1.07 -41.77
CA ILE C 696 -25.86 0.75 -41.69
C ILE C 696 -26.69 2.02 -41.73
N ILE C 697 -26.24 3.07 -41.04
CA ILE C 697 -26.97 4.34 -41.06
C ILE C 697 -27.03 4.89 -42.48
N LEU C 698 -25.90 4.83 -43.19
CA LEU C 698 -25.88 5.29 -44.58
C LEU C 698 -26.85 4.49 -45.43
N CYS C 699 -26.85 3.15 -45.27
CA CYS C 699 -27.73 2.32 -46.06
C CYS C 699 -29.19 2.57 -45.74
N LEU C 700 -29.49 3.03 -44.52
CA LEU C 700 -30.87 3.25 -44.12
C LEU C 700 -31.55 4.26 -45.04
N PHE C 701 -30.87 5.39 -45.32
CA PHE C 701 -31.48 6.40 -46.17
C PHE C 701 -31.69 5.89 -47.58
N ILE C 702 -30.73 5.14 -48.12
CA ILE C 702 -30.77 4.66 -49.48
C ILE C 702 -31.27 3.22 -49.44
N ILE C 703 -32.57 3.04 -49.66
CA ILE C 703 -33.15 1.70 -49.67
C ILE C 703 -32.53 0.83 -50.77
N PRO C 704 -32.40 1.32 -52.00
CA PRO C 704 -31.84 0.44 -53.07
C PRO C 704 -30.44 -0.06 -52.76
N LEU C 705 -29.67 0.66 -51.96
CA LEU C 705 -28.29 0.28 -51.69
C LEU C 705 -28.19 -1.01 -50.89
N VAL C 706 -29.30 -1.51 -50.34
CA VAL C 706 -29.26 -2.76 -49.58
C VAL C 706 -28.73 -3.88 -50.45
N GLY C 707 -29.11 -3.90 -51.72
CA GLY C 707 -28.67 -4.92 -52.64
C GLY C 707 -27.19 -5.23 -52.55
N CYS C 708 -26.36 -4.23 -52.84
CA CYS C 708 -24.92 -4.41 -52.72
C CYS C 708 -24.54 -4.75 -51.28
N GLY C 709 -23.67 -5.73 -51.11
CA GLY C 709 -23.30 -6.17 -49.78
C GLY C 709 -22.23 -5.32 -49.11
N LEU C 710 -22.54 -4.04 -48.89
CA LEU C 710 -21.65 -3.19 -48.12
C LEU C 710 -21.58 -3.61 -46.66
N VAL C 711 -22.71 -4.02 -46.10
CA VAL C 711 -22.78 -4.42 -44.70
C VAL C 711 -22.59 -5.93 -44.61
N SER C 712 -21.93 -6.36 -43.53
CA SER C 712 -21.75 -7.78 -43.26
C SER C 712 -23.06 -8.34 -42.69
N PHE C 713 -24.03 -8.46 -43.59
CA PHE C 713 -25.38 -8.83 -43.19
C PHE C 713 -25.42 -10.20 -42.53
N ARG C 714 -24.63 -11.14 -43.06
CA ARG C 714 -24.67 -12.51 -42.55
C ARG C 714 -24.36 -12.53 -41.06
N LYS C 715 -25.17 -13.27 -40.31
CA LYS C 715 -24.99 -13.38 -38.87
C LYS C 715 -23.74 -14.18 -38.55
N LEU C 725 -37.08 -9.81 -51.53
CA LEU C 725 -35.93 -10.62 -51.15
C LEU C 725 -35.94 -10.90 -49.66
N TRP C 726 -35.02 -11.76 -49.22
CA TRP C 726 -34.95 -12.11 -47.80
C TRP C 726 -34.50 -10.92 -46.96
N TYR C 727 -33.57 -10.12 -47.47
CA TYR C 727 -33.00 -9.05 -46.66
C TYR C 727 -34.05 -8.03 -46.24
N TYR C 728 -34.93 -7.65 -47.18
CA TYR C 728 -35.83 -6.51 -46.94
C TYR C 728 -36.86 -6.79 -45.85
N VAL C 729 -37.06 -8.05 -45.45
CA VAL C 729 -37.91 -8.36 -44.32
C VAL C 729 -37.10 -8.64 -43.06
N ALA C 730 -35.80 -8.84 -43.18
CA ALA C 730 -34.92 -9.00 -42.03
C ALA C 730 -34.28 -7.68 -41.61
N PHE C 731 -33.82 -6.89 -42.58
CA PHE C 731 -33.19 -5.61 -42.26
C PHE C 731 -34.15 -4.68 -41.53
N PHE C 732 -35.40 -4.61 -42.00
CA PHE C 732 -36.39 -3.72 -41.42
C PHE C 732 -37.00 -4.26 -40.13
N THR C 733 -36.72 -5.51 -39.78
CA THR C 733 -37.13 -6.06 -38.49
C THR C 733 -36.08 -5.90 -37.42
N SER C 734 -34.90 -5.38 -37.77
CA SER C 734 -33.86 -5.17 -36.78
C SER C 734 -34.25 -4.00 -35.88
N PRO C 735 -34.23 -4.15 -34.56
CA PRO C 735 -34.66 -3.05 -33.68
C PRO C 735 -33.80 -1.80 -33.83
N PHE C 736 -32.52 -1.95 -34.12
CA PHE C 736 -31.65 -0.79 -34.29
C PHE C 736 -32.15 0.13 -35.40
N VAL C 737 -32.46 -0.45 -36.56
CA VAL C 737 -32.93 0.33 -37.70
C VAL C 737 -34.27 0.98 -37.36
N VAL C 738 -35.16 0.24 -36.71
CA VAL C 738 -36.45 0.80 -36.33
C VAL C 738 -36.26 1.99 -35.41
N PHE C 739 -35.36 1.88 -34.45
CA PHE C 739 -35.12 2.99 -33.53
C PHE C 739 -34.59 4.22 -34.26
N SER C 740 -33.62 4.03 -35.16
CA SER C 740 -33.06 5.16 -35.88
C SER C 740 -34.11 5.82 -36.76
N TRP C 741 -34.91 5.01 -37.46
CA TRP C 741 -35.97 5.52 -38.31
C TRP C 741 -37.04 6.24 -37.50
N ASN C 742 -37.33 5.76 -36.29
CA ASN C 742 -38.28 6.46 -35.43
C ASN C 742 -37.73 7.80 -34.99
N VAL C 743 -36.43 7.85 -34.67
CA VAL C 743 -35.83 9.13 -34.29
C VAL C 743 -35.94 10.14 -35.42
N VAL C 744 -35.63 9.69 -36.64
CA VAL C 744 -35.74 10.59 -37.80
C VAL C 744 -37.16 11.08 -37.97
N PHE C 745 -38.13 10.18 -37.85
CA PHE C 745 -39.53 10.56 -38.00
C PHE C 745 -39.94 11.56 -36.92
N TYR C 746 -39.48 11.35 -35.69
CA TYR C 746 -39.80 12.27 -34.60
C TYR C 746 -39.26 13.67 -34.89
N ILE C 747 -38.03 13.75 -35.40
CA ILE C 747 -37.47 15.06 -35.72
C ILE C 747 -38.28 15.73 -36.83
N ALA C 748 -38.65 14.98 -37.86
CA ALA C 748 -39.46 15.55 -38.92
C ALA C 748 -40.80 16.06 -38.39
N PHE C 749 -41.43 15.27 -37.51
CA PHE C 749 -42.68 15.69 -36.91
C PHE C 749 -42.51 16.97 -36.10
N LEU C 750 -41.39 17.08 -35.39
CA LEU C 750 -41.14 18.29 -34.62
C LEU C 750 -41.03 19.51 -35.53
N LEU C 751 -40.29 19.37 -36.63
CA LEU C 751 -40.16 20.48 -37.57
C LEU C 751 -41.52 20.89 -38.12
N LEU C 752 -42.32 19.90 -38.54
CA LEU C 752 -43.64 20.22 -39.08
C LEU C 752 -44.52 20.89 -38.04
N PHE C 753 -44.46 20.41 -36.79
CA PHE C 753 -45.26 21.01 -35.72
C PHE C 753 -44.88 22.46 -35.53
N ALA C 754 -43.58 22.75 -35.48
CA ALA C 754 -43.15 24.13 -35.31
C ALA C 754 -43.65 25.01 -36.45
N TYR C 755 -43.46 24.54 -37.69
CA TYR C 755 -43.87 25.34 -38.84
C TYR C 755 -45.36 25.63 -38.80
N VAL C 756 -46.17 24.62 -38.50
CA VAL C 756 -47.61 24.84 -38.39
C VAL C 756 -47.92 25.81 -37.26
N LEU C 757 -47.20 25.69 -36.15
CA LEU C 757 -47.53 26.46 -34.97
C LEU C 757 -47.30 27.95 -35.20
N LEU C 758 -46.14 28.34 -35.73
CA LEU C 758 -45.81 29.75 -35.78
C LEU C 758 -45.90 30.36 -37.17
N MET C 759 -45.52 29.64 -38.22
CA MET C 759 -45.52 30.23 -39.55
C MET C 759 -46.94 30.34 -40.12
N ASP C 760 -47.76 29.31 -39.95
CA ASP C 760 -49.07 29.23 -40.59
C ASP C 760 -50.10 28.75 -39.57
N PHE C 761 -50.85 29.69 -39.02
CA PHE C 761 -51.94 29.39 -38.10
C PHE C 761 -53.12 30.29 -38.42
N HIS C 762 -54.27 29.70 -38.70
CA HIS C 762 -55.46 30.44 -39.10
C HIS C 762 -56.65 29.97 -38.28
N SER C 763 -57.77 30.68 -38.45
CA SER C 763 -58.98 30.35 -37.71
C SER C 763 -59.46 28.95 -38.03
N VAL C 764 -59.44 28.58 -39.30
CA VAL C 764 -59.89 27.26 -39.77
C VAL C 764 -58.65 26.44 -40.10
N PRO C 765 -58.53 25.21 -39.59
CA PRO C 765 -57.31 24.44 -39.84
C PRO C 765 -57.16 24.08 -41.31
N HIS C 766 -55.91 23.97 -41.74
CA HIS C 766 -55.55 23.56 -43.09
C HIS C 766 -54.98 22.14 -43.06
N THR C 767 -54.54 21.67 -44.23
CA THR C 767 -54.09 20.29 -44.34
C THR C 767 -52.93 19.95 -43.41
N PRO C 768 -51.91 20.80 -43.23
CA PRO C 768 -50.83 20.43 -42.31
C PRO C 768 -51.32 20.16 -40.90
N GLU C 769 -52.31 20.94 -40.44
CA GLU C 769 -52.89 20.69 -39.14
C GLU C 769 -53.51 19.29 -39.08
N LEU C 770 -54.19 18.89 -40.15
CA LEU C 770 -54.81 17.56 -40.16
C LEU C 770 -53.75 16.46 -40.13
N ILE C 771 -52.67 16.63 -40.87
CA ILE C 771 -51.59 15.65 -40.85
C ILE C 771 -51.00 15.54 -39.45
N LEU C 772 -50.77 16.69 -38.81
CA LEU C 772 -50.22 16.70 -37.46
C LEU C 772 -51.18 16.02 -36.49
N TYR C 773 -52.48 16.25 -36.65
CA TYR C 773 -53.47 15.59 -35.82
C TYR C 773 -53.41 14.08 -36.00
N ALA C 774 -53.27 13.61 -37.24
CA ALA C 774 -53.16 12.17 -37.48
C ALA C 774 -51.95 11.59 -36.75
N LEU C 775 -50.80 12.26 -36.87
CA LEU C 775 -49.59 11.73 -36.25
C LEU C 775 -49.73 11.67 -34.72
N VAL C 776 -50.26 12.75 -34.12
CA VAL C 776 -50.44 12.73 -32.68
C VAL C 776 -51.45 11.67 -32.28
N PHE C 777 -52.43 11.39 -33.13
CA PHE C 777 -53.37 10.32 -32.85
C PHE C 777 -52.68 8.97 -32.79
N VAL C 778 -51.76 8.73 -33.73
CA VAL C 778 -51.03 7.47 -33.71
C VAL C 778 -50.18 7.37 -32.44
N LEU C 779 -49.54 8.47 -32.06
CA LEU C 779 -48.76 8.46 -30.82
C LEU C 779 -49.65 8.13 -29.63
N PHE C 780 -50.85 8.70 -29.59
CA PHE C 780 -51.79 8.41 -28.50
C PHE C 780 -52.18 6.94 -28.48
N CYS C 781 -52.41 6.35 -29.65
CA CYS C 781 -52.77 4.93 -29.70
C CYS C 781 -51.65 4.07 -29.13
N ASP C 782 -50.41 4.37 -29.52
CA ASP C 782 -49.27 3.63 -28.96
C ASP C 782 -49.16 3.85 -27.45
N GLU C 783 -49.48 5.05 -27.00
CA GLU C 783 -49.45 5.33 -25.56
C GLU C 783 -50.46 4.47 -24.82
N VAL C 784 -51.66 4.31 -25.40
CA VAL C 784 -52.66 3.46 -24.76
C VAL C 784 -52.21 2.00 -24.77
N ARG C 785 -51.53 1.56 -25.84
CA ARG C 785 -50.97 0.21 -25.84
C ARG C 785 -50.02 0.03 -24.66
N GLN C 786 -49.10 0.97 -24.49
CA GLN C 786 -48.14 0.86 -23.40
C GLN C 786 -48.84 0.92 -22.05
N TRP C 787 -49.86 1.77 -21.93
CA TRP C 787 -50.69 1.78 -20.72
C TRP C 787 -51.26 0.41 -20.43
N TYR C 788 -51.74 -0.28 -21.46
CA TYR C 788 -52.39 -1.57 -21.25
C TYR C 788 -51.38 -2.62 -20.77
N MET C 789 -50.24 -2.74 -21.47
CA MET C 789 -49.34 -3.83 -21.15
C MET C 789 -48.76 -3.71 -19.74
N ASN C 790 -48.66 -2.49 -19.21
CA ASN C 790 -48.30 -2.29 -17.81
C ASN C 790 -49.55 -1.93 -17.00
N GLY C 791 -49.38 -1.93 -15.68
CA GLY C 791 -50.49 -1.64 -14.79
C GLY C 791 -50.53 -0.20 -14.33
N VAL C 792 -50.32 0.02 -13.02
CA VAL C 792 -50.26 1.37 -12.46
C VAL C 792 -48.85 1.75 -12.05
N ASN C 793 -47.91 0.80 -12.02
CA ASN C 793 -46.50 1.15 -11.83
C ASN C 793 -45.93 1.91 -13.01
N TYR C 794 -46.64 1.95 -14.13
CA TYR C 794 -46.22 2.73 -15.29
C TYR C 794 -46.08 4.21 -14.95
N PHE C 795 -46.76 4.68 -13.92
CA PHE C 795 -46.71 6.08 -13.51
C PHE C 795 -45.65 6.34 -12.44
N THR C 796 -44.86 5.33 -12.08
CA THR C 796 -43.88 5.53 -11.02
C THR C 796 -42.84 6.57 -11.39
N ASP C 797 -42.36 6.54 -12.63
CA ASP C 797 -41.32 7.46 -13.08
C ASP C 797 -41.95 8.75 -13.59
N LEU C 798 -41.11 9.66 -14.08
CA LEU C 798 -41.54 11.00 -14.45
C LEU C 798 -41.76 11.18 -15.94
N TRP C 799 -40.91 10.57 -16.79
CA TRP C 799 -40.99 10.83 -18.21
C TRP C 799 -42.32 10.39 -18.81
N ASN C 800 -42.83 9.25 -18.35
CA ASN C 800 -44.13 8.80 -18.83
C ASN C 800 -45.23 9.78 -18.42
N VAL C 801 -45.15 10.30 -17.19
CA VAL C 801 -46.10 11.31 -16.75
C VAL C 801 -46.02 12.54 -17.65
N MET C 802 -44.81 12.95 -18.02
CA MET C 802 -44.66 14.11 -18.88
C MET C 802 -45.26 13.87 -20.25
N ASP C 803 -45.06 12.67 -20.79
CA ASP C 803 -45.65 12.34 -22.09
C ASP C 803 -47.17 12.38 -22.02
N THR C 804 -47.74 11.81 -20.96
CA THR C 804 -49.18 11.85 -20.78
C THR C 804 -49.68 13.29 -20.69
N LEU C 805 -48.96 14.13 -19.94
CA LEU C 805 -49.35 15.54 -19.83
C LEU C 805 -49.29 16.23 -21.18
N GLY C 806 -48.25 15.93 -21.97
CA GLY C 806 -48.17 16.51 -23.30
C GLY C 806 -49.37 16.15 -24.15
N LEU C 807 -49.76 14.87 -24.13
CA LEU C 807 -50.91 14.47 -24.92
C LEU C 807 -52.19 15.16 -24.44
N PHE C 808 -52.37 15.25 -23.13
CA PHE C 808 -53.58 15.90 -22.60
C PHE C 808 -53.60 17.38 -22.95
N TYR C 809 -52.47 18.06 -22.85
CA TYR C 809 -52.41 19.46 -23.25
C TYR C 809 -52.74 19.61 -24.73
N PHE C 810 -52.23 18.71 -25.57
CA PHE C 810 -52.51 18.80 -26.99
C PHE C 810 -53.99 18.64 -27.27
N ILE C 811 -54.64 17.67 -26.64
CA ILE C 811 -56.06 17.47 -26.91
C ILE C 811 -56.87 18.65 -26.37
N ALA C 812 -56.45 19.20 -25.23
CA ALA C 812 -57.13 20.40 -24.72
C ALA C 812 -57.01 21.55 -25.70
N GLY C 813 -55.83 21.73 -26.30
CA GLY C 813 -55.68 22.75 -27.31
C GLY C 813 -56.56 22.51 -28.52
N ILE C 814 -56.65 21.26 -28.95
CA ILE C 814 -57.54 20.92 -30.06
C ILE C 814 -58.96 21.35 -29.73
N VAL C 815 -59.41 21.06 -28.52
CA VAL C 815 -60.76 21.45 -28.12
C VAL C 815 -60.89 22.97 -28.15
N PHE C 816 -59.90 23.67 -27.62
CA PHE C 816 -60.01 25.12 -27.51
C PHE C 816 -60.07 25.80 -28.88
N ARG C 817 -59.24 25.37 -29.83
CA ARG C 817 -59.06 26.15 -31.04
C ARG C 817 -60.26 26.09 -31.98
N LEU C 818 -61.16 25.13 -31.79
CA LEU C 818 -62.22 24.93 -32.78
C LEU C 818 -63.29 26.00 -32.73
N HIS C 819 -63.39 26.76 -31.64
CA HIS C 819 -64.39 27.81 -31.51
C HIS C 819 -63.94 29.02 -32.32
N SER C 820 -64.23 28.96 -33.62
CA SER C 820 -63.83 30.04 -34.52
C SER C 820 -64.61 31.32 -34.28
N SER C 821 -65.77 31.24 -33.62
CA SER C 821 -66.57 32.44 -33.40
C SER C 821 -65.83 33.44 -32.53
N ASN C 822 -65.15 32.98 -31.49
CA ASN C 822 -64.44 33.84 -30.56
C ASN C 822 -62.98 33.95 -30.99
N LYS C 823 -62.50 35.18 -31.19
CA LYS C 823 -61.11 35.38 -31.56
C LYS C 823 -60.18 35.08 -30.39
N SER C 824 -60.63 35.33 -29.15
CA SER C 824 -59.77 35.15 -27.99
C SER C 824 -59.42 33.68 -27.79
N SER C 825 -60.38 32.79 -28.03
CA SER C 825 -60.13 31.37 -27.83
C SER C 825 -59.00 30.87 -28.73
N LEU C 826 -58.85 31.46 -29.92
CA LEU C 826 -57.76 31.06 -30.81
C LEU C 826 -56.41 31.39 -30.18
N TYR C 827 -56.27 32.58 -29.59
CA TYR C 827 -55.02 32.91 -28.93
C TYR C 827 -54.76 31.98 -27.76
N SER C 828 -55.80 31.69 -26.98
CA SER C 828 -55.62 30.78 -25.86
C SER C 828 -55.15 29.40 -26.33
N GLY C 829 -55.75 28.90 -27.41
CA GLY C 829 -55.33 27.62 -27.95
C GLY C 829 -53.90 27.63 -28.45
N ARG C 830 -53.50 28.72 -29.10
CA ARG C 830 -52.12 28.84 -29.54
C ARG C 830 -51.16 28.81 -28.36
N VAL C 831 -51.51 29.48 -27.27
CA VAL C 831 -50.67 29.45 -26.07
C VAL C 831 -50.54 28.02 -25.55
N ILE C 832 -51.67 27.30 -25.48
CA ILE C 832 -51.64 25.92 -25.02
C ILE C 832 -50.72 25.08 -25.92
N PHE C 833 -50.82 25.30 -27.22
CA PHE C 833 -49.97 24.56 -28.16
C PHE C 833 -48.49 24.84 -27.90
N CYS C 834 -48.15 26.10 -27.65
CA CYS C 834 -46.74 26.44 -27.40
C CYS C 834 -46.22 25.76 -26.14
N LEU C 835 -47.00 25.78 -25.06
CA LEU C 835 -46.56 25.09 -23.85
C LEU C 835 -46.40 23.59 -24.09
N ASP C 836 -47.34 23.00 -24.84
CA ASP C 836 -47.23 21.59 -25.16
C ASP C 836 -45.97 21.32 -25.97
N TYR C 837 -45.62 22.23 -26.87
CA TYR C 837 -44.39 22.10 -27.65
C TYR C 837 -43.17 22.12 -26.74
N ILE C 838 -43.17 23.00 -25.74
CA ILE C 838 -42.05 23.04 -24.80
C ILE C 838 -41.92 21.68 -24.12
N ILE C 839 -43.04 21.10 -23.68
CA ILE C 839 -42.96 19.79 -23.04
C ILE C 839 -42.44 18.74 -24.02
N PHE C 840 -42.92 18.78 -25.26
CA PHE C 840 -42.52 17.78 -26.25
C PHE C 840 -41.03 17.81 -26.52
N THR C 841 -40.46 19.02 -26.62
CA THR C 841 -39.08 19.13 -27.11
C THR C 841 -38.08 18.47 -26.17
N LEU C 842 -38.22 18.71 -24.87
CA LEU C 842 -37.16 18.31 -23.93
C LEU C 842 -37.01 16.80 -23.83
N ARG C 843 -37.98 16.03 -24.30
CA ARG C 843 -37.90 14.57 -24.26
C ARG C 843 -36.79 14.02 -25.14
N LEU C 844 -36.25 14.84 -26.05
CA LEU C 844 -35.15 14.40 -26.91
C LEU C 844 -33.93 14.03 -26.09
N ILE C 845 -33.61 14.86 -25.10
CA ILE C 845 -32.46 14.58 -24.24
C ILE C 845 -32.64 13.24 -23.57
N HIS C 846 -33.85 12.94 -23.11
CA HIS C 846 -34.11 11.66 -22.48
C HIS C 846 -33.92 10.51 -23.46
N ILE C 847 -34.44 10.66 -24.69
CA ILE C 847 -34.40 9.54 -25.63
C ILE C 847 -32.99 9.34 -26.17
N PHE C 848 -32.09 10.29 -25.89
CA PHE C 848 -30.72 10.18 -26.37
C PHE C 848 -29.76 9.68 -25.29
N THR C 849 -30.19 8.73 -24.46
CA THR C 849 -29.35 8.20 -23.39
C THR C 849 -28.65 6.89 -23.77
N VAL C 850 -28.77 6.44 -25.02
CA VAL C 850 -28.17 5.18 -25.44
C VAL C 850 -27.08 5.36 -26.48
N SER C 851 -26.65 6.61 -26.72
CA SER C 851 -25.65 6.84 -27.77
C SER C 851 -24.31 6.22 -27.42
N ARG C 852 -23.98 6.13 -26.13
CA ARG C 852 -22.73 5.58 -25.64
C ARG C 852 -21.56 6.52 -25.91
N ASN C 853 -21.81 7.61 -26.64
CA ASN C 853 -20.79 8.64 -26.83
C ASN C 853 -20.97 9.79 -25.86
N LEU C 854 -22.20 10.06 -25.42
CA LEU C 854 -22.46 11.12 -24.46
C LEU C 854 -23.50 10.76 -23.39
N GLY C 855 -24.11 9.58 -23.47
CA GLY C 855 -25.13 9.17 -22.53
C GLY C 855 -24.66 9.01 -21.09
N PRO C 856 -23.48 8.43 -20.86
CA PRO C 856 -23.00 8.32 -19.46
C PRO C 856 -22.92 9.66 -18.78
N LYS C 857 -22.59 10.72 -19.53
CA LYS C 857 -22.63 12.06 -18.98
C LYS C 857 -24.05 12.47 -18.63
N ILE C 858 -25.02 12.16 -19.49
CA ILE C 858 -26.40 12.52 -19.20
C ILE C 858 -26.87 11.86 -17.93
N ILE C 859 -26.39 10.64 -17.66
CA ILE C 859 -26.85 9.92 -16.47
C ILE C 859 -26.47 10.68 -15.20
N MET C 860 -25.27 11.28 -15.18
CA MET C 860 -24.75 11.87 -13.96
C MET C 860 -25.48 13.15 -13.56
N LEU C 861 -26.27 13.74 -14.46
CA LEU C 861 -26.96 14.98 -14.12
C LEU C 861 -27.88 14.80 -12.92
N GLN C 862 -28.40 13.58 -12.73
CA GLN C 862 -29.38 13.37 -11.66
C GLN C 862 -28.76 13.57 -10.29
N ARG C 863 -27.46 13.35 -10.14
CA ARG C 863 -26.80 13.40 -8.85
C ARG C 863 -26.43 14.82 -8.42
N MET C 864 -26.70 15.83 -9.24
CA MET C 864 -26.28 17.20 -8.96
C MET C 864 -27.42 18.09 -8.49
N LEU C 865 -28.57 17.53 -8.14
CA LEU C 865 -29.73 18.35 -7.78
C LEU C 865 -29.61 18.97 -6.40
N ILE C 866 -28.96 18.27 -5.47
CA ILE C 866 -28.88 18.76 -4.09
C ILE C 866 -28.09 20.06 -4.04
N ASP C 867 -26.99 20.14 -4.79
CA ASP C 867 -26.21 21.37 -4.83
C ASP C 867 -27.05 22.53 -5.34
N VAL C 868 -27.83 22.29 -6.39
CA VAL C 868 -28.67 23.34 -6.95
C VAL C 868 -29.67 23.82 -5.90
N PHE C 869 -30.30 22.88 -5.19
CA PHE C 869 -31.29 23.25 -4.20
C PHE C 869 -30.67 24.05 -3.05
N PHE C 870 -29.48 23.65 -2.61
CA PHE C 870 -28.81 24.39 -1.55
C PHE C 870 -28.49 25.82 -1.99
N PHE C 871 -27.96 25.96 -3.20
CA PHE C 871 -27.67 27.28 -3.73
C PHE C 871 -28.93 28.14 -3.81
N LEU C 872 -30.03 27.54 -4.28
CA LEU C 872 -31.28 28.28 -4.39
C LEU C 872 -31.80 28.73 -3.03
N PHE C 873 -31.67 27.87 -2.02
CA PHE C 873 -32.10 28.24 -0.67
C PHE C 873 -31.37 29.49 -0.21
N LEU C 874 -30.04 29.46 -0.26
CA LEU C 874 -29.26 30.61 0.20
C LEU C 874 -29.61 31.86 -0.60
N PHE C 875 -29.69 31.73 -1.93
CA PHE C 875 -29.97 32.87 -2.79
C PHE C 875 -31.33 33.47 -2.46
N ALA C 876 -32.34 32.63 -2.26
CA ALA C 876 -33.67 33.14 -1.94
C ALA C 876 -33.67 33.91 -0.64
N VAL C 877 -33.00 33.39 0.38
CA VAL C 877 -32.97 34.09 1.66
C VAL C 877 -32.36 35.48 1.49
N TRP C 878 -31.19 35.54 0.85
CA TRP C 878 -30.53 36.84 0.67
C TRP C 878 -31.40 37.80 -0.14
N MET C 879 -31.99 37.29 -1.21
CA MET C 879 -32.83 38.12 -2.07
C MET C 879 -33.97 38.73 -1.28
N VAL C 880 -34.67 37.91 -0.52
CA VAL C 880 -35.80 38.39 0.26
C VAL C 880 -35.35 39.49 1.22
N ALA C 881 -34.28 39.23 1.95
CA ALA C 881 -33.82 40.21 2.94
C ALA C 881 -33.57 41.56 2.28
N PHE C 882 -32.70 41.58 1.27
CA PHE C 882 -32.32 42.86 0.67
C PHE C 882 -33.51 43.57 0.04
N GLY C 883 -34.32 42.82 -0.70
CA GLY C 883 -35.45 43.46 -1.38
C GLY C 883 -36.43 44.08 -0.40
N VAL C 884 -36.78 43.33 0.65
CA VAL C 884 -37.72 43.87 1.63
C VAL C 884 -37.15 45.12 2.27
N ALA C 885 -35.88 45.09 2.66
CA ALA C 885 -35.32 46.25 3.34
C ALA C 885 -35.34 47.48 2.44
N ARG C 886 -34.88 47.32 1.20
CA ARG C 886 -34.82 48.48 0.30
C ARG C 886 -36.21 49.02 0.01
N GLN C 887 -37.16 48.15 -0.31
CA GLN C 887 -38.50 48.62 -0.63
C GLN C 887 -39.14 49.30 0.57
N GLY C 888 -38.92 48.76 1.77
CA GLY C 888 -39.49 49.37 2.95
C GLY C 888 -38.92 50.74 3.22
N ILE C 889 -37.61 50.90 3.04
CA ILE C 889 -37.02 52.18 3.39
C ILE C 889 -37.25 53.24 2.33
N LEU C 890 -37.55 52.88 1.09
CA LEU C 890 -37.63 53.89 0.03
C LEU C 890 -39.04 54.45 -0.18
N ARG C 891 -40.01 53.61 -0.53
CA ARG C 891 -41.23 54.08 -1.19
C ARG C 891 -42.48 54.03 -0.32
N GLN C 892 -42.32 54.00 1.00
CA GLN C 892 -43.44 54.12 1.94
C GLN C 892 -44.48 53.05 1.61
N ASN C 893 -45.75 53.41 1.41
CA ASN C 893 -46.81 52.43 1.19
C ASN C 893 -47.20 52.40 -0.28
N GLU C 894 -47.40 51.18 -0.80
CA GLU C 894 -47.66 50.97 -2.21
C GLU C 894 -49.10 50.59 -2.52
N GLN C 895 -49.75 49.83 -1.65
CA GLN C 895 -51.16 49.47 -1.82
C GLN C 895 -51.46 48.74 -3.13
N ARG C 896 -50.44 48.15 -3.77
CA ARG C 896 -50.64 47.39 -5.00
C ARG C 896 -49.79 46.14 -4.97
N TRP C 897 -50.44 44.97 -4.97
CA TRP C 897 -49.73 43.71 -4.82
C TRP C 897 -48.78 43.46 -5.99
N ARG C 898 -49.23 43.74 -7.21
CA ARG C 898 -48.41 43.46 -8.39
C ARG C 898 -47.09 44.20 -8.33
N TRP C 899 -47.13 45.51 -8.06
CA TRP C 899 -45.91 46.31 -8.08
C TRP C 899 -45.01 45.97 -6.90
N ILE C 900 -45.59 45.70 -5.73
CA ILE C 900 -44.77 45.35 -4.58
C ILE C 900 -44.05 44.03 -4.83
N PHE C 901 -44.74 43.05 -5.41
CA PHE C 901 -44.06 41.80 -5.76
C PHE C 901 -43.03 42.01 -6.86
N ARG C 902 -43.29 42.95 -7.79
CA ARG C 902 -42.34 43.22 -8.86
C ARG C 902 -41.06 43.84 -8.32
N SER C 903 -41.18 44.69 -7.31
CA SER C 903 -39.99 45.38 -6.78
C SER C 903 -39.24 44.54 -5.76
N VAL C 904 -39.97 43.77 -4.93
CA VAL C 904 -39.33 43.08 -3.83
C VAL C 904 -38.45 41.94 -4.33
N ILE C 905 -38.90 41.21 -5.34
CA ILE C 905 -38.30 39.94 -5.75
C ILE C 905 -37.65 40.04 -7.12
N TYR C 906 -38.36 40.58 -8.10
CA TYR C 906 -37.93 40.45 -9.49
C TYR C 906 -36.60 41.14 -9.74
N GLU C 907 -36.48 42.41 -9.34
CA GLU C 907 -35.23 43.15 -9.60
C GLU C 907 -34.05 42.57 -8.83
N PRO C 908 -34.13 42.30 -7.54
CA PRO C 908 -32.99 41.66 -6.85
C PRO C 908 -32.62 40.34 -7.50
N TYR C 909 -33.61 39.58 -8.00
CA TYR C 909 -33.29 38.37 -8.74
C TYR C 909 -32.53 38.69 -10.02
N LEU C 910 -32.96 39.74 -10.73
CA LEU C 910 -32.27 40.15 -11.95
C LEU C 910 -30.84 40.54 -11.66
N ALA C 911 -30.54 40.92 -10.43
CA ALA C 911 -29.17 41.27 -10.07
C ALA C 911 -28.23 40.07 -10.05
N MET C 912 -28.76 38.85 -10.15
CA MET C 912 -27.89 37.68 -10.04
C MET C 912 -26.88 37.63 -11.17
N PHE C 913 -27.30 37.94 -12.39
CA PHE C 913 -26.43 37.91 -13.56
C PHE C 913 -26.37 39.30 -14.16
N GLY C 914 -25.21 39.94 -14.06
CA GLY C 914 -24.95 41.17 -14.79
C GLY C 914 -25.31 42.44 -14.06
N GLN C 915 -26.47 43.00 -14.39
CA GLN C 915 -26.76 44.39 -14.07
C GLN C 915 -26.92 44.59 -12.56
N VAL C 916 -26.74 45.84 -12.15
CA VAL C 916 -26.89 46.24 -10.75
C VAL C 916 -28.34 46.05 -10.34
N PRO C 917 -28.63 45.65 -9.10
CA PRO C 917 -30.05 45.44 -8.72
C PRO C 917 -30.92 46.66 -8.96
N SER C 918 -30.42 47.86 -8.70
CA SER C 918 -31.26 49.04 -8.84
C SER C 918 -30.38 50.26 -9.02
N ASP C 919 -30.82 51.15 -9.91
CA ASP C 919 -30.23 52.47 -10.04
C ASP C 919 -30.96 53.51 -9.19
N VAL C 920 -32.06 53.13 -8.53
CA VAL C 920 -32.79 54.06 -7.69
C VAL C 920 -31.98 54.43 -6.46
N ASP C 921 -31.10 53.55 -6.00
CA ASP C 921 -30.36 53.80 -4.77
C ASP C 921 -29.56 55.09 -4.86
N SER C 922 -28.88 55.31 -5.97
CA SER C 922 -28.19 56.57 -6.18
C SER C 922 -29.19 57.68 -6.48
N THR C 923 -28.98 58.84 -5.87
CA THR C 923 -29.94 59.94 -5.96
C THR C 923 -29.53 61.00 -6.99
N THR C 924 -28.34 60.89 -7.59
CA THR C 924 -27.92 61.89 -8.56
C THR C 924 -28.90 61.98 -9.72
N TYR C 925 -29.47 60.84 -10.12
CA TYR C 925 -30.49 60.80 -11.16
C TYR C 925 -31.75 60.16 -10.59
N ASP C 926 -32.90 60.77 -10.87
CA ASP C 926 -34.19 60.28 -10.41
C ASP C 926 -35.27 61.11 -11.08
N PHE C 927 -36.52 60.80 -10.74
CA PHE C 927 -37.69 61.52 -11.25
C PHE C 927 -37.86 61.30 -12.75
N SER C 928 -38.93 61.85 -13.32
CA SER C 928 -39.39 61.61 -14.68
C SER C 928 -40.04 60.24 -14.83
N HIS C 929 -40.02 59.41 -13.79
CA HIS C 929 -40.74 58.15 -13.78
C HIS C 929 -41.64 58.01 -12.56
N CYS C 930 -41.67 59.01 -11.68
CA CYS C 930 -42.51 58.97 -10.50
C CYS C 930 -43.98 59.03 -10.88
N THR C 931 -44.82 58.55 -9.96
CA THR C 931 -46.27 58.65 -10.09
C THR C 931 -46.84 58.79 -8.69
N PHE C 932 -47.13 60.03 -8.29
CA PHE C 932 -47.67 60.27 -6.96
C PHE C 932 -48.99 59.55 -6.77
N SER C 933 -49.85 59.59 -7.80
CA SER C 933 -51.07 58.81 -7.80
C SER C 933 -50.81 57.42 -8.37
N GLY C 934 -51.65 56.47 -7.98
CA GLY C 934 -51.53 55.11 -8.45
C GLY C 934 -52.19 54.84 -9.78
N ASN C 935 -52.74 55.86 -10.43
CA ASN C 935 -53.47 55.65 -11.68
C ASN C 935 -52.54 55.10 -12.76
N GLU C 936 -51.36 55.70 -12.91
CA GLU C 936 -50.43 55.29 -13.95
C GLU C 936 -49.74 53.99 -13.57
N SER C 937 -49.21 53.31 -14.58
CA SER C 937 -48.54 52.03 -14.39
C SER C 937 -47.03 52.25 -14.31
N LYS C 938 -46.61 52.86 -13.21
CA LYS C 938 -45.21 53.09 -12.91
C LYS C 938 -45.00 52.93 -11.42
N PRO C 939 -43.76 52.72 -10.99
CA PRO C 939 -43.50 52.55 -9.56
C PRO C 939 -43.90 53.80 -8.76
N LEU C 940 -44.31 53.56 -7.53
CA LEU C 940 -44.64 54.66 -6.63
C LEU C 940 -43.41 55.54 -6.44
N CYS C 941 -43.66 56.85 -6.28
CA CYS C 941 -42.57 57.81 -6.27
C CYS C 941 -41.64 57.57 -5.08
N VAL C 942 -40.37 57.92 -5.27
CA VAL C 942 -39.35 57.65 -4.26
C VAL C 942 -39.59 58.49 -3.02
N GLU C 943 -39.55 57.85 -1.86
CA GLU C 943 -39.41 58.57 -0.60
C GLU C 943 -40.68 59.32 -0.28
N LEU C 944 -40.72 59.94 0.89
CA LEU C 944 -41.76 60.89 1.25
C LEU C 944 -41.05 62.24 1.28
N ASP C 945 -40.80 62.77 0.09
CA ASP C 945 -39.88 63.88 -0.06
C ASP C 945 -40.31 65.08 0.78
N GLU C 946 -39.36 65.67 1.48
CA GLU C 946 -39.62 66.75 2.44
C GLU C 946 -39.44 68.10 1.75
N HIS C 947 -40.54 68.85 1.63
CA HIS C 947 -40.59 70.11 0.89
C HIS C 947 -39.78 70.03 -0.41
N ASN C 948 -40.09 69.00 -1.19
CA ASN C 948 -39.52 68.83 -2.53
C ASN C 948 -38.02 68.59 -2.48
N LEU C 949 -37.64 67.50 -1.81
CA LEU C 949 -36.29 66.97 -1.89
C LEU C 949 -36.32 65.52 -1.41
N PRO C 950 -35.59 64.60 -2.04
CA PRO C 950 -35.56 63.22 -1.54
C PRO C 950 -35.09 63.16 -0.10
N ARG C 951 -35.72 62.28 0.66
CA ARG C 951 -35.49 62.20 2.10
C ARG C 951 -34.55 61.08 2.52
N PHE C 952 -34.47 60.01 1.75
CA PHE C 952 -33.66 58.88 2.16
C PHE C 952 -32.17 59.25 2.08
N PRO C 953 -31.34 58.72 2.97
CA PRO C 953 -29.90 58.98 2.91
C PRO C 953 -29.20 58.07 1.91
N GLU C 954 -27.96 58.43 1.59
CA GLU C 954 -27.16 57.66 0.65
C GLU C 954 -26.11 56.79 1.33
N TRP C 955 -25.84 57.00 2.61
CA TRP C 955 -24.72 56.34 3.27
C TRP C 955 -25.10 54.98 3.84
N ILE C 956 -26.35 54.53 3.66
CA ILE C 956 -26.74 53.17 4.01
C ILE C 956 -27.19 52.39 2.78
N THR C 957 -27.85 53.04 1.83
CA THR C 957 -28.35 52.34 0.65
C THR C 957 -27.20 51.76 -0.18
N ILE C 958 -26.21 52.60 -0.50
CA ILE C 958 -25.13 52.16 -1.37
C ILE C 958 -24.34 51.00 -0.75
N PRO C 959 -23.90 51.08 0.51
CA PRO C 959 -23.24 49.91 1.11
C PRO C 959 -24.10 48.67 1.08
N LEU C 960 -25.41 48.82 1.30
CA LEU C 960 -26.31 47.68 1.20
C LEU C 960 -26.20 47.01 -0.16
N VAL C 961 -26.29 47.81 -1.23
CA VAL C 961 -26.21 47.27 -2.57
C VAL C 961 -24.87 46.59 -2.79
N CYS C 962 -23.79 47.24 -2.38
CA CYS C 962 -22.46 46.68 -2.60
C CYS C 962 -22.33 45.32 -1.91
N ILE C 963 -22.71 45.24 -0.65
CA ILE C 963 -22.57 43.99 0.09
C ILE C 963 -23.46 42.90 -0.51
N TYR C 964 -24.72 43.24 -0.81
CA TYR C 964 -25.64 42.26 -1.37
C TYR C 964 -25.10 41.70 -2.67
N MET C 965 -24.66 42.58 -3.57
CA MET C 965 -24.15 42.11 -4.85
C MET C 965 -22.89 41.30 -4.68
N LEU C 966 -21.99 41.72 -3.79
CA LEU C 966 -20.77 40.96 -3.54
C LEU C 966 -21.11 39.54 -3.11
N SER C 967 -22.02 39.40 -2.15
CA SER C 967 -22.32 38.07 -1.63
C SER C 967 -23.05 37.21 -2.66
N THR C 968 -24.08 37.77 -3.31
CA THR C 968 -24.92 36.95 -4.17
C THR C 968 -24.25 36.62 -5.50
N ASN C 969 -23.63 37.61 -6.13
CA ASN C 969 -23.26 37.44 -7.53
C ASN C 969 -22.10 36.49 -7.73
N ILE C 970 -21.04 36.62 -6.92
CA ILE C 970 -19.76 35.98 -7.21
C ILE C 970 -19.40 34.91 -6.18
N LEU C 971 -19.65 35.16 -4.89
CA LEU C 971 -19.31 34.17 -3.89
C LEU C 971 -20.16 32.91 -4.04
N LEU C 972 -21.48 33.08 -4.12
CA LEU C 972 -22.38 31.93 -4.19
C LEU C 972 -22.14 31.13 -5.46
N VAL C 973 -21.97 31.81 -6.58
CA VAL C 973 -21.77 31.12 -7.86
C VAL C 973 -20.46 30.34 -7.85
N ASN C 974 -19.40 30.94 -7.31
CA ASN C 974 -18.12 30.23 -7.24
C ASN C 974 -18.22 29.01 -6.33
N LEU C 975 -18.95 29.14 -5.23
CA LEU C 975 -19.17 27.98 -4.37
C LEU C 975 -19.92 26.89 -5.12
N LEU C 976 -20.91 27.30 -5.93
CA LEU C 976 -21.65 26.33 -6.72
C LEU C 976 -20.75 25.56 -7.66
N VAL C 977 -19.84 26.27 -8.36
CA VAL C 977 -18.97 25.59 -9.31
C VAL C 977 -18.01 24.66 -8.58
N ALA C 978 -17.52 25.08 -7.41
CA ALA C 978 -16.65 24.19 -6.64
C ALA C 978 -17.37 22.90 -6.24
N MET C 979 -18.62 23.03 -5.76
CA MET C 979 -19.38 21.86 -5.38
C MET C 979 -19.64 20.96 -6.58
N PHE C 980 -19.97 21.55 -7.74
CA PHE C 980 -20.16 20.76 -8.94
C PHE C 980 -18.88 20.01 -9.29
N GLY C 981 -17.73 20.67 -9.19
CA GLY C 981 -16.48 20.01 -9.51
C GLY C 981 -16.24 18.79 -8.62
N TYR C 982 -16.43 18.96 -7.31
CA TYR C 982 -16.23 17.82 -6.41
C TYR C 982 -17.19 16.69 -6.75
N THR C 983 -18.47 17.03 -6.96
CA THR C 983 -19.46 15.99 -7.21
C THR C 983 -19.15 15.23 -8.49
N VAL C 984 -18.77 15.93 -9.55
CA VAL C 984 -18.48 15.25 -10.80
C VAL C 984 -17.23 14.39 -10.65
N GLY C 985 -16.24 14.86 -9.89
CA GLY C 985 -15.04 14.08 -9.72
C GLY C 985 -15.27 12.78 -8.97
N ILE C 986 -16.09 12.83 -7.91
CA ILE C 986 -16.16 11.68 -7.00
C ILE C 986 -16.88 10.49 -7.63
N VAL C 987 -17.94 10.74 -8.40
CA VAL C 987 -18.87 9.67 -8.79
C VAL C 987 -18.50 9.05 -10.14
N GLN C 988 -17.28 9.30 -10.61
CA GLN C 988 -16.94 8.92 -11.98
C GLN C 988 -16.91 7.41 -12.18
N GLU C 989 -16.24 6.69 -11.28
CA GLU C 989 -16.00 5.26 -11.50
C GLU C 989 -17.31 4.46 -11.52
N ASN C 990 -18.25 4.81 -10.64
CA ASN C 990 -19.53 4.11 -10.58
C ASN C 990 -20.37 4.36 -11.84
N ASN C 991 -20.16 5.51 -12.48
CA ASN C 991 -20.98 5.96 -13.60
C ASN C 991 -21.17 4.89 -14.68
N ASP C 992 -20.08 4.27 -15.11
CA ASP C 992 -20.14 3.32 -16.21
C ASP C 992 -21.06 2.16 -15.89
N GLN C 993 -20.93 1.59 -14.70
CA GLN C 993 -21.78 0.48 -14.29
C GLN C 993 -23.24 0.92 -14.24
N VAL C 994 -23.50 2.11 -13.70
CA VAL C 994 -24.87 2.60 -13.63
C VAL C 994 -25.45 2.69 -15.04
N TRP C 995 -24.67 3.24 -15.98
CA TRP C 995 -25.17 3.42 -17.33
C TRP C 995 -25.40 2.09 -18.02
N LYS C 996 -24.55 1.11 -17.76
CA LYS C 996 -24.75 -0.21 -18.34
C LYS C 996 -26.05 -0.84 -17.84
N PHE C 997 -26.36 -0.65 -16.55
CA PHE C 997 -27.63 -1.14 -16.04
C PHE C 997 -28.79 -0.51 -16.78
N GLN C 998 -28.75 0.81 -16.95
CA GLN C 998 -29.81 1.47 -17.72
C GLN C 998 -29.86 0.97 -19.16
N ARG C 999 -28.68 0.64 -19.71
CA ARG C 999 -28.62 0.13 -21.08
C ARG C 999 -29.40 -1.17 -21.20
N TYR C 1000 -29.23 -2.08 -20.23
CA TYR C 1000 -30.01 -3.30 -20.26
C TYR C 1000 -31.50 -2.99 -20.15
N PHE C 1001 -31.86 -2.10 -19.23
CA PHE C 1001 -33.27 -1.81 -19.01
C PHE C 1001 -33.93 -1.28 -20.27
N LEU C 1002 -33.19 -0.54 -21.10
CA LEU C 1002 -33.76 -0.04 -22.34
C LEU C 1002 -33.69 -1.05 -23.47
N VAL C 1003 -32.64 -1.88 -23.51
CA VAL C 1003 -32.50 -2.86 -24.58
C VAL C 1003 -33.66 -3.84 -24.55
N GLN C 1004 -33.99 -4.36 -23.36
CA GLN C 1004 -35.10 -5.30 -23.31
C GLN C 1004 -36.41 -4.63 -23.72
N GLU C 1005 -36.63 -3.39 -23.29
CA GLU C 1005 -37.85 -2.68 -23.64
C GLU C 1005 -37.99 -2.54 -25.14
N TYR C 1006 -36.90 -2.17 -25.82
CA TYR C 1006 -36.99 -1.98 -27.27
C TYR C 1006 -37.12 -3.30 -28.00
N CYS C 1007 -36.48 -4.36 -27.51
CA CYS C 1007 -36.60 -5.66 -28.17
C CYS C 1007 -38.01 -6.22 -28.04
N ASN C 1008 -38.67 -5.98 -26.90
CA ASN C 1008 -40.00 -6.54 -26.69
C ASN C 1008 -41.03 -5.91 -27.63
N ARG C 1009 -40.85 -4.66 -28.02
CA ARG C 1009 -41.85 -3.97 -28.82
C ARG C 1009 -42.08 -4.70 -30.15
N LEU C 1010 -43.17 -4.33 -30.81
CA LEU C 1010 -43.59 -5.04 -32.01
C LEU C 1010 -42.59 -4.93 -33.15
N ASN C 1011 -41.68 -3.97 -33.10
CA ASN C 1011 -40.61 -3.83 -34.10
C ASN C 1011 -41.19 -3.59 -35.49
N ILE C 1012 -42.07 -2.60 -35.59
CA ILE C 1012 -42.60 -2.18 -36.87
C ILE C 1012 -42.27 -0.70 -37.06
N PRO C 1013 -41.77 -0.28 -38.22
CA PRO C 1013 -41.57 1.16 -38.44
C PRO C 1013 -42.84 1.94 -38.15
N PHE C 1014 -42.65 3.12 -37.54
CA PHE C 1014 -43.76 3.80 -36.86
C PHE C 1014 -44.97 4.08 -37.74
N PRO C 1015 -44.82 4.61 -38.96
CA PRO C 1015 -46.02 5.07 -39.67
C PRO C 1015 -47.08 3.99 -39.89
N PHE C 1016 -46.67 2.74 -40.09
CA PHE C 1016 -47.57 1.66 -40.46
C PHE C 1016 -48.08 0.84 -39.26
N VAL C 1017 -47.71 1.20 -38.04
CA VAL C 1017 -48.07 0.38 -36.88
C VAL C 1017 -49.58 0.23 -36.76
N VAL C 1018 -50.33 1.25 -37.18
CA VAL C 1018 -51.79 1.25 -37.08
C VAL C 1018 -52.39 -0.08 -37.56
N PHE C 1019 -51.94 -0.53 -38.72
CA PHE C 1019 -52.48 -1.77 -39.29
C PHE C 1019 -52.32 -2.92 -38.32
N ALA C 1020 -51.19 -2.98 -37.60
CA ALA C 1020 -50.99 -4.06 -36.65
C ALA C 1020 -52.08 -4.09 -35.61
N TYR C 1021 -52.40 -2.94 -35.02
CA TYR C 1021 -53.40 -2.91 -33.95
C TYR C 1021 -54.80 -3.17 -34.50
N PHE C 1022 -55.09 -2.68 -35.70
CA PHE C 1022 -56.39 -2.99 -36.29
C PHE C 1022 -56.55 -4.49 -36.53
N TYR C 1023 -55.50 -5.13 -37.04
CA TYR C 1023 -55.55 -6.58 -37.25
C TYR C 1023 -55.63 -7.32 -35.93
N MET C 1024 -54.96 -6.81 -34.89
CA MET C 1024 -55.05 -7.45 -33.58
C MET C 1024 -56.46 -7.37 -33.02
N VAL C 1025 -57.10 -6.21 -33.17
CA VAL C 1025 -58.50 -6.07 -32.74
C VAL C 1025 -59.37 -7.05 -33.49
N VAL C 1026 -59.15 -7.19 -34.80
CA VAL C 1026 -59.92 -8.17 -35.57
C VAL C 1026 -59.68 -9.58 -35.02
N LYS C 1027 -58.41 -9.92 -34.73
CA LYS C 1027 -58.09 -11.27 -34.26
C LYS C 1027 -58.66 -11.53 -32.87
N LYS C 1028 -58.86 -10.49 -32.07
CA LYS C 1028 -59.37 -10.65 -30.71
C LYS C 1028 -60.84 -10.28 -30.63
N ASN C 1051 -31.84 -29.63 -18.18
CA ASN C 1051 -31.40 -30.97 -17.80
C ASN C 1051 -29.91 -31.13 -18.07
N GLU C 1052 -29.54 -31.19 -19.36
CA GLU C 1052 -28.13 -31.25 -19.72
C GLU C 1052 -27.39 -30.01 -19.23
N THR C 1053 -28.01 -28.85 -19.39
CA THR C 1053 -27.39 -27.60 -18.95
C THR C 1053 -27.16 -27.63 -17.45
N LEU C 1054 -28.10 -28.18 -16.69
CA LEU C 1054 -27.91 -28.27 -15.24
C LEU C 1054 -26.75 -29.18 -14.88
N ALA C 1055 -26.58 -30.29 -15.61
CA ALA C 1055 -25.45 -31.16 -15.36
C ALA C 1055 -24.13 -30.46 -15.66
N TRP C 1056 -24.09 -29.72 -16.78
CA TRP C 1056 -22.88 -28.95 -17.09
C TRP C 1056 -22.60 -27.92 -16.01
N GLU C 1057 -23.66 -27.29 -15.49
CA GLU C 1057 -23.51 -26.34 -14.40
C GLU C 1057 -22.92 -27.02 -13.16
N GLY C 1058 -23.39 -28.23 -12.85
CA GLY C 1058 -22.83 -28.95 -11.72
C GLY C 1058 -21.36 -29.26 -11.91
N VAL C 1059 -20.97 -29.63 -13.13
CA VAL C 1059 -19.55 -29.90 -13.40
C VAL C 1059 -18.73 -28.64 -13.18
N MET C 1060 -19.20 -27.51 -13.71
CA MET C 1060 -18.48 -26.27 -13.53
C MET C 1060 -18.40 -25.90 -12.05
N LYS C 1061 -19.44 -26.23 -11.29
CA LYS C 1061 -19.42 -26.03 -9.85
C LYS C 1061 -18.33 -26.86 -9.20
N GLU C 1062 -18.21 -28.12 -9.60
CA GLU C 1062 -17.13 -28.96 -9.07
C GLU C 1062 -15.80 -28.28 -9.27
N ASN C 1063 -15.58 -27.77 -10.49
CA ASN C 1063 -14.32 -27.06 -10.77
C ASN C 1063 -14.17 -25.83 -9.89
N TYR C 1064 -15.26 -25.08 -9.69
CA TYR C 1064 -15.20 -23.87 -8.87
C TYR C 1064 -14.81 -24.20 -7.42
N LEU C 1065 -15.42 -25.23 -6.86
CA LEU C 1065 -15.09 -25.63 -5.49
C LEU C 1065 -13.66 -26.11 -5.38
N VAL C 1066 -13.19 -26.85 -6.39
CA VAL C 1066 -11.79 -27.26 -6.39
C VAL C 1066 -10.88 -26.05 -6.43
N LYS C 1067 -11.27 -25.02 -7.19
CA LYS C 1067 -10.48 -23.80 -7.25
C LYS C 1067 -10.44 -23.12 -5.88
N ILE C 1068 -11.57 -23.09 -5.17
CA ILE C 1068 -11.59 -22.51 -3.83
C ILE C 1068 -10.63 -23.28 -2.92
N ASN C 1069 -10.68 -24.61 -2.98
CA ASN C 1069 -9.82 -25.42 -2.13
C ASN C 1069 -8.34 -25.17 -2.44
N THR C 1070 -8.01 -25.08 -3.73
CA THR C 1070 -6.62 -24.80 -4.10
C THR C 1070 -6.18 -23.43 -3.61
N LYS C 1071 -7.06 -22.43 -3.71
CA LYS C 1071 -6.72 -21.11 -3.20
C LYS C 1071 -6.48 -21.16 -1.70
N ALA C 1072 -7.30 -21.92 -0.98
CA ALA C 1072 -7.10 -22.06 0.46
C ALA C 1072 -5.77 -22.75 0.77
N ASN C 1073 -5.44 -23.78 0.01
CA ASN C 1073 -4.21 -24.55 0.24
C ASN C 1073 -2.96 -23.85 -0.25
N ASP C 1074 -3.10 -22.78 -1.04
CA ASP C 1074 -1.94 -22.06 -1.56
C ASP C 1074 -1.15 -21.32 -0.48
N ASN C 1075 -1.49 -21.44 0.80
CA ASN C 1075 -0.71 -20.76 1.83
C ASN C 1075 0.74 -21.23 1.85
N SER C 1076 0.99 -22.47 1.43
CA SER C 1076 2.34 -23.04 1.41
C SER C 1076 2.91 -23.21 2.81
N GLU C 1077 2.05 -23.53 3.78
CA GLU C 1077 2.45 -23.73 5.16
C GLU C 1077 2.69 -25.20 5.51
N GLU C 1078 2.62 -26.10 4.52
CA GLU C 1078 2.86 -27.51 4.79
C GLU C 1078 4.27 -27.76 5.28
N MET C 1079 5.19 -26.83 5.06
CA MET C 1079 6.54 -26.99 5.57
C MET C 1079 6.56 -27.15 7.09
N ARG C 1080 5.61 -26.53 7.79
CA ARG C 1080 5.56 -26.65 9.24
C ARG C 1080 5.29 -28.10 9.66
N HIS C 1081 4.24 -28.69 9.10
CA HIS C 1081 3.93 -30.08 9.44
C HIS C 1081 5.00 -31.03 8.93
N ARG C 1082 5.63 -30.70 7.80
CA ARG C 1082 6.75 -31.52 7.32
C ARG C 1082 7.91 -31.47 8.31
N PHE C 1083 8.21 -30.27 8.84
CA PHE C 1083 9.23 -30.14 9.87
C PHE C 1083 8.89 -31.02 11.07
N ARG C 1084 7.64 -30.93 11.54
CA ARG C 1084 7.23 -31.73 12.69
C ARG C 1084 7.38 -33.21 12.42
N GLN C 1085 6.97 -33.65 11.23
CA GLN C 1085 7.06 -35.08 10.89
C GLN C 1085 8.51 -35.53 10.80
N LEU C 1086 9.38 -34.73 10.19
CA LEU C 1086 10.79 -35.10 10.09
C LEU C 1086 11.44 -35.16 11.47
N ASP C 1087 11.12 -34.19 12.34
CA ASP C 1087 11.66 -34.22 13.69
C ASP C 1087 11.17 -35.45 14.44
N SER C 1088 9.89 -35.81 14.28
CA SER C 1088 9.37 -37.01 14.92
C SER C 1088 10.04 -38.26 14.37
N LYS C 1089 10.35 -38.28 13.06
CA LYS C 1089 11.04 -39.42 12.49
C LYS C 1089 12.44 -39.55 13.06
N LEU C 1090 13.17 -38.44 13.20
CA LEU C 1090 14.47 -38.49 13.84
C LEU C 1090 14.37 -38.96 15.28
N ASN C 1091 13.35 -38.48 16.00
CA ASN C 1091 13.12 -38.93 17.36
C ASN C 1091 12.85 -40.43 17.41
N ASP C 1092 12.08 -40.94 16.46
CA ASP C 1092 11.81 -42.37 16.40
C ASP C 1092 13.09 -43.15 16.13
N LEU C 1093 13.93 -42.66 15.23
CA LEU C 1093 15.21 -43.32 14.97
C LEU C 1093 16.05 -43.36 16.24
N LYS C 1094 16.10 -42.25 16.98
CA LYS C 1094 16.87 -42.23 18.22
C LYS C 1094 16.30 -43.20 19.24
N SER C 1095 14.97 -43.26 19.35
CA SER C 1095 14.34 -44.05 20.40
C SER C 1095 14.41 -45.55 20.11
N LEU C 1096 14.24 -45.95 18.85
CA LEU C 1096 14.18 -47.36 18.53
C LEU C 1096 15.46 -48.08 18.92
N LEU C 1097 16.60 -47.38 18.88
CA LEU C 1097 17.89 -47.98 19.20
C LEU C 1097 18.27 -47.79 20.66
N LYS C 1098 17.39 -47.20 21.48
CA LYS C 1098 17.70 -47.05 22.90
C LYS C 1098 17.54 -48.37 23.65
N GLU C 1099 16.60 -49.22 23.22
CA GLU C 1099 16.38 -50.48 23.92
C GLU C 1099 17.59 -51.40 23.82
N ILE C 1100 18.25 -51.42 22.66
CA ILE C 1100 19.28 -52.42 22.38
C ILE C 1100 20.29 -52.49 23.51
N ALA C 1101 20.58 -51.37 24.15
CA ALA C 1101 21.59 -51.37 25.21
C ALA C 1101 21.27 -52.41 26.26
N ASN C 1102 20.05 -52.38 26.80
CA ASN C 1102 19.67 -53.38 27.79
C ASN C 1102 19.60 -54.77 27.18
N ASN C 1103 19.27 -54.86 25.89
CA ASN C 1103 19.33 -56.15 25.22
C ASN C 1103 20.77 -56.66 25.15
N ILE C 1104 21.73 -55.75 25.06
CA ILE C 1104 23.14 -56.17 25.02
C ILE C 1104 23.55 -56.77 26.36
N LYS C 1105 23.05 -56.19 27.46
CA LYS C 1105 23.40 -56.64 28.80
C LYS C 1105 22.36 -57.62 29.33
N ASP D 41 -24.05 -60.67 -40.12
CA ASP D 41 -22.69 -60.95 -39.67
C ASP D 41 -22.61 -60.91 -38.15
N LEU D 42 -23.26 -59.92 -37.55
CA LEU D 42 -23.26 -59.79 -36.09
C LEU D 42 -23.92 -60.99 -35.44
N VAL D 43 -25.04 -61.45 -36.01
CA VAL D 43 -25.74 -62.61 -35.46
C VAL D 43 -24.86 -63.84 -35.51
N ASN D 44 -24.17 -64.05 -36.64
CA ASN D 44 -23.28 -65.19 -36.77
C ASN D 44 -22.15 -65.12 -35.76
N PHE D 45 -21.58 -63.93 -35.56
CA PHE D 45 -20.50 -63.78 -34.58
C PHE D 45 -21.00 -64.08 -33.16
N ILE D 46 -22.21 -63.59 -32.83
CA ILE D 46 -22.77 -63.86 -31.51
C ILE D 46 -23.00 -65.35 -31.32
N GLN D 47 -23.54 -66.01 -32.35
CA GLN D 47 -23.78 -67.46 -32.25
C GLN D 47 -22.46 -68.21 -32.07
N ALA D 48 -21.42 -67.81 -32.82
CA ALA D 48 -20.12 -68.47 -32.67
C ALA D 48 -19.56 -68.27 -31.28
N ASN D 49 -19.67 -67.05 -30.74
CA ASN D 49 -19.18 -66.79 -29.40
C ASN D 49 -19.93 -67.62 -28.36
N PHE D 50 -21.25 -67.73 -28.50
CA PHE D 50 -22.03 -68.50 -27.55
C PHE D 50 -21.62 -69.97 -27.57
N LYS D 51 -21.41 -70.53 -28.76
CA LYS D 51 -21.04 -71.93 -28.90
C LYS D 51 -22.09 -72.85 -28.30
N ASP D 102 -27.27 -69.08 -26.63
CA ASP D 102 -26.96 -67.65 -26.74
C ASP D 102 -27.00 -66.98 -25.38
N ALA D 103 -28.20 -66.69 -24.89
CA ALA D 103 -28.39 -66.06 -23.59
C ALA D 103 -27.61 -64.76 -23.49
N PHE D 104 -27.67 -63.96 -24.55
CA PHE D 104 -26.98 -62.68 -24.63
C PHE D 104 -28.00 -61.55 -24.64
N GLY D 105 -27.66 -60.43 -23.99
CA GLY D 105 -28.55 -59.29 -23.93
C GLY D 105 -27.86 -57.97 -24.14
N ASP D 106 -28.34 -57.18 -25.08
CA ASP D 106 -27.84 -55.84 -25.35
C ASP D 106 -28.83 -54.82 -24.79
N ILE D 107 -28.34 -53.92 -23.94
CA ILE D 107 -29.19 -52.96 -23.24
C ILE D 107 -28.64 -51.57 -23.49
N GLN D 108 -29.52 -50.63 -23.83
CA GLN D 108 -29.17 -49.24 -24.02
C GLN D 108 -30.14 -48.36 -23.25
N PHE D 109 -29.61 -47.34 -22.58
CA PHE D 109 -30.43 -46.43 -21.79
C PHE D 109 -30.00 -44.99 -22.02
N GLY D 116 -25.06 -49.10 -23.11
CA GLY D 116 -23.94 -49.63 -23.85
C GLY D 116 -24.07 -51.11 -24.14
N LYS D 117 -23.19 -51.62 -25.00
CA LYS D 117 -23.27 -53.02 -25.39
C LYS D 117 -23.04 -53.93 -24.19
N TYR D 118 -23.74 -55.06 -24.19
CA TYR D 118 -23.62 -56.08 -23.16
C TYR D 118 -23.54 -57.44 -23.82
N LEU D 119 -23.09 -58.44 -23.06
CA LEU D 119 -22.86 -59.77 -23.61
C LEU D 119 -22.70 -60.76 -22.46
N ARG D 120 -22.80 -62.04 -22.81
CA ARG D 120 -22.52 -63.14 -21.90
C ARG D 120 -21.18 -63.77 -22.29
N LEU D 121 -20.34 -64.04 -21.30
CA LEU D 121 -19.00 -64.55 -21.52
C LEU D 121 -18.89 -65.97 -21.01
N SER D 122 -18.17 -66.80 -21.76
CA SER D 122 -17.87 -68.17 -21.37
C SER D 122 -16.37 -68.32 -21.18
N CYS D 123 -15.98 -69.09 -20.16
CA CYS D 123 -14.57 -69.20 -19.82
C CYS D 123 -13.77 -69.79 -20.99
N ASP D 124 -14.32 -70.79 -21.66
CA ASP D 124 -13.59 -71.45 -22.74
C ASP D 124 -13.36 -70.52 -23.93
N THR D 125 -14.07 -69.39 -23.99
CA THR D 125 -13.92 -68.48 -25.12
C THR D 125 -12.47 -68.02 -25.24
N ASP D 126 -11.96 -68.06 -26.47
CA ASP D 126 -10.57 -67.66 -26.71
C ASP D 126 -10.41 -66.15 -26.54
N SER D 127 -9.29 -65.74 -25.94
CA SER D 127 -9.02 -64.33 -25.77
C SER D 127 -8.83 -63.63 -27.10
N GLU D 128 -8.20 -64.30 -28.06
CA GLU D 128 -7.98 -63.70 -29.37
C GLU D 128 -9.30 -63.37 -30.05
N THR D 129 -10.29 -64.27 -29.96
CA THR D 129 -11.58 -64.01 -30.56
C THR D 129 -12.26 -62.81 -29.90
N LEU D 130 -12.18 -62.71 -28.58
CA LEU D 130 -12.79 -61.59 -27.87
C LEU D 130 -12.13 -60.28 -28.29
N TYR D 131 -10.80 -60.26 -28.37
CA TYR D 131 -10.11 -59.05 -28.79
C TYR D 131 -10.46 -58.68 -30.22
N GLU D 132 -10.55 -59.67 -31.11
CA GLU D 132 -10.94 -59.40 -32.49
C GLU D 132 -12.34 -58.79 -32.54
N LEU D 133 -13.29 -59.39 -31.82
CA LEU D 133 -14.62 -58.81 -31.74
C LEU D 133 -14.57 -57.36 -31.31
N LEU D 134 -14.00 -57.11 -30.13
CA LEU D 134 -13.92 -55.76 -29.60
C LEU D 134 -13.34 -54.79 -30.62
N THR D 135 -12.12 -55.05 -31.08
CA THR D 135 -11.44 -54.09 -31.94
C THR D 135 -12.16 -53.92 -33.28
N GLN D 136 -12.43 -55.02 -33.98
CA GLN D 136 -13.01 -54.90 -35.31
C GLN D 136 -14.36 -54.21 -35.27
N HIS D 137 -15.24 -54.64 -34.35
CA HIS D 137 -16.63 -54.20 -34.39
C HIS D 137 -16.83 -52.81 -33.81
N TRP D 138 -16.51 -52.60 -32.52
CA TRP D 138 -16.82 -51.33 -31.86
C TRP D 138 -15.61 -50.61 -31.27
N HIS D 139 -14.42 -51.23 -31.26
CA HIS D 139 -13.30 -50.70 -30.47
C HIS D 139 -12.14 -50.32 -31.37
N LEU D 140 -11.55 -49.16 -31.09
CA LEU D 140 -10.37 -48.72 -31.80
C LEU D 140 -9.12 -49.34 -31.19
N LYS D 141 -7.99 -49.18 -31.89
CA LYS D 141 -6.73 -49.70 -31.39
C LYS D 141 -6.41 -49.08 -30.03
N THR D 142 -5.85 -49.90 -29.13
CA THR D 142 -5.59 -49.48 -27.75
C THR D 142 -4.15 -49.03 -27.60
N PRO D 143 -3.87 -47.81 -27.16
CA PRO D 143 -2.49 -47.41 -26.82
C PRO D 143 -2.11 -47.57 -25.36
N ASN D 144 -3.03 -47.97 -24.48
CA ASN D 144 -2.74 -48.12 -23.06
C ASN D 144 -3.94 -48.79 -22.39
N LEU D 145 -3.65 -49.56 -21.34
CA LEU D 145 -4.64 -50.42 -20.70
C LEU D 145 -4.59 -50.28 -19.19
N VAL D 146 -4.62 -49.05 -18.69
CA VAL D 146 -4.74 -48.81 -17.25
C VAL D 146 -5.89 -49.66 -16.73
N ILE D 147 -5.60 -50.58 -15.81
CA ILE D 147 -6.60 -51.43 -15.20
C ILE D 147 -6.53 -51.27 -13.69
N SER D 148 -7.64 -50.90 -13.08
CA SER D 148 -7.73 -50.73 -11.64
C SER D 148 -8.28 -51.99 -11.00
N VAL D 149 -7.59 -52.49 -9.99
CA VAL D 149 -8.03 -53.67 -9.23
C VAL D 149 -8.28 -53.23 -7.79
N THR D 150 -9.48 -53.50 -7.29
CA THR D 150 -9.87 -53.12 -5.95
C THR D 150 -10.89 -54.12 -5.44
N GLY D 151 -11.46 -53.85 -4.27
CA GLY D 151 -12.45 -54.74 -3.69
C GLY D 151 -13.83 -54.46 -4.24
N GLY D 152 -14.54 -55.52 -4.61
CA GLY D 152 -15.91 -55.39 -5.06
C GLY D 152 -16.91 -55.17 -3.96
N ALA D 153 -16.47 -55.22 -2.70
CA ALA D 153 -17.36 -54.97 -1.58
C ALA D 153 -17.93 -53.56 -1.64
N LYS D 154 -19.19 -53.43 -1.23
CA LYS D 154 -19.84 -52.12 -1.24
C LYS D 154 -19.09 -51.13 -0.35
N ASN D 155 -18.66 -51.58 0.82
CA ASN D 155 -17.92 -50.70 1.72
C ASN D 155 -16.63 -50.22 1.06
N PHE D 156 -16.36 -48.93 1.17
CA PHE D 156 -15.17 -48.34 0.58
C PHE D 156 -14.75 -47.13 1.40
N ALA D 157 -13.48 -46.77 1.27
CA ALA D 157 -12.91 -45.65 2.01
C ALA D 157 -12.99 -44.36 1.19
N LEU D 158 -14.21 -43.98 0.85
CA LEU D 158 -14.43 -42.75 0.09
C LEU D 158 -13.92 -41.56 0.89
N LYS D 159 -13.17 -40.69 0.22
CA LYS D 159 -12.60 -39.51 0.85
C LYS D 159 -12.15 -38.55 -0.24
N PRO D 160 -11.97 -37.26 0.09
CA PRO D 160 -11.49 -36.31 -0.93
C PRO D 160 -10.16 -36.72 -1.54
N ARG D 161 -9.26 -37.27 -0.73
CA ARG D 161 -7.99 -37.75 -1.27
C ARG D 161 -8.21 -38.87 -2.28
N MET D 162 -9.15 -39.76 -1.99
CA MET D 162 -9.46 -40.83 -2.93
C MET D 162 -10.07 -40.28 -4.21
N ARG D 163 -10.84 -39.20 -4.12
CA ARG D 163 -11.34 -38.54 -5.32
C ARG D 163 -10.20 -37.94 -6.13
N LYS D 164 -9.24 -37.30 -5.46
CA LYS D 164 -8.16 -36.63 -6.18
C LYS D 164 -7.20 -37.63 -6.80
N ILE D 165 -6.97 -38.77 -6.14
CA ILE D 165 -6.05 -39.78 -6.64
C ILE D 165 -6.63 -40.59 -7.79
N PHE D 166 -7.87 -40.32 -8.18
CA PHE D 166 -8.52 -41.01 -9.29
C PHE D 166 -9.02 -40.08 -10.39
N SER D 167 -9.35 -38.83 -10.07
CA SER D 167 -9.74 -37.90 -11.12
C SER D 167 -8.59 -37.68 -12.10
N ARG D 168 -7.37 -37.52 -11.58
CA ARG D 168 -6.21 -37.38 -12.45
C ARG D 168 -5.99 -38.62 -13.27
N LEU D 169 -6.22 -39.80 -12.69
CA LEU D 169 -6.07 -41.05 -13.44
C LEU D 169 -7.03 -41.09 -14.60
N ILE D 170 -8.29 -40.71 -14.37
CA ILE D 170 -9.27 -40.70 -15.45
C ILE D 170 -8.87 -39.69 -16.52
N TYR D 171 -8.42 -38.51 -16.09
CA TYR D 171 -8.00 -37.50 -17.05
C TYR D 171 -6.86 -38.02 -17.93
N ILE D 172 -5.87 -38.68 -17.32
CA ILE D 172 -4.76 -39.23 -18.10
C ILE D 172 -5.25 -40.30 -19.05
N ALA D 173 -6.16 -41.16 -18.57
CA ALA D 173 -6.69 -42.22 -19.42
C ALA D 173 -7.36 -41.62 -20.66
N GLN D 174 -8.14 -40.56 -20.47
CA GLN D 174 -8.73 -39.89 -21.63
C GLN D 174 -7.67 -39.27 -22.52
N SER D 175 -6.67 -38.62 -21.92
CA SER D 175 -5.68 -37.91 -22.71
C SER D 175 -4.92 -38.85 -23.62
N LYS D 176 -4.48 -39.99 -23.10
CA LYS D 176 -3.73 -40.95 -23.90
C LYS D 176 -4.63 -41.88 -24.70
N GLY D 177 -5.95 -41.87 -24.46
CA GLY D 177 -6.83 -42.80 -25.13
C GLY D 177 -6.80 -44.19 -24.55
N ALA D 178 -6.45 -44.33 -23.27
CA ALA D 178 -6.28 -45.64 -22.66
C ALA D 178 -7.63 -46.31 -22.41
N TRP D 179 -7.62 -47.63 -22.42
CA TRP D 179 -8.77 -48.40 -21.96
C TRP D 179 -8.71 -48.55 -20.45
N ILE D 180 -9.88 -48.52 -19.81
CA ILE D 180 -10.01 -48.70 -18.38
C ILE D 180 -10.81 -49.97 -18.14
N LEU D 181 -10.19 -50.96 -17.51
CA LEU D 181 -10.84 -52.20 -17.12
C LEU D 181 -11.08 -52.16 -15.61
N THR D 182 -12.32 -52.38 -15.19
CA THR D 182 -12.68 -52.37 -13.79
C THR D 182 -13.64 -53.53 -13.52
N GLY D 183 -14.01 -53.68 -12.24
CA GLY D 183 -14.98 -54.69 -11.86
C GLY D 183 -16.34 -54.40 -12.47
N GLY D 184 -16.94 -53.28 -12.07
CA GLY D 184 -18.15 -52.81 -12.71
C GLY D 184 -19.42 -53.43 -12.18
N THR D 185 -19.63 -53.35 -10.87
CA THR D 185 -20.86 -53.86 -10.25
C THR D 185 -21.48 -52.84 -9.32
N HIS D 186 -21.24 -51.55 -9.57
CA HIS D 186 -21.87 -50.47 -8.81
C HIS D 186 -21.63 -50.63 -7.31
N TYR D 187 -20.35 -50.72 -6.92
CA TYR D 187 -19.97 -50.92 -5.53
C TYR D 187 -18.77 -50.03 -5.23
N GLY D 188 -18.98 -49.01 -4.40
CA GLY D 188 -17.90 -48.17 -3.93
C GLY D 188 -17.07 -47.56 -5.03
N LEU D 189 -15.83 -48.02 -5.17
CA LEU D 189 -14.91 -47.42 -6.13
C LEU D 189 -15.45 -47.53 -7.55
N MET D 190 -16.10 -48.64 -7.87
CA MET D 190 -16.61 -48.84 -9.23
C MET D 190 -17.71 -47.85 -9.56
N LYS D 191 -18.61 -47.59 -8.61
CA LYS D 191 -19.66 -46.61 -8.83
C LYS D 191 -19.07 -45.22 -9.04
N TYR D 192 -18.05 -44.88 -8.24
CA TYR D 192 -17.38 -43.59 -8.42
C TYR D 192 -16.72 -43.49 -9.78
N ILE D 193 -16.10 -44.59 -10.23
CA ILE D 193 -15.48 -44.60 -11.55
C ILE D 193 -16.52 -44.37 -12.63
N GLY D 194 -17.67 -45.04 -12.53
CA GLY D 194 -18.73 -44.81 -13.49
C GLY D 194 -19.21 -43.38 -13.49
N GLU D 195 -19.40 -42.80 -12.30
CA GLU D 195 -19.84 -41.42 -12.20
C GLU D 195 -18.83 -40.46 -12.84
N VAL D 196 -17.54 -40.70 -12.60
CA VAL D 196 -16.52 -39.83 -13.17
C VAL D 196 -16.45 -39.99 -14.68
N VAL D 197 -16.64 -41.21 -15.18
CA VAL D 197 -16.68 -41.42 -16.62
C VAL D 197 -17.83 -40.63 -17.23
N ARG D 198 -19.00 -40.70 -16.59
CA ARG D 198 -20.14 -39.91 -17.07
C ARG D 198 -19.80 -38.42 -17.06
N ASP D 199 -19.21 -37.95 -15.97
CA ASP D 199 -18.89 -36.53 -15.85
C ASP D 199 -17.95 -36.08 -16.96
N ASN D 200 -16.91 -36.87 -17.23
CA ASN D 200 -16.00 -36.53 -18.31
C ASN D 200 -16.70 -36.55 -19.66
N THR D 201 -17.61 -37.51 -19.85
CA THR D 201 -18.38 -37.55 -21.10
C THR D 201 -19.21 -36.28 -21.27
N ILE D 202 -19.77 -35.76 -20.17
CA ILE D 202 -20.60 -34.57 -20.26
C ILE D 202 -19.80 -33.40 -20.81
N SER D 203 -18.58 -33.21 -20.32
CA SER D 203 -17.72 -32.12 -20.77
C SER D 203 -17.04 -32.50 -22.09
N GLU D 208 -12.54 -38.87 -28.59
CA GLU D 208 -13.20 -38.00 -27.63
C GLU D 208 -14.18 -38.79 -26.76
N ASN D 209 -13.91 -40.08 -26.60
CA ASN D 209 -14.74 -40.96 -25.79
C ASN D 209 -13.85 -41.85 -24.94
N ILE D 210 -14.43 -42.33 -23.84
CA ILE D 210 -13.73 -43.20 -22.90
C ILE D 210 -14.35 -44.58 -22.97
N VAL D 211 -13.50 -45.60 -23.04
CA VAL D 211 -13.93 -46.99 -23.12
C VAL D 211 -13.66 -47.64 -21.77
N ALA D 212 -14.71 -48.11 -21.11
CA ALA D 212 -14.63 -48.70 -19.77
C ALA D 212 -15.31 -50.06 -19.79
N ILE D 213 -14.53 -51.11 -19.96
CA ILE D 213 -15.05 -52.48 -19.92
C ILE D 213 -15.13 -52.92 -18.47
N GLY D 214 -16.32 -53.40 -18.06
CA GLY D 214 -16.50 -53.93 -16.72
C GLY D 214 -16.91 -55.39 -16.75
N ILE D 215 -16.08 -56.25 -16.20
CA ILE D 215 -16.31 -57.69 -16.18
C ILE D 215 -16.84 -58.08 -14.81
N ALA D 216 -17.92 -58.86 -14.80
CA ALA D 216 -18.49 -59.39 -13.57
C ALA D 216 -18.91 -60.83 -13.81
N ALA D 217 -19.36 -61.50 -12.76
CA ALA D 217 -19.76 -62.89 -12.83
C ALA D 217 -21.25 -63.01 -13.14
N TRP D 218 -21.59 -63.85 -14.12
CA TRP D 218 -22.98 -64.06 -14.48
C TRP D 218 -23.78 -64.69 -13.34
N GLY D 219 -23.15 -65.62 -12.61
CA GLY D 219 -23.89 -66.36 -11.59
C GLY D 219 -24.48 -65.46 -10.53
N MET D 220 -23.72 -64.46 -10.08
CA MET D 220 -24.21 -63.55 -9.04
C MET D 220 -25.40 -62.73 -9.52
N VAL D 221 -25.45 -62.41 -10.81
CA VAL D 221 -26.46 -61.51 -11.37
C VAL D 221 -27.86 -61.90 -10.90
N SER D 222 -28.62 -60.91 -10.46
CA SER D 222 -30.01 -61.07 -10.06
C SER D 222 -30.92 -60.38 -11.08
N ASN D 223 -32.22 -60.66 -10.97
CA ASN D 223 -33.21 -60.11 -11.89
C ASN D 223 -32.82 -60.41 -13.34
N ARG D 224 -32.37 -61.63 -13.58
CA ARG D 224 -31.89 -62.02 -14.90
C ARG D 224 -32.97 -61.81 -15.95
N ASP D 225 -32.58 -61.24 -17.08
CA ASP D 225 -33.46 -60.99 -18.22
C ASP D 225 -32.80 -61.60 -19.45
N THR D 226 -33.06 -62.88 -19.70
CA THR D 226 -32.48 -63.56 -20.85
C THR D 226 -33.11 -63.06 -22.14
N LEU D 227 -32.36 -63.16 -23.24
CA LEU D 227 -32.83 -62.72 -24.54
C LEU D 227 -34.07 -63.49 -24.95
N PHE D 237 -34.75 -57.19 -29.50
CA PHE D 237 -33.95 -57.99 -28.59
C PHE D 237 -33.25 -57.10 -27.55
N SER D 238 -33.51 -55.80 -27.61
CA SER D 238 -32.88 -54.85 -26.68
C SER D 238 -33.74 -54.75 -25.42
N ALA D 239 -33.64 -55.80 -24.60
CA ALA D 239 -34.37 -55.85 -23.35
C ALA D 239 -33.85 -54.77 -22.40
N GLN D 240 -34.78 -54.20 -21.61
CA GLN D 240 -34.45 -53.16 -20.65
C GLN D 240 -34.68 -53.70 -19.24
N TYR D 241 -33.66 -53.58 -18.39
CA TYR D 241 -33.72 -54.02 -17.01
C TYR D 241 -33.79 -52.81 -16.09
N ILE D 242 -34.76 -52.80 -15.18
CA ILE D 242 -34.98 -51.71 -14.25
C ILE D 242 -34.96 -52.29 -12.83
N MET D 243 -34.19 -51.67 -11.95
CA MET D 243 -34.10 -52.12 -10.57
C MET D 243 -33.60 -50.99 -9.67
N LEU D 251 -27.79 -62.57 -6.84
CA LEU D 251 -28.09 -61.43 -5.99
C LEU D 251 -27.00 -60.39 -6.06
N TYR D 252 -26.62 -60.01 -7.28
CA TYR D 252 -25.57 -59.02 -7.51
C TYR D 252 -26.14 -57.87 -8.32
N ILE D 253 -25.78 -56.65 -7.93
CA ILE D 253 -26.21 -55.44 -8.61
C ILE D 253 -25.09 -54.98 -9.52
N LEU D 254 -25.44 -54.44 -10.69
CA LEU D 254 -24.49 -54.06 -11.72
C LEU D 254 -24.68 -52.60 -12.09
N ASP D 255 -23.57 -51.89 -12.28
CA ASP D 255 -23.61 -50.50 -12.71
C ASP D 255 -24.09 -50.40 -14.15
N ASN D 256 -24.81 -49.32 -14.44
CA ASN D 256 -25.35 -49.07 -15.77
C ASN D 256 -24.66 -47.89 -16.45
N ASN D 257 -23.53 -47.42 -15.90
CA ASN D 257 -22.81 -46.29 -16.46
C ASN D 257 -21.64 -46.71 -17.35
N HIS D 258 -21.14 -47.93 -17.20
CA HIS D 258 -19.98 -48.37 -17.98
C HIS D 258 -20.34 -48.44 -19.46
N THR D 259 -19.36 -48.10 -20.31
CA THR D 259 -19.59 -48.15 -21.74
C THR D 259 -19.86 -49.57 -22.21
N HIS D 260 -19.13 -50.54 -21.68
CA HIS D 260 -19.31 -51.94 -22.03
C HIS D 260 -19.28 -52.78 -20.76
N LEU D 261 -20.20 -53.74 -20.68
CA LEU D 261 -20.36 -54.59 -19.50
C LEU D 261 -20.43 -56.05 -19.94
N LEU D 262 -19.62 -56.90 -19.32
CA LEU D 262 -19.54 -58.32 -19.64
C LEU D 262 -19.84 -59.14 -18.40
N LEU D 263 -20.56 -60.24 -18.59
CA LEU D 263 -20.89 -61.19 -17.53
C LEU D 263 -20.37 -62.57 -17.91
N VAL D 264 -19.64 -63.22 -17.00
CA VAL D 264 -18.99 -64.49 -17.27
C VAL D 264 -19.30 -65.46 -16.14
N ASP D 265 -20.04 -66.52 -16.45
CA ASP D 265 -20.17 -67.66 -15.55
C ASP D 265 -20.72 -68.84 -16.37
N ASN D 266 -19.86 -69.82 -16.66
CA ASN D 266 -20.33 -71.02 -17.34
C ASN D 266 -21.41 -71.72 -16.52
N GLY D 267 -21.46 -71.46 -15.22
CA GLY D 267 -22.49 -72.05 -14.37
C GLY D 267 -22.29 -71.61 -12.93
N CYS D 268 -22.64 -72.51 -12.01
CA CYS D 268 -22.42 -72.32 -10.58
C CYS D 268 -22.98 -70.97 -10.12
N HIS D 269 -24.31 -70.88 -10.17
CA HIS D 269 -24.99 -69.65 -9.80
C HIS D 269 -24.68 -69.18 -8.39
N GLY D 270 -23.97 -69.97 -7.59
CA GLY D 270 -23.53 -69.54 -6.27
C GLY D 270 -22.52 -68.41 -6.27
N HIS D 271 -22.16 -67.88 -7.44
CA HIS D 271 -21.27 -66.74 -7.55
C HIS D 271 -19.87 -67.05 -7.04
N PRO D 272 -19.21 -68.09 -7.55
CA PRO D 272 -17.80 -68.31 -7.22
C PRO D 272 -16.90 -67.38 -8.03
N THR D 273 -15.67 -67.25 -7.57
CA THR D 273 -14.69 -66.40 -8.25
C THR D 273 -14.40 -66.95 -9.64
N VAL D 274 -14.79 -66.18 -10.67
CA VAL D 274 -14.61 -66.59 -12.05
C VAL D 274 -13.95 -65.47 -12.84
N GLU D 275 -13.94 -64.26 -12.28
CA GLU D 275 -13.40 -63.11 -13.01
C GLU D 275 -11.92 -63.30 -13.32
N ALA D 276 -11.17 -63.89 -12.38
CA ALA D 276 -9.72 -64.02 -12.56
C ALA D 276 -9.38 -64.89 -13.76
N LYS D 277 -10.27 -65.81 -14.14
CA LYS D 277 -9.94 -66.79 -15.17
C LYS D 277 -9.94 -66.20 -16.58
N LEU D 278 -10.48 -65.00 -16.77
CA LEU D 278 -10.61 -64.41 -18.09
C LEU D 278 -9.94 -63.06 -18.22
N ARG D 279 -10.06 -62.22 -17.18
CA ARG D 279 -9.48 -60.87 -17.24
C ARG D 279 -7.97 -60.92 -17.37
N ASN D 280 -7.33 -61.80 -16.59
CA ASN D 280 -5.89 -61.92 -16.65
C ASN D 280 -5.43 -62.42 -18.01
N GLN D 281 -6.13 -63.41 -18.56
CA GLN D 281 -5.76 -63.93 -19.87
C GLN D 281 -5.90 -62.86 -20.94
N LEU D 282 -6.99 -62.08 -20.88
CA LEU D 282 -7.15 -60.99 -21.83
C LEU D 282 -6.03 -59.97 -21.69
N GLU D 283 -5.68 -59.60 -20.47
CA GLU D 283 -4.60 -58.64 -20.27
C GLU D 283 -3.29 -59.17 -20.85
N LYS D 284 -2.97 -60.43 -20.59
CA LYS D 284 -1.72 -61.00 -21.09
C LYS D 284 -1.70 -61.01 -22.61
N TYR D 285 -2.80 -61.43 -23.23
CA TYR D 285 -2.85 -61.49 -24.68
C TYR D 285 -2.67 -60.10 -25.28
N ILE D 286 -3.35 -59.09 -24.73
CA ILE D 286 -3.20 -57.74 -25.24
C ILE D 286 -1.78 -57.25 -25.03
N SER D 287 -1.15 -57.67 -23.93
CA SER D 287 0.24 -57.30 -23.68
C SER D 287 1.14 -57.81 -24.79
N GLU D 288 0.93 -59.05 -25.23
CA GLU D 288 1.77 -59.58 -26.29
C GLU D 288 1.45 -58.99 -27.65
N ARG D 289 0.27 -58.39 -27.82
CA ARG D 289 -0.11 -57.79 -29.09
C ARG D 289 0.74 -56.56 -29.41
N THR D 290 1.60 -56.67 -30.40
CA THR D 290 2.51 -55.59 -30.75
C THR D 290 1.80 -54.53 -31.58
N SER D 291 1.98 -53.27 -31.21
CA SER D 291 1.43 -52.14 -31.95
C SER D 291 2.54 -51.13 -32.18
N GLN D 292 2.71 -50.71 -33.45
CA GLN D 292 3.77 -49.79 -33.83
C GLN D 292 3.33 -48.35 -33.55
N ASP D 293 3.32 -48.02 -32.26
CA ASP D 293 2.94 -46.68 -31.82
C ASP D 293 3.34 -46.50 -30.37
N SER D 294 3.57 -45.25 -29.98
CA SER D 294 3.94 -44.89 -28.62
C SER D 294 5.27 -45.52 -28.19
N ASN D 295 6.12 -45.87 -29.15
CA ASN D 295 7.42 -46.48 -28.88
C ASN D 295 7.20 -47.69 -27.98
N TYR D 296 7.93 -47.84 -26.88
CA TYR D 296 7.78 -48.98 -25.98
C TYR D 296 7.98 -50.29 -26.73
N GLY D 297 8.94 -50.29 -27.65
CA GLY D 297 9.25 -51.49 -28.42
C GLY D 297 8.08 -52.01 -29.23
N GLY D 298 7.21 -51.12 -29.69
CA GLY D 298 6.04 -51.55 -30.44
C GLY D 298 5.13 -52.47 -29.67
N LYS D 299 4.95 -52.19 -28.37
CA LYS D 299 4.11 -53.02 -27.52
C LYS D 299 3.12 -52.16 -26.74
N ILE D 300 2.44 -52.74 -25.76
CA ILE D 300 1.41 -52.03 -25.01
C ILE D 300 1.73 -52.09 -23.52
N PRO D 301 1.46 -51.04 -22.74
CA PRO D 301 1.90 -51.03 -21.33
C PRO D 301 1.31 -52.12 -20.46
N ILE D 302 -0.02 -52.14 -20.32
CA ILE D 302 -0.70 -53.11 -19.47
C ILE D 302 -0.26 -52.92 -18.01
N VAL D 303 -0.56 -51.75 -17.44
CA VAL D 303 -0.22 -51.44 -16.06
C VAL D 303 -1.41 -51.77 -15.16
N CYS D 304 -1.09 -52.26 -13.96
CA CYS D 304 -2.09 -52.58 -12.94
C CYS D 304 -1.99 -51.55 -11.81
N PHE D 305 -3.15 -51.06 -11.37
CA PHE D 305 -3.24 -50.04 -10.33
C PHE D 305 -4.06 -50.60 -9.18
N ALA D 306 -3.44 -50.71 -8.01
CA ALA D 306 -4.07 -51.30 -6.84
C ALA D 306 -4.34 -50.24 -5.79
N GLN D 307 -5.60 -50.16 -5.34
CA GLN D 307 -5.99 -49.26 -4.26
C GLN D 307 -6.91 -49.90 -3.23
N GLY D 308 -7.62 -50.97 -3.57
CA GLY D 308 -8.52 -51.59 -2.63
C GLY D 308 -7.83 -52.55 -1.67
N GLY D 309 -8.53 -52.85 -0.58
CA GLY D 309 -8.03 -53.69 0.49
C GLY D 309 -8.42 -55.15 0.42
N GLY D 310 -9.02 -55.59 -0.68
CA GLY D 310 -9.52 -56.96 -0.74
C GLY D 310 -8.43 -57.98 -0.97
N ARG D 311 -8.70 -59.21 -0.52
CA ARG D 311 -7.79 -60.32 -0.78
C ARG D 311 -7.79 -60.70 -2.26
N GLU D 312 -8.92 -60.55 -2.94
CA GLU D 312 -8.94 -60.76 -4.38
C GLU D 312 -7.94 -59.83 -5.07
N THR D 313 -7.77 -58.62 -4.54
CA THR D 313 -6.74 -57.73 -5.06
C THR D 313 -5.36 -58.34 -4.88
N LEU D 314 -5.11 -58.98 -3.72
CA LEU D 314 -3.82 -59.63 -3.49
C LEU D 314 -3.59 -60.75 -4.49
N LYS D 315 -4.63 -61.57 -4.74
CA LYS D 315 -4.49 -62.65 -5.72
C LYS D 315 -4.22 -62.09 -7.12
N ALA D 316 -4.92 -61.01 -7.48
CA ALA D 316 -4.69 -60.38 -8.77
C ALA D 316 -3.26 -59.86 -8.87
N ILE D 317 -2.75 -59.27 -7.80
CA ILE D 317 -1.38 -58.79 -7.79
C ILE D 317 -0.41 -59.95 -7.99
N ASN D 318 -0.65 -61.06 -7.28
CA ASN D 318 0.22 -62.22 -7.42
C ASN D 318 0.25 -62.72 -8.85
N THR D 319 -0.93 -62.92 -9.46
CA THR D 319 -0.96 -63.44 -10.82
C THR D 319 -0.36 -62.45 -11.81
N SER D 320 -0.57 -61.15 -11.60
CA SER D 320 0.04 -60.16 -12.48
C SER D 320 1.55 -60.19 -12.39
N VAL D 321 2.09 -60.30 -11.16
CA VAL D 321 3.54 -60.42 -11.00
C VAL D 321 4.03 -61.71 -11.64
N LYS D 322 3.17 -62.74 -11.69
CA LYS D 322 3.55 -63.95 -12.42
C LYS D 322 3.93 -63.63 -13.85
N SER D 323 3.20 -62.70 -14.48
CA SER D 323 3.50 -62.24 -15.83
C SER D 323 4.31 -60.95 -15.77
N LYS D 324 4.70 -60.46 -16.94
CA LYS D 324 5.50 -59.24 -17.05
C LYS D 324 4.58 -58.03 -17.10
N ILE D 325 4.02 -57.71 -15.94
CA ILE D 325 3.08 -56.59 -15.80
C ILE D 325 3.38 -55.84 -14.51
N PRO D 326 3.97 -54.64 -14.58
CA PRO D 326 4.22 -53.88 -13.35
C PRO D 326 2.93 -53.39 -12.72
N CYS D 327 2.92 -53.36 -11.39
CA CYS D 327 1.78 -52.87 -10.61
C CYS D 327 2.23 -51.72 -9.74
N VAL D 328 1.33 -50.76 -9.54
CA VAL D 328 1.55 -49.63 -8.64
C VAL D 328 0.45 -49.66 -7.58
N VAL D 329 0.85 -49.64 -6.31
CA VAL D 329 -0.07 -49.72 -5.20
C VAL D 329 -0.14 -48.37 -4.50
N VAL D 330 -1.31 -48.05 -3.96
CA VAL D 330 -1.48 -46.83 -3.18
C VAL D 330 -1.11 -47.12 -1.74
N GLU D 331 -0.21 -46.32 -1.18
CA GLU D 331 0.22 -46.47 0.21
C GLU D 331 -0.61 -45.55 1.12
N GLY D 332 -1.92 -45.75 1.07
CA GLY D 332 -2.84 -44.92 1.82
C GLY D 332 -3.78 -45.71 2.71
N SER D 333 -5.09 -45.51 2.54
CA SER D 333 -6.06 -46.13 3.42
C SER D 333 -6.15 -47.64 3.23
N GLY D 334 -5.68 -48.16 2.10
CA GLY D 334 -5.78 -49.59 1.82
C GLY D 334 -5.15 -50.45 2.89
N GLN D 335 -5.94 -51.35 3.48
CA GLN D 335 -5.43 -52.16 4.59
C GLN D 335 -4.33 -53.10 4.12
N ILE D 336 -4.59 -53.89 3.08
CA ILE D 336 -3.59 -54.80 2.54
C ILE D 336 -2.51 -54.03 1.79
N ALA D 337 -2.89 -52.94 1.16
CA ALA D 337 -1.91 -52.09 0.48
C ALA D 337 -0.91 -51.54 1.49
N ASP D 338 -1.39 -51.18 2.68
CA ASP D 338 -0.48 -50.75 3.73
C ASP D 338 0.45 -51.89 4.17
N VAL D 339 -0.04 -53.13 4.19
CA VAL D 339 0.82 -54.26 4.50
C VAL D 339 1.96 -54.33 3.49
N ILE D 340 1.62 -54.28 2.20
CA ILE D 340 2.66 -54.39 1.17
C ILE D 340 3.61 -53.19 1.25
N ALA D 341 3.07 -52.00 1.52
CA ALA D 341 3.92 -50.82 1.64
C ALA D 341 4.90 -50.95 2.79
N SER D 342 4.42 -51.46 3.94
CA SER D 342 5.31 -51.64 5.08
C SER D 342 6.36 -52.71 4.79
N LEU D 343 5.99 -53.74 4.03
CA LEU D 343 6.94 -54.80 3.70
C LEU D 343 8.18 -54.22 3.04
N VAL D 344 8.01 -53.24 2.14
CA VAL D 344 9.13 -52.62 1.46
C VAL D 344 9.66 -51.46 2.30
N THR D 351 11.90 -63.99 7.14
CA THR D 351 11.34 -63.19 8.22
C THR D 351 9.82 -63.33 8.24
N SER D 352 9.34 -64.56 8.33
CA SER D 352 7.89 -64.79 8.33
C SER D 352 7.22 -64.19 9.56
N SER D 353 7.95 -64.09 10.68
CA SER D 353 7.38 -63.50 11.87
C SER D 353 7.01 -62.04 11.64
N MET D 354 7.88 -61.30 10.94
CA MET D 354 7.55 -59.92 10.61
C MET D 354 6.36 -59.86 9.68
N VAL D 355 6.24 -60.83 8.76
CA VAL D 355 5.08 -60.87 7.87
C VAL D 355 3.80 -61.03 8.68
N LYS D 356 3.81 -61.97 9.64
CA LYS D 356 2.62 -62.18 10.46
C LYS D 356 2.31 -60.94 11.29
N GLU D 357 3.32 -60.31 11.86
CA GLU D 357 3.10 -59.11 12.67
C GLU D 357 2.51 -57.99 11.81
N LYS D 358 3.04 -57.79 10.61
CA LYS D 358 2.53 -56.75 9.73
C LYS D 358 1.09 -57.03 9.33
N LEU D 359 0.77 -58.29 9.01
CA LEU D 359 -0.59 -58.63 8.65
C LEU D 359 -1.54 -58.40 9.83
N VAL D 360 -1.08 -58.71 11.04
CA VAL D 360 -1.91 -58.47 12.23
C VAL D 360 -2.10 -56.97 12.42
N ARG D 361 -1.10 -56.17 12.09
CA ARG D 361 -1.18 -54.72 12.31
C ARG D 361 -2.35 -54.11 11.54
N PHE D 362 -2.75 -54.73 10.43
CA PHE D 362 -3.82 -54.22 9.58
C PHE D 362 -4.95 -55.23 9.49
N LEU D 363 -6.18 -54.75 9.48
CA LEU D 363 -7.37 -55.58 9.43
C LEU D 363 -7.34 -56.65 10.54
N PRO D 364 -7.19 -56.23 11.80
CA PRO D 364 -7.11 -57.22 12.88
C PRO D 364 -8.33 -58.12 12.98
N ARG D 365 -9.53 -57.59 12.69
CA ARG D 365 -10.73 -58.41 12.75
C ARG D 365 -10.67 -59.54 11.73
N THR D 366 -10.26 -59.23 10.50
CA THR D 366 -10.12 -60.26 9.48
C THR D 366 -9.04 -61.26 9.86
N VAL D 367 -7.94 -60.78 10.43
CA VAL D 367 -6.86 -61.67 10.85
C VAL D 367 -7.36 -62.66 11.90
N SER D 368 -8.10 -62.16 12.88
CA SER D 368 -8.64 -63.04 13.91
C SER D 368 -9.66 -64.02 13.33
N ARG D 369 -10.53 -63.55 12.44
CA ARG D 369 -11.56 -64.42 11.88
C ARG D 369 -10.94 -65.56 11.08
N LEU D 370 -9.92 -65.26 10.30
CA LEU D 370 -9.34 -66.28 9.44
C LEU D 370 -8.71 -67.39 10.28
N PRO D 371 -8.90 -68.66 9.91
CA PRO D 371 -8.27 -69.74 10.66
C PRO D 371 -6.76 -69.75 10.47
N GLU D 372 -6.06 -70.31 11.45
CA GLU D 372 -4.61 -70.35 11.41
C GLU D 372 -4.11 -71.14 10.22
N GLU D 373 -4.80 -72.23 9.87
CA GLU D 373 -4.35 -73.06 8.76
C GLU D 373 -4.33 -72.29 7.45
N GLU D 374 -5.37 -71.48 7.20
CA GLU D 374 -5.45 -70.73 5.96
C GLU D 374 -4.42 -69.61 5.88
N ILE D 375 -3.85 -69.18 7.01
CA ILE D 375 -2.96 -68.04 7.01
C ILE D 375 -1.79 -68.28 6.06
N GLU D 376 -1.31 -69.51 5.98
CA GLU D 376 -0.21 -69.84 5.07
C GLU D 376 -0.54 -69.39 3.65
N SER D 377 -1.76 -69.71 3.19
CA SER D 377 -2.16 -69.36 1.83
C SER D 377 -1.97 -67.88 1.54
N TRP D 378 -1.94 -67.04 2.57
CA TRP D 378 -1.67 -65.62 2.41
C TRP D 378 -0.18 -65.31 2.52
N ILE D 379 0.50 -65.87 3.51
CA ILE D 379 1.89 -65.49 3.78
C ILE D 379 2.73 -65.71 2.54
N LYS D 380 2.64 -66.92 1.97
CA LYS D 380 3.39 -67.20 0.74
C LYS D 380 3.13 -66.13 -0.31
N TRP D 381 1.86 -65.78 -0.51
CA TRP D 381 1.52 -64.76 -1.50
C TRP D 381 2.31 -63.48 -1.25
N LEU D 382 2.35 -63.04 0.02
CA LEU D 382 3.09 -61.83 0.32
C LEU D 382 4.54 -61.95 -0.09
N LYS D 383 5.14 -63.12 0.14
CA LYS D 383 6.51 -63.34 -0.32
C LYS D 383 6.61 -63.11 -1.82
N GLU D 384 5.67 -63.67 -2.58
CA GLU D 384 5.67 -63.47 -4.02
C GLU D 384 5.54 -61.99 -4.36
N ILE D 385 4.81 -61.22 -3.54
CA ILE D 385 4.74 -59.79 -3.75
C ILE D 385 6.09 -59.14 -3.53
N LEU D 386 6.81 -59.57 -2.49
CA LEU D 386 8.15 -59.06 -2.19
C LEU D 386 9.23 -59.88 -2.86
N GLU D 387 8.86 -60.87 -3.68
CA GLU D 387 9.87 -61.67 -4.38
C GLU D 387 10.75 -60.80 -5.27
N SER D 388 10.15 -59.87 -6.00
CA SER D 388 10.87 -58.98 -6.89
C SER D 388 10.47 -57.55 -6.58
N SER D 389 11.46 -56.72 -6.24
CA SER D 389 11.23 -55.30 -6.01
C SER D 389 11.43 -54.47 -7.26
N HIS D 390 11.89 -55.08 -8.35
CA HIS D 390 12.11 -54.34 -9.59
C HIS D 390 10.80 -53.82 -10.16
N LEU D 391 9.76 -54.66 -10.15
CA LEU D 391 8.50 -54.28 -10.77
C LEU D 391 7.62 -53.49 -9.81
N LEU D 392 7.46 -53.97 -8.58
CA LEU D 392 6.54 -53.33 -7.64
C LEU D 392 7.00 -51.92 -7.32
N THR D 393 6.14 -50.95 -7.57
CA THR D 393 6.39 -49.56 -7.24
C THR D 393 5.21 -49.03 -6.44
N VAL D 394 5.48 -48.14 -5.48
CA VAL D 394 4.46 -47.58 -4.62
C VAL D 394 4.62 -46.07 -4.56
N ILE D 395 3.53 -45.40 -4.25
CA ILE D 395 3.48 -43.95 -4.13
C ILE D 395 3.68 -43.57 -2.67
N LYS D 396 4.19 -42.36 -2.46
CA LYS D 396 4.38 -41.83 -1.12
C LYS D 396 3.14 -41.04 -0.69
N MET D 397 2.60 -41.38 0.48
CA MET D 397 1.40 -40.71 0.95
C MET D 397 1.66 -39.23 1.22
N GLU D 398 2.85 -38.90 1.71
CA GLU D 398 3.15 -37.51 2.06
C GLU D 398 3.11 -36.61 0.83
N GLU D 399 3.59 -37.10 -0.32
CA GLU D 399 3.66 -36.27 -1.51
C GLU D 399 2.28 -35.73 -1.87
N ALA D 400 2.23 -34.43 -2.17
CA ALA D 400 0.99 -33.75 -2.53
C ALA D 400 1.05 -33.14 -3.92
N GLY D 401 1.95 -33.62 -4.77
CA GLY D 401 2.05 -33.07 -6.11
C GLY D 401 0.80 -33.31 -6.92
N ASP D 402 0.51 -32.36 -7.82
CA ASP D 402 -0.67 -32.49 -8.66
C ASP D 402 -0.51 -33.59 -9.70
N GLU D 403 0.72 -33.77 -10.21
CA GLU D 403 0.99 -34.73 -11.28
C GLU D 403 1.63 -36.01 -10.77
N ILE D 404 1.35 -36.38 -9.51
CA ILE D 404 1.95 -37.59 -8.95
C ILE D 404 1.45 -38.83 -9.67
N VAL D 405 0.19 -38.82 -10.11
CA VAL D 405 -0.38 -39.99 -10.78
C VAL D 405 0.42 -40.30 -12.04
N SER D 406 0.59 -39.30 -12.90
CA SER D 406 1.30 -39.50 -14.15
C SER D 406 2.73 -39.91 -13.90
N ASN D 407 3.39 -39.25 -12.94
CA ASN D 407 4.78 -39.56 -12.66
C ASN D 407 4.94 -40.99 -12.18
N ALA D 408 4.06 -41.45 -11.29
CA ALA D 408 4.14 -42.80 -10.76
C ALA D 408 3.95 -43.83 -11.87
N ILE D 409 2.89 -43.65 -12.67
CA ILE D 409 2.65 -44.63 -13.74
C ILE D 409 3.82 -44.64 -14.71
N SER D 410 4.34 -43.46 -15.05
CA SER D 410 5.45 -43.38 -16.00
C SER D 410 6.67 -44.09 -15.47
N TYR D 411 7.01 -43.86 -14.19
CA TYR D 411 8.20 -44.49 -13.61
C TYR D 411 8.04 -46.01 -13.56
N ALA D 412 6.87 -46.47 -13.11
CA ALA D 412 6.66 -47.92 -13.02
C ALA D 412 6.74 -48.57 -14.40
N LEU D 413 6.16 -47.94 -15.41
CA LEU D 413 6.25 -48.46 -16.77
C LEU D 413 7.69 -48.42 -17.28
N TYR D 414 8.42 -47.36 -16.96
CA TYR D 414 9.80 -47.22 -17.45
C TYR D 414 10.70 -48.31 -16.90
N LYS D 415 10.51 -48.67 -15.62
CA LYS D 415 11.34 -49.70 -15.02
C LYS D 415 11.21 -51.02 -15.76
N ALA D 416 10.00 -51.37 -16.17
CA ALA D 416 9.80 -52.65 -16.85
C ALA D 416 10.57 -52.70 -18.16
N PHE D 417 10.53 -51.62 -18.94
CA PHE D 417 11.31 -51.58 -20.17
C PHE D 417 12.80 -51.65 -19.87
N SER D 418 13.25 -50.94 -18.83
CA SER D 418 14.67 -50.92 -18.51
C SER D 418 15.16 -52.31 -18.13
N THR D 419 14.39 -53.04 -17.32
CA THR D 419 14.84 -54.34 -16.82
C THR D 419 14.51 -55.49 -17.78
N ASN D 420 13.63 -55.26 -18.76
CA ASN D 420 13.25 -56.34 -19.66
C ASN D 420 14.45 -56.92 -20.38
N GLU D 421 15.39 -56.07 -20.80
CA GLU D 421 16.59 -56.39 -21.54
C GLU D 421 16.29 -56.69 -23.01
N GLN D 422 15.03 -56.71 -23.43
CA GLN D 422 14.73 -56.93 -24.84
C GLN D 422 15.26 -55.78 -25.68
N ASP D 423 15.08 -54.55 -25.22
CA ASP D 423 15.57 -53.37 -25.91
C ASP D 423 16.55 -52.56 -25.05
N LYS D 424 17.10 -53.17 -24.01
CA LYS D 424 18.09 -52.47 -23.19
C LYS D 424 19.30 -52.07 -24.02
N ASP D 425 19.71 -52.95 -24.95
CA ASP D 425 20.79 -52.59 -25.86
C ASP D 425 20.44 -51.38 -26.69
N ASN D 426 19.19 -51.30 -27.18
CA ASN D 426 18.74 -50.13 -27.90
C ASN D 426 18.73 -48.92 -26.97
N TRP D 427 19.44 -47.86 -27.35
CA TRP D 427 19.59 -46.67 -26.53
C TRP D 427 18.73 -45.51 -27.02
N ASN D 428 17.99 -45.67 -28.11
CA ASN D 428 17.13 -44.63 -28.64
C ASN D 428 15.67 -44.79 -28.24
N GLY D 429 15.17 -46.03 -28.16
CA GLY D 429 13.79 -46.23 -27.76
C GLY D 429 13.50 -45.73 -26.36
N GLN D 430 14.49 -45.82 -25.48
CA GLN D 430 14.29 -45.37 -24.10
C GLN D 430 13.95 -43.88 -24.05
N LEU D 431 14.72 -43.06 -24.78
CA LEU D 431 14.44 -41.64 -24.81
C LEU D 431 13.10 -41.35 -25.47
N LYS D 432 12.80 -42.03 -26.56
CA LYS D 432 11.52 -41.79 -27.24
C LYS D 432 10.35 -42.10 -26.32
N LEU D 433 10.46 -43.17 -25.53
CA LEU D 433 9.44 -43.46 -24.53
C LEU D 433 9.38 -42.36 -23.48
N LEU D 434 10.53 -41.96 -22.96
CA LEU D 434 10.54 -40.99 -21.86
C LEU D 434 10.07 -39.62 -22.32
N LEU D 435 10.14 -39.32 -23.61
CA LEU D 435 9.66 -38.03 -24.09
C LEU D 435 8.14 -37.95 -24.00
N GLU D 436 7.44 -38.91 -24.60
CA GLU D 436 5.98 -38.88 -24.59
C GLU D 436 5.44 -38.79 -23.17
N TRP D 437 6.09 -39.46 -22.23
CA TRP D 437 5.74 -39.35 -20.83
C TRP D 437 6.55 -38.22 -20.23
N ASN D 438 5.88 -37.14 -19.83
CA ASN D 438 6.58 -35.91 -19.48
C ASN D 438 7.49 -36.18 -18.28
N GLN D 439 8.79 -36.32 -18.55
CA GLN D 439 9.78 -36.58 -17.50
C GLN D 439 11.07 -35.90 -17.93
N LEU D 440 11.29 -34.68 -17.45
CA LEU D 440 12.50 -33.94 -17.80
C LEU D 440 13.66 -34.38 -16.93
N ASP D 441 13.45 -34.48 -15.62
CA ASP D 441 14.55 -34.82 -14.73
C ASP D 441 15.08 -36.21 -15.04
N LEU D 442 14.19 -37.18 -15.25
CA LEU D 442 14.63 -38.53 -15.56
C LEU D 442 15.39 -38.56 -16.89
N ALA D 443 14.86 -37.88 -17.90
CA ALA D 443 15.52 -37.87 -19.21
C ALA D 443 16.91 -37.26 -19.11
N SER D 444 17.04 -36.16 -18.37
CA SER D 444 18.33 -35.51 -18.23
C SER D 444 19.31 -36.39 -17.46
N ASP D 445 18.86 -36.99 -16.36
CA ASP D 445 19.77 -37.73 -15.50
C ASP D 445 20.20 -39.06 -16.10
N GLU D 446 19.25 -39.79 -16.69
CA GLU D 446 19.50 -41.17 -17.12
C GLU D 446 19.90 -41.27 -18.59
N ILE D 447 19.12 -40.67 -19.48
CA ILE D 447 19.36 -40.86 -20.92
C ILE D 447 20.73 -40.31 -21.30
N PHE D 448 20.93 -39.01 -21.11
CA PHE D 448 22.19 -38.39 -21.52
C PHE D 448 23.29 -38.67 -20.50
N THR D 449 23.11 -38.18 -19.27
CA THR D 449 24.07 -38.40 -18.20
C THR D 449 25.47 -38.03 -18.67
N ASN D 450 26.37 -39.01 -18.76
CA ASN D 450 27.74 -38.77 -19.20
C ASN D 450 28.31 -40.05 -19.77
N ASP D 451 29.43 -39.89 -20.50
CA ASP D 451 30.14 -41.03 -21.08
C ASP D 451 29.29 -41.70 -22.17
N ARG D 452 28.51 -40.90 -22.89
CA ARG D 452 27.70 -41.39 -24.00
C ARG D 452 28.00 -40.54 -25.24
N ARG D 453 28.35 -41.19 -26.33
CA ARG D 453 28.73 -40.51 -27.57
C ARG D 453 27.53 -40.42 -28.51
N TRP D 454 26.51 -39.69 -28.04
CA TRP D 454 25.32 -39.49 -28.87
C TRP D 454 25.66 -38.68 -30.12
N GLU D 455 26.52 -37.68 -29.98
CA GLU D 455 26.88 -36.81 -31.10
C GLU D 455 25.72 -35.89 -31.44
N SER D 456 25.93 -34.98 -32.40
CA SER D 456 24.91 -34.01 -32.77
C SER D 456 23.86 -34.59 -33.71
N ALA D 457 24.09 -35.78 -34.27
CA ALA D 457 23.17 -36.37 -35.21
C ALA D 457 22.21 -37.37 -34.55
N ASP D 458 22.30 -37.55 -33.24
CA ASP D 458 21.44 -38.50 -32.55
C ASP D 458 20.09 -37.89 -32.19
N LEU D 459 20.05 -36.59 -31.87
CA LEU D 459 18.84 -35.96 -31.39
C LEU D 459 17.90 -35.49 -32.50
N GLN D 460 18.28 -35.63 -33.77
CA GLN D 460 17.51 -35.10 -34.89
C GLN D 460 16.03 -35.44 -34.81
N GLU D 461 15.71 -36.74 -34.87
CA GLU D 461 14.31 -37.16 -34.95
C GLU D 461 13.57 -36.92 -33.65
N VAL D 462 14.22 -37.20 -32.51
CA VAL D 462 13.56 -36.99 -31.23
C VAL D 462 13.30 -35.50 -31.00
N MET D 463 14.23 -34.64 -31.42
CA MET D 463 14.00 -33.20 -31.30
C MET D 463 12.88 -32.74 -32.22
N PHE D 464 12.81 -33.31 -33.43
CA PHE D 464 11.69 -33.00 -34.31
C PHE D 464 10.37 -33.37 -33.63
N THR D 465 10.31 -34.56 -33.04
CA THR D 465 9.09 -34.99 -32.38
C THR D 465 8.76 -34.09 -31.19
N ALA D 466 9.78 -33.66 -30.45
CA ALA D 466 9.55 -32.75 -29.33
C ALA D 466 8.97 -31.42 -29.81
N LEU D 467 9.49 -30.89 -30.91
CA LEU D 467 8.92 -29.68 -31.49
C LEU D 467 7.47 -29.89 -31.88
N ILE D 468 7.17 -31.04 -32.49
CA ILE D 468 5.81 -31.32 -32.92
C ILE D 468 4.87 -31.39 -31.71
N LYS D 469 5.32 -32.03 -30.64
CA LYS D 469 4.47 -32.33 -29.49
C LYS D 469 4.45 -31.22 -28.44
N ASP D 470 5.13 -30.10 -28.68
CA ASP D 470 5.12 -28.96 -27.77
C ASP D 470 5.68 -29.37 -26.40
N ARG D 471 6.97 -29.69 -26.41
CA ARG D 471 7.71 -30.06 -25.21
C ARG D 471 8.82 -29.04 -25.01
N PRO D 472 8.51 -27.88 -24.41
CA PRO D 472 9.53 -26.81 -24.34
C PRO D 472 10.76 -27.19 -23.53
N LYS D 473 10.57 -27.79 -22.35
CA LYS D 473 11.70 -28.14 -21.51
C LYS D 473 12.60 -29.15 -22.21
N PHE D 474 12.00 -30.13 -22.88
CA PHE D 474 12.80 -31.10 -23.63
C PHE D 474 13.53 -30.43 -24.78
N VAL D 475 12.88 -29.45 -25.43
CA VAL D 475 13.55 -28.72 -26.51
C VAL D 475 14.79 -28.01 -25.97
N ARG D 476 14.64 -27.34 -24.83
CA ARG D 476 15.78 -26.64 -24.24
C ARG D 476 16.88 -27.63 -23.86
N LEU D 477 16.49 -28.76 -23.27
CA LEU D 477 17.49 -29.74 -22.86
C LEU D 477 18.24 -30.30 -24.07
N PHE D 478 17.53 -30.55 -25.16
CA PHE D 478 18.19 -31.00 -26.39
C PHE D 478 19.15 -29.94 -26.90
N LEU D 479 18.67 -28.71 -27.02
CA LEU D 479 19.51 -27.65 -27.61
C LEU D 479 20.77 -27.42 -26.79
N GLU D 480 20.62 -27.22 -25.48
CA GLU D 480 21.77 -26.87 -24.66
C GLU D 480 22.73 -28.04 -24.51
N ASN D 481 22.23 -29.27 -24.60
CA ASN D 481 23.05 -30.46 -24.36
C ASN D 481 23.64 -31.00 -25.66
N GLY D 482 24.39 -30.15 -26.33
CA GLY D 482 25.20 -30.54 -27.47
C GLY D 482 24.49 -30.48 -28.82
N LEU D 483 23.20 -30.19 -28.85
CA LEU D 483 22.49 -30.13 -30.13
C LEU D 483 22.91 -28.90 -30.91
N ASN D 484 23.02 -29.05 -32.22
CA ASN D 484 23.36 -27.96 -33.14
C ASN D 484 22.09 -27.60 -33.93
N LEU D 485 21.56 -26.42 -33.67
CA LEU D 485 20.32 -26.00 -34.33
C LEU D 485 20.57 -25.58 -35.78
N GLN D 486 21.75 -25.05 -36.09
CA GLN D 486 22.02 -24.61 -37.45
C GLN D 486 21.93 -25.77 -38.43
N LYS D 487 22.60 -26.88 -38.13
CA LYS D 487 22.56 -28.03 -39.03
C LYS D 487 21.16 -28.59 -39.13
N PHE D 488 20.45 -28.70 -38.01
CA PHE D 488 19.10 -29.23 -38.02
C PHE D 488 18.18 -28.38 -38.89
N LEU D 489 18.25 -27.05 -38.74
CA LEU D 489 17.42 -26.18 -39.56
C LEU D 489 17.82 -26.22 -41.01
N THR D 490 19.11 -26.40 -41.30
CA THR D 490 19.57 -26.41 -42.68
C THR D 490 18.94 -27.54 -43.49
N ASN D 491 18.42 -28.57 -42.83
CA ASN D 491 17.80 -29.68 -43.53
C ASN D 491 16.49 -29.24 -44.16
N GLU D 492 15.99 -30.07 -45.08
CA GLU D 492 14.72 -29.80 -45.75
C GLU D 492 13.54 -29.95 -44.81
N VAL D 493 13.75 -30.48 -43.61
CA VAL D 493 12.66 -30.66 -42.65
C VAL D 493 11.86 -29.37 -42.51
N LEU D 494 12.55 -28.22 -42.53
CA LEU D 494 11.87 -26.94 -42.45
C LEU D 494 10.68 -26.90 -43.40
N THR D 495 10.93 -27.13 -44.69
CA THR D 495 9.83 -27.18 -45.66
C THR D 495 8.71 -28.08 -45.16
N GLU D 496 9.04 -29.32 -44.82
CA GLU D 496 8.03 -30.22 -44.26
C GLU D 496 7.36 -29.59 -43.06
N LEU D 497 8.16 -29.10 -42.11
CA LEU D 497 7.60 -28.52 -40.90
C LEU D 497 6.65 -27.36 -41.21
N PHE D 498 6.85 -26.72 -42.36
CA PHE D 498 5.97 -25.62 -42.75
C PHE D 498 4.84 -26.07 -43.66
N SER D 499 5.04 -27.13 -44.43
CA SER D 499 4.02 -27.54 -45.38
C SER D 499 2.82 -28.19 -44.68
N THR D 500 3.06 -29.00 -43.65
CA THR D 500 2.03 -29.78 -42.99
C THR D 500 1.68 -29.24 -41.61
N HIS D 501 2.69 -28.87 -40.83
CA HIS D 501 2.48 -28.55 -39.42
C HIS D 501 1.46 -27.44 -39.22
N PHE D 502 1.42 -26.48 -40.14
CA PHE D 502 0.58 -25.30 -39.97
C PHE D 502 -0.87 -25.69 -39.67
N SER D 503 -1.44 -25.04 -38.65
CA SER D 503 -2.86 -25.20 -38.34
C SER D 503 -3.70 -24.54 -39.43
N THR D 504 -4.79 -25.20 -39.82
CA THR D 504 -5.60 -24.71 -40.93
C THR D 504 -6.24 -23.37 -40.58
N LEU D 505 -6.84 -23.27 -39.40
CA LEU D 505 -7.49 -22.01 -39.03
C LEU D 505 -6.46 -20.88 -38.94
N VAL D 506 -5.26 -21.18 -38.44
CA VAL D 506 -4.23 -20.15 -38.39
C VAL D 506 -3.90 -19.66 -39.78
N TYR D 507 -3.79 -20.58 -40.74
CA TYR D 507 -3.49 -20.19 -42.12
C TYR D 507 -4.61 -19.32 -42.69
N ARG D 508 -5.87 -19.73 -42.47
CA ARG D 508 -6.99 -18.96 -43.00
C ARG D 508 -7.05 -17.57 -42.38
N ASN D 509 -6.87 -17.48 -41.06
CA ASN D 509 -6.91 -16.19 -40.38
C ASN D 509 -5.76 -15.30 -40.83
N LEU D 510 -4.57 -15.87 -40.99
CA LEU D 510 -3.45 -15.10 -41.50
C LEU D 510 -3.74 -14.55 -42.89
N GLN D 511 -4.31 -15.38 -43.76
CA GLN D 511 -4.59 -14.93 -45.12
C GLN D 511 -5.64 -13.82 -45.12
N ILE D 512 -6.71 -13.98 -44.35
CA ILE D 512 -7.75 -12.96 -44.33
C ILE D 512 -7.20 -11.65 -43.73
N ALA D 513 -6.40 -11.75 -42.67
CA ALA D 513 -5.81 -10.55 -42.09
C ALA D 513 -4.90 -9.85 -43.08
N LYS D 514 -4.08 -10.61 -43.81
CA LYS D 514 -3.18 -10.01 -44.78
C LYS D 514 -3.96 -9.32 -45.90
N ASN D 515 -5.01 -9.99 -46.40
CA ASN D 515 -5.80 -9.39 -47.48
C ASN D 515 -6.53 -8.14 -47.02
N SER D 516 -7.10 -8.17 -45.81
CA SER D 516 -7.96 -7.08 -45.37
C SER D 516 -7.17 -5.80 -45.13
N TYR D 517 -6.00 -5.90 -44.49
CA TYR D 517 -5.25 -4.73 -44.07
C TYR D 517 -3.98 -4.55 -44.88
N ASN D 518 -3.12 -5.56 -44.94
CA ASN D 518 -1.86 -5.48 -45.68
C ASN D 518 -0.91 -4.50 -45.00
N ASP D 519 0.39 -4.61 -45.29
CA ASP D 519 1.39 -3.74 -44.72
C ASP D 519 2.77 -4.08 -45.28
N ALA D 520 3.79 -3.32 -44.90
CA ALA D 520 5.13 -3.59 -45.38
C ALA D 520 5.62 -4.96 -44.93
N LEU D 521 5.27 -5.36 -43.71
CA LEU D 521 5.73 -6.64 -43.17
C LEU D 521 4.76 -7.78 -43.43
N LEU D 522 3.44 -7.52 -43.38
CA LEU D 522 2.47 -8.60 -43.55
C LEU D 522 2.74 -9.40 -44.81
N THR D 523 2.92 -8.70 -45.93
CA THR D 523 3.09 -9.38 -47.21
C THR D 523 4.37 -10.21 -47.21
N PHE D 524 5.43 -9.71 -46.57
CA PHE D 524 6.70 -10.42 -46.60
C PHE D 524 6.58 -11.79 -45.93
N VAL D 525 6.07 -11.83 -44.69
CA VAL D 525 5.97 -13.09 -43.98
C VAL D 525 4.95 -14.00 -44.67
N TRP D 526 3.82 -13.44 -45.10
CA TRP D 526 2.84 -14.27 -45.78
C TRP D 526 3.42 -14.90 -47.03
N LYS D 527 4.19 -14.12 -47.81
CA LYS D 527 4.78 -14.63 -49.03
C LYS D 527 5.82 -15.71 -48.75
N LEU D 528 6.66 -15.51 -47.74
CA LEU D 528 7.63 -16.54 -47.40
C LEU D 528 6.93 -17.83 -46.98
N VAL D 529 5.90 -17.72 -46.14
CA VAL D 529 5.18 -18.90 -45.69
C VAL D 529 4.52 -19.61 -46.86
N ALA D 530 3.90 -18.86 -47.77
CA ALA D 530 3.27 -19.49 -48.93
C ALA D 530 4.31 -20.15 -49.81
N ASN D 531 5.48 -19.54 -49.96
CA ASN D 531 6.56 -20.15 -50.73
C ASN D 531 6.95 -21.49 -50.13
N PHE D 532 7.09 -21.56 -48.81
CA PHE D 532 7.46 -22.83 -48.20
C PHE D 532 6.34 -23.86 -48.31
N ARG D 533 5.09 -23.43 -48.14
CA ARG D 533 3.98 -24.37 -48.23
C ARG D 533 3.87 -24.97 -49.63
N ARG D 534 3.99 -24.13 -50.66
CA ARG D 534 3.92 -24.63 -52.03
C ARG D 534 5.06 -25.59 -52.33
N SER D 535 6.26 -25.26 -51.86
CA SER D 535 7.42 -26.12 -52.07
C SER D 535 8.40 -26.00 -50.90
N ARG D 559 17.11 -19.00 -47.06
CA ARG D 559 17.73 -18.31 -45.93
C ARG D 559 16.68 -17.88 -44.91
N HIS D 560 17.09 -17.08 -43.94
CA HIS D 560 16.22 -16.61 -42.87
C HIS D 560 15.53 -17.78 -42.16
N PRO D 561 16.29 -18.76 -41.67
CA PRO D 561 15.67 -19.95 -41.05
C PRO D 561 14.94 -19.64 -39.75
N LEU D 562 15.63 -19.02 -38.80
CA LEU D 562 15.05 -18.84 -37.47
C LEU D 562 13.92 -17.82 -37.49
N GLN D 563 13.98 -16.83 -38.38
CA GLN D 563 12.90 -15.86 -38.48
C GLN D 563 11.59 -16.51 -38.86
N ALA D 564 11.63 -17.73 -39.40
CA ALA D 564 10.43 -18.47 -39.76
C ALA D 564 9.89 -19.25 -38.57
N LEU D 565 10.77 -19.93 -37.83
CA LEU D 565 10.33 -20.64 -36.63
C LEU D 565 9.76 -19.66 -35.61
N PHE D 566 10.34 -18.47 -35.51
CA PHE D 566 9.83 -17.49 -34.57
C PHE D 566 8.37 -17.15 -34.88
N ILE D 567 8.07 -16.84 -36.13
CA ILE D 567 6.70 -16.49 -36.50
C ILE D 567 5.79 -17.70 -36.35
N TRP D 568 6.29 -18.90 -36.67
CA TRP D 568 5.51 -20.10 -36.43
C TRP D 568 5.07 -20.17 -34.98
N ALA D 569 6.02 -20.03 -34.06
CA ALA D 569 5.69 -20.13 -32.64
C ALA D 569 4.74 -19.02 -32.22
N ILE D 570 4.97 -17.80 -32.70
CA ILE D 570 4.21 -16.66 -32.20
C ILE D 570 2.78 -16.66 -32.74
N LEU D 571 2.54 -17.26 -33.90
CA LEU D 571 1.19 -17.28 -34.43
C LEU D 571 0.25 -18.10 -33.54
N GLN D 572 0.72 -19.25 -33.05
CA GLN D 572 -0.12 -20.15 -32.27
C GLN D 572 -0.14 -19.80 -30.79
N ASN D 573 0.32 -18.61 -30.41
CA ASN D 573 0.28 -18.17 -29.01
C ASN D 573 1.01 -19.15 -28.10
N LYS D 574 2.14 -19.67 -28.56
CA LYS D 574 2.95 -20.60 -27.78
C LYS D 574 3.95 -19.79 -26.95
N LYS D 575 3.63 -19.61 -25.68
CA LYS D 575 4.48 -18.79 -24.81
C LYS D 575 5.83 -19.43 -24.57
N GLU D 576 5.85 -20.72 -24.28
CA GLU D 576 7.08 -21.40 -23.86
C GLU D 576 7.94 -21.86 -25.02
N LEU D 577 7.45 -21.78 -26.25
CA LEU D 577 8.25 -22.14 -27.41
C LEU D 577 8.75 -20.94 -28.21
N SER D 578 8.10 -19.79 -28.08
CA SER D 578 8.55 -18.59 -28.77
C SER D 578 9.76 -17.95 -28.09
N LYS D 579 9.84 -18.04 -26.76
CA LYS D 579 10.92 -17.38 -26.05
C LYS D 579 12.28 -17.99 -26.40
N VAL D 580 12.35 -19.32 -26.49
CA VAL D 580 13.61 -19.96 -26.84
C VAL D 580 14.05 -19.56 -28.24
N ILE D 581 13.11 -19.57 -29.19
CA ILE D 581 13.42 -19.14 -30.55
C ILE D 581 13.92 -17.70 -30.55
N TRP D 582 13.29 -16.84 -29.76
CA TRP D 582 13.74 -15.46 -29.64
C TRP D 582 15.18 -15.41 -29.12
N GLU D 583 15.47 -16.20 -28.09
CA GLU D 583 16.82 -16.18 -27.52
C GLU D 583 17.86 -16.61 -28.54
N GLN D 584 17.53 -17.63 -29.34
CA GLN D 584 18.51 -18.15 -30.30
C GLN D 584 18.84 -17.12 -31.37
N THR D 585 17.85 -16.34 -31.82
CA THR D 585 18.03 -15.46 -32.96
C THR D 585 19.08 -14.39 -32.66
N LYS D 586 19.44 -13.67 -33.73
CA LYS D 586 20.33 -12.52 -33.66
C LYS D 586 19.53 -11.24 -33.80
N GLY D 587 20.07 -10.15 -33.24
CA GLY D 587 19.37 -8.87 -33.30
C GLY D 587 17.98 -9.00 -32.73
N CYS D 588 17.89 -9.35 -31.45
CA CYS D 588 16.63 -9.83 -30.91
C CYS D 588 15.70 -8.69 -30.52
N THR D 589 16.23 -7.51 -30.21
CA THR D 589 15.35 -6.38 -29.93
C THR D 589 14.45 -6.08 -31.12
N LEU D 590 15.03 -6.13 -32.32
CA LEU D 590 14.26 -5.87 -33.53
C LEU D 590 13.15 -6.90 -33.69
N ALA D 591 13.49 -8.17 -33.49
CA ALA D 591 12.49 -9.23 -33.61
C ALA D 591 11.40 -9.06 -32.57
N ALA D 592 11.77 -8.68 -31.34
CA ALA D 592 10.77 -8.49 -30.29
C ALA D 592 9.82 -7.37 -30.65
N LEU D 593 10.34 -6.25 -31.17
CA LEU D 593 9.45 -5.15 -31.56
C LEU D 593 8.51 -5.58 -32.68
N GLY D 594 9.05 -6.26 -33.69
CA GLY D 594 8.19 -6.72 -34.78
C GLY D 594 7.11 -7.66 -34.29
N ALA D 595 7.47 -8.57 -33.38
CA ALA D 595 6.49 -9.51 -32.85
C ALA D 595 5.44 -8.79 -32.02
N SER D 596 5.83 -7.76 -31.26
CA SER D 596 4.86 -6.99 -30.51
C SER D 596 3.84 -6.36 -31.43
N LYS D 597 4.32 -5.72 -32.51
CA LYS D 597 3.39 -5.11 -33.46
C LYS D 597 2.49 -6.18 -34.08
N LEU D 598 3.06 -7.30 -34.49
CA LEU D 598 2.29 -8.34 -35.15
C LEU D 598 1.19 -8.87 -34.23
N LEU D 599 1.52 -9.12 -32.96
CA LEU D 599 0.50 -9.56 -32.02
C LEU D 599 -0.58 -8.50 -31.83
N LYS D 600 -0.19 -7.24 -31.71
CA LYS D 600 -1.18 -6.18 -31.58
C LYS D 600 -2.05 -6.05 -32.83
N THR D 601 -1.61 -6.59 -33.96
CA THR D 601 -2.35 -6.42 -35.20
C THR D 601 -3.76 -6.99 -35.09
N LEU D 602 -3.90 -8.20 -34.52
CA LEU D 602 -5.15 -8.95 -34.57
C LEU D 602 -5.97 -8.86 -33.28
N ALA D 603 -5.59 -7.99 -32.35
CA ALA D 603 -6.30 -7.94 -31.07
C ALA D 603 -7.74 -7.47 -31.25
N LYS D 604 -7.99 -6.62 -32.26
CA LYS D 604 -9.28 -5.94 -32.36
C LYS D 604 -10.44 -6.89 -32.67
N VAL D 605 -10.18 -7.99 -33.38
CA VAL D 605 -11.28 -8.82 -33.88
C VAL D 605 -12.15 -9.31 -32.72
N LYS D 606 -13.46 -9.26 -32.93
CA LYS D 606 -14.44 -9.63 -31.92
C LYS D 606 -15.00 -11.03 -32.11
N ASN D 607 -14.46 -11.81 -33.05
CA ASN D 607 -15.00 -13.15 -33.28
C ASN D 607 -14.88 -14.01 -32.02
N ASP D 608 -13.73 -13.94 -31.35
CA ASP D 608 -13.52 -14.66 -30.10
C ASP D 608 -12.93 -13.68 -29.08
N ILE D 609 -13.54 -13.63 -27.90
CA ILE D 609 -13.09 -12.70 -26.87
C ILE D 609 -11.78 -13.18 -26.25
N ASN D 610 -11.74 -14.44 -25.82
CA ASN D 610 -10.55 -14.99 -25.19
C ASN D 610 -9.39 -15.04 -26.18
N ALA D 611 -9.67 -15.47 -27.42
CA ALA D 611 -8.63 -15.57 -28.43
C ALA D 611 -7.95 -14.23 -28.67
N ALA D 612 -8.69 -13.13 -28.52
CA ALA D 612 -8.10 -11.80 -28.68
C ALA D 612 -7.39 -11.36 -27.41
N GLY D 613 -8.00 -11.60 -26.24
CA GLY D 613 -7.39 -11.15 -25.00
C GLY D 613 -6.05 -11.80 -24.73
N GLU D 614 -5.94 -13.10 -24.98
CA GLU D 614 -4.69 -13.81 -24.73
C GLU D 614 -3.58 -13.28 -25.64
N SER D 615 -3.89 -13.08 -26.93
CA SER D 615 -2.89 -12.55 -27.85
C SER D 615 -2.47 -11.14 -27.44
N GLU D 616 -3.44 -10.32 -27.00
CA GLU D 616 -3.09 -8.99 -26.51
C GLU D 616 -2.19 -9.08 -25.28
N GLU D 617 -2.42 -10.07 -24.42
CA GLU D 617 -1.56 -10.26 -23.26
C GLU D 617 -0.12 -10.49 -23.69
N LEU D 618 0.07 -11.41 -24.64
CA LEU D 618 1.44 -11.68 -25.11
C LEU D 618 2.03 -10.44 -25.79
N ALA D 619 1.20 -9.71 -26.53
CA ALA D 619 1.67 -8.49 -27.18
C ALA D 619 2.19 -7.49 -26.17
N ASN D 620 1.45 -7.29 -25.08
CA ASN D 620 1.92 -6.44 -24.00
C ASN D 620 3.20 -6.99 -23.40
N GLU D 621 3.30 -8.30 -23.27
CA GLU D 621 4.47 -8.91 -22.64
C GLU D 621 5.74 -8.57 -23.41
N TYR D 622 5.71 -8.70 -24.73
CA TYR D 622 6.96 -8.56 -25.49
C TYR D 622 7.54 -7.14 -25.42
N GLU D 623 6.69 -6.12 -25.28
CA GLU D 623 7.17 -4.76 -25.28
C GLU D 623 8.11 -4.50 -24.11
N THR D 624 7.76 -4.99 -22.92
CA THR D 624 8.61 -4.80 -21.76
C THR D 624 9.96 -5.46 -21.96
N ARG D 625 9.97 -6.66 -22.54
CA ARG D 625 11.23 -7.34 -22.82
C ARG D 625 12.11 -6.48 -23.71
N ALA D 626 11.55 -5.98 -24.81
CA ALA D 626 12.33 -5.18 -25.74
C ALA D 626 12.88 -3.93 -25.06
N VAL D 627 12.02 -3.24 -24.31
CA VAL D 627 12.43 -1.98 -23.68
C VAL D 627 13.54 -2.23 -22.66
N GLU D 628 13.38 -3.25 -21.83
CA GLU D 628 14.40 -3.56 -20.83
C GLU D 628 15.71 -3.94 -21.49
N LEU D 629 15.65 -4.73 -22.56
CA LEU D 629 16.86 -5.11 -23.26
C LEU D 629 17.59 -3.89 -23.78
N PHE D 630 16.87 -2.98 -24.42
CA PHE D 630 17.55 -1.80 -24.97
C PHE D 630 18.09 -0.91 -23.85
N THR D 631 17.34 -0.75 -22.76
CA THR D 631 17.83 0.09 -21.66
C THR D 631 19.11 -0.47 -21.09
N GLU D 632 19.16 -1.80 -20.89
CA GLU D 632 20.39 -2.41 -20.39
C GLU D 632 21.52 -2.26 -21.40
N CYS D 633 21.21 -2.39 -22.69
CA CYS D 633 22.24 -2.31 -23.72
C CYS D 633 22.85 -0.91 -23.79
N TYR D 634 22.02 0.13 -23.62
CA TYR D 634 22.49 1.50 -23.80
C TYR D 634 23.33 1.98 -22.62
N SER D 635 23.10 1.40 -21.43
CA SER D 635 23.78 1.90 -20.24
C SER D 635 25.28 1.63 -20.24
N ASN D 636 25.77 0.80 -21.16
CA ASN D 636 27.19 0.46 -21.21
C ASN D 636 27.97 1.27 -22.23
N ASP D 637 27.48 1.33 -23.48
CA ASP D 637 28.18 2.03 -24.54
C ASP D 637 27.18 2.85 -25.34
N GLU D 638 27.33 4.16 -25.32
CA GLU D 638 26.43 5.04 -26.05
C GLU D 638 26.61 4.90 -27.56
N ASP D 639 27.87 4.96 -28.02
CA ASP D 639 28.11 4.94 -29.46
C ASP D 639 27.60 3.65 -30.09
N LEU D 640 27.88 2.51 -29.46
CA LEU D 640 27.46 1.25 -30.04
C LEU D 640 25.94 1.10 -30.01
N ALA D 641 25.28 1.61 -28.97
CA ALA D 641 23.82 1.57 -28.94
C ALA D 641 23.22 2.43 -30.04
N GLU D 642 23.75 3.63 -30.23
CA GLU D 642 23.26 4.48 -31.31
C GLU D 642 23.51 3.83 -32.66
N GLN D 643 24.64 3.15 -32.82
CA GLN D 643 24.91 2.44 -34.07
C GLN D 643 23.92 1.28 -34.25
N LEU D 644 23.59 0.59 -33.17
CA LEU D 644 22.62 -0.50 -33.23
C LEU D 644 21.27 0.01 -33.68
N LEU D 645 20.87 1.19 -33.21
CA LEU D 645 19.53 1.69 -33.47
C LEU D 645 19.29 2.05 -34.94
N VAL D 646 20.36 2.24 -35.72
CA VAL D 646 20.24 2.64 -37.12
C VAL D 646 20.66 1.52 -38.06
N TYR D 647 20.77 0.29 -37.56
CA TYR D 647 21.14 -0.82 -38.42
C TYR D 647 20.16 -0.94 -39.58
N SER D 648 20.70 -1.13 -40.78
CA SER D 648 19.89 -1.29 -41.99
C SER D 648 19.33 -2.71 -42.00
N CYS D 649 18.01 -2.83 -41.89
CA CYS D 649 17.38 -4.13 -41.86
C CYS D 649 17.64 -4.90 -43.14
N GLU D 650 18.03 -6.16 -43.00
CA GLU D 650 18.23 -7.04 -44.15
C GLU D 650 16.94 -7.79 -44.49
N ALA D 651 15.86 -7.02 -44.66
CA ALA D 651 14.56 -7.54 -45.06
C ALA D 651 13.94 -8.43 -43.99
N TRP D 652 14.19 -8.10 -42.72
CA TRP D 652 13.43 -8.72 -41.65
C TRP D 652 11.95 -8.38 -41.80
N GLY D 653 11.65 -7.09 -41.95
CA GLY D 653 10.32 -6.63 -42.29
C GLY D 653 10.37 -5.43 -43.21
N GLY D 654 11.55 -5.12 -43.75
CA GLY D 654 11.71 -3.98 -44.60
C GLY D 654 11.74 -2.65 -43.89
N SER D 655 12.06 -2.64 -42.59
CA SER D 655 12.08 -1.41 -41.81
C SER D 655 13.10 -1.54 -40.69
N ASN D 656 13.52 -0.39 -40.17
CA ASN D 656 14.50 -0.33 -39.09
C ASN D 656 13.84 -0.58 -37.74
N CYS D 657 14.68 -0.69 -36.70
CA CYS D 657 14.17 -0.87 -35.34
C CYS D 657 13.30 0.32 -34.93
N LEU D 658 13.82 1.54 -35.14
CA LEU D 658 13.08 2.74 -34.79
C LEU D 658 11.82 2.85 -35.63
N GLU D 659 11.91 2.51 -36.93
CA GLU D 659 10.75 2.55 -37.79
C GLU D 659 9.65 1.62 -37.28
N LEU D 660 10.03 0.39 -36.91
CA LEU D 660 9.06 -0.55 -36.38
C LEU D 660 8.44 -0.03 -35.09
N ALA D 661 9.26 0.56 -34.22
CA ALA D 661 8.72 1.11 -32.98
C ALA D 661 7.68 2.19 -33.28
N VAL D 662 7.98 3.08 -34.22
CA VAL D 662 7.05 4.18 -34.50
C VAL D 662 5.82 3.69 -35.26
N GLU D 663 5.89 2.52 -35.91
CA GLU D 663 4.75 2.06 -36.69
C GLU D 663 3.49 1.97 -35.84
N ALA D 664 3.61 1.42 -34.63
CA ALA D 664 2.45 1.04 -33.82
C ALA D 664 2.36 1.83 -32.51
N THR D 665 2.94 3.03 -32.48
CA THR D 665 2.70 3.96 -31.38
C THR D 665 3.01 3.34 -30.02
N ASP D 666 4.16 2.69 -29.91
CA ASP D 666 4.66 2.24 -28.60
C ASP D 666 5.46 3.40 -28.02
N GLN D 667 4.72 4.37 -27.50
CA GLN D 667 5.32 5.62 -27.03
C GLN D 667 6.30 5.40 -25.89
N HIS D 668 6.14 4.33 -25.12
CA HIS D 668 7.04 4.09 -24.00
C HIS D 668 8.47 3.88 -24.47
N PHE D 669 8.65 3.11 -25.54
CA PHE D 669 10.00 2.81 -26.02
C PHE D 669 10.72 4.08 -26.46
N ILE D 670 10.05 4.93 -27.22
CA ILE D 670 10.69 6.15 -27.70
C ILE D 670 10.88 7.14 -26.56
N ALA D 671 9.90 7.26 -25.67
CA ALA D 671 9.99 8.23 -24.59
C ALA D 671 11.14 7.93 -23.65
N GLN D 672 11.65 6.69 -23.65
CA GLN D 672 12.74 6.35 -22.75
C GLN D 672 13.97 7.20 -23.05
N PRO D 673 14.72 7.62 -22.03
CA PRO D 673 15.82 8.58 -22.22
C PRO D 673 16.66 8.40 -23.48
N GLY D 674 17.10 7.19 -23.77
CA GLY D 674 18.07 6.97 -24.84
C GLY D 674 17.70 7.55 -26.19
N VAL D 675 16.53 7.17 -26.71
CA VAL D 675 16.12 7.66 -28.02
C VAL D 675 15.90 9.17 -27.97
N GLN D 676 15.41 9.67 -26.84
CA GLN D 676 15.21 11.11 -26.71
C GLN D 676 16.53 11.86 -26.83
N ASN D 677 17.57 11.37 -26.16
CA ASN D 677 18.87 12.01 -26.25
C ASN D 677 19.43 11.91 -27.66
N PHE D 678 19.23 10.75 -28.32
CA PHE D 678 19.66 10.61 -29.70
C PHE D 678 18.99 11.65 -30.58
N LEU D 679 17.68 11.85 -30.40
CA LEU D 679 16.96 12.83 -31.20
C LEU D 679 17.44 14.25 -30.91
N SER D 680 17.71 14.56 -29.64
CA SER D 680 18.22 15.89 -29.30
C SER D 680 19.55 16.15 -29.99
N LYS D 681 20.49 15.20 -29.88
CA LYS D 681 21.77 15.36 -30.53
C LYS D 681 21.60 15.51 -32.04
N GLN D 682 20.69 14.73 -32.62
CA GLN D 682 20.43 14.83 -34.06
C GLN D 682 19.92 16.22 -34.43
N TRP D 683 19.01 16.76 -33.62
CA TRP D 683 18.38 18.03 -33.96
C TRP D 683 19.37 19.18 -33.87
N TYR D 684 20.12 19.26 -32.77
CA TYR D 684 20.99 20.42 -32.58
C TYR D 684 22.03 20.53 -33.68
N GLY D 685 22.65 19.42 -34.05
CA GLY D 685 23.66 19.44 -35.10
C GLY D 685 25.05 19.67 -34.55
N GLU D 686 25.84 20.49 -35.23
CA GLU D 686 27.22 20.73 -34.80
C GLU D 686 27.26 21.42 -33.44
N ILE D 687 26.34 22.36 -33.20
CA ILE D 687 26.40 23.15 -31.98
C ILE D 687 26.28 22.24 -30.77
N SER D 688 27.00 22.59 -29.70
CA SER D 688 26.95 21.83 -28.47
C SER D 688 25.59 21.98 -27.80
N ARG D 689 25.24 21.00 -26.98
CA ARG D 689 23.97 20.99 -26.27
C ARG D 689 24.03 21.77 -24.96
N ASP D 690 25.02 22.65 -24.79
CA ASP D 690 25.15 23.53 -23.64
C ASP D 690 25.43 24.95 -24.08
N THR D 691 24.70 25.42 -25.09
CA THR D 691 24.88 26.76 -25.65
C THR D 691 24.09 27.82 -24.92
N LYS D 692 23.47 27.49 -23.79
CA LYS D 692 22.68 28.39 -22.96
C LYS D 692 21.28 28.61 -23.52
N ASN D 693 20.93 28.00 -24.66
CA ASN D 693 19.60 27.98 -25.26
C ASN D 693 19.08 29.36 -25.68
N TRP D 694 19.87 30.43 -25.52
CA TRP D 694 19.48 31.75 -26.00
C TRP D 694 20.59 32.48 -26.74
N LYS D 695 21.85 32.10 -26.59
CA LYS D 695 22.93 32.79 -27.28
C LYS D 695 22.83 32.61 -28.79
N ILE D 696 22.44 31.41 -29.24
CA ILE D 696 22.35 31.14 -30.66
C ILE D 696 21.30 32.04 -31.31
N ILE D 697 20.17 32.24 -30.63
CA ILE D 697 19.13 33.12 -31.17
C ILE D 697 19.67 34.54 -31.33
N LEU D 698 20.41 35.02 -30.32
CA LEU D 698 21.00 36.34 -30.42
C LEU D 698 21.96 36.43 -31.59
N CYS D 699 22.82 35.40 -31.76
CA CYS D 699 23.78 35.42 -32.84
C CYS D 699 23.10 35.35 -34.20
N LEU D 700 21.90 34.77 -34.27
CA LEU D 700 21.20 34.63 -35.55
C LEU D 700 20.97 36.00 -36.19
N PHE D 701 20.47 36.97 -35.40
CA PHE D 701 20.19 38.28 -35.96
C PHE D 701 21.46 38.97 -36.42
N ILE D 702 22.55 38.85 -35.65
CA ILE D 702 23.79 39.53 -35.93
C ILE D 702 24.70 38.52 -36.63
N ILE D 703 24.73 38.56 -37.96
CA ILE D 703 25.59 37.66 -38.72
C ILE D 703 27.07 37.87 -38.38
N PRO D 704 27.57 39.11 -38.33
CA PRO D 704 29.01 39.29 -38.05
C PRO D 704 29.44 38.72 -36.71
N LEU D 705 28.53 38.62 -35.74
CA LEU D 705 28.89 38.17 -34.41
C LEU D 705 29.31 36.70 -34.40
N VAL D 706 29.09 35.96 -35.48
CA VAL D 706 29.49 34.55 -35.52
C VAL D 706 30.97 34.42 -35.28
N GLY D 707 31.76 35.35 -35.81
CA GLY D 707 33.20 35.32 -35.64
C GLY D 707 33.64 35.04 -34.23
N CYS D 708 33.28 35.93 -33.30
CA CYS D 708 33.60 35.72 -31.90
C CYS D 708 32.96 34.43 -31.40
N GLY D 709 33.71 33.64 -30.65
CA GLY D 709 33.21 32.36 -30.19
C GLY D 709 32.36 32.45 -28.93
N LEU D 710 31.23 33.15 -29.02
CA LEU D 710 30.28 33.17 -27.93
C LEU D 710 29.62 31.81 -27.74
N VAL D 711 29.33 31.12 -28.83
CA VAL D 711 28.67 29.83 -28.78
C VAL D 711 29.73 28.73 -28.79
N SER D 712 29.45 27.65 -28.07
CA SER D 712 30.32 26.48 -28.05
C SER D 712 30.09 25.69 -29.35
N PHE D 713 30.60 26.27 -30.43
CA PHE D 713 30.33 25.73 -31.76
C PHE D 713 30.87 24.31 -31.90
N ARG D 714 32.06 24.06 -31.33
CA ARG D 714 32.69 22.76 -31.50
C ARG D 714 31.77 21.65 -31.01
N LYS D 715 31.64 20.60 -31.81
CA LYS D 715 30.80 19.46 -31.46
C LYS D 715 31.40 18.69 -30.31
N LEU D 725 34.36 31.21 -44.46
CA LEU D 725 34.91 30.37 -43.39
C LEU D 725 34.11 29.09 -43.25
N TRP D 726 34.62 28.18 -42.41
CA TRP D 726 33.93 26.90 -42.21
C TRP D 726 32.61 27.09 -41.49
N TYR D 727 32.55 28.01 -40.53
CA TYR D 727 31.35 28.14 -39.71
C TYR D 727 30.14 28.53 -40.55
N TYR D 728 30.31 29.48 -41.48
CA TYR D 728 29.16 30.08 -42.16
C TYR D 728 28.44 29.10 -43.08
N VAL D 729 29.04 27.95 -43.40
CA VAL D 729 28.35 26.91 -44.14
C VAL D 729 27.86 25.79 -43.22
N ALA D 730 28.34 25.74 -41.98
CA ALA D 730 27.85 24.78 -40.99
C ALA D 730 26.75 25.37 -40.13
N PHE D 731 26.91 26.62 -39.68
CA PHE D 731 25.90 27.25 -38.84
C PHE D 731 24.56 27.35 -39.56
N PHE D 732 24.58 27.75 -40.84
CA PHE D 732 23.36 27.93 -41.61
C PHE D 732 22.78 26.62 -42.12
N THR D 733 23.49 25.51 -41.98
CA THR D 733 22.95 24.20 -42.29
C THR D 733 22.32 23.51 -41.10
N SER D 734 22.41 24.12 -39.92
CA SER D 734 21.80 23.53 -38.73
C SER D 734 20.28 23.68 -38.83
N PRO D 735 19.51 22.60 -38.67
CA PRO D 735 18.05 22.71 -38.82
C PRO D 735 17.41 23.66 -37.82
N PHE D 736 17.96 23.77 -36.62
CA PHE D 736 17.41 24.68 -35.62
C PHE D 736 17.39 26.12 -36.13
N VAL D 737 18.53 26.58 -36.66
CA VAL D 737 18.63 27.94 -37.16
C VAL D 737 17.68 28.14 -38.33
N VAL D 738 17.60 27.16 -39.23
CA VAL D 738 16.70 27.27 -40.37
C VAL D 738 15.27 27.40 -39.90
N PHE D 739 14.88 26.62 -38.90
CA PHE D 739 13.51 26.71 -38.39
C PHE D 739 13.22 28.07 -37.79
N SER D 740 14.14 28.60 -36.98
CA SER D 740 13.91 29.90 -36.36
C SER D 740 13.83 30.99 -37.41
N TRP D 741 14.72 30.95 -38.41
CA TRP D 741 14.72 31.93 -39.49
C TRP D 741 13.46 31.82 -40.33
N ASN D 742 12.94 30.61 -40.53
CA ASN D 742 11.68 30.46 -41.25
C ASN D 742 10.53 31.05 -40.46
N VAL D 743 10.53 30.85 -39.14
CA VAL D 743 9.47 31.43 -38.31
C VAL D 743 9.47 32.95 -38.43
N VAL D 744 10.67 33.54 -38.34
CA VAL D 744 10.78 34.99 -38.47
C VAL D 744 10.27 35.46 -39.81
N PHE D 745 10.65 34.76 -40.88
CA PHE D 745 10.20 35.13 -42.22
C PHE D 745 8.69 35.03 -42.35
N TYR D 746 8.10 33.98 -41.77
CA TYR D 746 6.65 33.80 -41.80
C TYR D 746 5.95 34.97 -41.11
N ILE D 747 6.46 35.39 -39.95
CA ILE D 747 5.84 36.52 -39.26
C ILE D 747 5.94 37.79 -40.11
N ALA D 748 7.10 38.03 -40.71
CA ALA D 748 7.24 39.20 -41.56
C ALA D 748 6.27 39.16 -42.73
N PHE D 749 6.13 37.98 -43.35
CA PHE D 749 5.18 37.83 -44.45
C PHE D 749 3.76 38.11 -43.99
N LEU D 750 3.41 37.66 -42.79
CA LEU D 750 2.07 37.92 -42.26
C LEU D 750 1.83 39.41 -42.11
N LEU D 751 2.80 40.12 -41.54
CA LEU D 751 2.66 41.56 -41.37
C LEU D 751 2.47 42.25 -42.72
N LEU D 752 3.30 41.89 -43.70
CA LEU D 752 3.19 42.50 -45.02
C LEU D 752 1.84 42.20 -45.65
N PHE D 753 1.37 40.96 -45.51
CA PHE D 753 0.07 40.58 -46.06
C PHE D 753 -1.03 41.43 -45.46
N ALA D 754 -1.03 41.58 -44.13
CA ALA D 754 -2.05 42.39 -43.50
C ALA D 754 -2.01 43.83 -44.01
N TYR D 755 -0.82 44.42 -44.05
CA TYR D 755 -0.70 45.81 -44.49
C TYR D 755 -1.23 45.98 -45.91
N VAL D 756 -0.85 45.07 -46.80
CA VAL D 756 -1.36 45.14 -48.17
C VAL D 756 -2.87 44.98 -48.19
N LEU D 757 -3.38 44.08 -47.36
CA LEU D 757 -4.79 43.74 -47.42
C LEU D 757 -5.67 44.92 -47.02
N LEU D 758 -5.37 45.57 -45.89
CA LEU D 758 -6.29 46.57 -45.37
C LEU D 758 -5.82 48.00 -45.55
N MET D 759 -4.52 48.28 -45.41
CA MET D 759 -4.06 49.66 -45.51
C MET D 759 -4.03 50.15 -46.95
N ASP D 760 -3.56 49.33 -47.88
CA ASP D 760 -3.33 49.75 -49.26
C ASP D 760 -3.86 48.68 -50.21
N PHE D 761 -5.05 48.92 -50.74
CA PHE D 761 -5.66 48.04 -51.74
C PHE D 761 -6.31 48.89 -52.81
N HIS D 762 -5.93 48.70 -54.06
CA HIS D 762 -6.42 49.49 -55.17
C HIS D 762 -6.85 48.57 -56.30
N SER D 763 -7.47 49.19 -57.32
CA SER D 763 -7.96 48.42 -58.45
C SER D 763 -6.83 47.70 -59.17
N VAL D 764 -5.71 48.38 -59.37
CA VAL D 764 -4.54 47.83 -60.05
C VAL D 764 -3.49 47.51 -59.00
N PRO D 765 -2.92 46.30 -58.99
CA PRO D 765 -1.96 45.96 -57.93
C PRO D 765 -0.70 46.80 -58.03
N HIS D 766 -0.09 47.03 -56.87
CA HIS D 766 1.17 47.74 -56.75
C HIS D 766 2.29 46.76 -56.39
N THR D 767 3.49 47.29 -56.17
CA THR D 767 4.65 46.43 -55.94
C THR D 767 4.49 45.52 -54.73
N PRO D 768 3.95 45.96 -53.58
CA PRO D 768 3.81 45.03 -52.46
C PRO D 768 2.97 43.82 -52.80
N GLU D 769 1.92 44.01 -53.60
CA GLU D 769 1.12 42.89 -54.04
C GLU D 769 1.96 41.89 -54.84
N LEU D 770 2.84 42.41 -55.70
CA LEU D 770 3.68 41.52 -56.50
C LEU D 770 4.65 40.74 -55.61
N ILE D 771 5.24 41.41 -54.61
CA ILE D 771 6.13 40.71 -53.69
C ILE D 771 5.39 39.61 -52.96
N LEU D 772 4.18 39.93 -52.48
CA LEU D 772 3.38 38.94 -51.77
C LEU D 772 3.04 37.76 -52.69
N TYR D 773 2.73 38.04 -53.95
CA TYR D 773 2.46 36.99 -54.91
C TYR D 773 3.68 36.09 -55.09
N ALA D 774 4.87 36.68 -55.17
CA ALA D 774 6.08 35.88 -55.30
C ALA D 774 6.25 34.95 -54.10
N LEU D 775 6.07 35.49 -52.89
CA LEU D 775 6.27 34.67 -51.70
C LEU D 775 5.26 33.51 -51.65
N VAL D 776 3.99 33.80 -51.94
CA VAL D 776 3.00 32.73 -51.93
C VAL D 776 3.30 31.72 -53.02
N PHE D 777 3.88 32.16 -54.13
CA PHE D 777 4.29 31.23 -55.18
C PHE D 777 5.35 30.27 -54.68
N VAL D 778 6.32 30.79 -53.93
CA VAL D 778 7.37 29.92 -53.39
C VAL D 778 6.75 28.91 -52.41
N LEU D 779 5.82 29.38 -51.57
CA LEU D 779 5.15 28.47 -50.65
C LEU D 779 4.42 27.37 -51.42
N PHE D 780 3.76 27.73 -52.51
CA PHE D 780 3.07 26.74 -53.34
C PHE D 780 4.03 25.72 -53.92
N CYS D 781 5.19 26.18 -54.39
CA CYS D 781 6.18 25.25 -54.94
C CYS D 781 6.63 24.25 -53.90
N ASP D 782 6.91 24.73 -52.69
CA ASP D 782 7.29 23.81 -51.61
C ASP D 782 6.15 22.86 -51.27
N GLU D 783 4.92 23.34 -51.35
CA GLU D 783 3.76 22.48 -51.10
C GLU D 783 3.70 21.35 -52.12
N VAL D 784 3.97 21.67 -53.39
CA VAL D 784 3.96 20.63 -54.42
C VAL D 784 5.11 19.64 -54.18
N ARG D 785 6.26 20.13 -53.72
CA ARG D 785 7.35 19.21 -53.36
C ARG D 785 6.87 18.22 -52.30
N GLN D 786 6.25 18.73 -51.24
CA GLN D 786 5.79 17.86 -50.17
C GLN D 786 4.71 16.90 -50.68
N TRP D 787 3.82 17.40 -51.55
CA TRP D 787 2.85 16.53 -52.20
C TRP D 787 3.53 15.38 -52.92
N TYR D 788 4.63 15.66 -53.62
CA TYR D 788 5.29 14.63 -54.41
C TYR D 788 5.92 13.57 -53.51
N MET D 789 6.69 13.99 -52.50
CA MET D 789 7.43 13.02 -51.72
C MET D 789 6.51 12.06 -50.96
N ASN D 790 5.30 12.50 -50.62
CA ASN D 790 4.28 11.62 -50.06
C ASN D 790 3.25 11.27 -51.12
N GLY D 791 2.40 10.30 -50.80
CA GLY D 791 1.39 9.85 -51.72
C GLY D 791 0.04 10.49 -51.50
N VAL D 792 -0.95 9.68 -51.10
CA VAL D 792 -2.28 10.18 -50.77
C VAL D 792 -2.56 10.13 -49.28
N ASN D 793 -1.72 9.47 -48.49
CA ASN D 793 -1.82 9.56 -47.03
C ASN D 793 -1.48 10.94 -46.51
N TYR D 794 -0.89 11.79 -47.36
CA TYR D 794 -0.60 13.17 -46.97
C TYR D 794 -1.86 13.94 -46.58
N PHE D 795 -3.03 13.50 -47.06
CA PHE D 795 -4.29 14.15 -46.76
C PHE D 795 -4.99 13.54 -45.54
N THR D 796 -4.36 12.58 -44.86
CA THR D 796 -5.02 11.93 -43.73
C THR D 796 -5.32 12.91 -42.61
N ASP D 797 -4.38 13.80 -42.31
CA ASP D 797 -4.54 14.75 -41.21
C ASP D 797 -5.25 16.01 -41.72
N LEU D 798 -5.42 16.98 -40.82
CA LEU D 798 -6.22 18.17 -41.10
C LEU D 798 -5.39 19.38 -41.49
N TRP D 799 -4.23 19.59 -40.85
CA TRP D 799 -3.48 20.81 -41.06
C TRP D 799 -3.02 20.95 -42.51
N ASN D 800 -2.60 19.84 -43.12
CA ASN D 800 -2.20 19.89 -44.52
C ASN D 800 -3.40 20.25 -45.41
N VAL D 801 -4.58 19.71 -45.10
CA VAL D 801 -5.78 20.08 -45.83
C VAL D 801 -6.05 21.57 -45.69
N MET D 802 -5.87 22.12 -44.49
CA MET D 802 -6.10 23.54 -44.29
C MET D 802 -5.12 24.38 -45.09
N ASP D 803 -3.86 23.96 -45.13
CA ASP D 803 -2.87 24.69 -45.93
C ASP D 803 -3.24 24.67 -47.40
N THR D 804 -3.65 23.51 -47.91
CA THR D 804 -4.07 23.41 -49.29
C THR D 804 -5.26 24.32 -49.56
N LEU D 805 -6.23 24.34 -48.64
CA LEU D 805 -7.39 25.21 -48.81
C LEU D 805 -6.97 26.68 -48.83
N GLY D 806 -6.03 27.05 -47.95
CA GLY D 806 -5.54 28.42 -47.97
C GLY D 806 -4.95 28.80 -49.30
N LEU D 807 -4.12 27.92 -49.87
CA LEU D 807 -3.52 28.23 -51.16
C LEU D 807 -4.58 28.35 -52.25
N PHE D 808 -5.56 27.45 -52.24
CA PHE D 808 -6.61 27.50 -53.27
C PHE D 808 -7.45 28.77 -53.12
N TYR D 809 -7.79 29.15 -51.90
CA TYR D 809 -8.51 30.40 -51.70
C TYR D 809 -7.70 31.59 -52.19
N PHE D 810 -6.39 31.58 -51.93
CA PHE D 810 -5.56 32.69 -52.37
C PHE D 810 -5.55 32.80 -53.89
N ILE D 811 -5.39 31.68 -54.58
CA ILE D 811 -5.34 31.74 -56.04
C ILE D 811 -6.70 32.14 -56.59
N ALA D 812 -7.78 31.69 -55.96
CA ALA D 812 -9.11 32.13 -56.39
C ALA D 812 -9.26 33.63 -56.23
N GLY D 813 -8.77 34.18 -55.13
CA GLY D 813 -8.79 35.62 -54.96
C GLY D 813 -7.98 36.35 -56.01
N ILE D 814 -6.81 35.81 -56.34
CA ILE D 814 -6.00 36.40 -57.40
C ILE D 814 -6.80 36.45 -58.69
N VAL D 815 -7.49 35.36 -59.02
CA VAL D 815 -8.30 35.34 -60.23
C VAL D 815 -9.39 36.39 -60.16
N PHE D 816 -10.06 36.49 -59.01
CA PHE D 816 -11.20 37.39 -58.90
C PHE D 816 -10.79 38.85 -59.04
N ARG D 817 -9.68 39.26 -58.41
CA ARG D 817 -9.40 40.67 -58.28
C ARG D 817 -8.96 41.32 -59.58
N LEU D 818 -8.57 40.54 -60.58
CA LEU D 818 -7.96 41.13 -61.77
C LEU D 818 -8.98 41.82 -62.67
N HIS D 819 -10.27 41.53 -62.52
CA HIS D 819 -11.31 42.17 -63.34
C HIS D 819 -11.54 43.57 -62.82
N SER D 820 -10.69 44.49 -63.28
CA SER D 820 -10.79 45.88 -62.85
C SER D 820 -12.02 46.58 -63.41
N SER D 821 -12.63 46.04 -64.47
CA SER D 821 -13.79 46.70 -65.06
C SER D 821 -14.95 46.74 -64.07
N ASN D 822 -15.18 45.66 -63.34
CA ASN D 822 -16.29 45.57 -62.40
C ASN D 822 -15.80 45.95 -61.01
N LYS D 823 -16.46 46.93 -60.39
CA LYS D 823 -16.08 47.33 -59.04
C LYS D 823 -16.48 46.27 -58.02
N SER D 824 -17.56 45.54 -58.26
CA SER D 824 -18.05 44.56 -57.30
C SER D 824 -17.06 43.41 -57.14
N SER D 825 -16.44 42.98 -58.24
CA SER D 825 -15.51 41.87 -58.17
C SER D 825 -14.33 42.19 -57.25
N LEU D 826 -13.93 43.47 -57.17
CA LEU D 826 -12.84 43.84 -56.28
C LEU D 826 -13.23 43.60 -54.82
N TYR D 827 -14.46 43.98 -54.43
CA TYR D 827 -14.90 43.72 -53.07
C TYR D 827 -14.96 42.22 -52.80
N SER D 828 -15.47 41.45 -53.76
CA SER D 828 -15.53 40.01 -53.57
C SER D 828 -14.13 39.42 -53.37
N GLY D 829 -13.17 39.88 -54.17
CA GLY D 829 -11.80 39.40 -54.01
C GLY D 829 -11.20 39.77 -52.66
N ARG D 830 -11.49 40.99 -52.20
CA ARG D 830 -11.00 41.39 -50.89
C ARG D 830 -11.59 40.50 -49.80
N VAL D 831 -12.87 40.16 -49.91
CA VAL D 831 -13.49 39.25 -48.94
C VAL D 831 -12.78 37.89 -48.94
N ILE D 832 -12.52 37.36 -50.14
CA ILE D 832 -11.83 36.08 -50.25
C ILE D 832 -10.45 36.17 -49.58
N PHE D 833 -9.76 37.27 -49.82
CA PHE D 833 -8.44 37.46 -49.21
C PHE D 833 -8.53 37.46 -47.69
N CYS D 834 -9.54 38.13 -47.14
CA CYS D 834 -9.67 38.17 -45.68
C CYS D 834 -9.93 36.78 -45.10
N LEU D 835 -10.81 36.01 -45.73
CA LEU D 835 -11.05 34.65 -45.24
C LEU D 835 -9.77 33.81 -45.32
N ASP D 836 -9.03 33.96 -46.42
CA ASP D 836 -7.78 33.23 -46.55
C ASP D 836 -6.80 33.64 -45.46
N TYR D 837 -6.79 34.92 -45.10
CA TYR D 837 -5.94 35.39 -44.02
C TYR D 837 -6.33 34.74 -42.70
N ILE D 838 -7.63 34.61 -42.44
CA ILE D 838 -8.07 33.94 -41.23
C ILE D 838 -7.52 32.52 -41.20
N ILE D 839 -7.61 31.80 -42.32
CA ILE D 839 -7.08 30.44 -42.35
C ILE D 839 -5.57 30.45 -42.12
N PHE D 840 -4.86 31.38 -42.74
CA PHE D 840 -3.41 31.43 -42.62
C PHE D 840 -2.97 31.65 -41.18
N THR D 841 -3.66 32.54 -40.46
CA THR D 841 -3.14 32.98 -39.16
C THR D 841 -3.11 31.84 -38.15
N LEU D 842 -4.17 31.04 -38.08
CA LEU D 842 -4.31 30.08 -36.99
C LEU D 842 -3.26 28.97 -37.04
N ARG D 843 -2.58 28.80 -38.16
CA ARG D 843 -1.54 27.79 -38.28
C ARG D 843 -0.34 28.05 -37.38
N LEU D 844 -0.22 29.27 -36.86
CA LEU D 844 0.88 29.61 -35.95
C LEU D 844 0.83 28.74 -34.70
N ILE D 845 -0.37 28.58 -34.14
CA ILE D 845 -0.52 27.76 -32.94
C ILE D 845 -0.04 26.35 -33.22
N HIS D 846 -0.36 25.82 -34.39
CA HIS D 846 0.09 24.48 -34.75
C HIS D 846 1.61 24.42 -34.85
N ILE D 847 2.23 25.43 -35.50
CA ILE D 847 3.67 25.35 -35.74
C ILE D 847 4.44 25.61 -34.45
N PHE D 848 3.74 26.05 -33.40
CA PHE D 848 4.40 26.33 -32.13
C PHE D 848 4.22 25.19 -31.12
N THR D 849 4.27 23.94 -31.57
CA THR D 849 4.11 22.79 -30.69
C THR D 849 5.43 22.18 -30.23
N VAL D 850 6.57 22.79 -30.57
CA VAL D 850 7.87 22.24 -30.22
C VAL D 850 8.64 23.13 -29.26
N SER D 851 7.99 24.15 -28.69
CA SER D 851 8.71 25.07 -27.81
C SER D 851 9.19 24.39 -26.54
N ARG D 852 8.45 23.38 -26.06
CA ARG D 852 8.76 22.65 -24.85
C ARG D 852 8.48 23.48 -23.60
N ASN D 853 8.14 24.76 -23.78
CA ASN D 853 7.72 25.59 -22.66
C ASN D 853 6.21 25.67 -22.55
N LEU D 854 5.49 25.53 -23.66
CA LEU D 854 4.04 25.54 -23.64
C LEU D 854 3.39 24.52 -24.58
N GLY D 855 4.17 23.77 -25.36
CA GLY D 855 3.64 22.81 -26.29
C GLY D 855 2.88 21.64 -25.67
N PRO D 856 3.37 21.07 -24.57
CA PRO D 856 2.61 19.98 -23.93
C PRO D 856 1.21 20.39 -23.58
N LYS D 857 1.01 21.65 -23.19
CA LYS D 857 -0.33 22.16 -22.97
C LYS D 857 -1.13 22.18 -24.26
N ILE D 858 -0.52 22.61 -25.37
CA ILE D 858 -1.24 22.65 -26.64
C ILE D 858 -1.70 21.26 -27.03
N ILE D 859 -0.91 20.24 -26.70
CA ILE D 859 -1.28 18.87 -27.10
C ILE D 859 -2.60 18.47 -26.45
N MET D 860 -2.81 18.86 -25.19
CA MET D 860 -3.95 18.36 -24.44
C MET D 860 -5.27 18.94 -24.92
N LEU D 861 -5.25 20.00 -25.73
CA LEU D 861 -6.51 20.60 -26.18
C LEU D 861 -7.35 19.60 -26.96
N GLN D 862 -6.71 18.63 -27.62
CA GLN D 862 -7.45 17.70 -28.47
C GLN D 862 -8.39 16.83 -27.66
N ARG D 863 -8.08 16.57 -26.39
CA ARG D 863 -8.86 15.66 -25.57
C ARG D 863 -10.09 16.30 -24.95
N MET D 864 -10.33 17.59 -25.18
CA MET D 864 -11.42 18.32 -24.53
C MET D 864 -12.59 18.58 -25.47
N LEU D 865 -12.64 17.95 -26.64
CA LEU D 865 -13.69 18.25 -27.60
C LEU D 865 -15.03 17.65 -27.22
N ILE D 866 -15.03 16.50 -26.57
CA ILE D 866 -16.28 15.81 -26.24
C ILE D 866 -17.11 16.66 -25.27
N ASP D 867 -16.45 17.26 -24.28
CA ASP D 867 -17.16 18.13 -23.34
C ASP D 867 -17.82 19.29 -24.07
N VAL D 868 -17.09 19.90 -25.00
CA VAL D 868 -17.64 21.02 -25.75
C VAL D 868 -18.87 20.58 -26.53
N PHE D 869 -18.79 19.42 -27.19
CA PHE D 869 -19.91 18.95 -27.98
C PHE D 869 -21.13 18.66 -27.11
N PHE D 870 -20.91 18.06 -25.95
CA PHE D 870 -22.02 17.78 -25.04
C PHE D 870 -22.69 19.07 -24.59
N PHE D 871 -21.89 20.06 -24.20
CA PHE D 871 -22.43 21.34 -23.79
C PHE D 871 -23.23 21.98 -24.92
N LEU D 872 -22.70 21.92 -26.15
CA LEU D 872 -23.40 22.51 -27.28
C LEU D 872 -24.73 21.82 -27.55
N PHE D 873 -24.75 20.49 -27.42
CA PHE D 873 -26.01 19.76 -27.62
C PHE D 873 -27.08 20.27 -26.66
N LEU D 874 -26.77 20.28 -25.36
CA LEU D 874 -27.75 20.72 -24.38
C LEU D 874 -28.18 22.16 -24.64
N PHE D 875 -27.21 23.04 -24.91
CA PHE D 875 -27.52 24.45 -25.14
C PHE D 875 -28.43 24.63 -26.34
N ALA D 876 -28.15 23.90 -27.43
CA ALA D 876 -28.98 24.02 -28.62
C ALA D 876 -30.41 23.59 -28.34
N VAL D 877 -30.59 22.48 -27.63
CA VAL D 877 -31.94 22.03 -27.34
C VAL D 877 -32.71 23.10 -26.56
N TRP D 878 -32.10 23.61 -25.49
CA TRP D 878 -32.80 24.61 -24.67
C TRP D 878 -33.11 25.86 -25.50
N MET D 879 -32.14 26.31 -26.29
CA MET D 879 -32.32 27.50 -27.11
C MET D 879 -33.51 27.34 -28.04
N VAL D 880 -33.56 26.22 -28.74
CA VAL D 880 -34.64 25.99 -29.69
C VAL D 880 -35.98 26.03 -28.96
N ALA D 881 -36.08 25.30 -27.85
CA ALA D 881 -37.36 25.25 -27.14
C ALA D 881 -37.84 26.65 -26.78
N PHE D 882 -37.02 27.41 -26.05
CA PHE D 882 -37.47 28.71 -25.58
C PHE D 882 -37.79 29.66 -26.73
N GLY D 883 -36.91 29.70 -27.73
CA GLY D 883 -37.13 30.63 -28.83
C GLY D 883 -38.41 30.34 -29.58
N VAL D 884 -38.65 29.06 -29.89
CA VAL D 884 -39.87 28.70 -30.62
C VAL D 884 -41.09 29.09 -29.80
N ALA D 885 -41.08 28.77 -28.50
CA ALA D 885 -42.26 29.06 -27.70
C ALA D 885 -42.55 30.56 -27.65
N ARG D 886 -41.52 31.36 -27.39
CA ARG D 886 -41.74 32.81 -27.28
C ARG D 886 -42.20 33.39 -28.61
N GLN D 887 -41.54 33.04 -29.70
CA GLN D 887 -41.92 33.60 -31.00
C GLN D 887 -43.34 33.18 -31.37
N GLY D 888 -43.71 31.93 -31.08
CA GLY D 888 -45.04 31.48 -31.40
C GLY D 888 -46.10 32.21 -30.61
N ILE D 889 -45.84 32.45 -29.32
CA ILE D 889 -46.89 33.06 -28.51
C ILE D 889 -46.99 34.56 -28.72
N LEU D 890 -45.95 35.23 -29.24
CA LEU D 890 -46.00 36.69 -29.31
C LEU D 890 -46.52 37.23 -30.64
N ARG D 891 -45.87 36.92 -31.75
CA ARG D 891 -46.00 37.73 -32.97
C ARG D 891 -46.79 37.05 -34.08
N GLN D 892 -47.62 36.06 -33.76
CA GLN D 892 -48.55 35.46 -34.73
C GLN D 892 -47.76 34.98 -35.94
N ASN D 893 -48.13 35.37 -37.17
CA ASN D 893 -47.47 34.87 -38.37
C ASN D 893 -46.55 35.93 -38.95
N GLU D 894 -45.37 35.48 -39.38
CA GLU D 894 -44.32 36.37 -39.85
C GLU D 894 -44.11 36.34 -41.36
N GLN D 895 -44.27 35.19 -42.00
CA GLN D 895 -44.17 35.08 -43.45
C GLN D 895 -42.83 35.54 -44.02
N ARG D 896 -41.79 35.61 -43.18
CA ARG D 896 -40.45 35.99 -43.65
C ARG D 896 -39.41 35.11 -42.98
N TRP D 897 -38.70 34.33 -43.79
CA TRP D 897 -37.74 33.36 -43.25
C TRP D 897 -36.60 34.04 -42.51
N ARG D 898 -36.08 35.13 -43.07
CA ARG D 898 -34.93 35.80 -42.45
C ARG D 898 -35.26 36.26 -41.04
N TRP D 899 -36.38 36.95 -40.86
CA TRP D 899 -36.71 37.51 -39.55
C TRP D 899 -37.08 36.40 -38.57
N ILE D 900 -37.78 35.37 -39.02
CA ILE D 900 -38.14 34.29 -38.12
C ILE D 900 -36.89 33.57 -37.63
N PHE D 901 -35.92 33.33 -38.52
CA PHE D 901 -34.67 32.73 -38.07
C PHE D 901 -33.88 33.69 -37.18
N ARG D 902 -33.99 35.00 -37.42
CA ARG D 902 -33.29 35.97 -36.59
C ARG D 902 -33.85 35.99 -35.17
N SER D 903 -35.16 35.83 -35.04
CA SER D 903 -35.78 35.91 -33.71
C SER D 903 -35.71 34.58 -32.96
N VAL D 904 -35.85 33.46 -33.68
CA VAL D 904 -35.96 32.18 -33.00
C VAL D 904 -34.64 31.77 -32.37
N ILE D 905 -33.53 32.02 -33.05
CA ILE D 905 -32.23 31.45 -32.68
C ILE D 905 -31.26 32.52 -32.21
N TYR D 906 -31.13 33.61 -32.96
CA TYR D 906 -30.02 34.53 -32.74
C TYR D 906 -30.10 35.19 -31.36
N GLU D 907 -31.26 35.76 -31.01
CA GLU D 907 -31.37 36.44 -29.71
C GLU D 907 -31.24 35.49 -28.54
N PRO D 908 -31.93 34.35 -28.49
CA PRO D 908 -31.71 33.41 -27.38
C PRO D 908 -30.26 32.99 -27.28
N TYR D 909 -29.56 32.84 -28.42
CA TYR D 909 -28.14 32.57 -28.38
C TYR D 909 -27.37 33.72 -27.75
N LEU D 910 -27.73 34.95 -28.11
CA LEU D 910 -27.09 36.12 -27.53
C LEU D 910 -27.28 36.18 -26.04
N ALA D 911 -28.32 35.53 -25.53
CA ALA D 911 -28.55 35.50 -24.09
C ALA D 911 -27.51 34.67 -23.34
N MET D 912 -26.67 33.91 -24.04
CA MET D 912 -25.74 33.04 -23.34
C MET D 912 -24.76 33.83 -22.50
N PHE D 913 -24.25 34.93 -23.03
CA PHE D 913 -23.27 35.77 -22.33
C PHE D 913 -23.86 37.16 -22.15
N GLY D 914 -24.16 37.52 -20.91
CA GLY D 914 -24.51 38.88 -20.57
C GLY D 914 -25.99 39.22 -20.66
N GLN D 915 -26.39 39.84 -21.75
CA GLN D 915 -27.66 40.54 -21.80
C GLN D 915 -28.85 39.58 -21.74
N VAL D 916 -29.98 40.13 -21.33
CA VAL D 916 -31.23 39.37 -21.24
C VAL D 916 -31.65 38.95 -22.64
N PRO D 917 -32.25 37.76 -22.82
CA PRO D 917 -32.62 37.35 -24.19
C PRO D 917 -33.50 38.35 -24.91
N SER D 918 -34.45 38.98 -24.21
CA SER D 918 -35.36 39.89 -24.88
C SER D 918 -35.95 40.85 -23.87
N ASP D 919 -36.08 42.10 -24.29
CA ASP D 919 -36.83 43.09 -23.54
C ASP D 919 -38.29 43.18 -23.99
N VAL D 920 -38.66 42.44 -25.05
CA VAL D 920 -40.04 42.46 -25.52
C VAL D 920 -40.97 41.81 -24.52
N ASP D 921 -40.47 40.87 -23.72
CA ASP D 921 -41.33 40.13 -22.80
C ASP D 921 -42.05 41.07 -21.84
N SER D 922 -41.33 42.04 -21.28
CA SER D 922 -41.96 43.05 -20.46
C SER D 922 -42.75 44.02 -21.32
N THR D 923 -43.96 44.36 -20.87
CA THR D 923 -44.87 45.18 -21.66
C THR D 923 -44.87 46.65 -21.25
N THR D 924 -44.16 47.01 -20.17
CA THR D 924 -44.15 48.41 -19.74
C THR D 924 -43.63 49.32 -20.84
N TYR D 925 -42.66 48.84 -21.62
CA TYR D 925 -42.12 49.58 -22.75
C TYR D 925 -42.28 48.73 -24.01
N ASP D 926 -42.76 49.35 -25.08
CA ASP D 926 -42.96 48.68 -26.36
C ASP D 926 -43.32 49.74 -27.39
N PHE D 927 -43.57 49.28 -28.62
CA PHE D 927 -43.97 50.15 -29.72
C PHE D 927 -42.84 51.10 -30.12
N SER D 928 -43.06 51.89 -31.16
CA SER D 928 -42.07 52.73 -31.83
C SER D 928 -41.11 51.92 -32.68
N HIS D 929 -41.20 50.58 -32.64
CA HIS D 929 -40.44 49.72 -33.52
C HIS D 929 -41.32 48.73 -34.27
N CYS D 930 -42.64 48.77 -34.04
CA CYS D 930 -43.55 47.88 -34.73
C CYS D 930 -43.63 48.20 -36.21
N THR D 931 -44.05 47.20 -36.99
CA THR D 931 -44.32 47.37 -38.41
C THR D 931 -45.46 46.44 -38.77
N PHE D 932 -46.68 46.99 -38.82
CA PHE D 932 -47.84 46.18 -39.15
C PHE D 932 -47.70 45.56 -40.53
N SER D 933 -47.21 46.33 -41.49
CA SER D 933 -46.88 45.81 -42.80
C SER D 933 -45.45 45.28 -42.81
N GLY D 934 -45.19 44.35 -43.72
CA GLY D 934 -43.87 43.77 -43.86
C GLY D 934 -42.92 44.56 -44.72
N ASN D 935 -43.33 45.74 -45.20
CA ASN D 935 -42.48 46.51 -46.10
C ASN D 935 -41.18 46.93 -45.41
N GLU D 936 -41.29 47.45 -44.19
CA GLU D 936 -40.12 47.93 -43.47
C GLU D 936 -39.31 46.77 -42.92
N SER D 937 -38.04 47.04 -42.63
CA SER D 937 -37.12 46.03 -42.13
C SER D 937 -37.04 46.12 -40.60
N LYS D 938 -38.14 45.72 -39.97
CA LYS D 938 -38.23 45.66 -38.52
C LYS D 938 -39.08 44.45 -38.15
N PRO D 939 -38.97 43.99 -36.90
CA PRO D 939 -39.76 42.83 -36.49
C PRO D 939 -41.26 43.09 -36.60
N LEU D 940 -41.99 42.02 -36.88
CA LEU D 940 -43.44 42.12 -36.93
C LEU D 940 -43.97 42.57 -35.58
N CYS D 941 -45.07 43.34 -35.61
CA CYS D 941 -45.56 43.99 -34.40
C CYS D 941 -45.99 42.95 -33.37
N VAL D 942 -45.89 43.32 -32.10
CA VAL D 942 -46.16 42.40 -31.01
C VAL D 942 -47.64 42.06 -30.97
N GLU D 943 -47.94 40.78 -30.87
CA GLU D 943 -49.28 40.34 -30.47
C GLU D 943 -50.28 40.61 -31.57
N LEU D 944 -51.51 40.17 -31.37
CA LEU D 944 -52.64 40.56 -32.21
C LEU D 944 -53.49 41.46 -31.32
N ASP D 945 -53.03 42.69 -31.14
CA ASP D 945 -53.55 43.55 -30.10
C ASP D 945 -55.05 43.76 -30.25
N GLU D 946 -55.77 43.64 -29.14
CA GLU D 946 -57.24 43.67 -29.12
C GLU D 946 -57.71 45.09 -28.84
N HIS D 947 -58.39 45.69 -29.82
CA HIS D 947 -58.81 47.09 -29.79
C HIS D 947 -57.72 47.98 -29.18
N ASN D 948 -56.52 47.86 -29.72
CA ASN D 948 -55.39 48.73 -29.37
C ASN D 948 -54.97 48.53 -27.92
N LEU D 949 -54.56 47.29 -27.62
CA LEU D 949 -53.86 46.98 -26.38
C LEU D 949 -53.15 45.65 -26.55
N PRO D 950 -51.93 45.49 -26.04
CA PRO D 950 -51.26 44.18 -26.14
C PRO D 950 -52.09 43.09 -25.51
N ARG D 951 -52.09 41.92 -26.15
CA ARG D 951 -52.95 40.81 -25.76
C ARG D 951 -52.24 39.75 -24.94
N PHE D 952 -50.94 39.58 -25.11
CA PHE D 952 -50.24 38.51 -24.42
C PHE D 952 -50.17 38.82 -22.92
N PRO D 953 -50.22 37.80 -22.07
CA PRO D 953 -50.10 38.02 -20.63
C PRO D 953 -48.64 38.13 -20.20
N GLU D 954 -48.45 38.61 -18.97
CA GLU D 954 -47.11 38.77 -18.41
C GLU D 954 -46.74 37.68 -17.42
N TRP D 955 -47.69 36.89 -16.96
CA TRP D 955 -47.44 35.94 -15.87
C TRP D 955 -46.92 34.60 -16.36
N ILE D 956 -46.71 34.43 -17.67
CA ILE D 956 -46.04 33.26 -18.21
C ILE D 956 -44.74 33.63 -18.91
N THR D 957 -44.71 34.77 -19.60
CA THR D 957 -43.51 35.16 -20.34
C THR D 957 -42.33 35.37 -19.40
N ILE D 958 -42.52 36.17 -18.35
CA ILE D 958 -41.42 36.51 -17.46
C ILE D 958 -40.85 35.27 -16.77
N PRO D 959 -41.66 34.40 -16.16
CA PRO D 959 -41.09 33.16 -15.61
C PRO D 959 -40.34 32.34 -16.63
N LEU D 960 -40.85 32.28 -17.87
CA LEU D 960 -40.14 31.58 -18.93
C LEU D 960 -38.73 32.12 -19.09
N VAL D 961 -38.61 33.45 -19.20
CA VAL D 961 -37.31 34.07 -19.37
C VAL D 961 -36.41 33.77 -18.18
N CYS D 962 -36.95 33.91 -16.97
CA CYS D 962 -36.14 33.68 -15.78
C CYS D 962 -35.60 32.26 -15.75
N ILE D 963 -36.46 31.27 -15.98
CA ILE D 963 -36.02 29.88 -15.92
C ILE D 963 -35.01 29.58 -17.03
N TYR D 964 -35.30 30.04 -18.25
CA TYR D 964 -34.39 29.78 -19.37
C TYR D 964 -33.02 30.35 -19.09
N MET D 965 -32.97 31.61 -18.64
CA MET D 965 -31.68 32.24 -18.38
C MET D 965 -30.96 31.55 -17.23
N LEU D 966 -31.69 31.19 -16.18
CA LEU D 966 -31.08 30.48 -15.05
C LEU D 966 -30.40 29.20 -15.53
N SER D 967 -31.12 28.40 -16.33
CA SER D 967 -30.57 27.12 -16.74
C SER D 967 -29.40 27.29 -17.71
N THR D 968 -29.56 28.15 -18.73
CA THR D 968 -28.56 28.22 -19.78
C THR D 968 -27.31 28.97 -19.34
N ASN D 969 -27.48 30.11 -18.67
CA ASN D 969 -26.36 31.03 -18.51
C ASN D 969 -25.31 30.51 -17.53
N ILE D 970 -25.75 30.01 -16.37
CA ILE D 970 -24.85 29.79 -15.25
C ILE D 970 -24.70 28.31 -14.91
N LEU D 971 -25.78 27.53 -14.96
CA LEU D 971 -25.67 26.11 -14.63
C LEU D 971 -24.83 25.37 -15.67
N LEU D 972 -25.16 25.55 -16.94
CA LEU D 972 -24.45 24.82 -18.00
C LEU D 972 -22.98 25.21 -18.04
N VAL D 973 -22.69 26.50 -17.92
CA VAL D 973 -21.31 26.96 -17.99
C VAL D 973 -20.50 26.42 -16.81
N ASN D 974 -21.08 26.44 -15.62
CA ASN D 974 -20.38 25.90 -14.46
C ASN D 974 -20.13 24.40 -14.61
N LEU D 975 -21.10 23.68 -15.17
CA LEU D 975 -20.88 22.26 -15.43
C LEU D 975 -19.74 22.07 -16.43
N LEU D 976 -19.68 22.95 -17.44
CA LEU D 976 -18.59 22.87 -18.41
C LEU D 976 -17.24 23.04 -17.75
N VAL D 977 -17.11 24.03 -16.85
CA VAL D 977 -15.82 24.26 -16.22
C VAL D 977 -15.45 23.10 -15.31
N ALA D 978 -16.44 22.52 -14.63
CA ALA D 978 -16.15 21.35 -13.79
C ALA D 978 -15.63 20.18 -14.64
N MET D 979 -16.28 19.92 -15.77
CA MET D 979 -15.83 18.84 -16.65
C MET D 979 -14.44 19.11 -17.18
N PHE D 980 -14.16 20.36 -17.57
CA PHE D 980 -12.82 20.71 -18.02
C PHE D 980 -11.80 20.46 -16.92
N GLY D 981 -12.12 20.82 -15.69
CA GLY D 981 -11.19 20.60 -14.59
C GLY D 981 -10.86 19.13 -14.42
N TYR D 982 -11.90 18.28 -14.41
CA TYR D 982 -11.64 16.84 -14.26
C TYR D 982 -10.78 16.33 -15.40
N THR D 983 -11.13 16.71 -16.64
CA THR D 983 -10.41 16.19 -17.79
C THR D 983 -8.95 16.62 -17.76
N VAL D 984 -8.67 17.87 -17.43
CA VAL D 984 -7.29 18.33 -17.39
C VAL D 984 -6.53 17.63 -16.27
N GLY D 985 -7.19 17.38 -15.14
CA GLY D 985 -6.51 16.72 -14.05
C GLY D 985 -6.12 15.29 -14.36
N ILE D 986 -7.02 14.55 -15.02
CA ILE D 986 -6.82 13.10 -15.14
C ILE D 986 -5.68 12.76 -16.10
N VAL D 987 -5.54 13.49 -17.20
CA VAL D 987 -4.69 13.06 -18.32
C VAL D 987 -3.27 13.62 -18.21
N GLN D 988 -2.90 14.13 -17.04
CA GLN D 988 -1.65 14.88 -16.93
C GLN D 988 -0.43 14.00 -17.14
N GLU D 989 -0.38 12.85 -16.47
CA GLU D 989 0.83 12.04 -16.47
C GLU D 989 1.17 11.51 -17.87
N ASN D 990 0.16 11.11 -18.64
CA ASN D 990 0.38 10.60 -19.98
C ASN D 990 0.88 11.69 -20.93
N ASN D 991 0.51 12.94 -20.65
CA ASN D 991 0.78 14.07 -21.53
C ASN D 991 2.23 14.13 -22.01
N ASP D 992 3.18 14.02 -21.08
CA ASP D 992 4.59 14.19 -21.41
C ASP D 992 5.04 13.16 -22.45
N GLN D 993 4.67 11.91 -22.24
CA GLN D 993 5.03 10.85 -23.18
C GLN D 993 4.41 11.12 -24.54
N VAL D 994 3.14 11.53 -24.56
CA VAL D 994 2.48 11.82 -25.83
C VAL D 994 3.24 12.92 -26.57
N TRP D 995 3.63 13.97 -25.84
CA TRP D 995 4.30 15.09 -26.48
C TRP D 995 5.67 14.69 -26.98
N LYS D 996 6.37 13.83 -26.26
CA LYS D 996 7.67 13.36 -26.72
C LYS D 996 7.54 12.57 -28.02
N PHE D 997 6.48 11.75 -28.13
CA PHE D 997 6.24 11.05 -29.38
C PHE D 997 6.06 12.03 -30.53
N GLN D 998 5.24 13.05 -30.32
CA GLN D 998 5.07 14.06 -31.36
C GLN D 998 6.38 14.77 -31.67
N ARG D 999 7.21 14.96 -30.63
CA ARG D 999 8.51 15.61 -30.82
C ARG D 999 9.38 14.82 -31.78
N TYR D 1000 9.41 13.49 -31.62
CA TYR D 1000 10.16 12.68 -32.57
C TYR D 1000 9.58 12.81 -33.97
N PHE D 1001 8.25 12.75 -34.08
CA PHE D 1001 7.63 12.78 -35.39
C PHE D 1001 7.97 14.07 -36.13
N LEU D 1002 8.13 15.17 -35.40
CA LEU D 1002 8.48 16.43 -36.04
C LEU D 1002 9.98 16.57 -36.27
N VAL D 1003 10.81 16.03 -35.36
CA VAL D 1003 12.25 16.16 -35.50
C VAL D 1003 12.72 15.47 -36.78
N GLN D 1004 12.23 14.25 -37.02
CA GLN D 1004 12.66 13.57 -38.24
C GLN D 1004 12.20 14.33 -39.48
N GLU D 1005 10.98 14.85 -39.46
CA GLU D 1005 10.47 15.60 -40.61
C GLU D 1005 11.35 16.79 -40.91
N TYR D 1006 11.73 17.54 -39.88
CA TYR D 1006 12.56 18.73 -40.13
C TYR D 1006 13.97 18.37 -40.54
N CYS D 1007 14.52 17.29 -40.00
CA CYS D 1007 15.88 16.89 -40.38
C CYS D 1007 15.92 16.42 -41.83
N ASN D 1008 14.86 15.75 -42.30
CA ASN D 1008 14.87 15.22 -43.66
C ASN D 1008 14.85 16.34 -44.70
N ARG D 1009 14.25 17.47 -44.39
CA ARG D 1009 14.09 18.54 -45.38
C ARG D 1009 15.46 19.01 -45.88
N LEU D 1010 15.42 19.75 -46.98
CA LEU D 1010 16.66 20.15 -47.66
C LEU D 1010 17.53 21.06 -46.80
N ASN D 1011 16.98 21.67 -45.77
CA ASN D 1011 17.75 22.49 -44.83
C ASN D 1011 18.39 23.68 -45.54
N ILE D 1012 17.58 24.43 -46.27
CA ILE D 1012 18.03 25.66 -46.90
C ILE D 1012 17.16 26.80 -46.39
N PRO D 1013 17.72 27.94 -45.99
CA PRO D 1013 16.87 29.07 -45.61
C PRO D 1013 15.88 29.40 -46.71
N PHE D 1014 14.66 29.75 -46.28
CA PHE D 1014 13.50 29.72 -47.18
C PHE D 1014 13.65 30.56 -48.44
N PRO D 1015 14.11 31.81 -48.38
CA PRO D 1015 14.03 32.65 -49.59
C PRO D 1015 14.75 32.08 -50.80
N PHE D 1016 15.86 31.37 -50.60
CA PHE D 1016 16.71 30.91 -51.70
C PHE D 1016 16.40 29.48 -52.16
N VAL D 1017 15.40 28.82 -51.58
CA VAL D 1017 15.14 27.41 -51.91
C VAL D 1017 14.88 27.23 -53.39
N VAL D 1018 14.29 28.23 -54.04
CA VAL D 1018 13.94 28.16 -55.46
C VAL D 1018 15.10 27.61 -56.29
N PHE D 1019 16.29 28.16 -56.07
CA PHE D 1019 17.46 27.73 -56.84
C PHE D 1019 17.67 26.24 -56.73
N ALA D 1020 17.45 25.67 -55.54
CA ALA D 1020 17.63 24.24 -55.37
C ALA D 1020 16.74 23.46 -56.32
N TYR D 1021 15.46 23.80 -56.39
CA TYR D 1021 14.54 23.05 -57.23
C TYR D 1021 14.82 23.27 -58.71
N PHE D 1022 15.22 24.48 -59.08
CA PHE D 1022 15.58 24.71 -60.48
C PHE D 1022 16.79 23.87 -60.87
N TYR D 1023 17.80 23.80 -60.00
CA TYR D 1023 18.97 22.98 -60.29
C TYR D 1023 18.60 21.50 -60.30
N MET D 1024 17.67 21.08 -59.44
CA MET D 1024 17.24 19.69 -59.44
C MET D 1024 16.53 19.34 -60.74
N VAL D 1025 15.67 20.24 -61.23
CA VAL D 1025 15.03 20.02 -62.52
C VAL D 1025 16.07 19.90 -63.62
N VAL D 1026 17.08 20.77 -63.59
CA VAL D 1026 18.15 20.66 -64.58
C VAL D 1026 18.85 19.31 -64.47
N LYS D 1027 19.14 18.86 -63.24
CA LYS D 1027 19.85 17.60 -63.06
C LYS D 1027 19.02 16.40 -63.47
N LYS D 1028 17.69 16.53 -63.43
CA LYS D 1028 16.80 15.42 -63.77
C LYS D 1028 16.20 15.62 -65.15
N ASN D 1051 27.37 -6.74 -37.84
CA ASN D 1051 28.16 -7.93 -37.55
C ASN D 1051 28.74 -7.85 -36.14
N GLU D 1052 29.72 -6.94 -35.95
CA GLU D 1052 30.28 -6.72 -34.62
C GLU D 1052 29.20 -6.23 -33.66
N THR D 1053 28.35 -5.32 -34.13
CA THR D 1053 27.28 -4.81 -33.28
C THR D 1053 26.34 -5.93 -32.86
N LEU D 1054 26.05 -6.86 -33.76
CA LEU D 1054 25.19 -7.98 -33.42
C LEU D 1054 25.82 -8.87 -32.35
N ALA D 1055 27.13 -9.08 -32.44
CA ALA D 1055 27.82 -9.86 -31.42
C ALA D 1055 27.76 -9.17 -30.07
N TRP D 1056 27.98 -7.85 -30.06
CA TRP D 1056 27.87 -7.10 -28.81
C TRP D 1056 26.46 -7.19 -28.25
N GLU D 1057 25.46 -7.14 -29.13
CA GLU D 1057 24.07 -7.30 -28.70
C GLU D 1057 23.85 -8.67 -28.07
N GLY D 1058 24.42 -9.71 -28.66
CA GLY D 1058 24.30 -11.04 -28.07
C GLY D 1058 24.92 -11.11 -26.69
N VAL D 1059 26.08 -10.47 -26.52
CA VAL D 1059 26.72 -10.46 -25.20
C VAL D 1059 25.83 -9.76 -24.18
N MET D 1060 25.28 -8.61 -24.56
CA MET D 1060 24.41 -7.89 -23.65
C MET D 1060 23.17 -8.73 -23.33
N LYS D 1061 22.70 -9.51 -24.30
CA LYS D 1061 21.60 -10.43 -24.06
C LYS D 1061 21.97 -11.48 -23.03
N GLU D 1062 23.17 -12.04 -23.14
CA GLU D 1062 23.63 -13.00 -22.14
C GLU D 1062 23.53 -12.39 -20.76
N ASN D 1063 24.02 -11.15 -20.62
CA ASN D 1063 23.94 -10.47 -19.33
C ASN D 1063 22.49 -10.27 -18.89
N TYR D 1064 21.61 -9.91 -19.83
CA TYR D 1064 20.20 -9.69 -19.49
C TYR D 1064 19.54 -10.98 -18.97
N LEU D 1065 19.79 -12.10 -19.65
CA LEU D 1065 19.23 -13.37 -19.20
C LEU D 1065 19.77 -13.77 -17.85
N VAL D 1066 21.07 -13.54 -17.62
CA VAL D 1066 21.64 -13.82 -16.31
C VAL D 1066 20.96 -12.97 -15.25
N LYS D 1067 20.66 -11.71 -15.58
CA LYS D 1067 19.97 -10.84 -14.64
C LYS D 1067 18.57 -11.39 -14.33
N ILE D 1068 17.86 -11.88 -15.34
CA ILE D 1068 16.55 -12.47 -15.11
C ILE D 1068 16.68 -13.67 -14.16
N ASN D 1069 17.67 -14.52 -14.40
CA ASN D 1069 17.84 -15.70 -13.56
C ASN D 1069 18.16 -15.31 -12.12
N THR D 1070 19.01 -14.30 -11.94
CA THR D 1070 19.33 -13.85 -10.59
C THR D 1070 18.09 -13.27 -9.90
N LYS D 1071 17.28 -12.52 -10.63
CA LYS D 1071 16.05 -11.99 -10.05
C LYS D 1071 15.14 -13.13 -9.62
N ALA D 1072 15.04 -14.17 -10.45
CA ALA D 1072 14.22 -15.32 -10.08
C ALA D 1072 14.77 -16.02 -8.84
N ASN D 1073 16.08 -16.17 -8.75
CA ASN D 1073 16.71 -16.86 -7.63
C ASN D 1073 16.78 -16.02 -6.37
N ASP D 1074 16.51 -14.72 -6.45
CA ASP D 1074 16.56 -13.85 -5.28
C ASP D 1074 15.46 -14.15 -4.26
N ASN D 1075 14.62 -15.17 -4.45
CA ASN D 1075 13.60 -15.46 -3.45
C ASN D 1075 14.20 -15.80 -2.09
N SER D 1076 15.42 -16.33 -2.07
CA SER D 1076 16.10 -16.70 -0.84
C SER D 1076 15.40 -17.86 -0.12
N GLU D 1077 14.82 -18.78 -0.89
CA GLU D 1077 14.12 -19.93 -0.34
C GLU D 1077 14.99 -21.19 -0.27
N GLU D 1078 16.28 -21.07 -0.60
CA GLU D 1078 17.16 -22.23 -0.53
C GLU D 1078 17.28 -22.77 0.88
N MET D 1079 16.93 -21.97 1.89
CA MET D 1079 16.97 -22.46 3.26
C MET D 1079 16.08 -23.67 3.45
N ARG D 1080 14.98 -23.77 2.70
CA ARG D 1080 14.09 -24.92 2.82
C ARG D 1080 14.80 -26.20 2.40
N HIS D 1081 15.40 -26.20 1.21
CA HIS D 1081 16.12 -27.39 0.75
C HIS D 1081 17.34 -27.66 1.61
N ARG D 1082 17.98 -26.61 2.12
CA ARG D 1082 19.10 -26.82 3.05
C ARG D 1082 18.63 -27.51 4.32
N PHE D 1083 17.48 -27.09 4.85
CA PHE D 1083 16.89 -27.76 6.01
C PHE D 1083 16.65 -29.23 5.70
N ARG D 1084 16.04 -29.51 4.54
CA ARG D 1084 15.76 -30.90 4.18
C ARG D 1084 17.04 -31.71 4.08
N GLN D 1085 18.07 -31.13 3.46
CA GLN D 1085 19.34 -31.85 3.30
C GLN D 1085 20.00 -32.10 4.65
N LEU D 1086 20.00 -31.11 5.54
CA LEU D 1086 20.61 -31.30 6.86
C LEU D 1086 19.85 -32.35 7.66
N ASP D 1087 18.51 -32.33 7.60
CA ASP D 1087 17.73 -33.34 8.30
C ASP D 1087 18.03 -34.72 7.74
N SER D 1088 18.15 -34.84 6.41
CA SER D 1088 18.48 -36.13 5.82
C SER D 1088 19.88 -36.58 6.22
N LYS D 1089 20.82 -35.63 6.35
CA LYS D 1089 22.16 -35.99 6.80
C LYS D 1089 22.14 -36.51 8.23
N LEU D 1090 21.39 -35.85 9.12
CA LEU D 1090 21.25 -36.35 10.47
C LEU D 1090 20.60 -37.74 10.49
N ASN D 1091 19.58 -37.93 9.65
CA ASN D 1091 18.95 -39.23 9.54
C ASN D 1091 19.95 -40.29 9.07
N ASP D 1092 20.80 -39.94 8.11
CA ASP D 1092 21.82 -40.87 7.64
C ASP D 1092 22.81 -41.21 8.75
N LEU D 1093 23.22 -40.21 9.53
CA LEU D 1093 24.11 -40.47 10.65
C LEU D 1093 23.45 -41.43 11.64
N LYS D 1094 22.17 -41.22 11.94
CA LYS D 1094 21.48 -42.11 12.86
C LYS D 1094 21.38 -43.53 12.29
N SER D 1095 21.10 -43.64 10.99
CA SER D 1095 20.84 -44.95 10.40
C SER D 1095 22.13 -45.75 10.22
N LEU D 1096 23.23 -45.10 9.83
CA LEU D 1096 24.44 -45.83 9.53
C LEU D 1096 24.94 -46.60 10.74
N LEU D 1097 24.69 -46.10 11.94
CA LEU D 1097 25.15 -46.75 13.17
C LEU D 1097 24.12 -47.68 13.75
N LYS D 1098 22.98 -47.89 13.08
CA LYS D 1098 21.98 -48.83 13.59
C LYS D 1098 22.40 -50.28 13.34
N GLU D 1099 23.11 -50.53 12.25
CA GLU D 1099 23.51 -51.90 11.93
C GLU D 1099 24.47 -52.46 12.98
N ILE D 1100 25.39 -51.63 13.48
CA ILE D 1100 26.50 -52.10 14.30
C ILE D 1100 25.99 -52.98 15.44
N ALA D 1101 24.80 -52.69 15.97
CA ALA D 1101 24.29 -53.47 17.09
C ALA D 1101 24.28 -54.95 16.76
N ASN D 1102 23.66 -55.32 15.63
CA ASN D 1102 23.65 -56.72 15.24
C ASN D 1102 25.04 -57.22 14.90
N ASN D 1103 25.90 -56.34 14.40
CA ASN D 1103 27.29 -56.72 14.20
C ASN D 1103 27.98 -57.02 15.52
N ILE D 1104 27.57 -56.33 16.59
CA ILE D 1104 28.17 -56.60 17.90
C ILE D 1104 27.78 -57.98 18.39
N LYS D 1105 26.54 -58.40 18.12
CA LYS D 1105 26.04 -59.69 18.58
C LYS D 1105 26.19 -60.74 17.49
#